data_7T3D
#
_entry.id   7T3D
#
loop_
_entity.id
_entity.type
_entity.pdbx_description
1 polymer 'Hemagglutinin HA1 chain'
2 polymer 'Hemagglutinin HA2 chain'
3 polymer '2B05 mAb light chain'
4 polymer '2B05 mAb heavy chain'
5 polymer '222-1C06 mAb heavy chain'
6 polymer '222-1C06 mAb light chain'
7 branched 2-acetamido-2-deoxy-beta-D-glucopyranose-(1-4)-2-acetamido-2-deoxy-beta-D-glucopyranose
8 non-polymer 2-acetamido-2-deoxy-beta-D-glucopyranose
#
loop_
_entity_poly.entity_id
_entity_poly.type
_entity_poly.pdbx_seq_one_letter_code
_entity_poly.pdbx_strand_id
1 'polypeptide(L)'
;ADPGDTLCIGYHANNSTDTVDTVLEKNVTVTHSVNLLEDKHNGKLCKLRGVAPLHLGKCNIAGWILGNPECESLSTASSW
SYIVETPSSDNGTCYPGDFIDYEELREQLSSVSSFERFEIFPKTSSWPNHDSNKGVTAACPHAGAKSFYKNLIWLVKKGN
SYPKLSKSYINDKGKEVLVLWGIHHPSTSADQQSLYQNADTYVFVGSSRYSKKFKPEIAIRPKVRDQEGRMNYYWTLVEP
GDKITFEATGNLVVPRYAFAMERNAGSGIIISDTPVHDCNTTCQTPKGAINTSLPFQNIHPITIGKCPKYVKSTKLRLAT
GLRNIPSIQSR
;
A,E,F
2 'polypeptide(L)'
;GLFGAIAGFIEGGWTGMVDGWYGYHHQNEQGSGYAADLKSTQNAIDKITNKVNSVIEKMNTQFTAVGKEFNHLEKRIENL
NKKVDDGFLDIWTYNAELLVLLENERTLDYHDSNVKNLYEKVRSQLKNNAKEIGNGCFEFYHKCDNTCMESVKNGTYDYP
KYSEEAKLNREEID
;
B,G,I
3 'polypeptide(L)'
;DIQMTQSPSSLSAFVGDRVTIACQASQDIRIHLNWYQQKPGKAPKLLIYDASNLEAGVPSRFSGSGSGTDFTFTISSLQP
EDIATYYCQHYHNLPRTFGGGTKVEIK
;
D,M,N
4 'polypeptide(L)'
;VQLLESGGGLVQPGGSLSLSCAASGFTFSSFAMSWVRQAPVKGLEWVSMISAGGGNTYYADSVKGRFTISRDNSKSTLYL
QMSSLTAEDTAVYYCAKSDSSGFQYGRREFWGQGTLVTVS
;
C,J,K
5 'polypeptide(L)'
;EVQLVESGGDLVQPGGSLRLSCVVSGFTFSTYSMNWVRQAPGKGLEWVSYISSSSLSRYYADSVKGRFTISRDNAKNSLS
LQLNSLRAEDTAVYYCVRGSITWPTEYYLDYWGQGTLVTVSS
;
H,O,P
6 'polypeptide(L)'
;EIVMTQSPATLSVSPGERATLSCRASQTIRSDLAWYQQKPGQPPRLIIYGASTRATGIPARFSGSGSGTEFTLTISSLQS
EDSAVYFCQQYNNWPPLTFGGGTKVEIK
;
L,Q,R
#
# COMPACT_ATOMS: atom_id res chain seq x y z
N GLY A 4 -18.14 -29.42 53.61
CA GLY A 4 -17.57 -28.15 53.23
C GLY A 4 -17.50 -27.94 51.72
N ASP A 5 -18.68 -27.90 51.09
CA ASP A 5 -18.89 -27.80 49.65
C ASP A 5 -18.57 -26.41 49.06
N THR A 6 -17.68 -26.39 48.05
CA THR A 6 -17.25 -25.16 47.37
C THR A 6 -17.26 -25.30 45.84
N LEU A 7 -17.23 -24.13 45.18
CA LEU A 7 -17.17 -24.05 43.71
C LEU A 7 -16.25 -22.90 43.29
N CYS A 8 -15.29 -23.15 42.37
CA CYS A 8 -14.33 -22.17 41.85
C CYS A 8 -14.41 -22.04 40.35
N ILE A 9 -14.25 -20.82 39.87
CA ILE A 9 -14.29 -20.48 38.47
C ILE A 9 -12.94 -20.09 37.97
N GLY A 10 -12.52 -20.71 36.89
CA GLY A 10 -11.21 -20.40 36.36
C GLY A 10 -11.06 -20.80 34.91
N TYR A 11 -9.81 -20.92 34.51
CA TYR A 11 -9.48 -21.18 33.14
C TYR A 11 -8.28 -22.08 32.98
N HIS A 12 -8.19 -22.67 31.81
CA HIS A 12 -7.19 -23.63 31.36
C HIS A 12 -5.75 -23.11 31.30
N ALA A 13 -4.83 -23.97 31.71
CA ALA A 13 -3.40 -23.73 31.62
C ALA A 13 -2.79 -24.91 30.88
N ASN A 14 -1.65 -24.70 30.27
CA ASN A 14 -1.04 -25.75 29.47
C ASN A 14 0.47 -25.71 29.64
N ASN A 15 1.22 -26.62 28.99
CA ASN A 15 2.70 -26.67 29.01
C ASN A 15 3.34 -25.98 27.79
N SER A 16 2.53 -25.23 26.97
CA SER A 16 2.92 -24.51 25.76
C SER A 16 3.93 -23.41 26.06
N THR A 17 4.91 -23.30 25.18
CA THR A 17 5.98 -22.33 25.31
C THR A 17 5.93 -21.32 24.19
N ASP A 18 4.83 -21.33 23.49
CA ASP A 18 4.58 -20.44 22.38
C ASP A 18 4.24 -19.07 22.88
N THR A 19 4.99 -18.07 22.45
CA THR A 19 4.69 -16.74 22.91
C THR A 19 4.30 -15.84 21.77
N VAL A 20 3.60 -14.79 22.12
CA VAL A 20 3.17 -13.77 21.20
C VAL A 20 3.50 -12.41 21.71
N ASP A 21 3.50 -11.44 20.83
CA ASP A 21 3.63 -10.07 21.29
C ASP A 21 2.27 -9.43 21.17
N THR A 22 2.00 -8.42 21.96
CA THR A 22 0.76 -7.70 21.89
C THR A 22 1.13 -6.25 21.78
N VAL A 23 0.18 -5.37 21.68
CA VAL A 23 0.56 -3.99 21.56
C VAL A 23 1.22 -3.49 22.82
N LEU A 24 0.65 -3.83 23.95
CA LEU A 24 1.16 -3.38 25.23
C LEU A 24 2.29 -4.24 25.82
N GLU A 25 2.31 -5.53 25.54
CA GLU A 25 3.26 -6.46 26.16
C GLU A 25 4.10 -7.26 25.18
N LYS A 26 5.25 -7.72 25.63
CA LYS A 26 6.05 -8.60 24.78
C LYS A 26 6.25 -9.94 25.46
N ASN A 27 6.51 -11.01 24.66
CA ASN A 27 6.81 -12.38 25.11
C ASN A 27 5.74 -12.98 26.06
N VAL A 28 4.45 -12.88 25.67
CA VAL A 28 3.32 -13.41 26.44
C VAL A 28 3.09 -14.85 26.05
N THR A 29 3.16 -15.77 27.00
CA THR A 29 2.98 -17.16 26.66
C THR A 29 1.51 -17.43 26.54
N VAL A 30 1.10 -18.16 25.51
CA VAL A 30 -0.29 -18.50 25.34
C VAL A 30 -0.45 -19.99 25.19
N THR A 31 -1.64 -20.51 25.49
CA THR A 31 -1.84 -21.94 25.40
C THR A 31 -1.91 -22.45 23.97
N HIS A 32 -2.46 -21.63 23.10
CA HIS A 32 -2.62 -22.01 21.70
C HIS A 32 -2.33 -20.82 20.80
N SER A 33 -1.72 -21.09 19.65
CA SER A 33 -1.45 -20.03 18.70
C SER A 33 -1.39 -20.54 17.27
N VAL A 34 -1.58 -19.62 16.32
CA VAL A 34 -1.51 -19.92 14.89
C VAL A 34 -0.49 -19.06 14.17
N ASN A 35 0.29 -19.68 13.32
CA ASN A 35 1.30 -19.00 12.55
C ASN A 35 0.80 -18.46 11.22
N LEU A 36 0.87 -17.14 11.03
CA LEU A 36 0.39 -16.52 9.80
C LEU A 36 1.48 -16.35 8.75
N LEU A 37 2.71 -16.66 9.12
CA LEU A 37 3.87 -16.45 8.27
C LEU A 37 4.55 -17.72 7.83
N GLU A 38 4.60 -17.93 6.54
CA GLU A 38 5.18 -19.12 5.99
C GLU A 38 6.68 -18.97 5.81
N ASP A 39 7.44 -19.85 6.44
CA ASP A 39 8.88 -19.83 6.37
C ASP A 39 9.49 -21.12 5.82
N LYS A 40 8.69 -21.92 5.12
CA LYS A 40 9.17 -23.17 4.57
C LYS A 40 8.98 -23.23 3.07
N HIS A 41 9.87 -23.95 2.41
CA HIS A 41 9.82 -24.22 0.99
C HIS A 41 10.32 -25.64 0.83
N ASN A 42 9.96 -26.30 -0.26
CA ASN A 42 10.40 -27.70 -0.39
C ASN A 42 11.71 -27.96 -1.08
N GLY A 43 12.39 -26.93 -1.50
CA GLY A 43 13.69 -27.06 -2.14
C GLY A 43 13.62 -27.59 -3.57
N LYS A 44 12.44 -27.57 -4.16
CA LYS A 44 12.26 -28.10 -5.50
C LYS A 44 11.58 -27.14 -6.43
N LEU A 45 11.87 -27.24 -7.72
CA LEU A 45 11.10 -26.48 -8.66
C LEU A 45 9.98 -27.40 -9.15
N CYS A 46 8.72 -26.97 -8.96
CA CYS A 46 7.49 -27.71 -9.22
C CYS A 46 6.72 -27.15 -10.42
N LYS A 47 5.71 -27.89 -10.82
CA LYS A 47 4.85 -27.49 -11.91
C LYS A 47 3.88 -26.41 -11.44
N LEU A 48 3.60 -25.44 -12.27
CA LEU A 48 2.60 -24.44 -11.89
C LEU A 48 1.33 -24.77 -12.59
N ARG A 49 0.31 -25.04 -11.81
CA ARG A 49 -0.98 -25.38 -12.39
C ARG A 49 -0.87 -26.58 -13.33
N GLY A 50 -0.04 -27.53 -12.94
CA GLY A 50 0.13 -28.76 -13.71
C GLY A 50 1.13 -28.72 -14.86
N VAL A 51 1.73 -27.58 -15.15
CA VAL A 51 2.66 -27.52 -16.26
C VAL A 51 4.12 -27.34 -15.83
N ALA A 52 4.96 -28.18 -16.38
CA ALA A 52 6.38 -28.20 -16.09
C ALA A 52 7.07 -26.98 -16.60
N PRO A 53 8.15 -26.54 -15.97
CA PRO A 53 8.99 -25.48 -16.42
C PRO A 53 9.82 -25.94 -17.57
N LEU A 54 10.33 -25.00 -18.33
CA LEU A 54 11.29 -25.33 -19.33
C LEU A 54 12.63 -25.16 -18.70
N HIS A 55 13.41 -26.21 -18.62
CA HIS A 55 14.69 -26.09 -17.96
C HIS A 55 15.78 -26.12 -19.01
N LEU A 56 16.48 -25.00 -19.15
CA LEU A 56 17.49 -24.88 -20.20
C LEU A 56 18.88 -25.27 -19.72
N GLY A 57 18.98 -25.58 -18.45
CA GLY A 57 20.25 -25.97 -17.87
C GLY A 57 21.29 -24.89 -18.05
N LYS A 58 22.40 -25.27 -18.66
CA LYS A 58 23.56 -24.40 -18.91
C LYS A 58 23.38 -23.32 -20.00
N CYS A 59 22.28 -23.38 -20.80
CA CYS A 59 21.98 -22.46 -21.89
C CYS A 59 21.07 -21.33 -21.41
N ASN A 60 21.18 -20.21 -22.08
CA ASN A 60 20.27 -19.15 -21.79
C ASN A 60 19.23 -19.18 -22.87
N ILE A 61 18.25 -18.30 -22.82
CA ILE A 61 17.25 -18.30 -23.86
C ILE A 61 17.82 -18.02 -25.22
N ALA A 62 18.70 -17.05 -25.38
CA ALA A 62 19.21 -16.82 -26.73
C ALA A 62 19.85 -18.07 -27.30
N GLY A 63 20.55 -18.84 -26.50
CA GLY A 63 21.19 -20.06 -26.98
C GLY A 63 20.16 -21.03 -27.48
N TRP A 64 19.15 -21.26 -26.68
CA TRP A 64 18.11 -22.18 -27.04
C TRP A 64 17.35 -21.78 -28.30
N ILE A 65 16.96 -20.53 -28.42
CA ILE A 65 16.27 -20.03 -29.60
C ILE A 65 17.12 -19.99 -30.85
N LEU A 66 18.35 -19.55 -30.75
CA LEU A 66 19.18 -19.49 -31.94
C LEU A 66 19.69 -20.87 -32.31
N GLY A 67 19.83 -21.76 -31.36
CA GLY A 67 20.35 -23.07 -31.69
C GLY A 67 21.84 -23.16 -31.46
N ASN A 68 22.32 -22.58 -30.39
CA ASN A 68 23.72 -22.69 -30.07
C ASN A 68 24.05 -24.18 -30.10
N PRO A 69 25.17 -24.61 -30.68
CA PRO A 69 25.57 -26.00 -30.80
C PRO A 69 25.50 -26.78 -29.50
N GLU A 70 25.65 -26.12 -28.37
CA GLU A 70 25.62 -26.79 -27.07
C GLU A 70 24.24 -26.94 -26.41
N CYS A 71 23.17 -26.43 -27.06
CA CYS A 71 21.80 -26.41 -26.56
C CYS A 71 20.99 -27.45 -27.33
N GLU A 72 21.68 -28.20 -28.20
CA GLU A 72 21.03 -29.20 -29.05
C GLU A 72 20.47 -30.35 -28.23
N SER A 73 21.13 -30.67 -27.14
CA SER A 73 20.72 -31.76 -26.27
C SER A 73 19.49 -31.44 -25.43
N LEU A 74 19.05 -30.18 -25.42
CA LEU A 74 17.89 -29.84 -24.60
C LEU A 74 16.65 -30.41 -25.24
N SER A 75 15.74 -30.90 -24.42
CA SER A 75 14.49 -31.42 -24.93
C SER A 75 13.54 -30.28 -25.21
N THR A 76 12.49 -30.55 -25.98
CA THR A 76 11.50 -29.52 -26.23
C THR A 76 10.15 -29.91 -25.69
N ALA A 77 9.60 -29.05 -24.87
CA ALA A 77 8.27 -29.26 -24.33
C ALA A 77 7.33 -28.43 -25.16
N SER A 78 6.11 -28.93 -25.36
CA SER A 78 5.11 -28.21 -26.13
C SER A 78 4.48 -27.04 -25.39
N SER A 79 4.66 -27.00 -24.08
CA SER A 79 4.12 -25.92 -23.28
C SER A 79 5.04 -25.72 -22.09
N TRP A 80 5.13 -24.50 -21.59
CA TRP A 80 6.00 -24.25 -20.45
C TRP A 80 5.25 -23.40 -19.50
N SER A 81 5.41 -23.64 -18.22
CA SER A 81 4.78 -22.78 -17.23
C SER A 81 5.60 -21.59 -16.85
N TYR A 82 6.91 -21.75 -16.88
CA TYR A 82 7.91 -20.76 -16.55
C TYR A 82 9.22 -21.23 -17.14
N ILE A 83 10.22 -20.37 -17.21
CA ILE A 83 11.52 -20.81 -17.71
C ILE A 83 12.58 -20.77 -16.63
N VAL A 84 13.37 -21.82 -16.56
CA VAL A 84 14.45 -21.93 -15.61
C VAL A 84 15.81 -21.98 -16.27
N GLU A 85 16.69 -21.10 -15.83
CA GLU A 85 18.07 -21.01 -16.27
C GLU A 85 18.93 -21.14 -15.04
N THR A 86 20.10 -21.75 -15.12
CA THR A 86 20.93 -21.77 -13.93
C THR A 86 21.72 -20.46 -13.90
N PRO A 87 22.24 -19.99 -12.75
CA PRO A 87 23.12 -18.85 -12.62
C PRO A 87 24.42 -19.01 -13.39
N SER A 88 24.78 -20.26 -13.66
CA SER A 88 25.99 -20.63 -14.37
C SER A 88 25.78 -20.63 -15.87
N SER A 89 24.56 -20.41 -16.31
CA SER A 89 24.27 -20.44 -17.72
C SER A 89 25.07 -19.43 -18.47
N ASP A 90 25.68 -19.88 -19.55
CA ASP A 90 26.48 -18.99 -20.37
C ASP A 90 26.66 -19.45 -21.82
N ASN A 91 25.57 -19.85 -22.51
CA ASN A 91 25.59 -20.32 -23.90
C ASN A 91 24.47 -19.65 -24.70
N GLY A 92 24.88 -18.81 -25.67
CA GLY A 92 24.03 -18.03 -26.56
C GLY A 92 24.90 -17.00 -27.22
N THR A 93 24.39 -16.42 -28.30
CA THR A 93 25.16 -15.44 -29.06
C THR A 93 26.67 -15.74 -29.07
N CYS A 94 27.04 -16.99 -29.50
CA CYS A 94 28.41 -17.48 -29.64
C CYS A 94 29.14 -16.73 -30.74
N TYR A 95 28.44 -16.18 -31.71
CA TYR A 95 29.14 -15.34 -32.64
C TYR A 95 28.85 -13.99 -32.01
N PRO A 96 29.83 -13.21 -31.56
CA PRO A 96 29.63 -11.97 -30.84
C PRO A 96 28.75 -11.00 -31.58
N GLY A 97 27.87 -10.33 -30.85
CA GLY A 97 26.98 -9.34 -31.44
C GLY A 97 25.82 -9.04 -30.52
N ASP A 98 24.98 -8.10 -30.92
CA ASP A 98 23.82 -7.72 -30.12
C ASP A 98 22.60 -8.53 -30.43
N PHE A 99 21.81 -8.79 -29.43
CA PHE A 99 20.54 -9.45 -29.65
C PHE A 99 19.54 -8.36 -29.33
N ILE A 100 18.84 -7.91 -30.34
CA ILE A 100 17.95 -6.78 -30.24
C ILE A 100 16.65 -7.13 -29.56
N ASP A 101 16.26 -6.30 -28.60
CA ASP A 101 15.05 -6.49 -27.84
C ASP A 101 15.03 -7.87 -27.24
N TYR A 102 16.16 -8.25 -26.69
CA TYR A 102 16.31 -9.53 -26.09
C TYR A 102 15.43 -9.66 -24.89
N GLU A 103 15.38 -8.64 -24.06
CA GLU A 103 14.55 -8.73 -22.88
C GLU A 103 13.09 -8.88 -23.24
N GLU A 104 12.62 -8.20 -24.28
CA GLU A 104 11.23 -8.35 -24.68
C GLU A 104 10.96 -9.76 -25.17
N LEU A 105 11.90 -10.37 -25.88
CA LEU A 105 11.66 -11.72 -26.32
C LEU A 105 11.58 -12.66 -25.15
N ARG A 106 12.48 -12.47 -24.18
CA ARG A 106 12.52 -13.33 -23.01
C ARG A 106 11.22 -13.24 -22.26
N GLU A 107 10.63 -12.06 -22.19
CA GLU A 107 9.39 -11.88 -21.47
C GLU A 107 8.26 -12.60 -22.21
N GLN A 108 8.22 -12.51 -23.53
CA GLN A 108 7.15 -13.14 -24.29
C GLN A 108 7.16 -14.65 -24.22
N LEU A 109 8.34 -15.22 -24.15
CA LEU A 109 8.45 -16.66 -24.09
C LEU A 109 8.33 -17.24 -22.70
N SER A 110 8.13 -16.43 -21.67
CA SER A 110 8.15 -17.05 -20.36
C SER A 110 7.08 -18.09 -20.14
N SER A 111 5.95 -17.98 -20.81
CA SER A 111 4.89 -18.97 -20.68
C SER A 111 4.15 -19.13 -21.96
N VAL A 112 4.14 -20.36 -22.45
CA VAL A 112 3.56 -20.69 -23.73
C VAL A 112 2.62 -21.86 -23.59
N SER A 113 1.40 -21.74 -24.12
CA SER A 113 0.44 -22.82 -24.03
C SER A 113 0.65 -23.84 -25.11
N SER A 114 1.22 -23.42 -26.21
CA SER A 114 1.50 -24.32 -27.32
C SER A 114 2.70 -23.85 -28.10
N PHE A 115 3.66 -24.74 -28.33
CA PHE A 115 4.88 -24.38 -29.06
C PHE A 115 5.38 -25.48 -29.97
N GLU A 116 5.74 -25.14 -31.21
CA GLU A 116 6.35 -26.11 -32.09
C GLU A 116 7.40 -25.50 -32.99
N ARG A 117 8.42 -26.26 -33.29
CA ARG A 117 9.46 -25.80 -34.18
C ARG A 117 9.31 -26.44 -35.51
N PHE A 118 9.42 -25.66 -36.57
CA PHE A 118 9.28 -26.21 -37.91
C PHE A 118 10.29 -25.62 -38.83
N GLU A 119 10.60 -26.31 -39.91
CA GLU A 119 11.59 -25.72 -40.80
C GLU A 119 10.86 -24.80 -41.77
N ILE A 120 11.14 -23.50 -41.66
CA ILE A 120 10.49 -22.44 -42.42
C ILE A 120 11.04 -22.27 -43.83
N PHE A 121 12.34 -22.41 -43.97
CA PHE A 121 13.01 -22.27 -45.26
C PHE A 121 14.00 -23.39 -45.44
N PRO A 122 13.61 -24.55 -45.94
CA PRO A 122 14.44 -25.73 -45.97
C PRO A 122 15.82 -25.50 -46.53
N LYS A 123 16.79 -25.98 -45.77
CA LYS A 123 18.22 -25.79 -46.04
C LYS A 123 18.71 -26.23 -47.38
N THR A 124 18.17 -27.31 -47.89
CA THR A 124 18.64 -27.86 -49.13
C THR A 124 17.86 -27.45 -50.36
N SER A 125 16.69 -26.83 -50.20
CA SER A 125 15.90 -26.52 -51.38
C SER A 125 15.57 -25.05 -51.54
N SER A 126 15.75 -24.26 -50.50
CA SER A 126 15.36 -22.87 -50.60
C SER A 126 16.36 -21.97 -51.27
N TRP A 127 17.63 -22.31 -51.27
CA TRP A 127 18.58 -21.37 -51.82
C TRP A 127 19.53 -21.96 -52.84
N PRO A 128 19.06 -22.32 -54.04
CA PRO A 128 19.83 -22.96 -55.08
C PRO A 128 20.92 -22.08 -55.64
N ASN A 129 20.79 -20.77 -55.42
CA ASN A 129 21.75 -19.83 -55.93
C ASN A 129 22.74 -19.35 -54.90
N HIS A 130 22.73 -19.94 -53.71
CA HIS A 130 23.64 -19.47 -52.68
C HIS A 130 24.30 -20.63 -51.98
N ASP A 131 25.44 -20.40 -51.39
CA ASP A 131 26.13 -21.45 -50.70
C ASP A 131 25.71 -21.52 -49.24
N SER A 132 25.04 -22.62 -48.88
CA SER A 132 24.49 -22.81 -47.54
C SER A 132 25.34 -23.75 -46.70
N ASN A 133 26.52 -24.15 -47.19
CA ASN A 133 27.38 -25.09 -46.48
C ASN A 133 28.65 -24.50 -45.87
N LYS A 134 29.11 -23.37 -46.37
CA LYS A 134 30.35 -22.78 -45.88
C LYS A 134 30.17 -21.85 -44.70
N GLY A 135 28.94 -21.67 -44.29
CA GLY A 135 28.58 -20.76 -43.21
C GLY A 135 28.92 -21.29 -41.83
N VAL A 136 30.20 -21.39 -41.52
CA VAL A 136 30.64 -21.87 -40.22
C VAL A 136 31.66 -20.94 -39.56
N THR A 137 31.83 -21.10 -38.26
CA THR A 137 32.80 -20.33 -37.51
C THR A 137 33.43 -21.04 -36.33
N ALA A 138 34.64 -20.63 -36.00
CA ALA A 138 35.36 -21.18 -34.86
C ALA A 138 34.80 -20.65 -33.56
N ALA A 139 34.01 -19.60 -33.64
CA ALA A 139 33.38 -19.03 -32.46
C ALA A 139 32.23 -19.91 -31.90
N CYS A 140 31.66 -20.84 -32.73
CA CYS A 140 30.52 -21.68 -32.39
C CYS A 140 30.89 -23.13 -32.71
N PRO A 141 31.93 -23.69 -32.11
CA PRO A 141 32.46 -24.97 -32.45
C PRO A 141 31.53 -26.06 -32.00
N HIS A 142 31.57 -27.18 -32.69
CA HIS A 142 30.81 -28.34 -32.30
C HIS A 142 31.69 -29.57 -32.34
N ALA A 143 31.97 -30.12 -31.18
CA ALA A 143 32.87 -31.27 -31.09
C ALA A 143 34.20 -30.97 -31.77
N GLY A 144 34.66 -29.72 -31.65
CA GLY A 144 35.92 -29.28 -32.21
C GLY A 144 35.84 -28.76 -33.66
N ALA A 145 34.72 -28.97 -34.34
CA ALA A 145 34.58 -28.55 -35.72
C ALA A 145 34.03 -27.16 -35.80
N LYS A 146 34.34 -26.43 -36.87
CA LYS A 146 33.68 -25.14 -37.01
C LYS A 146 32.22 -25.44 -37.27
N SER A 147 31.34 -24.64 -36.71
CA SER A 147 29.92 -24.87 -36.94
C SER A 147 29.15 -23.59 -36.83
N PHE A 148 27.85 -23.70 -36.66
CA PHE A 148 27.03 -22.51 -36.59
C PHE A 148 25.74 -22.84 -35.87
N TYR A 149 24.90 -21.84 -35.70
CA TYR A 149 23.66 -22.01 -35.02
C TYR A 149 22.76 -22.97 -35.76
N LYS A 150 22.12 -23.87 -35.05
CA LYS A 150 21.24 -24.83 -35.67
C LYS A 150 20.02 -24.25 -36.31
N ASN A 151 19.49 -23.12 -35.83
CA ASN A 151 18.28 -22.63 -36.44
C ASN A 151 18.52 -21.60 -37.54
N LEU A 152 19.79 -21.29 -37.82
CA LEU A 152 20.14 -20.27 -38.82
C LEU A 152 21.12 -20.75 -39.88
N ILE A 153 21.03 -20.18 -41.06
CA ILE A 153 21.98 -20.46 -42.11
C ILE A 153 22.70 -19.22 -42.56
N TRP A 154 24.00 -19.28 -42.53
CA TRP A 154 24.77 -18.16 -42.98
C TRP A 154 25.12 -18.39 -44.42
N LEU A 155 24.42 -17.71 -45.31
CA LEU A 155 24.62 -17.93 -46.71
C LEU A 155 25.78 -17.12 -47.18
N VAL A 156 26.56 -17.68 -48.06
CA VAL A 156 27.67 -16.97 -48.66
C VAL A 156 27.59 -17.10 -50.17
N LYS A 157 28.41 -16.35 -50.88
CA LYS A 157 28.39 -16.35 -52.32
C LYS A 157 28.68 -17.73 -52.87
N LYS A 158 28.01 -18.04 -53.96
CA LYS A 158 28.19 -19.31 -54.62
C LYS A 158 29.14 -19.09 -55.75
N GLY A 159 30.26 -19.80 -55.76
CA GLY A 159 31.18 -19.49 -56.82
C GLY A 159 31.66 -18.05 -56.61
N ASN A 160 31.47 -17.20 -57.60
CA ASN A 160 31.90 -15.82 -57.50
C ASN A 160 30.76 -14.80 -57.49
N SER A 161 29.56 -15.20 -57.08
CA SER A 161 28.49 -14.22 -57.04
C SER A 161 27.45 -14.44 -55.97
N TYR A 162 26.75 -13.36 -55.66
CA TYR A 162 25.67 -13.42 -54.69
C TYR A 162 24.46 -12.74 -55.31
N PRO A 163 23.67 -13.48 -56.09
CA PRO A 163 22.52 -12.98 -56.78
C PRO A 163 21.58 -12.45 -55.75
N LYS A 164 20.82 -11.44 -56.12
CA LYS A 164 19.89 -10.90 -55.16
C LYS A 164 18.95 -11.99 -54.68
N LEU A 165 18.81 -12.06 -53.38
CA LEU A 165 17.99 -13.02 -52.69
C LEU A 165 16.60 -12.50 -52.45
N SER A 166 15.58 -13.32 -52.70
CA SER A 166 14.21 -12.95 -52.41
C SER A 166 13.34 -14.13 -51.96
N LYS A 167 12.84 -14.08 -50.73
CA LYS A 167 12.02 -15.13 -50.12
C LYS A 167 10.85 -14.67 -49.32
N SER A 168 9.86 -15.51 -49.22
CA SER A 168 8.73 -15.21 -48.37
C SER A 168 8.12 -16.45 -47.76
N TYR A 169 7.41 -16.23 -46.68
CA TYR A 169 6.65 -17.28 -46.00
C TYR A 169 5.32 -16.75 -45.58
N ILE A 170 4.27 -17.50 -45.86
CA ILE A 170 2.93 -17.08 -45.49
C ILE A 170 2.44 -17.86 -44.30
N ASN A 171 2.11 -17.15 -43.24
CA ASN A 171 1.67 -17.80 -42.03
C ASN A 171 0.17 -17.99 -42.01
N ASP A 172 -0.36 -18.93 -42.77
CA ASP A 172 -1.81 -19.04 -42.84
C ASP A 172 -2.42 -20.09 -41.93
N LYS A 173 -1.64 -20.65 -41.03
CA LYS A 173 -2.13 -21.72 -40.17
C LYS A 173 -2.78 -21.35 -38.84
N GLY A 174 -2.67 -20.11 -38.38
CA GLY A 174 -3.34 -19.72 -37.13
C GLY A 174 -2.51 -19.41 -35.87
N LYS A 175 -1.24 -19.79 -35.81
CA LYS A 175 -0.45 -19.46 -34.64
C LYS A 175 0.46 -18.32 -34.99
N GLU A 176 1.05 -17.65 -34.01
CA GLU A 176 1.98 -16.60 -34.39
C GLU A 176 3.31 -17.24 -34.63
N VAL A 177 4.07 -16.73 -35.57
CA VAL A 177 5.36 -17.32 -35.81
C VAL A 177 6.52 -16.40 -35.51
N LEU A 178 7.43 -16.90 -34.70
CA LEU A 178 8.62 -16.19 -34.34
C LEU A 178 9.70 -16.49 -35.31
N VAL A 179 10.17 -15.44 -35.96
CA VAL A 179 11.17 -15.58 -36.97
C VAL A 179 12.38 -14.81 -36.56
N LEU A 180 13.53 -15.47 -36.61
CA LEU A 180 14.77 -14.81 -36.25
C LEU A 180 15.72 -14.82 -37.40
N TRP A 181 16.54 -13.81 -37.47
CA TRP A 181 17.53 -13.71 -38.52
C TRP A 181 18.66 -12.89 -38.01
N GLY A 182 19.71 -12.77 -38.77
CA GLY A 182 20.74 -11.88 -38.29
C GLY A 182 21.55 -11.27 -39.38
N ILE A 183 22.38 -10.33 -39.01
CA ILE A 183 23.17 -9.64 -40.00
C ILE A 183 24.62 -9.68 -39.70
N HIS A 184 25.38 -10.07 -40.69
CA HIS A 184 26.81 -10.16 -40.52
C HIS A 184 27.47 -8.84 -40.85
N HIS A 185 28.34 -8.42 -39.96
CA HIS A 185 29.14 -7.22 -40.05
C HIS A 185 30.62 -7.60 -40.02
N PRO A 186 31.24 -7.80 -41.18
CA PRO A 186 32.58 -8.26 -41.36
C PRO A 186 33.55 -7.29 -40.76
N SER A 187 34.71 -7.80 -40.39
CA SER A 187 35.75 -6.98 -39.86
C SER A 187 36.28 -6.06 -40.93
N THR A 188 36.59 -6.61 -42.09
CA THR A 188 37.10 -5.74 -43.15
C THR A 188 36.52 -5.96 -44.52
N SER A 189 36.92 -5.12 -45.47
CA SER A 189 36.42 -5.20 -46.83
C SER A 189 36.86 -6.47 -47.53
N ALA A 190 37.95 -7.05 -47.07
CA ALA A 190 38.44 -8.31 -47.60
C ALA A 190 37.50 -9.44 -47.22
N ASP A 191 36.78 -9.32 -46.11
CA ASP A 191 35.91 -10.37 -45.68
C ASP A 191 34.63 -10.21 -46.44
N GLN A 192 34.29 -8.98 -46.74
CA GLN A 192 33.08 -8.77 -47.50
C GLN A 192 33.28 -9.40 -48.88
N GLN A 193 34.48 -9.29 -49.43
CA GLN A 193 34.75 -9.90 -50.72
C GLN A 193 34.83 -11.40 -50.64
N SER A 194 35.37 -11.94 -49.56
CA SER A 194 35.47 -13.37 -49.37
C SER A 194 34.10 -14.04 -49.24
N LEU A 195 33.22 -13.42 -48.47
CA LEU A 195 31.91 -13.97 -48.21
C LEU A 195 30.79 -13.59 -49.17
N TYR A 196 30.69 -12.33 -49.58
CA TYR A 196 29.54 -11.92 -50.37
C TYR A 196 29.84 -11.44 -51.77
N GLN A 197 31.02 -10.89 -52.00
CA GLN A 197 31.46 -10.31 -53.28
C GLN A 197 30.86 -8.94 -53.54
N ASN A 198 29.56 -8.83 -53.42
CA ASN A 198 28.99 -7.52 -53.62
C ASN A 198 29.59 -6.65 -52.52
N ALA A 199 30.20 -5.53 -52.92
CA ALA A 199 30.90 -4.68 -51.98
C ALA A 199 29.99 -3.78 -51.16
N ASP A 200 28.83 -3.44 -51.69
CA ASP A 200 27.92 -2.53 -50.99
C ASP A 200 26.55 -3.16 -51.01
N THR A 201 26.18 -3.73 -49.89
CA THR A 201 24.99 -4.51 -49.77
C THR A 201 24.00 -3.95 -48.79
N TYR A 202 22.82 -4.51 -48.85
CA TYR A 202 21.78 -4.18 -47.91
C TYR A 202 20.95 -5.40 -47.66
N VAL A 203 20.22 -5.36 -46.56
CA VAL A 203 19.28 -6.38 -46.18
C VAL A 203 17.94 -5.75 -45.89
N PHE A 204 16.87 -6.29 -46.43
CA PHE A 204 15.56 -5.76 -46.12
C PHE A 204 14.62 -6.84 -45.62
N VAL A 205 13.97 -6.56 -44.50
CA VAL A 205 13.02 -7.51 -43.94
C VAL A 205 11.68 -6.85 -43.61
N GLY A 206 10.58 -7.54 -43.90
CA GLY A 206 9.30 -6.95 -43.53
C GLY A 206 8.06 -7.83 -43.57
N SER A 207 7.00 -7.29 -43.01
CA SER A 207 5.68 -7.90 -42.85
C SER A 207 4.67 -6.77 -42.93
N SER A 208 3.42 -7.02 -42.60
CA SER A 208 2.46 -5.92 -42.66
C SER A 208 2.71 -4.93 -41.50
N ARG A 209 3.45 -5.38 -40.48
CA ARG A 209 3.74 -4.55 -39.31
C ARG A 209 5.20 -4.17 -39.19
N TYR A 210 6.08 -4.99 -39.70
CA TYR A 210 7.51 -4.77 -39.53
C TYR A 210 8.15 -4.32 -40.82
N SER A 211 8.95 -3.29 -40.78
CA SER A 211 9.64 -2.91 -41.98
C SER A 211 10.97 -2.28 -41.71
N LYS A 212 12.04 -2.94 -42.11
CA LYS A 212 13.34 -2.37 -41.83
C LYS A 212 14.44 -2.66 -42.82
N LYS A 213 15.11 -1.61 -43.29
CA LYS A 213 16.26 -1.79 -44.13
C LYS A 213 17.50 -1.69 -43.26
N PHE A 214 18.40 -2.63 -43.43
CA PHE A 214 19.63 -2.69 -42.68
C PHE A 214 20.79 -2.53 -43.62
N LYS A 215 21.90 -2.01 -43.15
CA LYS A 215 23.08 -1.89 -44.00
C LYS A 215 24.30 -2.25 -43.16
N PRO A 216 25.18 -3.18 -43.58
CA PRO A 216 26.36 -3.63 -42.87
C PRO A 216 27.32 -2.52 -42.52
N GLU A 217 27.90 -2.62 -41.32
CA GLU A 217 28.87 -1.68 -40.82
C GLU A 217 30.22 -2.37 -40.68
N ILE A 218 31.06 -2.25 -41.69
CA ILE A 218 32.34 -2.92 -41.70
C ILE A 218 33.38 -2.12 -40.94
N ALA A 219 34.02 -2.75 -39.97
CA ALA A 219 35.01 -2.09 -39.13
C ALA A 219 35.84 -3.09 -38.36
N ILE A 220 37.05 -2.72 -37.97
CA ILE A 220 37.79 -3.65 -37.13
C ILE A 220 37.40 -3.39 -35.71
N ARG A 221 36.86 -4.39 -35.06
CA ARG A 221 36.40 -4.25 -33.70
C ARG A 221 37.34 -5.01 -32.79
N PRO A 222 37.32 -4.80 -31.47
CA PRO A 222 38.07 -5.58 -30.52
C PRO A 222 37.70 -7.02 -30.73
N LYS A 223 38.68 -7.89 -30.58
CA LYS A 223 38.46 -9.29 -30.82
C LYS A 223 37.80 -10.02 -29.68
N VAL A 224 36.68 -10.66 -29.98
CA VAL A 224 35.89 -11.42 -29.02
C VAL A 224 35.67 -12.83 -29.54
N ARG A 225 36.06 -13.86 -28.79
CA ARG A 225 35.92 -15.24 -29.26
C ARG A 225 36.56 -15.38 -30.63
N ASP A 226 37.71 -14.74 -30.77
CA ASP A 226 38.55 -14.69 -31.95
C ASP A 226 37.95 -13.95 -33.16
N GLN A 227 36.80 -13.30 -33.01
CA GLN A 227 36.21 -12.60 -34.13
C GLN A 227 36.45 -11.10 -34.05
N GLU A 228 36.75 -10.48 -35.19
CA GLU A 228 36.92 -9.03 -35.25
C GLU A 228 35.68 -8.34 -35.80
N GLY A 229 34.67 -9.14 -36.09
CA GLY A 229 33.42 -8.62 -36.63
C GLY A 229 32.30 -8.91 -35.65
N ARG A 230 31.08 -8.69 -36.08
CA ARG A 230 29.92 -8.91 -35.22
C ARG A 230 28.75 -9.45 -36.00
N MET A 231 27.84 -10.12 -35.33
CA MET A 231 26.63 -10.55 -35.99
C MET A 231 25.44 -10.22 -35.14
N ASN A 232 24.55 -9.39 -35.63
CA ASN A 232 23.44 -8.98 -34.78
C ASN A 232 22.25 -9.86 -35.02
N TYR A 233 21.43 -10.04 -33.99
CA TYR A 233 20.27 -10.87 -34.11
C TYR A 233 18.99 -10.09 -33.91
N TYR A 234 18.09 -10.29 -34.84
CA TYR A 234 16.81 -9.60 -34.88
C TYR A 234 15.67 -10.58 -34.93
N TRP A 235 14.50 -10.16 -34.47
CA TRP A 235 13.36 -11.04 -34.56
C TRP A 235 12.07 -10.30 -34.66
N THR A 236 11.08 -10.95 -35.23
CA THR A 236 9.74 -10.40 -35.24
C THR A 236 8.73 -11.49 -35.12
N LEU A 237 7.47 -11.12 -34.99
CA LEU A 237 6.41 -12.09 -34.94
C LEU A 237 5.49 -11.90 -36.12
N VAL A 238 5.14 -12.98 -36.77
CA VAL A 238 4.25 -12.88 -37.90
C VAL A 238 2.87 -13.31 -37.48
N GLU A 239 1.93 -12.41 -37.53
CA GLU A 239 0.59 -12.72 -37.09
C GLU A 239 -0.06 -13.62 -38.13
N PRO A 240 -1.07 -14.42 -37.78
CA PRO A 240 -1.77 -15.25 -38.70
C PRO A 240 -2.35 -14.47 -39.83
N GLY A 241 -2.17 -14.99 -41.02
CA GLY A 241 -2.67 -14.41 -42.25
C GLY A 241 -1.66 -13.51 -42.92
N ASP A 242 -0.58 -13.16 -42.21
CA ASP A 242 0.39 -12.29 -42.81
C ASP A 242 1.53 -13.08 -43.39
N LYS A 243 2.48 -12.38 -43.99
CA LYS A 243 3.65 -13.01 -44.53
C LYS A 243 4.87 -12.21 -44.22
N ILE A 244 5.99 -12.89 -44.12
CA ILE A 244 7.24 -12.23 -43.88
C ILE A 244 8.12 -12.39 -45.08
N THR A 245 8.79 -11.33 -45.47
CA THR A 245 9.67 -11.43 -46.61
C THR A 245 11.06 -11.03 -46.24
N PHE A 246 12.00 -11.60 -46.98
CA PHE A 246 13.41 -11.30 -46.86
C PHE A 246 13.99 -10.99 -48.22
N GLU A 247 14.79 -9.95 -48.26
CA GLU A 247 15.48 -9.55 -49.46
C GLU A 247 16.91 -9.18 -49.16
N ALA A 248 17.86 -9.65 -49.93
CA ALA A 248 19.23 -9.22 -49.61
C ALA A 248 20.20 -9.30 -50.75
N THR A 249 21.21 -8.47 -50.68
CA THR A 249 22.30 -8.52 -51.64
C THR A 249 23.56 -8.99 -50.95
N GLY A 250 23.41 -9.39 -49.71
CA GLY A 250 24.52 -9.91 -48.93
C GLY A 250 24.31 -9.63 -47.47
N ASN A 251 25.12 -10.25 -46.65
CA ASN A 251 25.17 -10.11 -45.21
C ASN A 251 23.95 -10.56 -44.43
N LEU A 252 23.08 -11.33 -45.05
CA LEU A 252 21.93 -11.84 -44.32
C LEU A 252 22.08 -13.28 -43.92
N VAL A 253 21.85 -13.54 -42.65
CA VAL A 253 21.82 -14.86 -42.09
C VAL A 253 20.34 -15.19 -42.00
N VAL A 254 19.93 -16.28 -42.62
CA VAL A 254 18.51 -16.55 -42.75
C VAL A 254 18.06 -17.64 -41.85
N PRO A 255 16.82 -17.65 -41.40
CA PRO A 255 16.29 -18.69 -40.61
C PRO A 255 16.12 -19.90 -41.42
N ARG A 256 16.24 -21.05 -40.79
CA ARG A 256 15.85 -22.25 -41.48
C ARG A 256 14.73 -22.75 -40.62
N TYR A 257 14.85 -22.54 -39.30
CA TYR A 257 13.80 -22.95 -38.36
C TYR A 257 13.11 -21.75 -37.77
N ALA A 258 11.84 -21.91 -37.46
CA ALA A 258 11.01 -20.88 -36.87
C ALA A 258 10.05 -21.51 -35.90
N PHE A 259 9.51 -20.69 -35.01
CA PHE A 259 8.67 -21.28 -33.98
C PHE A 259 7.24 -20.82 -34.03
N ALA A 260 6.30 -21.74 -34.05
CA ALA A 260 4.89 -21.36 -34.03
C ALA A 260 4.40 -21.42 -32.61
N MET A 261 3.64 -20.43 -32.17
CA MET A 261 3.19 -20.47 -30.79
C MET A 261 1.94 -19.71 -30.40
N GLU A 262 1.43 -20.09 -29.24
CA GLU A 262 0.33 -19.41 -28.56
C GLU A 262 0.81 -19.09 -27.14
N ARG A 263 0.86 -17.80 -26.81
CA ARG A 263 1.39 -17.34 -25.52
C ARG A 263 0.39 -17.16 -24.41
N ASN A 264 0.88 -17.32 -23.18
CA ASN A 264 0.13 -17.05 -21.97
C ASN A 264 0.65 -15.78 -21.31
N ALA A 265 -0.16 -15.16 -20.50
CA ALA A 265 0.31 -13.99 -19.77
C ALA A 265 0.56 -14.33 -18.31
N GLY A 266 1.42 -13.55 -17.64
CA GLY A 266 1.60 -13.68 -16.19
C GLY A 266 2.73 -14.55 -15.63
N SER A 267 3.69 -14.99 -16.45
CA SER A 267 4.76 -15.80 -15.87
C SER A 267 6.11 -15.10 -15.95
N GLY A 268 7.19 -15.83 -15.79
CA GLY A 268 8.50 -15.22 -15.75
C GLY A 268 9.63 -16.22 -15.79
N ILE A 269 10.82 -15.73 -15.50
CA ILE A 269 12.02 -16.54 -15.57
C ILE A 269 12.70 -16.61 -14.22
N ILE A 270 13.01 -17.82 -13.81
CA ILE A 270 13.69 -18.08 -12.56
C ILE A 270 15.12 -18.48 -12.78
N ILE A 271 16.02 -17.81 -12.07
CA ILE A 271 17.41 -18.15 -12.19
C ILE A 271 17.75 -18.92 -10.94
N SER A 272 18.05 -20.19 -11.08
CA SER A 272 18.26 -21.01 -9.90
C SER A 272 18.94 -22.34 -10.15
N ASP A 273 19.65 -22.83 -9.14
CA ASP A 273 20.25 -24.17 -9.18
C ASP A 273 19.39 -25.22 -8.50
N THR A 274 18.22 -24.82 -8.06
CA THR A 274 17.27 -25.68 -7.42
C THR A 274 16.84 -26.67 -8.51
N PRO A 275 16.81 -27.99 -8.25
CA PRO A 275 16.46 -29.02 -9.20
C PRO A 275 14.99 -29.04 -9.55
N VAL A 276 14.66 -29.57 -10.72
CA VAL A 276 13.28 -29.71 -11.17
C VAL A 276 12.75 -31.09 -10.85
N HIS A 277 11.57 -31.14 -10.24
CA HIS A 277 10.93 -32.38 -9.83
C HIS A 277 9.49 -32.53 -10.22
N ASP A 278 9.03 -33.76 -10.28
CA ASP A 278 7.63 -33.96 -10.64
C ASP A 278 6.77 -33.83 -9.37
N CYS A 279 6.35 -32.58 -9.10
CA CYS A 279 5.58 -32.11 -7.97
C CYS A 279 4.72 -30.97 -8.47
N ASN A 280 3.66 -30.66 -7.74
CA ASN A 280 2.80 -29.55 -8.13
C ASN A 280 2.80 -28.46 -7.06
N THR A 281 2.72 -27.19 -7.50
CA THR A 281 2.52 -26.04 -6.65
C THR A 281 1.60 -25.03 -7.27
N THR A 282 1.30 -24.04 -6.46
CA THR A 282 0.52 -22.86 -6.81
C THR A 282 1.35 -21.55 -6.79
N CYS A 283 2.55 -21.59 -6.17
CA CYS A 283 3.52 -20.52 -5.94
C CYS A 283 4.91 -21.11 -5.97
N GLN A 284 5.79 -20.47 -6.72
CA GLN A 284 7.15 -20.92 -6.88
C GLN A 284 8.15 -19.81 -6.70
N THR A 285 9.17 -20.02 -5.89
CA THR A 285 10.21 -19.01 -5.79
C THR A 285 11.54 -19.70 -6.13
N PRO A 286 12.68 -19.01 -6.40
CA PRO A 286 13.96 -19.61 -6.74
C PRO A 286 14.53 -20.58 -5.71
N LYS A 287 14.08 -20.49 -4.47
CA LYS A 287 14.59 -21.37 -3.44
C LYS A 287 13.84 -22.68 -3.38
N GLY A 288 12.76 -22.77 -4.12
CA GLY A 288 11.91 -23.94 -4.08
C GLY A 288 10.44 -23.54 -3.99
N ALA A 289 9.57 -24.45 -4.28
CA ALA A 289 8.15 -24.19 -4.25
C ALA A 289 7.63 -23.95 -2.85
N ILE A 290 6.61 -23.10 -2.76
CA ILE A 290 5.93 -22.77 -1.51
C ILE A 290 4.51 -23.35 -1.55
N ASN A 291 4.10 -24.12 -0.52
CA ASN A 291 2.77 -24.72 -0.44
C ASN A 291 2.11 -24.30 0.88
N THR A 292 1.24 -23.26 0.83
CA THR A 292 0.62 -22.67 2.02
C THR A 292 -0.63 -21.91 1.68
N SER A 293 -1.48 -21.77 2.68
CA SER A 293 -2.67 -20.96 2.59
C SER A 293 -2.54 -19.69 3.42
N LEU A 294 -1.39 -19.49 4.04
CA LEU A 294 -1.21 -18.33 4.90
C LEU A 294 -0.95 -17.10 4.06
N PRO A 295 -1.35 -15.90 4.49
CA PRO A 295 -1.18 -14.65 3.79
C PRO A 295 0.22 -14.10 3.65
N PHE A 296 1.18 -14.48 4.50
CA PHE A 296 2.49 -13.88 4.37
C PHE A 296 3.58 -14.90 4.30
N GLN A 297 4.68 -14.54 3.66
CA GLN A 297 5.87 -15.39 3.62
C GLN A 297 7.12 -14.57 3.78
N ASN A 298 8.16 -15.19 4.30
CA ASN A 298 9.44 -14.49 4.43
C ASN A 298 10.56 -15.28 3.80
N ILE A 299 10.25 -15.96 2.73
CA ILE A 299 11.19 -16.81 2.05
C ILE A 299 11.95 -16.06 0.98
N HIS A 300 11.22 -15.34 0.12
CA HIS A 300 11.92 -14.65 -0.94
C HIS A 300 11.06 -13.54 -1.57
N PRO A 301 11.61 -12.37 -1.90
CA PRO A 301 10.95 -11.28 -2.60
C PRO A 301 10.41 -11.57 -3.99
N ILE A 302 10.97 -12.55 -4.71
CA ILE A 302 10.52 -12.79 -6.07
C ILE A 302 9.81 -14.10 -6.23
N THR A 303 8.56 -14.04 -6.65
CA THR A 303 7.80 -15.25 -6.84
C THR A 303 6.99 -15.25 -8.15
N ILE A 304 6.55 -16.45 -8.55
CA ILE A 304 5.60 -16.65 -9.65
C ILE A 304 4.41 -17.43 -9.12
N GLY A 305 3.20 -16.97 -9.38
CA GLY A 305 2.02 -17.69 -8.91
C GLY A 305 1.16 -16.93 -7.94
N LYS A 306 0.17 -17.61 -7.36
CA LYS A 306 -0.76 -16.97 -6.43
C LYS A 306 -0.19 -17.03 -5.03
N CYS A 307 0.84 -16.20 -4.81
CA CYS A 307 1.72 -16.21 -3.66
C CYS A 307 1.29 -15.35 -2.45
N PRO A 308 1.75 -15.70 -1.24
CA PRO A 308 1.66 -14.92 -0.04
C PRO A 308 2.50 -13.67 -0.25
N LYS A 309 2.19 -12.61 0.47
CA LYS A 309 2.97 -11.39 0.31
C LYS A 309 4.26 -11.51 1.05
N TYR A 310 5.33 -10.99 0.47
CA TYR A 310 6.62 -11.04 1.14
C TYR A 310 6.72 -9.98 2.20
N VAL A 311 7.17 -10.38 3.38
CA VAL A 311 7.38 -9.46 4.48
C VAL A 311 8.79 -9.57 5.02
N LYS A 312 9.24 -8.56 5.73
CA LYS A 312 10.58 -8.59 6.33
C LYS A 312 10.59 -9.18 7.71
N SER A 313 9.42 -9.47 8.21
CA SER A 313 9.21 -10.01 9.53
C SER A 313 9.64 -11.45 9.66
N THR A 314 10.07 -11.80 10.86
CA THR A 314 10.46 -13.16 11.16
C THR A 314 9.40 -13.89 11.96
N LYS A 315 8.36 -13.17 12.38
CA LYS A 315 7.33 -13.79 13.20
C LYS A 315 5.98 -13.07 13.21
N LEU A 316 4.94 -13.75 12.78
CA LEU A 316 3.59 -13.23 12.80
C LEU A 316 2.72 -14.27 13.47
N ARG A 317 2.79 -14.32 14.79
CA ARG A 317 2.07 -15.33 15.53
C ARG A 317 0.87 -14.71 16.19
N LEU A 318 -0.28 -15.22 15.82
CA LEU A 318 -1.56 -14.74 16.27
C LEU A 318 -2.09 -15.65 17.37
N ALA A 319 -2.32 -15.11 18.54
CA ALA A 319 -2.78 -15.89 19.68
C ALA A 319 -4.19 -16.34 19.47
N THR A 320 -4.51 -17.55 19.90
CA THR A 320 -5.89 -17.96 19.82
C THR A 320 -6.30 -18.33 21.21
N GLY A 321 -5.33 -18.76 21.98
CA GLY A 321 -5.60 -19.31 23.28
C GLY A 321 -5.53 -18.33 24.42
N LEU A 322 -5.45 -18.89 25.60
CA LEU A 322 -5.47 -18.18 26.84
C LEU A 322 -4.10 -17.75 27.23
N ARG A 323 -4.01 -16.70 28.01
CA ARG A 323 -2.71 -16.37 28.54
C ARG A 323 -2.33 -17.62 29.31
N ASN A 324 -1.16 -18.16 29.09
CA ASN A 324 -0.79 -19.42 29.73
C ASN A 324 -0.07 -19.22 31.03
N ILE A 325 -0.74 -19.46 32.14
CA ILE A 325 -0.11 -19.22 33.43
C ILE A 325 -0.15 -20.41 34.38
N PRO A 326 0.79 -21.35 34.31
CA PRO A 326 0.97 -22.40 35.29
C PRO A 326 1.43 -21.65 36.54
N SER A 327 1.10 -22.16 37.75
CA SER A 327 1.53 -21.60 39.03
C SER A 327 1.22 -22.64 40.10
N PHE B 9 -7.62 -10.29 39.22
CA PHE B 9 -8.91 -10.95 39.39
C PHE B 9 -8.66 -12.41 39.84
N ILE B 10 -8.08 -13.25 38.94
CA ILE B 10 -7.70 -14.66 39.16
C ILE B 10 -6.19 -14.82 38.93
N GLU B 11 -5.51 -15.42 39.91
CA GLU B 11 -4.05 -15.60 39.93
C GLU B 11 -3.40 -16.41 38.80
N GLY B 12 -4.07 -17.42 38.28
CA GLY B 12 -3.47 -18.23 37.24
C GLY B 12 -4.45 -19.28 36.76
N GLY B 13 -4.01 -20.14 35.85
CA GLY B 13 -4.91 -21.14 35.31
C GLY B 13 -4.76 -22.49 35.99
N TRP B 14 -5.53 -23.44 35.52
CA TRP B 14 -5.56 -24.79 36.04
C TRP B 14 -5.06 -25.79 35.01
N THR B 15 -4.30 -26.78 35.45
CA THR B 15 -3.81 -27.77 34.51
C THR B 15 -4.62 -29.04 34.52
N GLY B 16 -5.39 -29.28 35.57
CA GLY B 16 -6.20 -30.49 35.62
C GLY B 16 -7.43 -30.32 34.72
N MET B 17 -7.69 -29.09 34.38
CA MET B 17 -8.81 -28.77 33.55
C MET B 17 -8.41 -28.92 32.13
N VAL B 18 -8.58 -30.11 31.60
CA VAL B 18 -8.11 -30.37 30.25
C VAL B 18 -9.18 -30.56 29.20
N ASP B 19 -10.44 -30.35 29.56
CA ASP B 19 -11.54 -30.52 28.63
C ASP B 19 -12.14 -29.24 28.02
N GLY B 20 -11.45 -28.13 28.13
CA GLY B 20 -11.94 -26.88 27.54
C GLY B 20 -11.21 -25.69 28.13
N TRP B 21 -11.35 -24.54 27.49
CA TRP B 21 -10.69 -23.32 27.94
C TRP B 21 -11.26 -22.71 29.21
N TYR B 22 -12.55 -22.85 29.43
CA TYR B 22 -13.16 -22.21 30.59
C TYR B 22 -13.85 -23.23 31.41
N GLY B 23 -13.90 -23.05 32.71
CA GLY B 23 -14.64 -24.03 33.48
C GLY B 23 -14.63 -23.85 34.96
N TYR B 24 -15.04 -24.92 35.61
CA TYR B 24 -15.20 -24.98 37.04
C TYR B 24 -14.37 -26.04 37.72
N HIS B 25 -14.07 -25.78 38.97
CA HIS B 25 -13.44 -26.72 39.86
C HIS B 25 -14.31 -26.84 41.07
N HIS B 26 -14.48 -28.05 41.57
CA HIS B 26 -15.32 -28.15 42.75
C HIS B 26 -14.79 -29.14 43.73
N GLN B 27 -15.25 -28.99 44.94
CA GLN B 27 -14.94 -29.92 46.00
C GLN B 27 -16.18 -30.03 46.86
N ASN B 28 -16.64 -31.24 47.12
CA ASN B 28 -17.76 -31.41 48.00
C ASN B 28 -17.57 -32.73 48.69
N GLU B 29 -18.46 -33.05 49.58
CA GLU B 29 -18.30 -34.31 50.31
C GLU B 29 -18.11 -35.54 49.42
N GLN B 30 -18.76 -35.56 48.27
CA GLN B 30 -18.76 -36.72 47.39
C GLN B 30 -17.63 -36.78 46.36
N GLY B 31 -16.79 -35.77 46.28
CA GLY B 31 -15.76 -35.79 45.24
C GLY B 31 -15.21 -34.41 44.89
N SER B 32 -14.28 -34.38 43.95
CA SER B 32 -13.69 -33.13 43.52
C SER B 32 -13.14 -33.29 42.14
N GLY B 33 -12.85 -32.17 41.49
CA GLY B 33 -12.23 -32.23 40.17
C GLY B 33 -12.56 -31.03 39.31
N TYR B 34 -12.23 -31.14 38.03
CA TYR B 34 -12.45 -30.03 37.11
C TYR B 34 -13.38 -30.44 35.99
N ALA B 35 -14.17 -29.49 35.50
CA ALA B 35 -14.99 -29.72 34.33
C ALA B 35 -15.17 -28.44 33.55
N ALA B 36 -15.16 -28.54 32.23
CA ALA B 36 -15.33 -27.38 31.41
C ALA B 36 -16.75 -26.88 31.37
N ASP B 37 -16.90 -25.58 31.20
CA ASP B 37 -18.19 -25.00 30.93
C ASP B 37 -18.27 -25.00 29.44
N LEU B 38 -18.99 -25.97 28.91
CA LEU B 38 -18.98 -26.22 27.50
C LEU B 38 -19.62 -25.13 26.68
N LYS B 39 -20.67 -24.50 27.18
CA LYS B 39 -21.26 -23.47 26.35
C LYS B 39 -20.33 -22.30 26.21
N SER B 40 -19.68 -21.92 27.31
CA SER B 40 -18.76 -20.80 27.26
C SER B 40 -17.57 -21.12 26.39
N THR B 41 -17.03 -22.31 26.56
CA THR B 41 -15.86 -22.69 25.82
C THR B 41 -16.14 -22.77 24.36
N GLN B 42 -17.26 -23.38 23.97
CA GLN B 42 -17.46 -23.51 22.56
C GLN B 42 -17.72 -22.19 21.93
N ASN B 43 -18.41 -21.27 22.61
CA ASN B 43 -18.64 -20.02 21.94
C ASN B 43 -17.35 -19.26 21.76
N ALA B 44 -16.44 -19.33 22.75
CA ALA B 44 -15.18 -18.65 22.61
C ALA B 44 -14.39 -19.22 21.46
N ILE B 45 -14.44 -20.54 21.31
CA ILE B 45 -13.71 -21.17 20.24
C ILE B 45 -14.25 -20.79 18.91
N ASP B 46 -15.55 -20.79 18.74
CA ASP B 46 -16.07 -20.47 17.44
C ASP B 46 -15.77 -19.04 17.08
N LYS B 47 -15.84 -18.13 18.04
CA LYS B 47 -15.58 -16.73 17.77
C LYS B 47 -14.15 -16.56 17.29
N ILE B 48 -13.20 -17.10 18.04
CA ILE B 48 -11.81 -16.99 17.72
C ILE B 48 -11.44 -17.71 16.46
N THR B 49 -11.97 -18.90 16.24
CA THR B 49 -11.63 -19.63 15.05
C THR B 49 -12.04 -18.80 13.85
N ASN B 50 -13.23 -18.22 13.90
CA ASN B 50 -13.68 -17.42 12.78
C ASN B 50 -12.78 -16.21 12.60
N LYS B 51 -12.30 -15.61 13.69
CA LYS B 51 -11.40 -14.48 13.62
C LYS B 51 -10.12 -14.80 12.88
N VAL B 52 -9.54 -15.93 13.20
CA VAL B 52 -8.32 -16.33 12.55
C VAL B 52 -8.57 -16.57 11.09
N ASN B 53 -9.65 -17.25 10.79
CA ASN B 53 -9.90 -17.52 9.41
C ASN B 53 -10.12 -16.25 8.65
N SER B 54 -10.78 -15.25 9.23
CA SER B 54 -11.00 -14.01 8.52
C SER B 54 -9.70 -13.34 8.13
N VAL B 55 -8.73 -13.32 9.04
CA VAL B 55 -7.47 -12.70 8.72
C VAL B 55 -6.81 -13.36 7.52
N ILE B 56 -6.89 -14.67 7.43
CA ILE B 56 -6.29 -15.41 6.34
C ILE B 56 -7.10 -15.35 5.04
N GLU B 57 -8.39 -15.63 5.14
CA GLU B 57 -9.33 -15.73 4.03
C GLU B 57 -9.50 -14.47 3.23
N LYS B 58 -9.42 -13.33 3.88
CA LYS B 58 -9.61 -12.08 3.17
C LYS B 58 -8.54 -11.75 2.15
N MET B 59 -7.35 -12.33 2.22
CA MET B 59 -6.38 -11.93 1.22
C MET B 59 -6.54 -12.82 0.00
N ASN B 60 -6.58 -12.22 -1.18
CA ASN B 60 -6.76 -12.98 -2.42
C ASN B 60 -5.82 -12.55 -3.52
N THR B 61 -4.71 -13.24 -3.63
CA THR B 61 -3.66 -12.94 -4.58
C THR B 61 -4.01 -13.39 -6.00
N GLN B 62 -3.73 -12.55 -6.99
CA GLN B 62 -3.91 -12.90 -8.39
C GLN B 62 -2.68 -13.62 -8.88
N PHE B 63 -2.80 -14.45 -9.90
CA PHE B 63 -1.59 -15.10 -10.36
C PHE B 63 -0.67 -14.02 -10.88
N THR B 64 0.56 -13.98 -10.39
CA THR B 64 1.47 -12.96 -10.86
C THR B 64 2.87 -13.43 -11.14
N ALA B 65 3.70 -12.51 -11.58
CA ALA B 65 5.11 -12.74 -11.80
C ALA B 65 5.81 -11.48 -11.40
N VAL B 66 6.58 -11.58 -10.33
CA VAL B 66 7.22 -10.43 -9.71
C VAL B 66 8.48 -9.96 -10.40
N GLY B 67 9.36 -10.87 -10.78
CA GLY B 67 10.64 -10.46 -11.32
C GLY B 67 10.50 -9.82 -12.69
N LYS B 68 11.39 -8.88 -12.97
CA LYS B 68 11.46 -8.18 -14.24
C LYS B 68 12.91 -8.07 -14.65
N GLU B 69 13.16 -8.05 -15.94
CA GLU B 69 14.53 -7.92 -16.41
C GLU B 69 14.75 -6.69 -17.24
N PHE B 70 15.79 -5.96 -16.89
CA PHE B 70 16.16 -4.73 -17.56
C PHE B 70 17.60 -4.79 -17.99
N ASN B 71 17.94 -4.07 -19.05
CA ASN B 71 19.30 -4.10 -19.57
C ASN B 71 20.18 -2.94 -19.16
N HIS B 72 21.36 -2.94 -19.75
CA HIS B 72 22.42 -1.98 -19.55
C HIS B 72 21.97 -0.52 -19.56
N LEU B 73 21.06 -0.15 -20.45
CA LEU B 73 20.63 1.23 -20.56
C LEU B 73 19.24 1.51 -20.05
N GLU B 74 18.74 0.66 -19.19
CA GLU B 74 17.42 0.83 -18.62
C GLU B 74 17.46 0.91 -17.12
N LYS B 75 18.47 1.58 -16.58
CA LYS B 75 18.66 1.63 -15.15
C LYS B 75 17.57 2.42 -14.49
N ARG B 76 17.06 3.46 -15.12
CA ARG B 76 16.03 4.22 -14.44
C ARG B 76 14.78 3.38 -14.25
N ILE B 77 14.51 2.48 -15.20
CA ILE B 77 13.34 1.67 -15.08
C ILE B 77 13.61 0.62 -14.04
N GLU B 78 14.78 0.03 -14.05
CA GLU B 78 15.05 -0.98 -13.04
C GLU B 78 14.88 -0.38 -11.66
N ASN B 79 15.34 0.84 -11.47
CA ASN B 79 15.21 1.47 -10.18
C ASN B 79 13.75 1.79 -9.87
N LEU B 80 12.93 2.02 -10.89
CA LEU B 80 11.51 2.26 -10.66
C LEU B 80 10.90 0.97 -10.19
N ASN B 81 11.27 -0.14 -10.80
CA ASN B 81 10.73 -1.40 -10.35
C ASN B 81 11.12 -1.68 -8.92
N LYS B 82 12.35 -1.37 -8.55
CA LYS B 82 12.75 -1.59 -7.18
C LYS B 82 11.92 -0.72 -6.26
N LYS B 83 11.72 0.53 -6.62
CA LYS B 83 10.92 1.43 -5.81
C LYS B 83 9.56 0.85 -5.53
N VAL B 84 8.95 0.25 -6.55
CA VAL B 84 7.66 -0.35 -6.38
C VAL B 84 7.71 -1.53 -5.42
N ASP B 85 8.70 -2.42 -5.58
CA ASP B 85 8.77 -3.56 -4.67
C ASP B 85 9.04 -3.15 -3.25
N ASP B 86 9.87 -2.14 -3.05
CA ASP B 86 10.19 -1.73 -1.71
C ASP B 86 9.01 -1.07 -1.05
N GLY B 87 8.26 -0.29 -1.82
CA GLY B 87 7.11 0.37 -1.27
C GLY B 87 6.10 -0.66 -0.82
N PHE B 88 5.84 -1.66 -1.64
CA PHE B 88 4.88 -2.66 -1.26
C PHE B 88 5.37 -3.46 -0.07
N LEU B 89 6.65 -3.73 -0.01
CA LEU B 89 7.18 -4.47 1.11
C LEU B 89 7.00 -3.75 2.41
N ASP B 90 7.26 -2.45 2.42
CA ASP B 90 7.12 -1.74 3.66
C ASP B 90 5.68 -1.66 4.10
N ILE B 91 4.77 -1.53 3.14
CA ILE B 91 3.39 -1.47 3.52
C ILE B 91 2.94 -2.78 4.10
N TRP B 92 3.25 -3.88 3.44
CA TRP B 92 2.78 -5.13 3.96
C TRP B 92 3.43 -5.49 5.25
N THR B 93 4.72 -5.22 5.40
CA THR B 93 5.36 -5.59 6.63
C THR B 93 4.80 -4.81 7.77
N TYR B 94 4.63 -3.51 7.59
CA TYR B 94 4.16 -2.67 8.68
C TYR B 94 2.75 -3.04 9.05
N ASN B 95 1.88 -3.20 8.05
CA ASN B 95 0.53 -3.52 8.38
C ASN B 95 0.40 -4.89 8.99
N ALA B 96 1.20 -5.86 8.54
CA ALA B 96 1.11 -7.18 9.09
C ALA B 96 1.54 -7.19 10.55
N GLU B 97 2.58 -6.42 10.89
CA GLU B 97 3.00 -6.42 12.27
C GLU B 97 1.97 -5.79 13.16
N LEU B 98 1.38 -4.69 12.70
CA LEU B 98 0.43 -4.06 13.58
C LEU B 98 -0.84 -4.84 13.67
N LEU B 99 -1.25 -5.49 12.60
CA LEU B 99 -2.47 -6.24 12.67
C LEU B 99 -2.34 -7.33 13.67
N VAL B 100 -1.23 -8.04 13.65
CA VAL B 100 -1.10 -9.11 14.58
C VAL B 100 -1.06 -8.61 15.99
N LEU B 101 -0.34 -7.53 16.27
CA LEU B 101 -0.29 -7.08 17.64
C LEU B 101 -1.65 -6.64 18.13
N LEU B 102 -2.41 -5.95 17.29
CA LEU B 102 -3.72 -5.49 17.67
C LEU B 102 -4.68 -6.63 17.90
N GLU B 103 -4.60 -7.65 17.06
CA GLU B 103 -5.50 -8.74 17.26
C GLU B 103 -5.13 -9.49 18.51
N ASN B 104 -3.83 -9.62 18.81
CA ASN B 104 -3.47 -10.35 20.00
C ASN B 104 -3.92 -9.64 21.25
N GLU B 105 -3.88 -8.31 21.26
CA GLU B 105 -4.32 -7.60 22.44
C GLU B 105 -5.77 -7.90 22.70
N ARG B 106 -6.58 -7.85 21.66
CA ARG B 106 -7.98 -8.11 21.84
C ARG B 106 -8.32 -9.56 22.15
N THR B 107 -7.60 -10.52 21.57
CA THR B 107 -7.92 -11.91 21.87
C THR B 107 -7.73 -12.15 23.35
N LEU B 108 -6.65 -11.64 23.90
CA LEU B 108 -6.43 -11.89 25.31
C LEU B 108 -7.45 -11.18 26.19
N ASP B 109 -7.88 -9.96 25.83
CA ASP B 109 -8.90 -9.31 26.64
C ASP B 109 -10.23 -10.02 26.51
N TYR B 110 -10.52 -10.53 25.33
CA TYR B 110 -11.73 -11.27 25.07
C TYR B 110 -11.83 -12.42 26.02
N HIS B 111 -10.74 -13.17 26.14
CA HIS B 111 -10.78 -14.29 27.03
C HIS B 111 -10.97 -13.86 28.46
N ASP B 112 -10.34 -12.77 28.86
CA ASP B 112 -10.48 -12.34 30.24
C ASP B 112 -11.93 -11.92 30.52
N SER B 113 -12.58 -11.32 29.53
CA SER B 113 -13.96 -10.91 29.66
C SER B 113 -14.86 -12.10 29.86
N ASN B 114 -14.62 -13.16 29.10
CA ASN B 114 -15.44 -14.33 29.25
C ASN B 114 -15.30 -14.95 30.61
N VAL B 115 -14.11 -14.91 31.20
CA VAL B 115 -13.95 -15.49 32.52
C VAL B 115 -14.77 -14.68 33.52
N LYS B 116 -14.72 -13.37 33.42
CA LYS B 116 -15.50 -12.56 34.34
C LYS B 116 -16.99 -12.80 34.17
N ASN B 117 -17.44 -12.98 32.95
CA ASN B 117 -18.86 -13.20 32.75
C ASN B 117 -19.32 -14.51 33.34
N LEU B 118 -18.44 -15.51 33.32
CA LEU B 118 -18.76 -16.80 33.88
C LEU B 118 -18.92 -16.65 35.39
N TYR B 119 -18.02 -15.88 35.98
CA TYR B 119 -18.06 -15.59 37.39
C TYR B 119 -19.35 -14.92 37.78
N GLU B 120 -19.75 -13.93 37.00
CA GLU B 120 -20.95 -13.22 37.33
C GLU B 120 -22.16 -14.12 37.18
N LYS B 121 -22.21 -15.00 36.18
CA LYS B 121 -23.35 -15.88 36.07
C LYS B 121 -23.58 -16.58 37.38
N VAL B 122 -22.51 -17.11 37.94
CA VAL B 122 -22.63 -17.78 39.21
C VAL B 122 -22.93 -16.85 40.37
N ARG B 123 -22.27 -15.72 40.46
CA ARG B 123 -22.52 -14.85 41.59
C ARG B 123 -23.99 -14.44 41.67
N SER B 124 -24.56 -14.10 40.52
CA SER B 124 -25.95 -13.68 40.45
C SER B 124 -26.89 -14.79 40.79
N GLN B 125 -26.58 -16.00 40.34
CA GLN B 125 -27.37 -17.18 40.63
C GLN B 125 -27.35 -17.59 42.10
N LEU B 126 -26.20 -17.51 42.76
CA LEU B 126 -26.08 -17.93 44.16
C LEU B 126 -26.56 -16.93 45.17
N LYS B 127 -26.46 -15.65 44.87
CA LYS B 127 -26.95 -14.62 45.77
C LYS B 127 -26.40 -14.79 47.18
N ASN B 128 -27.28 -15.00 48.15
CA ASN B 128 -26.89 -15.11 49.55
C ASN B 128 -26.72 -16.53 50.06
N ASN B 129 -26.74 -17.50 49.16
CA ASN B 129 -26.59 -18.88 49.60
C ASN B 129 -25.15 -19.33 49.64
N ALA B 130 -24.25 -18.44 49.27
CA ALA B 130 -22.84 -18.75 49.30
C ALA B 130 -22.06 -17.50 49.62
N LYS B 131 -20.97 -17.68 50.30
CA LYS B 131 -20.09 -16.60 50.59
C LYS B 131 -19.20 -16.40 49.41
N GLU B 132 -18.99 -15.17 49.02
CA GLU B 132 -18.05 -14.90 47.95
C GLU B 132 -16.72 -14.76 48.67
N ILE B 133 -15.73 -15.57 48.32
CA ILE B 133 -14.48 -15.48 49.07
C ILE B 133 -13.38 -14.77 48.29
N GLY B 134 -13.29 -15.01 47.00
CA GLY B 134 -12.24 -14.37 46.20
C GLY B 134 -11.45 -15.33 45.33
N ASN B 135 -10.68 -14.75 44.40
CA ASN B 135 -9.86 -15.50 43.46
C ASN B 135 -10.69 -16.51 42.69
N GLY B 136 -11.90 -16.09 42.31
CA GLY B 136 -12.79 -16.94 41.55
C GLY B 136 -13.64 -17.95 42.33
N CYS B 137 -13.50 -18.05 43.67
CA CYS B 137 -14.20 -19.03 44.50
C CYS B 137 -15.35 -18.50 45.37
N PHE B 138 -16.32 -19.41 45.55
CA PHE B 138 -17.49 -19.27 46.40
C PHE B 138 -17.58 -20.45 47.38
N GLU B 139 -18.15 -20.21 48.56
CA GLU B 139 -18.39 -21.27 49.54
C GLU B 139 -19.85 -21.38 49.89
N PHE B 140 -20.40 -22.54 49.84
CA PHE B 140 -21.81 -22.63 50.11
C PHE B 140 -22.07 -22.60 51.60
N TYR B 141 -23.12 -21.90 52.01
CA TYR B 141 -23.47 -21.92 53.43
C TYR B 141 -24.20 -23.19 53.77
N HIS B 142 -24.94 -23.70 52.80
CA HIS B 142 -25.72 -24.91 52.92
C HIS B 142 -24.98 -26.07 52.33
N LYS B 143 -25.34 -27.29 52.71
CA LYS B 143 -24.74 -28.47 52.06
C LYS B 143 -25.05 -28.43 50.57
N CYS B 144 -24.04 -28.62 49.69
CA CYS B 144 -24.15 -28.58 48.23
C CYS B 144 -23.41 -29.76 47.61
N ASP B 145 -24.16 -30.81 47.36
CA ASP B 145 -23.72 -32.10 46.88
C ASP B 145 -23.57 -32.13 45.37
N ASN B 146 -23.29 -33.29 44.78
CA ASN B 146 -23.05 -33.27 43.35
C ASN B 146 -24.24 -32.77 42.56
N THR B 147 -25.46 -33.07 42.99
CA THR B 147 -26.65 -32.59 42.27
C THR B 147 -26.69 -31.05 42.25
N CYS B 148 -26.42 -30.42 43.43
CA CYS B 148 -26.34 -28.97 43.62
C CYS B 148 -25.24 -28.37 42.73
N MET B 149 -24.04 -28.94 42.76
CA MET B 149 -22.99 -28.34 41.98
C MET B 149 -23.36 -28.34 40.52
N GLU B 150 -24.02 -29.40 40.06
CA GLU B 150 -24.36 -29.40 38.66
C GLU B 150 -25.40 -28.33 38.37
N SER B 151 -26.36 -28.12 39.26
CA SER B 151 -27.36 -27.10 38.95
C SER B 151 -26.76 -25.71 38.97
N VAL B 152 -25.69 -25.49 39.74
CA VAL B 152 -25.13 -24.15 39.74
C VAL B 152 -24.38 -23.95 38.44
N LYS B 153 -23.56 -24.93 38.09
CA LYS B 153 -22.77 -24.85 36.86
C LYS B 153 -23.63 -24.72 35.59
N ASN B 154 -24.80 -25.39 35.56
CA ASN B 154 -25.76 -25.45 34.46
C ASN B 154 -26.73 -24.25 34.40
N GLY B 155 -26.71 -23.32 35.40
CA GLY B 155 -27.62 -22.18 35.46
C GLY B 155 -29.05 -22.54 35.90
N THR B 156 -29.21 -23.66 36.62
CA THR B 156 -30.52 -24.14 37.02
C THR B 156 -30.71 -24.20 38.54
N TYR B 157 -29.83 -23.55 39.29
CA TYR B 157 -29.88 -23.57 40.75
C TYR B 157 -31.11 -22.90 41.32
N ASP B 158 -31.72 -23.56 42.28
CA ASP B 158 -32.89 -23.06 42.98
C ASP B 158 -32.51 -22.30 44.23
N TYR B 159 -32.46 -20.98 44.17
CA TYR B 159 -32.04 -20.24 45.34
C TYR B 159 -32.94 -20.48 46.56
N PRO B 160 -34.28 -20.26 46.49
CA PRO B 160 -35.20 -20.42 47.61
C PRO B 160 -35.08 -21.74 48.32
N LYS B 161 -34.81 -22.81 47.58
CA LYS B 161 -34.70 -24.13 48.16
C LYS B 161 -33.73 -24.24 49.31
N TYR B 162 -32.65 -23.49 49.25
CA TYR B 162 -31.65 -23.61 50.28
C TYR B 162 -31.53 -22.38 51.13
N SER B 163 -32.42 -21.41 50.95
CA SER B 163 -32.19 -20.16 51.64
C SER B 163 -32.33 -20.28 53.14
N GLU B 164 -33.13 -21.22 53.62
CA GLU B 164 -33.28 -21.34 55.06
C GLU B 164 -32.02 -21.92 55.67
N GLU B 165 -31.48 -22.95 55.03
CA GLU B 165 -30.29 -23.55 55.59
C GLU B 165 -29.16 -22.56 55.55
N ALA B 166 -29.04 -21.88 54.41
CA ALA B 166 -27.96 -20.96 54.23
C ALA B 166 -27.98 -19.81 55.21
N LYS B 167 -29.16 -19.25 55.52
CA LYS B 167 -29.12 -18.15 56.45
C LYS B 167 -28.85 -18.64 57.86
N LEU B 168 -29.32 -19.83 58.19
CA LEU B 168 -29.10 -20.33 59.54
C LEU B 168 -27.63 -20.56 59.79
N ASN B 169 -26.93 -21.01 58.77
CA ASN B 169 -25.52 -21.29 58.93
C ASN B 169 -24.65 -20.06 58.72
N ARG B 170 -25.26 -18.91 58.40
CA ARG B 170 -24.48 -17.71 58.14
C ARG B 170 -23.87 -17.09 59.40
N GLU B 171 -24.62 -17.11 60.54
CA GLU B 171 -24.25 -16.52 61.82
C GLU B 171 -24.16 -17.64 62.85
N ASP C 1 -13.46 -34.26 -43.51
CA ASP C 1 -12.25 -34.66 -44.22
C ASP C 1 -12.27 -34.11 -45.65
N ILE C 2 -11.05 -33.88 -46.21
CA ILE C 2 -10.84 -33.40 -47.58
C ILE C 2 -10.23 -34.50 -48.42
N GLN C 3 -11.01 -35.05 -49.33
CA GLN C 3 -10.55 -36.12 -50.17
C GLN C 3 -10.17 -35.60 -51.53
N MET C 4 -8.93 -35.86 -51.92
CA MET C 4 -8.42 -35.41 -53.19
C MET C 4 -8.86 -36.33 -54.32
N THR C 5 -9.16 -35.73 -55.45
CA THR C 5 -9.49 -36.46 -56.65
C THR C 5 -8.37 -36.25 -57.63
N GLN C 6 -7.81 -37.33 -58.14
CA GLN C 6 -6.70 -37.19 -59.05
C GLN C 6 -7.04 -37.81 -60.39
N SER C 7 -6.66 -37.13 -61.48
CA SER C 7 -6.98 -37.59 -62.83
C SER C 7 -5.92 -37.21 -63.87
N PRO C 8 -5.61 -38.11 -64.82
CA PRO C 8 -6.12 -39.44 -65.12
C PRO C 8 -5.59 -40.46 -64.13
N SER C 9 -6.17 -41.66 -64.13
CA SER C 9 -5.62 -42.73 -63.29
C SER C 9 -4.38 -43.34 -63.91
N SER C 10 -4.25 -43.16 -65.21
CA SER C 10 -3.15 -43.68 -65.98
C SER C 10 -2.91 -42.81 -67.19
N LEU C 11 -1.65 -42.58 -67.46
CA LEU C 11 -1.20 -41.77 -68.57
C LEU C 11 -0.06 -42.47 -69.26
N SER C 12 0.00 -42.36 -70.57
CA SER C 12 1.15 -42.91 -71.27
C SER C 12 1.55 -42.00 -72.39
N ALA C 13 2.85 -41.80 -72.49
CA ALA C 13 3.40 -40.92 -73.50
C ALA C 13 4.80 -41.36 -73.88
N PHE C 14 5.27 -40.88 -75.02
CA PHE C 14 6.59 -41.21 -75.53
C PHE C 14 7.64 -40.29 -74.98
N VAL C 15 8.88 -40.75 -75.00
CA VAL C 15 9.94 -39.91 -74.47
C VAL C 15 10.06 -38.65 -75.27
N GLY C 16 10.13 -37.54 -74.57
CA GLY C 16 10.22 -36.23 -75.15
C GLY C 16 8.88 -35.49 -75.13
N ASP C 17 7.79 -36.22 -74.90
CA ASP C 17 6.45 -35.63 -74.87
C ASP C 17 6.26 -34.81 -73.61
N ARG C 18 5.31 -33.88 -73.65
CA ARG C 18 5.00 -33.07 -72.47
C ARG C 18 3.87 -33.69 -71.66
N VAL C 19 4.15 -33.97 -70.41
CA VAL C 19 3.19 -34.62 -69.56
C VAL C 19 2.69 -33.87 -68.35
N THR C 20 1.36 -33.77 -68.25
CA THR C 20 0.73 -33.13 -67.09
C THR C 20 -0.42 -33.95 -66.55
N ILE C 21 -0.66 -33.81 -65.25
CA ILE C 21 -1.80 -34.43 -64.58
C ILE C 21 -2.52 -33.36 -63.74
N ALA C 22 -3.74 -33.65 -63.32
CA ALA C 22 -4.49 -32.69 -62.50
C ALA C 22 -5.00 -33.33 -61.23
N CYS C 23 -5.25 -32.51 -60.18
CA CYS C 23 -5.79 -32.94 -58.89
C CYS C 23 -6.67 -31.87 -58.27
N GLN C 24 -7.78 -32.30 -57.68
CA GLN C 24 -8.67 -31.37 -57.01
C GLN C 24 -8.97 -31.69 -55.57
N ALA C 25 -9.15 -30.63 -54.81
CA ALA C 25 -9.55 -30.75 -53.43
C ALA C 25 -11.04 -30.58 -53.34
N SER C 26 -11.65 -31.18 -52.33
CA SER C 26 -13.07 -30.98 -52.10
C SER C 26 -13.32 -29.65 -51.38
N GLN C 27 -12.27 -29.10 -50.82
CA GLN C 27 -12.29 -27.85 -50.05
C GLN C 27 -11.12 -27.00 -50.44
N ASP C 28 -11.22 -25.72 -50.22
CA ASP C 28 -10.10 -24.84 -50.48
C ASP C 28 -8.98 -25.16 -49.51
N ILE C 29 -7.83 -25.57 -50.05
CA ILE C 29 -6.68 -25.96 -49.25
C ILE C 29 -5.52 -25.02 -49.49
N ARG C 30 -5.81 -23.80 -49.92
CA ARG C 30 -4.75 -22.84 -50.18
C ARG C 30 -3.70 -23.51 -51.01
N ILE C 31 -2.47 -23.62 -50.51
CA ILE C 31 -1.42 -24.24 -51.30
C ILE C 31 -0.77 -25.40 -50.58
N HIS C 32 -1.47 -26.00 -49.64
CA HIS C 32 -0.90 -27.06 -48.84
C HIS C 32 -0.93 -28.42 -49.53
N LEU C 33 -0.21 -28.49 -50.64
CA LEU C 33 -0.18 -29.68 -51.49
C LEU C 33 1.21 -30.21 -51.81
N ASN C 34 1.40 -31.50 -51.57
CA ASN C 34 2.61 -32.22 -51.91
C ASN C 34 2.44 -33.17 -53.09
N TRP C 35 3.45 -33.26 -53.92
CA TRP C 35 3.42 -34.26 -54.96
C TRP C 35 4.52 -35.28 -54.74
N TYR C 36 4.19 -36.55 -54.89
CA TYR C 36 5.15 -37.63 -54.71
C TYR C 36 5.38 -38.49 -55.92
N GLN C 37 6.57 -39.05 -56.04
CA GLN C 37 6.91 -39.98 -57.09
C GLN C 37 7.19 -41.35 -56.56
N GLN C 38 6.37 -42.32 -56.89
CA GLN C 38 6.64 -43.66 -56.37
C GLN C 38 7.11 -44.63 -57.42
N LYS C 39 8.38 -44.94 -57.39
CA LYS C 39 8.92 -45.88 -58.35
C LYS C 39 8.58 -47.25 -57.81
N PRO C 40 8.41 -48.27 -58.63
CA PRO C 40 8.09 -49.60 -58.17
C PRO C 40 9.10 -50.07 -57.17
N GLY C 41 8.62 -50.61 -56.07
CA GLY C 41 9.49 -51.15 -55.02
C GLY C 41 10.03 -50.12 -54.04
N LYS C 42 9.68 -48.85 -54.21
CA LYS C 42 10.21 -47.80 -53.34
C LYS C 42 9.14 -47.00 -52.62
N ALA C 43 9.49 -46.49 -51.45
CA ALA C 43 8.62 -45.56 -50.76
C ALA C 43 8.53 -44.32 -51.64
N PRO C 44 7.42 -43.59 -51.70
CA PRO C 44 7.29 -42.40 -52.52
C PRO C 44 8.30 -41.34 -52.15
N LYS C 45 8.86 -40.67 -53.14
CA LYS C 45 9.79 -39.58 -52.91
C LYS C 45 9.07 -38.27 -53.04
N LEU C 46 9.32 -37.32 -52.19
CA LEU C 46 8.65 -36.05 -52.38
C LEU C 46 9.31 -35.27 -53.49
N LEU C 47 8.52 -34.75 -54.41
CA LEU C 47 9.09 -33.94 -55.46
C LEU C 47 8.82 -32.47 -55.29
N ILE C 48 7.57 -32.14 -54.95
CA ILE C 48 7.11 -30.75 -54.83
C ILE C 48 6.33 -30.49 -53.56
N TYR C 49 6.59 -29.36 -52.89
CA TYR C 49 5.82 -29.00 -51.69
C TYR C 49 5.23 -27.60 -51.77
N ASP C 50 4.21 -27.33 -50.97
CA ASP C 50 3.54 -26.03 -51.05
C ASP C 50 3.09 -25.72 -52.47
N ALA C 51 2.54 -26.72 -53.15
CA ALA C 51 2.01 -26.69 -54.51
C ALA C 51 3.06 -26.58 -55.60
N SER C 52 3.99 -25.65 -55.49
CA SER C 52 4.98 -25.42 -56.56
C SER C 52 6.46 -25.32 -56.16
N ASN C 53 6.81 -25.57 -54.91
CA ASN C 53 8.20 -25.40 -54.49
C ASN C 53 8.97 -26.70 -54.70
N LEU C 54 9.85 -26.72 -55.68
CA LEU C 54 10.55 -27.94 -56.03
C LEU C 54 11.51 -28.36 -54.92
N GLU C 55 11.50 -29.64 -54.56
CA GLU C 55 12.35 -30.24 -53.52
C GLU C 55 13.79 -30.44 -53.97
N ALA C 56 14.69 -30.49 -53.01
CA ALA C 56 16.09 -30.61 -53.30
C ALA C 56 16.41 -31.89 -54.03
N GLY C 57 17.26 -31.77 -55.04
CA GLY C 57 17.71 -32.92 -55.79
C GLY C 57 16.76 -33.33 -56.90
N VAL C 58 15.63 -32.64 -57.02
CA VAL C 58 14.66 -32.99 -58.01
C VAL C 58 14.99 -32.26 -59.30
N PRO C 59 15.07 -32.94 -60.44
CA PRO C 59 15.40 -32.33 -61.71
C PRO C 59 14.48 -31.18 -62.02
N SER C 60 15.03 -30.17 -62.67
CA SER C 60 14.35 -28.92 -63.02
C SER C 60 13.20 -29.08 -63.98
N ARG C 61 13.11 -30.24 -64.61
CA ARG C 61 12.02 -30.50 -65.52
C ARG C 61 10.71 -30.71 -64.77
N PHE C 62 10.77 -30.96 -63.47
CA PHE C 62 9.57 -31.15 -62.69
C PHE C 62 9.07 -29.82 -62.20
N SER C 63 7.76 -29.63 -62.24
CA SER C 63 7.18 -28.39 -61.75
C SER C 63 5.72 -28.55 -61.39
N GLY C 64 5.08 -27.47 -61.04
CA GLY C 64 3.69 -27.54 -60.65
C GLY C 64 3.13 -26.17 -60.32
N SER C 65 1.83 -26.14 -60.11
CA SER C 65 1.14 -24.91 -59.80
C SER C 65 -0.24 -25.17 -59.26
N GLY C 66 -0.90 -24.13 -58.80
CA GLY C 66 -2.27 -24.27 -58.37
C GLY C 66 -2.53 -23.72 -57.01
N SER C 67 -3.80 -23.54 -56.71
CA SER C 67 -4.24 -23.02 -55.44
C SER C 67 -5.71 -23.29 -55.19
N GLY C 68 -6.10 -23.22 -53.93
CA GLY C 68 -7.50 -23.36 -53.60
C GLY C 68 -7.89 -24.79 -53.83
N THR C 69 -8.71 -25.03 -54.84
CA THR C 69 -9.14 -26.37 -55.12
C THR C 69 -8.55 -26.99 -56.36
N ASP C 70 -7.89 -26.21 -57.21
CA ASP C 70 -7.42 -26.73 -58.48
C ASP C 70 -5.92 -26.71 -58.67
N PHE C 71 -5.34 -27.91 -58.74
CA PHE C 71 -3.91 -28.07 -58.82
C PHE C 71 -3.45 -28.87 -60.02
N THR C 72 -2.23 -28.59 -60.44
CA THR C 72 -1.62 -29.30 -61.55
C THR C 72 -0.17 -29.68 -61.27
N PHE C 73 0.26 -30.75 -61.92
CA PHE C 73 1.62 -31.24 -61.85
C PHE C 73 2.16 -31.53 -63.22
N THR C 74 3.39 -31.13 -63.46
CA THR C 74 4.00 -31.38 -64.73
C THR C 74 5.37 -31.95 -64.62
N ILE C 75 5.74 -32.76 -65.59
CA ILE C 75 7.07 -33.32 -65.59
C ILE C 75 7.78 -32.86 -66.85
N SER C 76 7.22 -31.82 -67.46
CA SER C 76 7.73 -31.23 -68.68
C SER C 76 7.96 -32.31 -69.69
N SER C 77 9.11 -32.29 -70.35
CA SER C 77 9.42 -33.28 -71.36
C SER C 77 9.93 -34.55 -70.67
N LEU C 78 9.14 -35.60 -70.86
CA LEU C 78 9.24 -36.93 -70.26
C LEU C 78 10.51 -37.68 -70.58
N GLN C 79 11.17 -38.21 -69.55
CA GLN C 79 12.36 -39.02 -69.75
C GLN C 79 12.00 -40.43 -69.34
N PRO C 80 12.65 -41.48 -69.84
CA PRO C 80 12.33 -42.88 -69.51
C PRO C 80 12.46 -43.22 -68.02
N GLU C 81 13.27 -42.46 -67.31
CA GLU C 81 13.50 -42.69 -65.90
C GLU C 81 12.32 -42.22 -65.05
N ASP C 82 11.36 -41.55 -65.65
CA ASP C 82 10.24 -40.97 -64.96
C ASP C 82 9.07 -41.93 -64.81
N ILE C 83 9.24 -43.21 -65.15
CA ILE C 83 8.12 -44.11 -64.91
C ILE C 83 7.93 -44.20 -63.41
N ALA C 84 6.73 -43.88 -62.98
CA ALA C 84 6.39 -43.89 -61.56
C ALA C 84 4.90 -43.68 -61.39
N THR C 85 4.38 -43.94 -60.21
CA THR C 85 3.02 -43.50 -59.94
C THR C 85 3.13 -42.18 -59.21
N TYR C 86 2.47 -41.16 -59.70
CA TYR C 86 2.58 -39.87 -59.05
C TYR C 86 1.38 -39.63 -58.16
N TYR C 87 1.61 -39.11 -56.97
CA TYR C 87 0.50 -38.90 -56.04
C TYR C 87 0.33 -37.48 -55.56
N CYS C 88 -0.94 -37.07 -55.41
CA CYS C 88 -1.41 -35.80 -54.86
C CYS C 88 -1.76 -35.96 -53.36
N GLN C 89 -1.04 -35.25 -52.49
CA GLN C 89 -1.29 -35.34 -51.03
C GLN C 89 -1.46 -33.99 -50.39
N HIS C 90 -2.41 -33.84 -49.48
CA HIS C 90 -2.51 -32.51 -48.90
C HIS C 90 -2.37 -32.59 -47.43
N TYR C 91 -1.96 -31.47 -46.87
CA TYR C 91 -1.76 -31.31 -45.45
C TYR C 91 -2.42 -30.07 -44.92
N HIS C 92 -3.59 -29.77 -45.42
CA HIS C 92 -4.29 -28.59 -44.96
C HIS C 92 -4.65 -28.75 -43.51
N ASN C 93 -5.23 -29.89 -43.16
CA ASN C 93 -5.63 -30.21 -41.81
C ASN C 93 -5.65 -31.71 -41.62
N LEU C 94 -6.03 -32.18 -40.45
CA LEU C 94 -6.04 -33.62 -40.26
C LEU C 94 -7.41 -34.19 -40.53
N PRO C 95 -7.47 -35.44 -41.03
CA PRO C 95 -6.40 -36.33 -41.42
C PRO C 95 -5.76 -35.86 -42.69
N ARG C 96 -4.50 -36.16 -42.86
CA ARG C 96 -3.86 -35.86 -44.12
C ARG C 96 -4.37 -36.91 -45.06
N THR C 97 -4.53 -36.57 -46.33
CA THR C 97 -5.04 -37.56 -47.27
C THR C 97 -4.30 -37.54 -48.56
N PHE C 98 -4.51 -38.59 -49.34
CA PHE C 98 -3.92 -38.76 -50.65
C PHE C 98 -4.98 -39.03 -51.70
N GLY C 99 -4.69 -38.68 -52.94
CA GLY C 99 -5.53 -39.02 -54.07
C GLY C 99 -5.14 -40.45 -54.47
N GLY C 100 -5.75 -41.00 -55.51
CA GLY C 100 -5.44 -42.37 -55.91
C GLY C 100 -4.12 -42.57 -56.64
N GLY C 101 -3.58 -41.51 -57.21
CA GLY C 101 -2.34 -41.60 -57.95
C GLY C 101 -2.55 -41.79 -59.44
N THR C 102 -1.57 -41.34 -60.23
CA THR C 102 -1.60 -41.49 -61.68
C THR C 102 -0.43 -42.34 -62.10
N LYS C 103 -0.70 -43.44 -62.76
CA LYS C 103 0.43 -44.24 -63.18
C LYS C 103 0.94 -43.74 -64.51
N VAL C 104 2.20 -43.36 -64.57
CA VAL C 104 2.74 -42.87 -65.83
C VAL C 104 3.71 -43.86 -66.43
N GLU C 105 3.34 -44.34 -67.61
CA GLU C 105 4.12 -45.31 -68.38
C GLU C 105 4.74 -44.64 -69.59
N ILE C 106 5.86 -45.16 -70.05
CA ILE C 106 6.55 -44.52 -71.15
C ILE C 106 6.76 -45.46 -72.36
N LYS C 107 6.38 -45.00 -73.58
CA LYS C 107 6.51 -45.72 -74.87
C LYS C 107 6.13 -44.78 -76.05
N VAL D 1 18.83 -38.42 -44.47
CA VAL D 1 19.03 -39.12 -43.21
C VAL D 1 18.42 -40.51 -43.39
N GLN D 2 18.48 -41.38 -42.34
CA GLN D 2 18.06 -42.78 -42.43
C GLN D 2 16.99 -43.26 -41.45
N LEU D 3 15.99 -43.88 -42.02
CA LEU D 3 14.93 -44.50 -41.26
C LEU D 3 14.83 -45.97 -41.65
N LEU D 4 15.01 -46.87 -40.68
CA LEU D 4 14.98 -48.31 -40.97
C LEU D 4 13.91 -49.04 -40.23
N GLU D 5 13.03 -49.67 -40.99
CA GLU D 5 11.91 -50.38 -40.40
C GLU D 5 12.14 -51.86 -40.25
N SER D 6 11.48 -52.42 -39.25
CA SER D 6 11.50 -53.83 -39.01
C SER D 6 10.18 -54.30 -38.44
N GLY D 7 10.12 -55.57 -38.12
CA GLY D 7 8.90 -56.18 -37.64
C GLY D 7 8.06 -56.49 -38.87
N GLY D 8 6.79 -56.77 -38.66
CA GLY D 8 5.93 -57.15 -39.78
C GLY D 8 5.97 -58.64 -39.96
N GLY D 9 5.63 -59.13 -41.14
CA GLY D 9 5.51 -60.57 -41.35
C GLY D 9 4.06 -60.99 -41.27
N LEU D 10 3.82 -62.26 -40.98
CA LEU D 10 2.49 -62.83 -40.99
C LEU D 10 1.87 -62.93 -39.61
N VAL D 11 0.67 -62.41 -39.49
CA VAL D 11 -0.13 -62.44 -38.28
C VAL D 11 -1.47 -63.03 -38.67
N GLN D 12 -2.06 -63.79 -37.77
CA GLN D 12 -3.36 -64.38 -38.03
C GLN D 12 -4.40 -63.26 -37.86
N PRO D 13 -5.70 -63.49 -38.08
CA PRO D 13 -6.75 -62.53 -37.79
C PRO D 13 -6.74 -62.36 -36.30
N GLY D 14 -7.05 -61.19 -35.81
CA GLY D 14 -6.98 -61.00 -34.38
C GLY D 14 -5.50 -60.91 -34.02
N GLY D 15 -5.11 -61.42 -32.87
CA GLY D 15 -3.70 -61.36 -32.51
C GLY D 15 -3.22 -59.93 -32.34
N SER D 16 -1.91 -59.75 -32.49
CA SER D 16 -1.25 -58.46 -32.40
C SER D 16 0.15 -58.57 -33.00
N LEU D 17 0.75 -57.42 -33.32
CA LEU D 17 2.15 -57.39 -33.73
C LEU D 17 2.77 -56.03 -33.50
N SER D 18 4.04 -56.01 -33.13
CA SER D 18 4.76 -54.76 -32.94
C SER D 18 5.66 -54.41 -34.10
N LEU D 19 5.47 -53.22 -34.66
CA LEU D 19 6.33 -52.73 -35.74
C LEU D 19 7.25 -51.68 -35.15
N SER D 20 8.42 -51.51 -35.74
CA SER D 20 9.28 -50.45 -35.24
C SER D 20 10.13 -49.83 -36.36
N CYS D 21 10.61 -48.59 -36.11
CA CYS D 21 11.46 -47.79 -37.00
C CYS D 21 12.60 -47.14 -36.21
N ALA D 22 13.82 -47.46 -36.62
CA ALA D 22 15.01 -46.92 -36.00
C ALA D 22 15.49 -45.72 -36.77
N ALA D 23 15.80 -44.65 -36.08
CA ALA D 23 16.24 -43.47 -36.80
C ALA D 23 17.65 -43.06 -36.51
N SER D 24 18.30 -42.53 -37.54
CA SER D 24 19.64 -41.97 -37.40
C SER D 24 19.88 -40.85 -38.41
N GLY D 25 20.89 -40.03 -38.12
CA GLY D 25 21.26 -38.93 -39.01
C GLY D 25 20.60 -37.61 -38.61
N PHE D 26 19.74 -37.65 -37.61
CA PHE D 26 19.04 -36.48 -37.15
C PHE D 26 18.70 -36.61 -35.70
N THR D 27 18.36 -35.52 -35.07
CA THR D 27 17.96 -35.65 -33.70
C THR D 27 16.53 -36.13 -33.71
N PHE D 28 16.33 -37.33 -33.21
CA PHE D 28 15.02 -37.95 -33.25
C PHE D 28 14.05 -37.12 -32.47
N SER D 29 14.50 -36.70 -31.30
CA SER D 29 13.71 -35.95 -30.35
C SER D 29 13.28 -34.57 -30.84
N SER D 30 13.81 -34.11 -31.96
CA SER D 30 13.45 -32.81 -32.49
C SER D 30 12.28 -32.82 -33.46
N PHE D 31 11.81 -33.99 -33.88
CA PHE D 31 10.74 -34.03 -34.88
C PHE D 31 9.63 -34.96 -34.53
N ALA D 32 8.44 -34.63 -35.01
CA ALA D 32 7.32 -35.51 -34.94
C ALA D 32 7.58 -36.63 -35.91
N MET D 33 6.97 -37.77 -35.64
CA MET D 33 7.10 -38.96 -36.46
C MET D 33 5.74 -39.54 -36.76
N SER D 34 5.62 -40.22 -37.87
CA SER D 34 4.35 -40.81 -38.24
C SER D 34 4.40 -42.10 -39.01
N TRP D 35 3.25 -42.79 -39.07
CA TRP D 35 3.10 -44.00 -39.85
C TRP D 35 2.07 -43.81 -40.97
N VAL D 36 2.41 -44.35 -42.13
CA VAL D 36 1.62 -44.34 -43.35
C VAL D 36 1.46 -45.74 -43.88
N ARG D 37 0.27 -46.04 -44.36
CA ARG D 37 -0.02 -47.37 -44.86
C ARG D 37 -0.39 -47.41 -46.34
N GLN D 38 0.24 -48.32 -47.07
CA GLN D 38 -0.05 -48.50 -48.49
C GLN D 38 -0.69 -49.83 -48.77
N ALA D 39 -1.96 -49.79 -49.11
CA ALA D 39 -2.67 -51.01 -49.35
C ALA D 39 -2.49 -51.34 -50.81
N PRO D 40 -2.64 -52.60 -51.23
CA PRO D 40 -2.66 -52.99 -52.62
C PRO D 40 -3.87 -52.44 -53.39
N VAL D 41 -4.90 -52.01 -52.66
CA VAL D 41 -6.11 -51.49 -53.28
C VAL D 41 -6.23 -49.98 -53.12
N LYS D 42 -6.15 -49.51 -51.88
CA LYS D 42 -6.21 -48.09 -51.61
C LYS D 42 -4.78 -47.58 -51.56
N GLY D 43 -4.44 -46.73 -52.52
CA GLY D 43 -3.07 -46.28 -52.68
C GLY D 43 -2.40 -45.85 -51.40
N LEU D 44 -2.79 -44.74 -50.82
CA LEU D 44 -2.09 -44.33 -49.63
C LEU D 44 -2.99 -43.70 -48.59
N GLU D 45 -2.77 -44.05 -47.33
CA GLU D 45 -3.49 -43.42 -46.25
C GLU D 45 -2.63 -43.30 -45.01
N TRP D 46 -2.96 -42.37 -44.15
CA TRP D 46 -2.24 -42.18 -42.91
C TRP D 46 -2.79 -43.09 -41.84
N VAL D 47 -1.94 -43.59 -40.95
CA VAL D 47 -2.41 -44.43 -39.88
C VAL D 47 -2.40 -43.69 -38.56
N SER D 48 -1.27 -43.11 -38.24
CA SER D 48 -1.12 -42.42 -36.97
C SER D 48 0.04 -41.47 -36.97
N MET D 49 0.03 -40.55 -36.03
CA MET D 49 1.17 -39.67 -35.83
C MET D 49 1.35 -39.25 -34.39
N ILE D 50 2.61 -39.05 -34.01
CA ILE D 50 2.99 -38.64 -32.67
C ILE D 50 3.93 -37.43 -32.66
N SER D 51 3.70 -36.49 -31.74
CA SER D 51 4.53 -35.30 -31.63
C SER D 51 5.91 -35.63 -31.11
N ALA D 52 6.85 -34.70 -31.28
CA ALA D 52 8.24 -34.98 -30.89
C ALA D 52 8.43 -35.33 -29.43
N GLY D 53 7.65 -34.70 -28.55
CA GLY D 53 7.80 -34.96 -27.13
C GLY D 53 6.94 -36.11 -26.64
N GLY D 54 6.17 -36.71 -27.53
CA GLY D 54 5.28 -37.81 -27.21
C GLY D 54 3.97 -37.35 -26.59
N GLY D 55 3.80 -36.05 -26.48
CA GLY D 55 2.64 -35.44 -25.82
C GLY D 55 1.33 -35.48 -26.60
N ASN D 56 1.38 -35.61 -27.91
CA ASN D 56 0.15 -35.56 -28.68
C ASN D 56 0.12 -36.63 -29.71
N THR D 57 -1.01 -37.27 -29.83
CA THR D 57 -1.18 -38.26 -30.87
C THR D 57 -2.44 -38.03 -31.64
N TYR D 58 -2.42 -38.57 -32.84
CA TYR D 58 -3.57 -38.57 -33.71
C TYR D 58 -3.67 -39.90 -34.40
N TYR D 59 -4.86 -40.42 -34.49
CA TYR D 59 -5.04 -41.68 -35.19
C TYR D 59 -6.10 -41.53 -36.24
N ALA D 60 -5.97 -42.32 -37.28
CA ALA D 60 -6.97 -42.39 -38.30
C ALA D 60 -8.22 -42.99 -37.69
N ASP D 61 -9.39 -42.66 -38.24
CA ASP D 61 -10.61 -43.20 -37.70
C ASP D 61 -10.93 -44.56 -38.28
N SER D 62 -10.01 -45.07 -39.07
CA SER D 62 -10.08 -46.40 -39.61
C SER D 62 -9.46 -47.35 -38.58
N VAL D 63 -8.80 -46.76 -37.58
CA VAL D 63 -8.10 -47.45 -36.51
C VAL D 63 -8.89 -47.29 -35.21
N LYS D 64 -9.23 -46.06 -34.85
CA LYS D 64 -10.04 -45.79 -33.66
C LYS D 64 -9.51 -46.39 -32.38
N GLY D 65 -8.21 -46.35 -32.17
CA GLY D 65 -7.66 -46.90 -30.93
C GLY D 65 -7.21 -48.36 -31.06
N ARG D 66 -7.49 -48.99 -32.19
CA ARG D 66 -7.09 -50.36 -32.43
C ARG D 66 -5.56 -50.47 -32.40
N PHE D 67 -4.86 -49.42 -32.84
CA PHE D 67 -3.41 -49.40 -32.85
C PHE D 67 -2.92 -48.34 -31.88
N THR D 68 -1.73 -48.53 -31.30
CA THR D 68 -1.10 -47.54 -30.44
C THR D 68 0.25 -47.06 -30.95
N ILE D 69 0.45 -45.74 -30.98
CA ILE D 69 1.72 -45.19 -31.45
C ILE D 69 2.51 -44.69 -30.25
N SER D 70 3.80 -45.00 -30.22
CA SER D 70 4.64 -44.57 -29.11
C SER D 70 6.09 -44.36 -29.50
N ARG D 71 6.84 -43.70 -28.62
CA ARG D 71 8.24 -43.41 -28.88
C ARG D 71 9.18 -43.60 -27.73
N ASP D 72 10.41 -43.94 -28.07
CA ASP D 72 11.51 -43.99 -27.15
C ASP D 72 12.58 -43.06 -27.68
N ASN D 73 12.62 -41.84 -27.14
CA ASN D 73 13.54 -40.88 -27.71
C ASN D 73 14.99 -41.21 -27.42
N SER D 74 15.24 -41.86 -26.29
CA SER D 74 16.61 -42.18 -25.91
C SER D 74 17.25 -43.14 -26.90
N LYS D 75 16.44 -44.03 -27.45
CA LYS D 75 16.92 -45.00 -28.42
C LYS D 75 16.58 -44.64 -29.86
N SER D 76 16.10 -43.43 -30.08
CA SER D 76 15.71 -42.99 -31.41
C SER D 76 14.80 -43.97 -32.11
N THR D 77 13.81 -44.51 -31.39
CA THR D 77 12.94 -45.50 -32.01
C THR D 77 11.46 -45.21 -31.89
N LEU D 78 10.79 -45.38 -33.03
CA LEU D 78 9.35 -45.22 -33.18
C LEU D 78 8.68 -46.58 -33.16
N TYR D 79 7.55 -46.71 -32.47
CA TYR D 79 6.84 -47.98 -32.43
C TYR D 79 5.37 -47.85 -32.82
N LEU D 80 4.84 -48.94 -33.37
CA LEU D 80 3.40 -49.05 -33.60
C LEU D 80 2.91 -50.41 -33.16
N GLN D 81 2.02 -50.43 -32.19
CA GLN D 81 1.51 -51.70 -31.72
C GLN D 81 0.14 -51.93 -32.28
N MET D 82 -0.01 -52.96 -33.10
CA MET D 82 -1.31 -53.18 -33.69
C MET D 82 -1.98 -54.34 -33.02
N SER D 83 -3.25 -54.19 -32.64
CA SER D 83 -4.00 -55.26 -32.04
C SER D 83 -5.21 -55.60 -32.88
N SER D 84 -5.77 -56.79 -32.70
CA SER D 84 -7.01 -57.17 -33.36
C SER D 84 -6.96 -56.97 -34.86
N LEU D 85 -6.00 -57.59 -35.52
CA LEU D 85 -5.76 -57.36 -36.93
C LEU D 85 -6.83 -57.94 -37.84
N THR D 86 -7.20 -57.16 -38.84
CA THR D 86 -8.17 -57.66 -39.79
C THR D 86 -7.65 -57.69 -41.21
N ALA D 87 -8.47 -58.15 -42.14
CA ALA D 87 -8.03 -58.28 -43.52
C ALA D 87 -7.61 -56.96 -44.13
N GLU D 88 -8.29 -55.90 -43.74
CA GLU D 88 -8.06 -54.56 -44.24
C GLU D 88 -6.76 -53.96 -43.73
N ASP D 89 -6.12 -54.62 -42.77
CA ASP D 89 -4.89 -54.11 -42.23
C ASP D 89 -3.70 -54.66 -43.01
N THR D 90 -3.95 -55.49 -44.04
CA THR D 90 -2.82 -55.96 -44.83
C THR D 90 -2.36 -54.82 -45.68
N ALA D 91 -1.10 -54.47 -45.53
CA ALA D 91 -0.53 -53.33 -46.22
C ALA D 91 0.95 -53.22 -45.96
N VAL D 92 1.62 -52.36 -46.71
CA VAL D 92 2.98 -52.03 -46.37
C VAL D 92 2.97 -50.81 -45.48
N TYR D 93 3.63 -50.91 -44.36
CA TYR D 93 3.68 -49.82 -43.42
C TYR D 93 4.97 -49.10 -43.59
N TYR D 94 4.91 -47.78 -43.52
CA TYR D 94 6.09 -46.94 -43.62
C TYR D 94 6.16 -45.95 -42.46
N CYS D 95 7.37 -45.60 -41.99
CA CYS D 95 7.63 -44.55 -41.00
C CYS D 95 8.11 -43.30 -41.72
N ALA D 96 7.81 -42.14 -41.15
CA ALA D 96 8.26 -40.90 -41.74
C ALA D 96 8.66 -39.83 -40.74
N LYS D 97 9.62 -39.01 -41.18
CA LYS D 97 10.12 -37.84 -40.47
C LYS D 97 9.26 -36.66 -40.89
N SER D 98 8.63 -35.97 -39.92
CA SER D 98 7.62 -34.94 -40.19
C SER D 98 7.93 -33.44 -40.39
N ASP D 99 9.18 -32.96 -40.29
CA ASP D 99 9.50 -31.51 -40.51
C ASP D 99 8.97 -30.50 -39.51
N SER D 100 8.41 -30.99 -38.44
CA SER D 100 7.93 -30.19 -37.34
C SER D 100 7.80 -31.01 -36.12
N SER D 101 8.00 -30.40 -34.99
CA SER D 101 7.79 -31.09 -33.74
C SER D 101 6.31 -31.22 -33.35
N GLY D 102 5.44 -30.40 -33.95
CA GLY D 102 4.02 -30.33 -33.57
C GLY D 102 2.91 -30.70 -34.56
N PHE D 103 3.23 -31.37 -35.66
CA PHE D 103 2.28 -31.77 -36.72
C PHE D 103 1.78 -30.64 -37.61
N GLN D 104 1.11 -29.67 -37.01
CA GLN D 104 0.38 -28.64 -37.73
C GLN D 104 1.18 -27.78 -38.68
N TYR D 105 2.41 -27.43 -38.36
CA TYR D 105 3.19 -26.60 -39.27
C TYR D 105 4.19 -27.37 -40.11
N GLY D 106 4.14 -28.70 -40.08
CA GLY D 106 5.07 -29.45 -40.89
C GLY D 106 4.57 -29.33 -42.32
N ARG D 107 5.45 -29.38 -43.31
CA ARG D 107 4.97 -29.31 -44.68
C ARG D 107 5.35 -30.48 -45.52
N ARG D 108 6.54 -30.97 -45.30
CA ARG D 108 7.05 -32.03 -46.15
C ARG D 108 7.54 -33.15 -45.28
N GLU D 109 7.49 -34.37 -45.74
CA GLU D 109 8.06 -35.42 -44.92
C GLU D 109 8.65 -36.47 -45.80
N PHE D 110 9.26 -37.47 -45.20
CA PHE D 110 9.71 -38.53 -46.10
C PHE D 110 9.74 -39.83 -45.39
N TRP D 111 9.73 -40.88 -46.18
CA TRP D 111 9.70 -42.22 -45.65
C TRP D 111 10.92 -43.03 -45.87
N GLY D 112 11.12 -43.96 -44.96
CA GLY D 112 12.16 -44.96 -45.13
C GLY D 112 11.49 -46.05 -45.94
N GLN D 113 12.11 -47.20 -46.09
CA GLN D 113 11.41 -48.21 -46.88
C GLN D 113 10.60 -48.95 -45.87
N GLY D 114 9.44 -49.43 -46.26
CA GLY D 114 8.54 -50.06 -45.32
C GLY D 114 8.68 -51.54 -45.13
N THR D 115 7.74 -52.09 -44.37
CA THR D 115 7.66 -53.51 -44.06
C THR D 115 6.27 -54.01 -44.37
N LEU D 116 6.16 -55.25 -44.79
CA LEU D 116 4.85 -55.78 -45.12
C LEU D 116 4.20 -56.57 -44.03
N VAL D 117 2.97 -56.21 -43.74
CA VAL D 117 2.17 -56.90 -42.76
C VAL D 117 1.05 -57.62 -43.47
N THR D 118 1.00 -58.92 -43.30
CA THR D 118 -0.04 -59.74 -43.91
C THR D 118 -0.91 -60.33 -42.86
N VAL D 119 -2.22 -60.16 -43.00
CA VAL D 119 -3.12 -60.74 -42.03
C VAL D 119 -3.84 -61.91 -42.72
N SER D 120 -3.65 -63.17 -42.21
CA SER D 120 -4.19 -64.41 -42.79
C SER D 120 -4.10 -65.58 -41.79
N GLN E 3 6.54 -23.02 65.84
CA GLN E 3 5.46 -22.20 65.29
C GLN E 3 4.04 -22.70 65.66
N LEU E 4 3.89 -24.00 66.06
CA LEU E 4 2.61 -24.66 66.40
C LEU E 4 2.75 -25.62 67.58
N VAL E 5 1.90 -25.44 68.57
CA VAL E 5 1.90 -26.28 69.76
C VAL E 5 0.67 -27.16 69.79
N GLU E 6 0.88 -28.43 70.05
CA GLU E 6 -0.22 -29.38 70.04
C GLU E 6 -0.47 -30.03 71.39
N SER E 7 -1.75 -30.28 71.70
CA SER E 7 -2.18 -31.02 72.88
C SER E 7 -3.13 -32.14 72.46
N GLY E 8 -2.69 -33.39 72.69
CA GLY E 8 -3.42 -34.58 72.25
C GLY E 8 -4.63 -34.98 73.11
N GLY E 9 -4.82 -34.35 74.25
CA GLY E 9 -5.98 -34.62 75.12
C GLY E 9 -5.86 -35.81 76.09
N ASP E 10 -4.76 -36.57 76.02
CA ASP E 10 -4.54 -37.75 76.85
C ASP E 10 -5.54 -38.84 76.43
N LEU E 11 -5.54 -40.00 77.08
CA LEU E 11 -6.46 -41.07 76.69
C LEU E 11 -7.55 -41.41 77.70
N VAL E 12 -8.67 -41.87 77.17
CA VAL E 12 -9.82 -42.33 77.92
C VAL E 12 -10.23 -43.69 77.39
N GLN E 13 -11.06 -44.39 78.13
CA GLN E 13 -11.55 -45.67 77.68
C GLN E 13 -12.63 -45.51 76.61
N PRO E 14 -12.84 -46.53 75.76
CA PRO E 14 -13.83 -46.54 74.70
C PRO E 14 -15.20 -46.20 75.22
N GLY E 15 -15.91 -45.40 74.43
CA GLY E 15 -17.22 -44.90 74.72
C GLY E 15 -17.14 -43.49 75.31
N GLY E 16 -15.94 -43.05 75.69
CA GLY E 16 -15.75 -41.74 76.26
C GLY E 16 -15.48 -40.70 75.19
N SER E 17 -14.92 -39.56 75.61
CA SER E 17 -14.66 -38.47 74.69
C SER E 17 -13.42 -37.69 75.11
N LEU E 18 -12.86 -36.98 74.14
CA LEU E 18 -11.69 -36.14 74.33
C LEU E 18 -11.70 -34.81 73.60
N ARG E 19 -11.19 -33.77 74.26
CA ARG E 19 -11.00 -32.51 73.56
C ARG E 19 -9.53 -32.33 73.26
N LEU E 20 -9.23 -32.15 71.98
CA LEU E 20 -7.89 -31.93 71.46
C LEU E 20 -7.76 -30.47 71.08
N SER E 21 -6.58 -29.90 71.22
CA SER E 21 -6.42 -28.49 70.87
C SER E 21 -5.01 -28.11 70.44
N CYS E 22 -4.90 -27.23 69.42
CA CYS E 22 -3.63 -26.68 68.92
C CYS E 22 -3.68 -25.16 68.85
N VAL E 23 -2.54 -24.54 69.13
CA VAL E 23 -2.42 -23.09 69.03
C VAL E 23 -1.23 -22.72 68.14
N VAL E 24 -1.45 -21.80 67.21
CA VAL E 24 -0.35 -21.47 66.33
C VAL E 24 0.10 -20.04 66.55
N SER E 25 1.41 -19.83 66.56
CA SER E 25 1.94 -18.48 66.74
C SER E 25 2.74 -18.00 65.53
N GLY E 26 3.18 -18.91 64.67
CA GLY E 26 4.02 -18.54 63.53
C GLY E 26 3.25 -18.31 62.25
N PHE E 27 1.93 -18.39 62.33
CA PHE E 27 1.05 -18.27 61.17
C PHE E 27 -0.11 -17.36 61.48
N THR E 28 -0.70 -16.77 60.44
CA THR E 28 -1.84 -15.88 60.59
C THR E 28 -3.07 -16.60 61.09
N PHE E 29 -3.23 -17.84 60.66
CA PHE E 29 -4.35 -18.70 61.00
C PHE E 29 -5.66 -18.03 60.60
N SER E 30 -5.63 -17.26 59.51
CA SER E 30 -6.83 -16.61 59.05
C SER E 30 -6.82 -16.73 57.56
N THR E 31 -5.61 -16.96 57.05
CA THR E 31 -5.43 -17.09 55.62
C THR E 31 -5.12 -18.52 55.28
N TYR E 32 -5.06 -19.35 56.30
CA TYR E 32 -4.75 -20.76 56.10
C TYR E 32 -5.76 -21.70 56.70
N SER E 33 -5.97 -22.77 55.97
CA SER E 33 -6.78 -23.87 56.42
C SER E 33 -5.92 -24.79 57.25
N MET E 34 -6.58 -25.63 58.03
CA MET E 34 -5.89 -26.57 58.90
C MET E 34 -6.49 -27.94 58.84
N ASN E 35 -5.69 -28.92 59.15
CA ASN E 35 -6.23 -30.26 59.20
C ASN E 35 -5.59 -31.11 60.27
N TRP E 36 -6.23 -32.22 60.54
CA TRP E 36 -5.75 -33.16 61.51
C TRP E 36 -5.39 -34.43 60.82
N VAL E 37 -4.25 -34.94 61.21
CA VAL E 37 -3.74 -36.19 60.69
C VAL E 37 -3.45 -37.11 61.86
N ARG E 38 -3.81 -38.36 61.73
CA ARG E 38 -3.64 -39.32 62.78
C ARG E 38 -2.68 -40.47 62.48
N GLN E 39 -1.69 -40.66 63.33
CA GLN E 39 -0.73 -41.74 63.14
C GLN E 39 -0.88 -42.81 64.19
N ALA E 40 -1.51 -43.90 63.84
CA ALA E 40 -1.66 -44.94 64.84
C ALA E 40 -0.28 -45.62 64.91
N PRO E 41 0.18 -46.08 66.07
CA PRO E 41 1.40 -46.82 66.16
C PRO E 41 1.33 -48.06 65.30
N GLY E 42 2.37 -48.32 64.52
CA GLY E 42 2.45 -49.50 63.69
C GLY E 42 1.70 -49.39 62.35
N LYS E 43 1.07 -48.25 62.11
CA LYS E 43 0.28 -48.05 60.89
C LYS E 43 0.83 -46.96 60.00
N GLY E 44 0.16 -46.72 58.89
CA GLY E 44 0.54 -45.66 57.98
C GLY E 44 -0.06 -44.38 58.51
N LEU E 45 0.04 -43.32 57.76
CA LEU E 45 -0.43 -42.01 58.17
C LEU E 45 -1.85 -41.77 57.64
N GLU E 46 -2.84 -41.55 58.51
CA GLU E 46 -4.23 -41.37 58.07
C GLU E 46 -4.74 -39.94 58.17
N TRP E 47 -5.29 -39.40 57.11
CA TRP E 47 -5.87 -38.06 57.24
C TRP E 47 -7.19 -38.20 57.97
N VAL E 48 -7.49 -37.30 58.91
CA VAL E 48 -8.75 -37.41 59.61
C VAL E 48 -9.74 -36.33 59.32
N SER E 49 -9.33 -35.09 59.40
CA SER E 49 -10.29 -34.01 59.23
C SER E 49 -9.67 -32.69 58.74
N TYR E 50 -10.51 -31.81 58.17
CA TYR E 50 -10.12 -30.52 57.60
C TYR E 50 -11.07 -29.39 57.87
N ILE E 51 -10.54 -28.20 58.16
CA ILE E 51 -11.37 -27.00 58.25
C ILE E 51 -10.74 -25.80 57.50
N SER E 52 -11.56 -25.06 56.76
CA SER E 52 -11.07 -23.85 56.08
C SER E 52 -11.01 -22.68 57.06
N SER E 53 -10.35 -21.58 56.68
CA SER E 53 -10.29 -20.45 57.62
C SER E 53 -11.60 -19.70 57.78
N SER E 54 -12.53 -19.88 56.85
CA SER E 54 -13.80 -19.22 56.94
C SER E 54 -14.71 -19.91 57.92
N SER E 55 -14.33 -21.14 58.32
CA SER E 55 -15.05 -22.03 59.21
C SER E 55 -16.29 -22.65 58.57
N LEU E 56 -16.60 -22.27 57.32
CA LEU E 56 -17.80 -22.75 56.64
C LEU E 56 -17.56 -24.06 55.94
N SER E 57 -16.32 -24.48 55.91
CA SER E 57 -16.00 -25.69 55.19
C SER E 57 -15.23 -26.71 55.97
N ARG E 58 -15.88 -27.85 56.19
CA ARG E 58 -15.30 -28.93 56.96
C ARG E 58 -15.46 -30.30 56.31
N TYR E 59 -14.41 -31.09 56.41
CA TYR E 59 -14.40 -32.46 55.91
C TYR E 59 -13.88 -33.44 56.93
N TYR E 60 -14.46 -34.63 56.90
CA TYR E 60 -14.05 -35.69 57.79
C TYR E 60 -13.88 -36.98 57.02
N ALA E 61 -12.97 -37.82 57.49
CA ALA E 61 -12.78 -39.15 56.96
C ALA E 61 -14.02 -39.97 57.27
N ASP E 62 -14.39 -40.91 56.39
CA ASP E 62 -15.59 -41.70 56.70
C ASP E 62 -15.47 -42.42 58.04
N SER E 63 -14.27 -42.83 58.40
CA SER E 63 -13.99 -43.58 59.61
C SER E 63 -14.30 -42.83 60.90
N VAL E 64 -14.47 -41.53 60.84
CA VAL E 64 -14.76 -40.73 62.01
C VAL E 64 -16.06 -39.92 61.88
N LYS E 65 -16.81 -40.15 60.81
CA LYS E 65 -18.00 -39.33 60.66
C LYS E 65 -19.01 -39.65 61.71
N GLY E 66 -19.63 -38.60 62.23
CA GLY E 66 -20.63 -38.71 63.26
C GLY E 66 -20.01 -38.77 64.65
N ARG E 67 -18.67 -38.81 64.72
CA ARG E 67 -18.02 -38.90 66.00
C ARG E 67 -17.08 -37.73 66.23
N PHE E 68 -16.36 -37.32 65.19
CA PHE E 68 -15.41 -36.25 65.37
C PHE E 68 -15.96 -34.94 64.82
N THR E 69 -15.61 -33.82 65.46
CA THR E 69 -16.00 -32.51 64.93
C THR E 69 -14.96 -31.39 65.14
N ILE E 70 -14.92 -30.44 64.20
CA ILE E 70 -13.96 -29.34 64.24
C ILE E 70 -14.56 -27.97 64.36
N SER E 71 -13.94 -27.16 65.19
CA SER E 71 -14.28 -25.77 65.30
C SER E 71 -12.98 -25.01 65.46
N ARG E 72 -12.98 -23.74 65.13
CA ARG E 72 -11.78 -22.93 65.27
C ARG E 72 -12.14 -21.52 65.65
N ASP E 73 -11.18 -20.82 66.22
CA ASP E 73 -11.38 -19.43 66.57
C ASP E 73 -10.17 -18.67 66.11
N ASN E 74 -10.37 -17.91 65.06
CA ASN E 74 -9.25 -17.25 64.46
C ASN E 74 -8.64 -16.20 65.37
N ALA E 75 -9.42 -15.65 66.29
CA ALA E 75 -8.91 -14.58 67.12
C ALA E 75 -7.97 -15.09 68.19
N LYS E 76 -7.95 -16.41 68.40
CA LYS E 76 -7.16 -17.03 69.42
C LYS E 76 -6.07 -17.86 68.80
N ASN E 77 -6.01 -17.85 67.47
CA ASN E 77 -5.10 -18.70 66.74
C ASN E 77 -5.26 -20.15 67.17
N SER E 78 -6.50 -20.60 67.38
CA SER E 78 -6.63 -21.96 67.86
C SER E 78 -7.58 -22.82 67.08
N LEU E 79 -7.22 -24.09 67.06
CA LEU E 79 -7.96 -25.15 66.40
C LEU E 79 -8.42 -26.19 67.41
N SER E 80 -9.70 -26.50 67.40
CA SER E 80 -10.22 -27.49 68.34
C SER E 80 -10.83 -28.68 67.64
N LEU E 81 -10.58 -29.84 68.22
CA LEU E 81 -11.18 -31.08 67.74
C LEU E 81 -11.82 -31.88 68.85
N GLN E 82 -13.08 -32.16 68.70
CA GLN E 82 -13.80 -32.92 69.70
C GLN E 82 -14.03 -34.32 69.23
N LEU E 83 -13.54 -35.28 70.00
CA LEU E 83 -13.67 -36.67 69.64
C LEU E 83 -14.69 -37.37 70.52
N ASN E 84 -15.84 -37.73 69.99
CA ASN E 84 -16.89 -38.37 70.78
C ASN E 84 -16.98 -39.84 70.48
N SER E 85 -17.58 -40.61 71.38
CA SER E 85 -17.81 -42.03 71.11
C SER E 85 -16.55 -42.71 70.64
N LEU E 86 -15.50 -42.52 71.42
CA LEU E 86 -14.18 -43.06 71.12
C LEU E 86 -14.13 -44.57 71.08
N ARG E 87 -13.32 -45.07 70.17
CA ARG E 87 -13.10 -46.48 69.98
C ARG E 87 -11.64 -46.80 70.25
N ALA E 88 -11.31 -48.08 70.43
CA ALA E 88 -9.92 -48.47 70.66
C ALA E 88 -9.03 -48.06 69.49
N GLU E 89 -9.60 -48.09 68.31
CA GLU E 89 -8.95 -47.76 67.05
C GLU E 89 -8.55 -46.29 66.93
N ASP E 90 -9.08 -45.44 67.82
CA ASP E 90 -8.80 -44.02 67.76
C ASP E 90 -7.58 -43.65 68.59
N THR E 91 -6.94 -44.63 69.23
CA THR E 91 -5.75 -44.25 69.98
C THR E 91 -4.66 -44.08 68.94
N ALA E 92 -4.11 -42.89 68.89
CA ALA E 92 -3.13 -42.53 67.89
C ALA E 92 -2.48 -41.22 68.23
N VAL E 93 -1.42 -40.89 67.52
CA VAL E 93 -0.86 -39.57 67.69
C VAL E 93 -1.58 -38.63 66.74
N TYR E 94 -2.10 -37.54 67.27
CA TYR E 94 -2.79 -36.60 66.42
C TYR E 94 -1.86 -35.43 66.18
N TYR E 95 -1.84 -34.95 64.95
CA TYR E 95 -1.01 -33.81 64.57
C TYR E 95 -1.88 -32.73 63.96
N CYS E 96 -1.49 -31.45 64.14
CA CYS E 96 -2.13 -30.29 63.50
C CYS E 96 -1.24 -29.86 62.37
N VAL E 97 -1.83 -29.77 61.20
CA VAL E 97 -1.05 -29.45 60.05
C VAL E 97 -1.62 -28.25 59.35
N ARG E 98 -0.72 -27.33 59.04
CA ARG E 98 -1.08 -26.11 58.37
C ARG E 98 -1.01 -26.44 56.88
N GLY E 99 -2.10 -26.16 56.17
CA GLY E 99 -2.20 -26.49 54.77
C GLY E 99 -1.52 -25.47 53.89
N SER E 100 -1.51 -25.71 52.58
CA SER E 100 -0.88 -24.81 51.66
C SER E 100 -1.75 -23.58 51.51
N ILE E 101 -1.17 -22.50 51.01
CA ILE E 101 -1.94 -21.31 50.76
C ILE E 101 -2.81 -21.49 49.51
N THR E 102 -2.29 -22.20 48.51
CA THR E 102 -2.97 -22.40 47.25
C THR E 102 -4.02 -23.51 47.29
N TRP E 103 -5.04 -23.30 48.11
CA TRP E 103 -6.06 -24.31 48.35
C TRP E 103 -6.76 -25.02 47.20
N PRO E 104 -7.30 -24.37 46.19
CA PRO E 104 -8.11 -25.02 45.19
C PRO E 104 -7.31 -25.92 44.27
N THR E 105 -5.98 -25.87 44.33
CA THR E 105 -5.19 -26.66 43.43
C THR E 105 -4.26 -27.57 44.19
N GLU E 106 -3.08 -27.09 44.53
CA GLU E 106 -2.08 -27.92 45.16
C GLU E 106 -2.09 -27.89 46.68
N TYR E 107 -2.63 -28.92 47.31
CA TYR E 107 -2.71 -28.95 48.76
C TYR E 107 -1.81 -30.06 49.31
N TYR E 108 -0.59 -29.69 49.73
CA TYR E 108 0.45 -30.64 50.11
C TYR E 108 0.96 -30.66 51.55
N LEU E 109 0.24 -30.07 52.49
CA LEU E 109 0.60 -30.16 53.91
C LEU E 109 2.04 -29.80 54.27
N ASP E 110 2.47 -28.59 53.96
CA ASP E 110 3.84 -28.20 54.23
C ASP E 110 4.27 -27.91 55.66
N TYR E 111 3.38 -27.59 56.60
CA TYR E 111 3.91 -27.35 57.95
C TYR E 111 3.23 -28.19 59.07
N TRP E 112 4.06 -28.94 59.83
CA TRP E 112 3.63 -29.87 60.90
C TRP E 112 4.13 -29.37 62.25
N GLU F 1 -12.27 -42.82 46.77
CA GLU F 1 -11.29 -41.85 46.31
C GLU F 1 -10.15 -42.59 45.56
N ILE F 2 -8.94 -41.99 45.52
CA ILE F 2 -7.76 -42.52 44.86
C ILE F 2 -6.96 -43.29 45.88
N VAL F 3 -6.70 -44.53 45.57
CA VAL F 3 -5.99 -45.39 46.48
C VAL F 3 -4.53 -45.40 46.13
N MET F 4 -3.72 -45.07 47.11
CA MET F 4 -2.29 -45.01 46.91
C MET F 4 -1.62 -46.18 47.59
N THR F 5 -0.73 -46.84 46.88
CA THR F 5 0.02 -47.93 47.46
C THR F 5 1.51 -47.72 47.20
N GLN F 6 2.34 -48.36 48.00
CA GLN F 6 3.78 -48.27 47.80
C GLN F 6 4.38 -49.65 47.90
N SER F 7 4.84 -50.18 46.76
CA SER F 7 5.38 -51.54 46.67
C SER F 7 6.72 -51.85 47.39
N PRO F 8 7.76 -51.00 47.33
CA PRO F 8 9.07 -51.26 47.90
C PRO F 8 9.05 -51.01 49.39
N ALA F 9 8.39 -51.90 50.13
CA ALA F 9 8.20 -51.71 51.57
C ALA F 9 9.52 -51.48 52.28
N THR F 10 10.58 -52.16 51.84
CA THR F 10 11.90 -51.90 52.42
C THR F 10 12.90 -51.62 51.33
N LEU F 11 13.56 -50.49 51.44
CA LEU F 11 14.63 -50.11 50.52
C LEU F 11 15.90 -50.04 51.32
N SER F 12 16.81 -50.96 51.09
CA SER F 12 18.01 -50.97 51.92
C SER F 12 19.26 -51.03 51.09
N VAL F 13 20.03 -49.96 51.19
CA VAL F 13 21.24 -49.77 50.42
C VAL F 13 22.41 -49.35 51.31
N SER F 14 23.64 -49.46 50.81
CA SER F 14 24.81 -49.04 51.58
C SER F 14 24.92 -47.52 51.57
N PRO F 15 25.67 -46.89 52.49
CA PRO F 15 25.86 -45.45 52.51
C PRO F 15 26.42 -44.97 51.18
N GLY F 16 25.85 -43.88 50.69
CA GLY F 16 26.28 -43.26 49.45
C GLY F 16 25.65 -43.86 48.19
N GLU F 17 24.91 -44.94 48.36
CA GLU F 17 24.31 -45.62 47.23
C GLU F 17 23.03 -44.93 46.75
N ARG F 18 22.86 -44.91 45.43
CA ARG F 18 21.64 -44.35 44.83
C ARG F 18 20.47 -45.28 45.09
N ALA F 19 19.32 -44.72 45.42
CA ALA F 19 18.18 -45.57 45.68
C ALA F 19 16.85 -44.92 45.31
N THR F 20 15.85 -45.70 44.93
CA THR F 20 14.55 -45.11 44.61
C THR F 20 13.35 -45.81 45.24
N LEU F 21 12.27 -45.04 45.39
CA LEU F 21 10.97 -45.55 45.85
C LEU F 21 9.88 -45.27 44.86
N SER F 22 8.97 -46.22 44.72
CA SER F 22 7.84 -46.05 43.83
C SER F 22 6.54 -45.89 44.61
N CYS F 23 5.59 -45.14 44.02
CA CYS F 23 4.22 -44.92 44.44
C CYS F 23 3.27 -45.17 43.28
N ARG F 24 2.17 -45.85 43.56
CA ARG F 24 1.20 -46.16 42.52
C ARG F 24 -0.20 -45.78 42.89
N ALA F 25 -0.89 -45.15 41.96
CA ALA F 25 -2.27 -44.77 42.20
C ALA F 25 -3.25 -45.59 41.38
N SER F 26 -4.41 -45.84 41.98
CA SER F 26 -5.51 -46.50 41.29
C SER F 26 -6.18 -45.62 40.22
N GLN F 27 -5.95 -44.33 40.30
CA GLN F 27 -6.53 -43.36 39.39
C GLN F 27 -5.48 -42.37 38.98
N THR F 28 -5.67 -41.75 37.86
CA THR F 28 -4.76 -40.74 37.42
C THR F 28 -4.72 -39.57 38.40
N ILE F 29 -3.51 -39.18 38.78
CA ILE F 29 -3.15 -38.07 39.65
C ILE F 29 -2.67 -36.86 38.87
N ARG F 30 -1.97 -37.08 37.77
CA ARG F 30 -1.44 -35.98 36.93
C ARG F 30 -0.51 -35.04 37.64
N SER F 31 0.40 -35.60 38.39
CA SER F 31 1.42 -34.90 39.15
C SER F 31 0.94 -34.13 40.39
N ASP F 32 -0.35 -34.27 40.74
CA ASP F 32 -0.85 -33.68 41.98
C ASP F 32 -0.59 -34.63 43.16
N LEU F 33 0.70 -34.78 43.46
CA LEU F 33 1.27 -35.70 44.45
C LEU F 33 2.34 -35.04 45.30
N ALA F 34 2.50 -35.50 46.54
CA ALA F 34 3.57 -34.96 47.40
C ALA F 34 4.29 -36.07 48.17
N TRP F 35 5.58 -35.87 48.45
CA TRP F 35 6.38 -36.86 49.19
C TRP F 35 6.85 -36.36 50.54
N TYR F 36 6.84 -37.27 51.52
CA TYR F 36 7.29 -36.98 52.89
C TYR F 36 8.35 -37.94 53.37
N GLN F 37 9.21 -37.45 54.27
CA GLN F 37 10.25 -38.23 54.94
C GLN F 37 10.09 -38.11 56.46
N GLN F 38 9.78 -39.22 57.14
CA GLN F 38 9.53 -39.18 58.57
C GLN F 38 10.58 -39.85 59.44
N LYS F 39 11.16 -39.07 60.33
CA LYS F 39 12.13 -39.61 61.28
C LYS F 39 11.34 -40.16 62.44
N PRO F 40 11.75 -41.25 63.09
CA PRO F 40 11.05 -41.82 64.22
C PRO F 40 10.82 -40.80 65.31
N GLY F 41 9.60 -40.76 65.80
CA GLY F 41 9.19 -39.86 66.88
C GLY F 41 8.79 -38.48 66.39
N GLN F 42 8.95 -38.20 65.11
CA GLN F 42 8.66 -36.90 64.55
C GLN F 42 7.44 -36.93 63.66
N PRO F 43 6.78 -35.78 63.44
CA PRO F 43 5.80 -35.61 62.40
C PRO F 43 6.61 -35.79 61.13
N PRO F 44 6.04 -36.19 60.01
CA PRO F 44 6.70 -36.34 58.73
C PRO F 44 7.12 -34.99 58.18
N ARG F 45 8.25 -34.93 57.49
CA ARG F 45 8.66 -33.70 56.86
C ARG F 45 8.35 -33.71 55.37
N LEU F 46 7.84 -32.61 54.85
CA LEU F 46 7.61 -32.59 53.41
C LEU F 46 8.92 -32.43 52.68
N ILE F 47 9.18 -33.32 51.72
CA ILE F 47 10.42 -33.23 50.96
C ILE F 47 10.19 -32.73 49.53
N ILE F 48 9.16 -33.24 48.89
CA ILE F 48 8.84 -32.83 47.52
C ILE F 48 7.38 -32.41 47.56
N TYR F 49 7.06 -31.19 47.11
CA TYR F 49 5.66 -30.80 47.26
C TYR F 49 4.82 -31.10 46.06
N GLY F 50 5.44 -31.24 44.91
CA GLY F 50 4.70 -31.60 43.71
C GLY F 50 5.08 -33.03 43.46
N ALA F 51 4.66 -33.67 42.38
CA ALA F 51 5.12 -35.04 42.25
C ALA F 51 6.63 -35.09 42.15
N SER F 52 7.21 -34.06 41.49
CA SER F 52 8.64 -33.97 41.29
C SER F 52 9.34 -32.73 41.85
N THR F 53 8.56 -31.66 42.11
CA THR F 53 9.15 -30.37 42.51
C THR F 53 9.48 -30.34 43.99
N ARG F 54 10.74 -30.04 44.27
CA ARG F 54 11.34 -30.04 45.59
C ARG F 54 10.84 -28.94 46.51
N ALA F 55 10.60 -29.32 47.78
CA ALA F 55 10.14 -28.40 48.79
C ALA F 55 11.28 -27.53 49.32
N THR F 56 10.94 -26.35 49.77
CA THR F 56 11.91 -25.44 50.34
C THR F 56 12.59 -26.05 51.55
N GLY F 57 13.92 -25.95 51.59
CA GLY F 57 14.72 -26.46 52.71
C GLY F 57 15.22 -27.88 52.51
N ILE F 58 14.92 -28.45 51.36
CA ILE F 58 15.31 -29.81 51.02
C ILE F 58 16.53 -29.82 50.11
N PRO F 59 17.54 -30.66 50.40
CA PRO F 59 18.75 -30.80 49.64
C PRO F 59 18.52 -31.46 48.30
N ALA F 60 19.49 -31.25 47.41
CA ALA F 60 19.54 -31.78 46.04
C ALA F 60 19.56 -33.29 45.98
N ARG F 61 19.79 -33.93 47.12
CA ARG F 61 19.83 -35.36 47.20
C ARG F 61 18.50 -35.92 46.74
N PHE F 62 17.41 -35.19 46.99
CA PHE F 62 16.12 -35.72 46.62
C PHE F 62 15.52 -35.00 45.43
N SER F 63 14.89 -35.77 44.57
CA SER F 63 14.10 -35.24 43.46
C SER F 63 13.08 -36.27 43.05
N GLY F 64 12.01 -35.87 42.37
CA GLY F 64 11.12 -36.92 41.92
C GLY F 64 10.79 -36.83 40.45
N SER F 65 9.90 -37.70 40.05
CA SER F 65 9.41 -37.78 38.69
C SER F 65 8.08 -38.48 38.70
N GLY F 66 7.36 -38.41 37.59
CA GLY F 66 6.12 -39.16 37.53
C GLY F 66 5.23 -38.78 36.38
N SER F 67 4.18 -39.55 36.23
CA SER F 67 3.20 -39.39 35.19
C SER F 67 1.79 -39.50 35.74
N GLY F 68 0.89 -40.07 34.96
CA GLY F 68 -0.50 -40.16 35.36
C GLY F 68 -0.72 -40.91 36.67
N THR F 69 -0.32 -42.18 36.74
CA THR F 69 -0.49 -43.01 37.96
C THR F 69 0.78 -43.46 38.65
N GLU F 70 1.91 -43.40 37.97
CA GLU F 70 3.15 -43.91 38.56
C GLU F 70 4.13 -42.79 38.90
N PHE F 71 4.61 -42.83 40.14
CA PHE F 71 5.53 -41.80 40.64
C PHE F 71 6.77 -42.39 41.27
N THR F 72 7.88 -41.67 41.16
CA THR F 72 9.16 -42.10 41.75
C THR F 72 9.88 -41.03 42.53
N LEU F 73 10.48 -41.46 43.65
CA LEU F 73 11.40 -40.64 44.43
C LEU F 73 12.79 -41.14 44.24
N THR F 74 13.70 -40.25 43.90
CA THR F 74 15.09 -40.64 43.76
C THR F 74 15.93 -40.00 44.84
N ILE F 75 16.74 -40.84 45.46
CA ILE F 75 17.69 -40.42 46.45
C ILE F 75 19.04 -40.61 45.76
N SER F 76 19.75 -39.53 45.43
CA SER F 76 20.96 -39.69 44.63
C SER F 76 22.12 -40.38 45.35
N SER F 77 22.14 -40.25 46.67
CA SER F 77 23.18 -40.81 47.52
C SER F 77 22.64 -40.90 48.93
N LEU F 78 22.28 -42.09 49.41
CA LEU F 78 21.66 -42.14 50.72
C LEU F 78 22.64 -41.76 51.84
N GLN F 79 22.24 -40.84 52.71
CA GLN F 79 23.10 -40.39 53.79
C GLN F 79 22.75 -41.04 55.11
N SER F 80 23.66 -40.97 56.08
CA SER F 80 23.43 -41.52 57.42
C SER F 80 22.25 -40.86 58.14
N GLU F 81 21.88 -39.68 57.64
CA GLU F 81 20.80 -38.86 58.13
C GLU F 81 19.44 -39.25 57.54
N ASP F 82 19.45 -40.08 56.51
CA ASP F 82 18.23 -40.39 55.78
C ASP F 82 17.47 -41.67 56.09
N SER F 83 17.86 -42.50 57.06
CA SER F 83 16.95 -43.63 57.25
C SER F 83 15.66 -43.00 57.71
N ALA F 84 14.55 -43.38 57.09
CA ALA F 84 13.26 -42.76 57.38
C ALA F 84 12.10 -43.51 56.75
N VAL F 85 10.89 -43.21 57.20
CA VAL F 85 9.74 -43.75 56.50
C VAL F 85 9.23 -42.73 55.52
N TYR F 86 9.09 -43.14 54.29
CA TYR F 86 8.64 -42.26 53.25
C TYR F 86 7.20 -42.51 52.87
N PHE F 87 6.51 -41.43 52.57
CA PHE F 87 5.10 -41.54 52.18
C PHE F 87 4.75 -40.71 50.95
N CYS F 88 3.77 -41.19 50.16
CA CYS F 88 3.10 -40.40 49.11
C CYS F 88 1.70 -40.04 49.53
N GLN F 89 1.33 -38.82 49.20
CA GLN F 89 -0.03 -38.37 49.38
C GLN F 89 -0.53 -38.10 47.98
N GLN F 90 -1.77 -37.72 47.86
CA GLN F 90 -2.29 -37.21 46.61
C GLN F 90 -3.23 -36.10 46.95
N TYR F 91 -3.41 -35.18 46.03
CA TYR F 91 -4.35 -34.11 46.21
C TYR F 91 -5.12 -33.79 44.94
N ASN F 92 -5.27 -34.80 44.10
CA ASN F 92 -6.00 -34.64 42.85
C ASN F 92 -7.48 -34.74 43.11
N ASN F 93 -7.82 -35.62 44.04
CA ASN F 93 -9.22 -35.90 44.37
C ASN F 93 -9.33 -35.94 45.87
N TRP F 94 -9.82 -34.89 46.50
CA TRP F 94 -9.72 -34.95 47.94
C TRP F 94 -10.77 -34.38 48.82
N PRO F 95 -11.99 -34.85 48.84
CA PRO F 95 -12.87 -34.50 49.91
C PRO F 95 -11.96 -34.81 51.14
N PRO F 96 -11.55 -36.10 51.44
CA PRO F 96 -10.47 -36.40 52.32
C PRO F 96 -9.16 -36.32 51.58
N LEU F 97 -8.08 -36.07 52.26
CA LEU F 97 -6.79 -36.29 51.65
C LEU F 97 -6.46 -37.73 51.86
N THR F 98 -5.72 -38.34 50.94
CA THR F 98 -5.33 -39.71 51.20
C THR F 98 -3.82 -39.87 51.08
N PHE F 99 -3.32 -40.91 51.74
CA PHE F 99 -1.91 -41.30 51.76
C PHE F 99 -1.78 -42.78 51.51
N GLY F 100 -0.61 -43.19 51.02
CA GLY F 100 -0.31 -44.61 50.92
C GLY F 100 0.19 -45.10 52.27
N GLY F 101 0.47 -46.40 52.40
CA GLY F 101 0.93 -46.93 53.68
C GLY F 101 2.29 -46.39 54.13
N GLY F 102 3.17 -46.16 53.17
CA GLY F 102 4.52 -45.68 53.40
C GLY F 102 5.49 -46.84 53.42
N THR F 103 6.77 -46.54 53.16
CA THR F 103 7.82 -47.55 53.13
C THR F 103 9.04 -47.10 53.92
N LYS F 104 9.92 -48.02 54.29
CA LYS F 104 11.11 -47.58 55.00
C LYS F 104 12.37 -47.70 54.19
N VAL F 105 13.22 -46.69 54.33
CA VAL F 105 14.53 -46.68 53.72
C VAL F 105 15.55 -46.84 54.83
N GLU F 106 16.45 -47.81 54.68
CA GLU F 106 17.44 -48.18 55.68
C GLU F 106 18.86 -48.25 55.08
N ILE F 107 19.86 -48.10 55.95
CA ILE F 107 21.26 -48.06 55.55
C ILE F 107 22.08 -49.27 56.02
N LYS F 108 22.78 -49.94 55.06
CA LYS F 108 23.66 -51.12 55.27
C LYS F 108 25.10 -50.71 55.69
N GLY G 4 -13.45 12.49 61.09
CA GLY G 4 -14.18 12.27 59.86
C GLY G 4 -13.29 11.84 58.69
N ASP G 5 -12.66 10.68 58.85
CA ASP G 5 -11.68 10.08 57.94
C ASP G 5 -12.29 9.53 56.63
N THR G 6 -11.77 10.01 55.49
CA THR G 6 -12.23 9.61 54.15
C THR G 6 -11.08 9.29 53.20
N LEU G 7 -11.42 8.59 52.12
CA LEU G 7 -10.48 8.22 51.05
C LEU G 7 -11.16 8.33 49.68
N CYS G 8 -10.53 9.03 48.71
CA CYS G 8 -11.03 9.22 47.35
C CYS G 8 -10.05 8.71 46.30
N ILE G 9 -10.61 8.14 45.25
CA ILE G 9 -9.85 7.60 44.15
C ILE G 9 -10.03 8.41 42.91
N GLY G 10 -8.94 8.79 42.30
CA GLY G 10 -9.03 9.60 41.10
C GLY G 10 -7.78 9.57 40.27
N TYR G 11 -7.64 10.57 39.44
CA TYR G 11 -6.57 10.62 38.48
C TYR G 11 -6.06 12.02 38.24
N HIS G 12 -4.86 12.08 37.73
CA HIS G 12 -4.08 13.29 37.42
C HIS G 12 -4.66 14.21 36.38
N ALA G 13 -4.52 15.50 36.63
CA ALA G 13 -4.91 16.57 35.72
C ALA G 13 -3.69 17.46 35.54
N ASN G 14 -3.62 18.16 34.43
CA ASN G 14 -2.47 18.99 34.15
C ASN G 14 -2.90 20.28 33.47
N ASN G 15 -1.94 21.17 33.14
CA ASN G 15 -2.20 22.45 32.43
C ASN G 15 -1.97 22.34 30.91
N SER G 16 -1.76 21.10 30.37
CA SER G 16 -1.49 20.77 28.97
C SER G 16 -2.65 21.16 28.07
N THR G 17 -2.31 21.72 26.91
CA THR G 17 -3.26 22.17 25.93
C THR G 17 -3.18 21.36 24.67
N ASP G 18 -2.47 20.27 24.77
CA ASP G 18 -2.28 19.36 23.67
C ASP G 18 -3.51 18.53 23.45
N THR G 19 -4.04 18.56 22.24
CA THR G 19 -5.23 17.79 21.98
C THR G 19 -4.98 16.74 20.94
N VAL G 20 -5.82 15.73 20.97
CA VAL G 20 -5.81 14.66 20.02
C VAL G 20 -7.16 14.40 19.47
N ASP G 21 -7.23 13.69 18.35
CA ASP G 21 -8.52 13.27 17.87
C ASP G 21 -8.61 11.78 18.14
N THR G 22 -9.82 11.28 18.26
CA THR G 22 -10.03 9.86 18.47
C THR G 22 -11.03 9.46 17.43
N VAL G 23 -11.40 8.21 17.37
CA VAL G 23 -12.34 7.83 16.36
C VAL G 23 -13.69 8.45 16.60
N LEU G 24 -14.13 8.44 17.84
CA LEU G 24 -15.44 8.97 18.19
C LEU G 24 -15.47 10.47 18.47
N GLU G 25 -14.37 11.04 18.97
CA GLU G 25 -14.34 12.44 19.40
C GLU G 25 -13.27 13.28 18.74
N LYS G 26 -13.47 14.58 18.70
CA LYS G 26 -12.43 15.46 18.19
C LYS G 26 -12.00 16.45 19.27
N ASN G 27 -10.76 16.99 19.17
CA ASN G 27 -10.18 18.01 20.05
C ASN G 27 -10.23 17.64 21.56
N VAL G 28 -9.78 16.42 21.90
CA VAL G 28 -9.73 15.92 23.28
C VAL G 28 -8.42 16.32 23.90
N THR G 29 -8.45 17.06 25.00
CA THR G 29 -7.21 17.50 25.61
C THR G 29 -6.67 16.37 26.42
N VAL G 30 -5.37 16.12 26.32
CA VAL G 30 -4.75 15.07 27.10
C VAL G 30 -3.58 15.62 27.89
N THR G 31 -3.20 14.95 28.97
CA THR G 31 -2.11 15.44 29.78
C THR G 31 -0.76 15.27 29.12
N HIS G 32 -0.61 14.19 28.38
CA HIS G 32 0.65 13.90 27.72
C HIS G 32 0.41 13.34 26.33
N SER G 33 1.28 13.69 25.40
CA SER G 33 1.15 13.16 24.05
C SER G 33 2.48 13.10 23.32
N VAL G 34 2.55 12.26 22.29
CA VAL G 34 3.73 12.10 21.46
C VAL G 34 3.44 12.36 19.99
N ASN G 35 4.31 13.10 19.35
CA ASN G 35 4.18 13.43 17.95
C ASN G 35 4.83 12.42 17.03
N LEU G 36 4.04 11.79 16.16
CA LEU G 36 4.56 10.77 15.24
C LEU G 36 4.95 11.34 13.89
N LEU G 37 4.68 12.63 13.67
CA LEU G 37 4.91 13.27 12.40
C LEU G 37 5.97 14.34 12.44
N GLU G 38 7.01 14.16 11.65
CA GLU G 38 8.10 15.10 11.63
C GLU G 38 7.84 16.23 10.66
N ASP G 39 7.86 17.45 11.17
CA ASP G 39 7.62 18.63 10.37
C ASP G 39 8.78 19.62 10.39
N LYS G 40 9.97 19.16 10.75
CA LYS G 40 11.13 20.03 10.80
C LYS G 40 12.25 19.52 9.92
N HIS G 41 13.03 20.45 9.40
CA HIS G 41 14.22 20.18 8.63
C HIS G 41 15.23 21.25 9.02
N ASN G 42 16.52 20.99 8.83
CA ASN G 42 17.49 21.99 9.27
C ASN G 42 17.91 23.05 8.28
N GLY G 43 17.35 23.01 7.09
CA GLY G 43 17.64 24.01 6.06
C GLY G 43 19.01 23.85 5.42
N LYS G 44 19.63 22.70 5.61
CA LYS G 44 20.97 22.47 5.09
C LYS G 44 21.08 21.19 4.30
N LEU G 45 21.98 21.17 3.34
CA LEU G 45 22.26 19.92 2.68
C LEU G 45 23.45 19.29 3.43
N CYS G 46 23.26 18.08 3.96
CA CYS G 46 24.20 17.34 4.82
C CYS G 46 24.79 16.13 4.10
N LYS G 47 25.77 15.53 4.73
CA LYS G 47 26.41 14.34 4.23
C LYS G 47 25.51 13.14 4.46
N LEU G 48 25.47 12.21 3.53
CA LEU G 48 24.72 10.99 3.76
C LEU G 48 25.67 9.91 4.12
N ARG G 49 25.50 9.38 5.30
CA ARG G 49 26.39 8.30 5.75
C ARG G 49 27.85 8.74 5.71
N GLY G 50 28.09 10.01 6.05
CA GLY G 50 29.44 10.55 6.11
C GLY G 50 30.02 11.07 4.80
N VAL G 51 29.31 10.95 3.69
CA VAL G 51 29.88 11.43 2.44
C VAL G 51 29.17 12.67 1.89
N ALA G 52 29.99 13.64 1.54
CA ALA G 52 29.52 14.92 1.02
C ALA G 52 28.89 14.77 -0.33
N PRO G 53 27.94 15.62 -0.69
CA PRO G 53 27.37 15.71 -2.00
C PRO G 53 28.32 16.34 -2.94
N LEU G 54 28.11 16.11 -4.21
CA LEU G 54 28.85 16.82 -5.20
C LEU G 54 28.04 18.04 -5.55
N HIS G 55 28.56 19.21 -5.33
CA HIS G 55 27.78 20.39 -5.61
C HIS G 55 28.32 21.06 -6.85
N LEU G 56 27.51 21.07 -7.91
CA LEU G 56 27.97 21.60 -9.20
C LEU G 56 27.63 23.07 -9.37
N GLY G 57 26.94 23.63 -8.40
CA GLY G 57 26.58 25.03 -8.45
C GLY G 57 25.75 25.33 -9.68
N LYS G 58 26.24 26.29 -10.46
CA LYS G 58 25.59 26.78 -11.68
C LYS G 58 25.63 25.83 -12.90
N CYS G 59 26.44 24.75 -12.85
CA CYS G 59 26.60 23.77 -13.92
C CYS G 59 25.67 22.59 -13.74
N ASN G 60 25.34 21.97 -14.84
CA ASN G 60 24.58 20.76 -14.75
C ASN G 60 25.55 19.62 -14.93
N ILE G 61 25.09 18.40 -14.87
CA ILE G 61 26.00 17.30 -15.06
C ILE G 61 26.64 17.29 -16.41
N ALA G 62 25.91 17.53 -17.50
CA ALA G 62 26.60 17.50 -18.78
C ALA G 62 27.75 18.50 -18.82
N GLY G 63 27.58 19.67 -18.23
CA GLY G 63 28.64 20.65 -18.23
C GLY G 63 29.86 20.14 -17.52
N TRP G 64 29.66 19.62 -16.34
CA TRP G 64 30.74 19.09 -15.56
C TRP G 64 31.48 17.95 -16.23
N ILE G 65 30.76 16.98 -16.79
CA ILE G 65 31.38 15.86 -17.49
C ILE G 65 32.06 16.23 -18.79
N LEU G 66 31.45 17.09 -19.59
CA LEU G 66 32.07 17.45 -20.84
C LEU G 66 33.19 18.45 -20.62
N GLY G 67 33.12 19.25 -19.57
CA GLY G 67 34.15 20.22 -19.36
C GLY G 67 33.78 21.58 -19.92
N ASN G 68 32.54 21.96 -19.75
CA ASN G 68 32.13 23.28 -20.19
C ASN G 68 33.12 24.26 -19.58
N PRO G 69 33.60 25.27 -20.31
CA PRO G 69 34.58 26.24 -19.85
C PRO G 69 34.23 26.89 -18.52
N GLU G 70 32.95 26.98 -18.20
CA GLU G 70 32.52 27.60 -16.94
C GLU G 70 32.44 26.68 -15.72
N CYS G 71 32.74 25.38 -15.88
CA CYS G 71 32.64 24.34 -14.86
C CYS G 71 34.05 23.97 -14.40
N GLU G 72 35.03 24.69 -14.94
CA GLU G 72 36.44 24.43 -14.64
C GLU G 72 36.78 24.71 -13.19
N SER G 73 36.12 25.70 -12.62
CA SER G 73 36.35 26.10 -11.24
C SER G 73 35.76 25.12 -10.23
N LEU G 74 34.97 24.14 -10.66
CA LEU G 74 34.38 23.22 -9.71
C LEU G 74 35.46 22.30 -9.20
N SER G 75 35.41 21.98 -7.92
CA SER G 75 36.36 21.04 -7.35
C SER G 75 35.94 19.62 -7.66
N THR G 76 36.87 18.68 -7.50
CA THR G 76 36.52 17.28 -7.71
C THR G 76 36.67 16.48 -6.45
N ALA G 77 35.60 15.81 -6.07
CA ALA G 77 35.63 14.94 -4.92
C ALA G 77 35.81 13.54 -5.45
N SER G 78 36.52 12.71 -4.70
CA SER G 78 36.76 11.32 -5.08
C SER G 78 35.55 10.42 -4.89
N SER G 79 34.57 10.88 -4.12
CA SER G 79 33.36 10.11 -3.89
C SER G 79 32.23 11.08 -3.66
N TRP G 80 31.02 10.70 -4.03
CA TRP G 80 29.88 11.59 -3.84
C TRP G 80 28.78 10.78 -3.27
N SER G 81 28.02 11.37 -2.36
CA SER G 81 26.87 10.68 -1.83
C SER G 81 25.61 10.89 -2.64
N TYR G 82 25.51 12.04 -3.24
CA TYR G 82 24.39 12.48 -4.06
C TYR G 82 24.89 13.67 -4.86
N ILE G 83 24.14 14.08 -5.89
CA ILE G 83 24.55 15.25 -6.66
C ILE G 83 23.57 16.39 -6.49
N VAL G 84 24.10 17.58 -6.29
CA VAL G 84 23.31 18.78 -6.13
C VAL G 84 23.54 19.78 -7.25
N GLU G 85 22.46 20.20 -7.87
CA GLU G 85 22.44 21.20 -8.92
C GLU G 85 21.51 22.30 -8.46
N THR G 86 21.77 23.55 -8.79
CA THR G 86 20.79 24.55 -8.40
C THR G 86 19.71 24.59 -9.48
N PRO G 87 18.50 25.10 -9.22
CA PRO G 87 17.44 25.31 -10.20
C PRO G 87 17.85 26.30 -11.29
N SER G 88 18.83 27.12 -10.99
CA SER G 88 19.35 28.13 -11.89
C SER G 88 20.44 27.59 -12.78
N SER G 89 20.82 26.35 -12.58
CA SER G 89 21.88 25.76 -13.36
C SER G 89 21.55 25.75 -14.81
N ASP G 90 22.49 26.21 -15.62
CA ASP G 90 22.29 26.25 -17.06
C ASP G 90 23.59 26.25 -17.87
N ASN G 91 24.55 25.36 -17.57
CA ASN G 91 25.84 25.25 -18.26
C ASN G 91 26.15 23.79 -18.59
N GLY G 92 26.15 23.48 -19.90
CA GLY G 92 26.40 22.17 -20.48
C GLY G 92 25.99 22.24 -21.92
N THR G 93 26.43 21.26 -22.70
CA THR G 93 26.13 21.24 -24.13
C THR G 93 26.06 22.64 -24.74
N CYS G 94 27.16 23.45 -24.55
CA CYS G 94 27.32 24.80 -25.09
C CYS G 94 27.44 24.78 -26.60
N TYR G 95 27.86 23.68 -27.19
CA TYR G 95 27.79 23.63 -28.62
C TYR G 95 26.47 22.89 -28.77
N PRO G 96 25.43 23.45 -29.39
CA PRO G 96 24.11 22.86 -29.46
C PRO G 96 24.12 21.47 -30.03
N GLY G 97 23.32 20.59 -29.45
CA GLY G 97 23.21 19.21 -29.93
C GLY G 97 22.58 18.34 -28.87
N ASP G 98 22.37 17.08 -29.21
CA ASP G 98 21.77 16.12 -28.29
C ASP G 98 22.78 15.40 -27.44
N PHE G 99 22.42 15.11 -26.23
CA PHE G 99 23.26 14.32 -25.38
C PHE G 99 22.48 13.03 -25.24
N ILE G 100 23.01 11.98 -25.79
CA ILE G 100 22.32 10.71 -25.88
C ILE G 100 22.33 9.96 -24.57
N ASP G 101 21.16 9.47 -24.17
CA ASP G 101 21.00 8.74 -22.94
C ASP G 101 21.53 9.54 -21.79
N TYR G 102 21.20 10.82 -21.79
CA TYR G 102 21.66 11.71 -20.77
C TYR G 102 21.07 11.34 -19.45
N GLU G 103 19.80 11.00 -19.42
CA GLU G 103 19.20 10.66 -18.15
C GLU G 103 19.83 9.41 -17.57
N GLU G 104 20.17 8.43 -18.39
CA GLU G 104 20.82 7.23 -17.87
C GLU G 104 22.19 7.57 -17.30
N LEU G 105 22.92 8.47 -17.94
CA LEU G 105 24.21 8.81 -17.39
C LEU G 105 24.06 9.50 -16.06
N ARG G 106 23.09 10.40 -15.97
CA ARG G 106 22.86 11.14 -14.74
C ARG G 106 22.53 10.20 -13.61
N GLU G 107 21.76 9.16 -13.90
CA GLU G 107 21.39 8.20 -12.88
C GLU G 107 22.61 7.43 -12.41
N GLN G 108 23.47 7.01 -13.33
CA GLN G 108 24.64 6.23 -12.96
C GLN G 108 25.63 6.99 -12.11
N LEU G 109 25.76 8.26 -12.35
CA LEU G 109 26.69 9.07 -11.60
C LEU G 109 26.15 9.59 -10.29
N SER G 110 24.92 9.29 -9.93
CA SER G 110 24.42 9.94 -8.73
C SER G 110 25.20 9.60 -7.48
N SER G 111 25.81 8.43 -7.41
CA SER G 111 26.60 8.06 -6.25
C SER G 111 27.74 7.19 -6.65
N VAL G 112 28.93 7.65 -6.32
CA VAL G 112 30.16 7.00 -6.70
C VAL G 112 31.06 6.81 -5.51
N SER G 113 31.57 5.59 -5.31
CA SER G 113 32.45 5.34 -4.17
C SER G 113 33.86 5.73 -4.46
N SER G 114 34.22 5.72 -5.72
CA SER G 114 35.57 6.11 -6.12
C SER G 114 35.56 6.71 -7.51
N PHE G 115 36.15 7.89 -7.69
CA PHE G 115 36.18 8.55 -8.99
C PHE G 115 37.48 9.26 -9.27
N GLU G 116 38.03 9.09 -10.47
CA GLU G 116 39.21 9.85 -10.85
C GLU G 116 39.20 10.22 -12.32
N ARG G 117 39.75 11.37 -12.63
CA ARG G 117 39.85 11.78 -14.01
C ARG G 117 41.26 11.63 -14.48
N PHE G 118 41.42 11.08 -15.67
CA PHE G 118 42.77 10.90 -16.20
C PHE G 118 42.80 11.21 -17.66
N GLU G 119 43.98 11.55 -18.17
CA GLU G 119 43.99 11.86 -19.60
C GLU G 119 44.18 10.57 -20.37
N ILE G 120 43.15 10.20 -21.14
CA ILE G 120 43.06 8.95 -21.89
C ILE G 120 43.82 8.98 -23.20
N PHE G 121 43.76 10.09 -23.89
CA PHE G 121 44.44 10.26 -25.17
C PHE G 121 45.15 11.59 -25.20
N PRO G 122 46.38 11.71 -24.71
CA PRO G 122 47.06 12.96 -24.53
C PRO G 122 47.03 13.87 -25.73
N LYS G 123 46.64 15.11 -25.45
CA LYS G 123 46.43 16.14 -26.47
C LYS G 123 47.58 16.42 -27.38
N THR G 124 48.78 16.37 -26.87
CA THR G 124 49.93 16.71 -27.65
C THR G 124 50.66 15.55 -28.30
N SER G 125 50.34 14.31 -27.92
CA SER G 125 51.09 13.20 -28.49
C SER G 125 50.25 12.17 -29.21
N SER G 126 48.94 12.21 -29.03
CA SER G 126 48.13 11.18 -29.63
C SER G 126 47.77 11.41 -31.09
N TRP G 127 47.76 12.64 -31.55
CA TRP G 127 47.32 12.84 -32.91
C TRP G 127 48.26 13.67 -33.76
N PRO G 128 49.43 13.15 -34.14
CA PRO G 128 50.45 13.85 -34.89
C PRO G 128 50.02 14.19 -36.30
N ASN G 129 48.99 13.52 -36.78
CA ASN G 129 48.51 13.73 -38.12
C ASN G 129 47.27 14.60 -38.19
N HIS G 130 46.85 15.17 -37.06
CA HIS G 130 45.63 15.95 -37.09
C HIS G 130 45.84 17.25 -36.33
N ASP G 131 45.04 18.25 -36.64
CA ASP G 131 45.17 19.51 -35.96
C ASP G 131 44.27 19.55 -34.73
N SER G 132 44.90 19.61 -33.56
CA SER G 132 44.22 19.58 -32.28
C SER G 132 44.12 20.96 -31.64
N ASN G 133 44.51 22.01 -32.36
CA ASN G 133 44.51 23.37 -31.82
C ASN G 133 43.44 24.31 -32.37
N LYS G 134 42.91 24.02 -33.54
CA LYS G 134 41.93 24.90 -34.17
C LYS G 134 40.50 24.59 -33.78
N GLY G 135 40.32 23.58 -32.97
CA GLY G 135 39.01 23.11 -32.55
C GLY G 135 38.35 23.99 -31.51
N VAL G 136 37.96 25.20 -31.90
CA VAL G 136 37.30 26.13 -30.99
C VAL G 136 36.01 26.70 -31.56
N THR G 137 35.18 27.25 -30.69
CA THR G 137 33.94 27.88 -31.10
C THR G 137 33.49 29.05 -30.25
N ALA G 138 32.75 29.95 -30.86
CA ALA G 138 32.20 31.10 -30.16
C ALA G 138 31.04 30.71 -29.28
N ALA G 139 30.51 29.52 -29.50
CA ALA G 139 29.42 29.01 -28.69
C ALA G 139 29.86 28.61 -27.26
N CYS G 140 31.19 28.38 -27.02
CA CYS G 140 31.75 27.91 -25.76
C CYS G 140 32.91 28.84 -25.39
N PRO G 141 32.68 30.14 -25.22
CA PRO G 141 33.71 31.11 -25.02
C PRO G 141 34.33 30.97 -23.67
N HIS G 142 35.57 31.37 -23.56
CA HIS G 142 36.25 31.40 -22.28
C HIS G 142 36.96 32.71 -22.10
N ALA G 143 36.48 33.51 -21.17
CA ALA G 143 37.04 34.84 -20.95
C ALA G 143 37.05 35.64 -22.25
N GLY G 144 36.02 35.45 -23.07
CA GLY G 144 35.87 36.15 -24.33
C GLY G 144 36.53 35.48 -25.54
N ALA G 145 37.36 34.47 -25.32
CA ALA G 145 38.06 33.79 -26.40
C ALA G 145 37.25 32.64 -26.92
N LYS G 146 37.43 32.28 -28.18
CA LYS G 146 36.76 31.07 -28.63
C LYS G 146 37.42 29.92 -27.90
N SER G 147 36.66 28.94 -27.50
CA SER G 147 37.24 27.80 -26.81
C SER G 147 36.43 26.56 -27.03
N PHE G 148 36.63 25.56 -26.20
CA PHE G 148 35.91 24.31 -26.36
C PHE G 148 35.87 23.58 -25.05
N TYR G 149 35.23 22.44 -25.04
CA TYR G 149 35.11 21.66 -23.85
C TYR G 149 36.47 21.18 -23.38
N LYS G 150 36.71 21.26 -22.09
CA LYS G 150 37.97 20.83 -21.55
C LYS G 150 38.25 19.35 -21.67
N ASN G 151 37.24 18.49 -21.68
CA ASN G 151 37.56 17.08 -21.73
C ASN G 151 37.56 16.51 -23.14
N LEU G 152 37.30 17.35 -24.15
CA LEU G 152 37.22 16.90 -25.54
C LEU G 152 38.10 17.69 -26.50
N ILE G 153 38.54 17.04 -27.55
CA ILE G 153 39.29 17.71 -28.60
C ILE G 153 38.61 17.60 -29.93
N TRP G 154 38.38 18.73 -30.54
CA TRP G 154 37.76 18.72 -31.84
C TRP G 154 38.87 18.76 -32.86
N LEU G 155 39.14 17.62 -33.47
CA LEU G 155 40.24 17.54 -34.40
C LEU G 155 39.78 18.00 -35.74
N VAL G 156 40.63 18.70 -36.43
CA VAL G 156 40.35 19.14 -37.78
C VAL G 156 41.50 18.75 -38.68
N LYS G 157 41.31 18.90 -39.98
CA LYS G 157 42.33 18.53 -40.94
C LYS G 157 43.60 19.30 -40.72
N LYS G 158 44.71 18.61 -40.94
CA LYS G 158 46.01 19.21 -40.80
C LYS G 158 46.46 19.62 -42.17
N GLY G 159 46.75 20.88 -42.36
CA GLY G 159 47.09 21.25 -43.71
C GLY G 159 45.87 21.01 -44.59
N ASN G 160 46.00 20.19 -45.62
CA ASN G 160 44.89 19.91 -46.50
C ASN G 160 44.40 18.46 -46.45
N SER G 161 44.62 17.76 -45.35
CA SER G 161 44.11 16.39 -45.30
C SER G 161 43.72 15.90 -43.94
N TYR G 162 42.89 14.87 -43.95
CA TYR G 162 42.45 14.24 -42.72
C TYR G 162 42.65 12.74 -42.88
N PRO G 163 43.85 12.23 -42.60
CA PRO G 163 44.21 10.85 -42.75
C PRO G 163 43.30 10.07 -41.86
N LYS G 164 43.00 8.86 -42.26
CA LYS G 164 42.15 8.06 -41.43
C LYS G 164 42.75 7.90 -40.04
N LEU G 165 41.91 8.15 -39.06
CA LEU G 165 42.25 8.10 -37.66
C LEU G 165 41.98 6.75 -37.07
N SER G 166 42.93 6.23 -36.28
CA SER G 166 42.72 4.97 -35.58
C SER G 166 43.40 4.93 -34.21
N LYS G 167 42.59 4.80 -33.16
CA LYS G 167 43.06 4.76 -31.76
C LYS G 167 42.40 3.76 -30.87
N SER G 168 43.11 3.36 -29.84
CA SER G 168 42.52 2.49 -28.86
C SER G 168 43.07 2.72 -27.47
N TYR G 169 42.30 2.30 -26.50
CA TYR G 169 42.70 2.33 -25.10
C TYR G 169 42.30 1.08 -24.42
N ILE G 170 43.21 0.48 -23.67
CA ILE G 170 42.92 -0.74 -22.96
C ILE G 170 42.73 -0.49 -21.49
N ASN G 171 41.56 -0.84 -20.99
CA ASN G 171 41.25 -0.59 -19.60
C ASN G 171 41.65 -1.74 -18.73
N ASP G 172 42.93 -1.94 -18.47
CA ASP G 172 43.33 -3.11 -17.71
C ASP G 172 43.55 -2.89 -16.22
N LYS G 173 43.16 -1.73 -15.71
CA LYS G 173 43.40 -1.41 -14.32
C LYS G 173 42.34 -1.81 -13.28
N GLY G 174 41.14 -2.19 -13.70
CA GLY G 174 40.12 -2.64 -12.72
C GLY G 174 38.88 -1.77 -12.46
N LYS G 175 38.85 -0.51 -12.87
CA LYS G 175 37.66 0.30 -12.66
C LYS G 175 36.94 0.42 -13.98
N GLU G 176 35.69 0.84 -13.97
CA GLU G 176 35.05 1.01 -15.26
C GLU G 176 35.41 2.38 -15.76
N VAL G 177 35.55 2.53 -17.06
CA VAL G 177 35.89 3.84 -17.56
C VAL G 177 34.83 4.45 -18.44
N LEU G 178 34.43 5.66 -18.09
CA LEU G 178 33.46 6.40 -18.84
C LEU G 178 34.14 7.21 -19.89
N VAL G 179 33.78 6.92 -21.11
CA VAL G 179 34.39 7.58 -22.24
C VAL G 179 33.34 8.33 -22.99
N LEU G 180 33.60 9.59 -23.26
CA LEU G 180 32.67 10.41 -24.00
C LEU G 180 33.30 10.92 -25.25
N TRP G 181 32.49 11.11 -26.26
CA TRP G 181 32.96 11.62 -27.53
C TRP G 181 31.81 12.29 -28.20
N GLY G 182 32.06 12.94 -29.31
CA GLY G 182 30.92 13.49 -29.99
C GLY G 182 31.11 13.60 -31.46
N ILE G 183 30.04 13.94 -32.14
CA ILE G 183 30.10 14.02 -33.58
C ILE G 183 29.64 15.32 -34.10
N HIS G 184 30.46 15.90 -34.94
CA HIS G 184 30.13 17.18 -35.51
C HIS G 184 29.32 17.02 -36.78
N HIS G 185 28.23 17.78 -36.84
CA HIS G 185 27.32 17.83 -37.95
C HIS G 185 27.29 19.27 -38.49
N PRO G 186 28.12 19.59 -39.48
CA PRO G 186 28.29 20.89 -40.05
C PRO G 186 27.02 21.39 -40.65
N SER G 187 26.90 22.70 -40.71
CA SER G 187 25.76 23.32 -41.34
C SER G 187 25.76 23.05 -42.81
N THR G 188 26.90 23.28 -43.46
CA THR G 188 26.93 23.03 -44.90
C THR G 188 28.16 22.29 -45.40
N SER G 189 28.16 21.99 -46.70
CA SER G 189 29.26 21.26 -47.32
C SER G 189 30.54 22.07 -47.33
N ALA G 190 30.41 23.38 -47.27
CA ALA G 190 31.56 24.27 -47.20
C ALA G 190 32.26 24.12 -45.86
N ASP G 191 31.53 23.74 -44.81
CA ASP G 191 32.13 23.62 -43.51
C ASP G 191 32.80 22.28 -43.45
N GLN G 192 32.22 21.32 -44.14
CA GLN G 192 32.83 20.01 -44.15
C GLN G 192 34.19 20.14 -44.84
N GLN G 193 34.26 20.95 -45.88
CA GLN G 193 35.52 21.16 -46.56
C GLN G 193 36.51 21.97 -45.75
N SER G 194 36.02 22.95 -45.01
CA SER G 194 36.87 23.78 -44.16
C SER G 194 37.49 22.98 -43.03
N LEU G 195 36.70 22.13 -42.38
CA LEU G 195 37.15 21.37 -41.25
C LEU G 195 37.75 20.00 -41.53
N TYR G 196 37.19 19.21 -42.43
CA TYR G 196 37.69 17.85 -42.58
C TYR G 196 38.27 17.51 -43.94
N GLN G 197 37.82 18.18 -44.99
CA GLN G 197 38.23 17.94 -46.39
C GLN G 197 37.56 16.72 -46.99
N ASN G 198 37.66 15.60 -46.31
CA ASN G 198 37.00 14.44 -46.84
C ASN G 198 35.52 14.79 -46.88
N ALA G 199 34.91 14.68 -48.06
CA ALA G 199 33.52 15.08 -48.24
C ALA G 199 32.49 14.10 -47.71
N ASP G 200 32.85 12.83 -47.66
CA ASP G 200 31.92 11.80 -47.21
C ASP G 200 32.62 10.95 -46.18
N THR G 201 32.30 11.19 -44.94
CA THR G 201 32.99 10.60 -43.83
C THR G 201 32.12 9.74 -42.97
N TYR G 202 32.76 9.01 -42.10
CA TYR G 202 32.08 8.22 -41.11
C TYR G 202 32.91 8.17 -39.86
N VAL G 203 32.25 7.82 -38.79
CA VAL G 203 32.88 7.61 -37.50
C VAL G 203 32.50 6.27 -36.95
N PHE G 204 33.44 5.49 -36.49
CA PHE G 204 33.11 4.22 -35.90
C PHE G 204 33.69 4.07 -34.50
N VAL G 205 32.84 3.67 -33.56
CA VAL G 205 33.30 3.47 -32.19
C VAL G 205 32.86 2.13 -31.64
N GLY G 206 33.75 1.46 -30.90
CA GLY G 206 33.31 0.19 -30.32
C GLY G 206 34.20 -0.43 -29.24
N SER G 207 33.64 -1.44 -28.61
CA SER G 207 34.20 -2.21 -27.50
C SER G 207 33.67 -3.62 -27.65
N SER G 208 33.85 -4.48 -26.65
CA SER G 208 33.30 -5.82 -26.79
C SER G 208 31.77 -5.79 -26.67
N ARG G 209 31.22 -4.71 -26.12
CA ARG G 209 29.79 -4.57 -25.92
C ARG G 209 29.15 -3.49 -26.80
N TYR G 210 29.91 -2.48 -27.15
CA TYR G 210 29.37 -1.36 -27.88
C TYR G 210 29.84 -1.37 -29.31
N SER G 211 28.94 -1.17 -30.25
CA SER G 211 29.38 -1.09 -31.61
C SER G 211 28.51 -0.20 -32.44
N LYS G 212 29.04 0.91 -32.91
CA LYS G 212 28.20 1.80 -33.68
C LYS G 212 28.89 2.61 -34.76
N LYS G 213 28.35 2.54 -35.98
CA LYS G 213 28.84 3.39 -37.04
C LYS G 213 27.93 4.60 -37.13
N PHE G 214 28.53 5.76 -37.21
CA PHE G 214 27.82 7.02 -37.30
C PHE G 214 28.14 7.67 -38.61
N LYS G 215 27.23 8.48 -39.14
CA LYS G 215 27.52 9.18 -40.38
C LYS G 215 26.96 10.60 -40.24
N PRO G 216 27.74 11.68 -40.47
CA PRO G 216 27.32 13.06 -40.36
C PRO G 216 26.13 13.42 -41.20
N GLU G 217 25.26 14.26 -40.64
CA GLU G 217 24.07 14.74 -41.31
C GLU G 217 24.20 16.24 -41.52
N ILE G 218 24.65 16.64 -42.70
CA ILE G 218 24.88 18.04 -43.00
C ILE G 218 23.60 18.70 -43.45
N ALA G 219 23.25 19.79 -42.78
CA ALA G 219 22.01 20.52 -43.08
C ALA G 219 22.02 21.89 -42.45
N ILE G 220 21.25 22.83 -43.00
CA ILE G 220 21.17 24.10 -42.32
C ILE G 220 20.07 24.01 -41.30
N ARG G 221 20.42 24.21 -40.05
CA ARG G 221 19.46 24.10 -38.98
C ARG G 221 19.18 25.48 -38.44
N PRO G 222 18.12 25.69 -37.66
CA PRO G 222 17.86 26.94 -36.98
C PRO G 222 19.07 27.27 -36.16
N LYS G 223 19.39 28.55 -36.10
CA LYS G 223 20.56 28.98 -35.40
C LYS G 223 20.40 29.07 -33.90
N VAL G 224 21.27 28.36 -33.18
CA VAL G 224 21.27 28.31 -31.73
C VAL G 224 22.66 28.68 -31.21
N ARG G 225 22.77 29.68 -30.35
CA ARG G 225 24.08 30.12 -29.86
C ARG G 225 25.02 30.38 -31.03
N ASP G 226 24.45 30.99 -32.06
CA ASP G 226 25.08 31.37 -33.31
C ASP G 226 25.52 30.22 -34.21
N GLN G 227 25.18 28.98 -33.87
CA GLN G 227 25.59 27.86 -34.70
C GLN G 227 24.45 27.35 -35.57
N GLU G 228 24.76 27.03 -36.82
CA GLU G 228 23.76 26.44 -37.73
C GLU G 228 23.90 24.94 -37.83
N GLY G 229 24.85 24.39 -37.08
CA GLY G 229 25.10 22.97 -37.09
C GLY G 229 24.83 22.42 -35.70
N ARG G 230 25.20 21.17 -35.49
CA ARG G 230 24.98 20.52 -34.20
C ARG G 230 26.12 19.61 -33.84
N MET G 231 26.29 19.35 -32.56
CA MET G 231 27.29 18.37 -32.16
C MET G 231 26.69 17.42 -31.16
N ASN G 232 26.61 16.16 -31.48
CA ASN G 232 25.96 15.24 -30.56
C ASN G 232 26.96 14.60 -29.64
N TYR G 233 26.52 14.25 -28.44
CA TYR G 233 27.41 13.65 -27.48
C TYR G 233 26.97 12.26 -27.11
N TYR G 234 27.92 11.35 -27.16
CA TYR G 234 27.72 9.95 -26.90
C TYR G 234 28.65 9.45 -25.83
N TRP G 235 28.26 8.39 -25.15
CA TRP G 235 29.15 7.84 -24.16
C TRP G 235 28.95 6.37 -23.97
N THR G 236 29.98 5.71 -23.49
CA THR G 236 29.86 4.32 -23.12
C THR G 236 30.73 4.03 -21.94
N LEU G 237 30.62 2.83 -21.40
CA LEU G 237 31.46 2.42 -20.31
C LEU G 237 32.32 1.26 -20.74
N VAL G 238 33.60 1.31 -20.42
CA VAL G 238 34.47 0.24 -20.77
C VAL G 238 34.75 -0.60 -19.55
N GLU G 239 34.33 -1.84 -19.59
CA GLU G 239 34.50 -2.71 -18.45
C GLU G 239 35.97 -3.09 -18.34
N PRO G 240 36.47 -3.44 -17.16
CA PRO G 240 37.82 -3.86 -16.97
C PRO G 240 38.18 -5.01 -17.85
N GLY G 241 39.33 -4.91 -18.47
CA GLY G 241 39.88 -5.92 -19.35
C GLY G 241 39.53 -5.67 -20.80
N ASP G 242 38.59 -4.77 -21.06
CA ASP G 242 38.21 -4.51 -22.42
C ASP G 242 38.95 -3.34 -22.97
N LYS G 243 38.71 -3.02 -24.24
CA LYS G 243 39.30 -1.87 -24.86
C LYS G 243 38.30 -1.16 -25.71
N ILE G 244 38.48 0.14 -25.84
CA ILE G 244 37.62 0.93 -26.67
C ILE G 244 38.41 1.45 -27.83
N THR G 245 37.81 1.39 -29.02
CA THR G 245 38.50 1.88 -30.17
C THR G 245 37.70 2.96 -30.85
N PHE G 246 38.43 3.83 -31.52
CA PHE G 246 37.88 4.89 -32.32
C PHE G 246 38.49 4.89 -33.71
N GLU G 247 37.65 5.05 -34.70
CA GLU G 247 38.08 5.13 -36.07
C GLU G 247 37.33 6.23 -36.80
N ALA G 248 38.01 7.07 -37.56
CA ALA G 248 37.25 8.08 -38.26
C ALA G 248 37.91 8.65 -39.48
N THR G 249 37.09 9.11 -40.40
CA THR G 249 37.58 9.81 -41.56
C THR G 249 37.19 11.27 -41.50
N GLY G 250 36.64 11.65 -40.37
CA GLY G 250 36.24 13.02 -40.14
C GLY G 250 35.07 13.08 -39.19
N ASN G 251 34.78 14.27 -38.72
CA ASN G 251 33.66 14.60 -37.85
C ASN G 251 33.67 13.99 -36.46
N LEU G 252 34.79 13.48 -36.03
CA LEU G 252 34.87 12.96 -34.67
C LEU G 252 35.56 13.87 -33.71
N VAL G 253 34.89 14.12 -32.60
CA VAL G 253 35.42 14.88 -31.50
C VAL G 253 35.87 13.82 -30.51
N VAL G 254 37.14 13.83 -30.13
CA VAL G 254 37.68 12.75 -29.35
C VAL G 254 37.90 13.12 -27.93
N PRO G 255 37.82 12.20 -26.99
CA PRO G 255 38.10 12.46 -25.63
C PRO G 255 39.54 12.70 -25.44
N ARG G 256 39.87 13.51 -24.47
CA ARG G 256 41.25 13.60 -24.09
C ARG G 256 41.22 13.11 -22.67
N TYR G 257 40.13 13.44 -21.96
CA TYR G 257 39.96 12.99 -20.57
C TYR G 257 38.85 11.99 -20.46
N ALA G 258 38.99 11.08 -19.52
CA ALA G 258 38.02 10.03 -19.25
C ALA G 258 37.96 9.76 -17.77
N PHE G 259 36.88 9.16 -17.33
CA PHE G 259 36.74 8.98 -15.89
C PHE G 259 36.72 7.55 -15.44
N ALA G 260 37.55 7.21 -14.48
CA ALA G 260 37.54 5.85 -13.96
C ALA G 260 36.68 5.82 -12.72
N MET G 261 35.83 4.81 -12.57
CA MET G 261 34.99 4.81 -11.38
C MET G 261 34.44 3.49 -10.89
N GLU G 262 33.99 3.54 -9.64
CA GLU G 262 33.25 2.46 -8.99
C GLU G 262 31.96 3.05 -8.45
N ARG G 263 30.82 2.56 -8.95
CA ARG G 263 29.50 3.11 -8.60
C ARG G 263 28.78 2.47 -7.44
N ASN G 264 27.95 3.27 -6.78
CA ASN G 264 27.07 2.81 -5.72
C ASN G 264 25.64 2.79 -6.22
N ALA G 265 24.79 2.02 -5.60
CA ALA G 265 23.39 2.04 -5.97
C ALA G 265 22.55 2.79 -4.94
N GLY G 266 21.39 3.29 -5.34
CA GLY G 266 20.44 3.86 -4.39
C GLY G 266 20.43 5.38 -4.12
N SER G 267 21.13 6.20 -4.92
CA SER G 267 21.08 7.63 -4.64
C SER G 267 20.40 8.39 -5.76
N GLY G 268 20.59 9.70 -5.81
CA GLY G 268 19.89 10.51 -6.78
C GLY G 268 20.39 11.94 -6.85
N ILE G 269 19.62 12.77 -7.53
CA ILE G 269 20.00 14.15 -7.76
C ILE G 269 18.99 15.09 -7.15
N ILE G 270 19.48 16.04 -6.38
CA ILE G 270 18.66 17.06 -5.76
C ILE G 270 18.82 18.38 -6.42
N ILE G 271 17.70 18.99 -6.76
CA ILE G 271 17.75 20.29 -7.37
C ILE G 271 17.35 21.26 -6.28
N SER G 272 18.27 22.10 -5.86
CA SER G 272 17.97 22.96 -4.73
C SER G 272 18.93 24.11 -4.54
N ASP G 273 18.44 25.20 -3.95
CA ASP G 273 19.28 26.34 -3.58
C ASP G 273 19.71 26.30 -2.11
N THR G 274 19.34 25.23 -1.43
CA THR G 274 19.67 25.02 -0.05
C THR G 274 21.19 24.86 -0.04
N PRO G 275 21.94 25.53 0.86
CA PRO G 275 23.39 25.50 0.95
C PRO G 275 23.92 24.18 1.47
N VAL G 276 25.16 23.87 1.14
CA VAL G 276 25.83 22.67 1.62
C VAL G 276 26.67 22.97 2.84
N HIS G 277 26.51 22.16 3.88
CA HIS G 277 27.20 22.33 5.14
C HIS G 277 27.85 21.09 5.70
N ASP G 278 28.83 21.28 6.55
CA ASP G 278 29.48 20.12 7.13
C ASP G 278 28.67 19.65 8.36
N CYS G 279 27.70 18.77 8.08
CA CYS G 279 26.73 18.17 8.98
C CYS G 279 26.45 16.78 8.47
N ASN G 280 25.92 15.92 9.34
CA ASN G 280 25.60 14.57 8.92
C ASN G 280 24.10 14.32 9.06
N THR G 281 23.55 13.52 8.12
CA THR G 281 22.18 13.02 8.19
C THR G 281 22.09 11.60 7.70
N THR G 282 20.91 11.07 7.86
CA THR G 282 20.48 9.76 7.39
C THR G 282 19.40 9.82 6.28
N CYS G 283 18.76 11.01 6.11
CA CYS G 283 17.68 11.35 5.20
C CYS G 283 17.84 12.81 4.78
N GLN G 284 17.76 13.04 3.49
CA GLN G 284 17.92 14.37 2.93
C GLN G 284 16.83 14.72 1.93
N THR G 285 16.22 15.88 2.08
CA THR G 285 15.25 16.28 1.07
C THR G 285 15.72 17.65 0.53
N PRO G 286 15.21 18.20 -0.59
CA PRO G 286 15.62 19.48 -1.16
C PRO G 286 15.48 20.68 -0.24
N LYS G 287 14.63 20.58 0.77
CA LYS G 287 14.42 21.69 1.68
C LYS G 287 15.43 21.71 2.80
N GLY G 288 16.21 20.66 2.91
CA GLY G 288 17.17 20.52 3.99
C GLY G 288 17.10 19.12 4.59
N ALA G 289 18.10 18.75 5.33
CA ALA G 289 18.16 17.45 5.93
C ALA G 289 17.12 17.24 7.01
N ILE G 290 16.67 16.00 7.14
CA ILE G 290 15.69 15.59 8.15
C ILE G 290 16.39 14.67 9.15
N ASN G 291 16.30 14.95 10.47
CA ASN G 291 16.91 14.14 11.53
C ASN G 291 15.82 13.72 12.52
N THR G 292 15.30 12.48 12.38
CA THR G 292 14.19 11.98 13.18
C THR G 292 14.13 10.48 13.18
N SER G 293 13.50 9.94 14.22
CA SER G 293 13.23 8.53 14.33
C SER G 293 11.74 8.23 14.14
N LEU G 294 10.96 9.27 13.86
CA LEU G 294 9.52 9.07 13.73
C LEU G 294 9.21 8.49 12.37
N PRO G 295 8.15 7.68 12.23
CA PRO G 295 7.74 7.04 11.00
C PRO G 295 7.18 7.91 9.89
N PHE G 296 6.68 9.12 10.19
CA PHE G 296 6.10 9.89 9.10
C PHE G 296 6.65 11.28 9.04
N GLN G 297 6.64 11.87 7.86
CA GLN G 297 7.04 13.26 7.68
C GLN G 297 6.11 13.96 6.71
N ASN G 298 5.98 15.26 6.86
CA ASN G 298 5.16 16.02 5.92
C ASN G 298 5.93 17.19 5.35
N ILE G 299 7.21 16.99 5.15
CA ILE G 299 8.10 18.02 4.67
C ILE G 299 8.18 18.01 3.16
N HIS G 300 8.41 16.85 2.57
CA HIS G 300 8.54 16.84 1.13
C HIS G 300 8.37 15.42 0.55
N PRO G 301 7.68 15.23 -0.58
CA PRO G 301 7.54 13.97 -1.29
C PRO G 301 8.81 13.31 -1.81
N ILE G 302 9.88 14.07 -2.04
CA ILE G 302 11.09 13.46 -2.60
C ILE G 302 12.24 13.46 -1.64
N THR G 303 12.73 12.29 -1.33
CA THR G 303 13.84 12.18 -0.42
C THR G 303 14.91 11.18 -0.89
N ILE G 304 16.10 11.28 -0.29
CA ILE G 304 17.17 10.31 -0.44
C ILE G 304 17.59 9.82 0.95
N GLY G 305 17.67 8.52 1.14
CA GLY G 305 18.07 7.99 2.45
C GLY G 305 17.03 7.15 3.13
N LYS G 306 17.29 6.80 4.39
CA LYS G 306 16.38 5.93 5.15
C LYS G 306 15.33 6.79 5.83
N CYS G 307 14.41 7.31 5.01
CA CYS G 307 13.44 8.35 5.34
C CYS G 307 12.09 7.88 5.91
N PRO G 308 11.41 8.73 6.68
CA PRO G 308 10.04 8.58 7.11
C PRO G 308 9.17 8.64 5.88
N LYS G 309 8.00 8.04 5.95
CA LYS G 309 7.11 8.07 4.79
C LYS G 309 6.44 9.40 4.70
N TYR G 310 6.28 9.90 3.48
CA TYR G 310 5.59 11.17 3.29
C TYR G 310 4.11 11.02 3.39
N VAL G 311 3.48 11.88 4.17
CA VAL G 311 2.04 11.89 4.31
C VAL G 311 1.47 13.26 4.02
N LYS G 312 0.19 13.32 3.72
CA LYS G 312 -0.47 14.61 3.45
C LYS G 312 -1.02 15.26 4.70
N SER G 313 -0.94 14.54 5.79
CA SER G 313 -1.44 14.97 7.08
C SER G 313 -0.62 16.04 7.71
N THR G 314 -1.29 16.87 8.48
CA THR G 314 -0.64 17.93 9.22
C THR G 314 -0.48 17.60 10.68
N LYS G 315 -1.07 16.49 11.12
CA LYS G 315 -1.02 16.13 12.53
C LYS G 315 -1.28 14.66 12.84
N LEU G 316 -0.30 14.01 13.44
CA LEU G 316 -0.41 12.63 13.87
C LEU G 316 0.00 12.56 15.32
N ARG G 317 -0.90 12.98 16.20
CA ARG G 317 -0.58 13.05 17.60
C ARG G 317 -1.24 11.91 18.33
N LEU G 318 -0.41 11.10 18.94
CA LEU G 318 -0.81 9.91 19.64
C LEU G 318 -0.84 10.19 21.14
N ALA G 319 -1.98 10.02 21.75
CA ALA G 319 -2.15 10.29 23.17
C ALA G 319 -1.42 9.28 23.99
N THR G 320 -0.82 9.71 25.09
CA THR G 320 -0.22 8.72 25.96
C THR G 320 -0.85 8.90 27.30
N GLY G 321 -1.27 10.12 27.56
CA GLY G 321 -1.75 10.49 28.86
C GLY G 321 -3.24 10.37 29.07
N LEU G 322 -3.67 11.00 30.13
CA LEU G 322 -5.03 10.95 30.59
C LEU G 322 -5.86 11.99 29.92
N ARG G 323 -7.14 11.76 29.84
CA ARG G 323 -7.99 12.82 29.35
C ARG G 323 -7.72 13.94 30.36
N ASN G 324 -7.43 15.12 29.89
CA ASN G 324 -7.07 16.20 30.81
C ASN G 324 -8.25 17.04 31.21
N ILE G 325 -8.74 16.87 32.42
CA ILE G 325 -9.91 17.61 32.85
C ILE G 325 -9.75 18.39 34.14
N PRO G 326 -9.22 19.61 34.12
CA PRO G 326 -9.21 20.51 35.25
C PRO G 326 -10.68 20.86 35.45
N SER G 327 -11.11 21.13 36.70
CA SER G 327 -12.47 21.55 37.05
C SER G 327 -12.44 22.05 38.48
N PHE H 9 -18.70 8.46 35.79
CA PHE H 9 -18.12 7.73 36.92
C PHE H 9 -17.47 8.76 37.88
N ILE H 10 -16.36 9.43 37.42
CA ILE H 10 -15.62 10.49 38.13
C ILE H 10 -15.64 11.77 37.29
N GLU H 11 -16.03 12.88 37.93
CA GLU H 11 -16.19 14.19 37.29
C GLU H 11 -14.98 14.84 36.63
N GLY H 12 -13.78 14.64 37.16
CA GLY H 12 -12.60 15.27 36.59
C GLY H 12 -11.36 14.84 37.33
N GLY H 13 -10.22 15.39 36.95
CA GLY H 13 -8.98 14.98 37.59
C GLY H 13 -8.55 15.92 38.69
N TRP H 14 -7.41 15.63 39.27
CA TRP H 14 -6.83 16.38 40.36
C TRP H 14 -5.52 17.03 39.95
N THR H 15 -5.29 18.25 40.39
CA THR H 15 -4.04 18.90 40.03
C THR H 15 -3.01 18.84 41.13
N GLY H 16 -3.43 18.58 42.36
CA GLY H 16 -2.47 18.49 43.46
C GLY H 16 -1.74 17.15 43.39
N MET H 17 -2.30 16.25 42.63
CA MET H 17 -1.73 14.95 42.47
C MET H 17 -0.70 15.00 41.40
N VAL H 18 0.51 15.30 41.77
CA VAL H 18 1.54 15.48 40.75
C VAL H 18 2.61 14.41 40.70
N ASP H 19 2.45 13.34 41.46
CA ASP H 19 3.43 12.27 41.50
C ASP H 19 3.09 10.99 40.72
N GLY H 20 2.11 11.06 39.83
CA GLY H 20 1.74 9.91 39.02
C GLY H 20 0.37 10.09 38.40
N TRP H 21 0.03 9.24 37.43
CA TRP H 21 -1.25 9.32 36.75
C TRP H 21 -2.43 8.89 37.57
N TYR H 22 -2.26 7.92 38.45
CA TYR H 22 -3.37 7.39 39.20
C TYR H 22 -3.11 7.51 40.65
N GLY H 23 -4.14 7.71 41.44
CA GLY H 23 -3.85 7.76 42.87
C GLY H 23 -5.01 8.06 43.76
N TYR H 24 -4.65 8.39 44.98
CA TYR H 24 -5.56 8.64 46.06
C TYR H 24 -5.47 10.02 46.66
N HIS H 25 -6.57 10.46 47.21
CA HIS H 25 -6.65 11.67 47.99
C HIS H 25 -7.24 11.30 49.32
N HIS H 26 -6.73 11.87 50.38
CA HIS H 26 -7.31 11.51 51.66
C HIS H 26 -7.41 12.68 52.58
N GLN H 27 -8.28 12.53 53.55
CA GLN H 27 -8.42 13.50 54.60
C GLN H 27 -8.71 12.74 55.87
N ASN H 28 -7.96 12.99 56.92
CA ASN H 28 -8.25 12.36 58.18
C ASN H 28 -7.85 13.33 59.26
N GLU H 29 -8.07 12.97 60.48
CA GLU H 29 -7.75 13.89 61.56
C GLU H 29 -6.31 14.42 61.53
N GLN H 30 -5.37 13.59 61.10
CA GLN H 30 -3.95 13.94 61.12
C GLN H 30 -3.41 14.64 59.89
N GLY H 31 -4.21 14.85 58.86
CA GLY H 31 -3.68 15.46 57.65
C GLY H 31 -4.48 15.16 56.39
N SER H 32 -4.03 15.69 55.28
CA SER H 32 -4.71 15.47 54.02
C SER H 32 -3.75 15.67 52.89
N GLY H 33 -4.12 15.21 51.70
CA GLY H 33 -3.28 15.43 50.53
C GLY H 33 -3.44 14.35 49.48
N TYR H 34 -2.54 14.35 48.51
CA TYR H 34 -2.63 13.41 47.41
C TYR H 34 -1.40 12.54 47.35
N ALA H 35 -1.56 11.30 46.91
CA ALA H 35 -0.43 10.43 46.67
C ALA H 35 -0.75 9.46 45.55
N ALA H 36 0.23 9.20 44.71
CA ALA H 36 0.04 8.27 43.61
C ALA H 36 -0.01 6.83 44.05
N ASP H 37 -0.76 6.04 43.32
CA ASP H 37 -0.74 4.60 43.48
C ASP H 37 0.32 4.17 42.52
N LEU H 38 1.50 3.89 43.05
CA LEU H 38 2.65 3.67 42.23
C LEU H 38 2.59 2.41 41.42
N LYS H 39 2.00 1.34 41.95
CA LYS H 39 1.98 0.14 41.15
C LYS H 39 1.08 0.33 39.96
N SER H 40 -0.06 0.96 40.16
CA SER H 40 -0.98 1.17 39.05
C SER H 40 -0.38 2.10 38.03
N THR H 41 0.21 3.18 38.51
CA THR H 41 0.77 4.16 37.61
C THR H 41 1.91 3.58 36.83
N GLN H 42 2.81 2.86 37.46
CA GLN H 42 3.92 2.39 36.69
C GLN H 42 3.49 1.37 35.68
N ASN H 43 2.52 0.52 36.00
CA ASN H 43 2.15 -0.44 34.99
C ASN H 43 1.51 0.23 33.81
N ALA H 44 0.70 1.27 34.05
CA ALA H 44 0.08 1.97 32.94
C ALA H 44 1.13 2.62 32.08
N ILE H 45 2.15 3.17 32.71
CA ILE H 45 3.20 3.83 31.96
C ILE H 45 3.96 2.84 31.13
N ASP H 46 4.33 1.71 31.68
CA ASP H 46 5.11 0.79 30.90
C ASP H 46 4.31 0.27 29.73
N LYS H 47 3.02 0.01 29.93
CA LYS H 47 2.19 -0.51 28.87
C LYS H 47 2.14 0.49 27.73
N ILE H 48 1.81 1.72 28.04
CA ILE H 48 1.69 2.76 27.05
C ILE H 48 3.00 3.10 26.40
N THR H 49 4.07 3.18 27.16
CA THR H 49 5.35 3.51 26.58
C THR H 49 5.68 2.47 25.54
N ASN H 50 5.47 1.20 25.86
CA ASN H 50 5.78 0.17 24.91
C ASN H 50 4.90 0.28 23.68
N LYS H 51 3.64 0.67 23.85
CA LYS H 51 2.72 0.86 22.74
C LYS H 51 3.22 1.90 21.76
N VAL H 52 3.67 3.01 22.28
CA VAL H 52 4.16 4.07 21.43
C VAL H 52 5.39 3.60 20.71
N ASN H 53 6.28 2.95 21.42
CA ASN H 53 7.48 2.52 20.77
C ASN H 53 7.16 1.54 19.68
N SER H 54 6.19 0.65 19.88
CA SER H 54 5.87 -0.32 18.85
C SER H 54 5.43 0.36 17.56
N VAL H 55 4.61 1.38 17.68
CA VAL H 55 4.15 2.07 16.48
C VAL H 55 5.32 2.64 15.69
N ILE H 56 6.30 3.18 16.37
CA ILE H 56 7.46 3.77 15.73
C ILE H 56 8.49 2.72 15.24
N GLU H 57 8.85 1.80 16.10
CA GLU H 57 9.87 0.79 15.90
C GLU H 57 9.58 -0.17 14.77
N LYS H 58 8.33 -0.48 14.55
CA LYS H 58 7.99 -1.43 13.51
C LYS H 58 8.26 -0.95 12.10
N MET H 59 8.39 0.35 11.85
CA MET H 59 8.63 0.72 10.47
C MET H 59 10.13 0.70 10.21
N ASN H 60 10.54 0.07 9.11
CA ASN H 60 11.96 -0.02 8.77
C ASN H 60 12.25 0.29 7.32
N THR H 61 12.59 1.53 7.05
CA THR H 61 12.85 2.03 5.71
C THR H 61 14.22 1.59 5.18
N GLN H 62 14.26 1.18 3.92
CA GLN H 62 15.52 0.82 3.25
C GLN H 62 16.12 2.08 2.69
N PHE H 63 17.43 2.14 2.50
CA PHE H 63 17.97 3.35 1.93
C PHE H 63 17.41 3.47 0.53
N THR H 64 16.81 4.61 0.21
CA THR H 64 16.25 4.76 -1.12
C THR H 64 16.51 6.09 -1.77
N ALA H 65 16.01 6.22 -2.99
CA ALA H 65 16.07 7.46 -3.73
C ALA H 65 14.77 7.54 -4.49
N VAL H 66 13.96 8.50 -4.11
CA VAL H 66 12.62 8.64 -4.63
C VAL H 66 12.52 9.31 -5.99
N GLY H 67 13.26 10.38 -6.21
CA GLY H 67 13.10 11.12 -7.44
C GLY H 67 13.64 10.36 -8.64
N LYS H 68 13.01 10.57 -9.78
CA LYS H 68 13.39 9.98 -11.05
C LYS H 68 13.32 11.03 -12.12
N GLU H 69 14.17 10.91 -13.13
CA GLU H 69 14.14 11.87 -14.21
C GLU H 69 13.82 11.26 -15.55
N PHE H 70 12.87 11.87 -16.23
CA PHE H 70 12.41 11.41 -17.53
C PHE H 70 12.48 12.54 -18.52
N ASN H 71 12.67 12.22 -19.79
CA ASN H 71 12.79 13.23 -20.83
C ASN H 71 11.53 13.52 -21.62
N HIS H 72 11.72 14.36 -22.61
CA HIS H 72 10.71 14.84 -23.54
C HIS H 72 9.79 13.75 -24.10
N LEU H 73 10.33 12.59 -24.42
CA LEU H 73 9.53 11.53 -25.03
C LEU H 73 9.24 10.36 -24.12
N GLU H 74 9.32 10.57 -22.83
CA GLU H 74 9.06 9.52 -21.87
C GLU H 74 7.96 9.89 -20.92
N LYS H 75 6.93 10.55 -21.43
CA LYS H 75 5.86 11.04 -20.59
C LYS H 75 5.06 9.92 -20.01
N ARG H 76 4.88 8.82 -20.73
CA ARG H 76 4.07 7.77 -20.16
C ARG H 76 4.77 7.18 -18.94
N ILE H 77 6.10 7.15 -18.96
CA ILE H 77 6.80 6.58 -17.85
C ILE H 77 6.74 7.57 -16.73
N GLU H 78 6.95 8.85 -17.01
CA GLU H 78 6.88 9.81 -15.93
C GLU H 78 5.55 9.74 -15.24
N ASN H 79 4.47 9.57 -16.00
CA ASN H 79 3.18 9.49 -15.40
C ASN H 79 3.02 8.19 -14.62
N LEU H 80 3.72 7.11 -15.01
CA LEU H 80 3.67 5.88 -14.26
C LEU H 80 4.34 6.11 -12.94
N ASN H 81 5.46 6.80 -12.94
CA ASN H 81 6.13 7.07 -11.70
C ASN H 81 5.26 7.89 -10.78
N LYS H 82 4.54 8.87 -11.32
CA LYS H 82 3.67 9.66 -10.49
C LYS H 82 2.59 8.77 -9.91
N LYS H 83 2.02 7.90 -10.71
CA LYS H 83 0.97 7.00 -10.25
C LYS H 83 1.45 6.21 -9.05
N VAL H 84 2.68 5.73 -9.11
CA VAL H 84 3.23 4.98 -8.01
C VAL H 84 3.36 5.84 -6.77
N ASP H 85 3.90 7.05 -6.90
CA ASP H 85 4.04 7.90 -5.71
C ASP H 85 2.73 8.28 -5.11
N ASP H 86 1.73 8.54 -5.94
CA ASP H 86 0.45 8.95 -5.42
C ASP H 86 -0.24 7.81 -4.74
N GLY H 87 -0.10 6.61 -5.29
CA GLY H 87 -0.72 5.46 -4.68
C GLY H 87 -0.13 5.24 -3.31
N PHE H 88 1.18 5.29 -3.19
CA PHE H 88 1.79 5.05 -1.91
C PHE H 88 1.43 6.14 -0.94
N LEU H 89 1.33 7.37 -1.41
CA LEU H 89 0.97 8.45 -0.52
C LEU H 89 -0.41 8.29 0.05
N ASP H 90 -1.37 7.88 -0.76
CA ASP H 90 -2.70 7.74 -0.24
C ASP H 90 -2.77 6.60 0.75
N ILE H 91 -2.04 5.53 0.50
CA ILE H 91 -2.08 4.44 1.43
C ILE H 91 -1.48 4.84 2.74
N TRP H 92 -0.32 5.47 2.73
CA TRP H 92 0.27 5.80 3.99
C TRP H 92 -0.49 6.86 4.72
N THR H 93 -1.03 7.84 4.02
CA THR H 93 -1.75 8.87 4.73
C THR H 93 -2.98 8.31 5.36
N TYR H 94 -3.73 7.49 4.62
CA TYR H 94 -4.97 6.97 5.14
C TYR H 94 -4.72 6.05 6.31
N ASN H 95 -3.73 5.16 6.17
CA ASN H 95 -3.48 4.25 7.26
C ASN H 95 -2.94 4.97 8.47
N ALA H 96 -2.11 5.99 8.27
CA ALA H 96 -1.56 6.70 9.40
C ALA H 96 -2.65 7.41 10.16
N GLU H 97 -3.62 8.00 9.45
CA GLU H 97 -4.65 8.71 10.17
C GLU H 97 -5.51 7.76 10.95
N LEU H 98 -5.85 6.63 10.35
CA LEU H 98 -6.71 5.74 11.09
C LEU H 98 -5.99 5.08 12.22
N LEU H 99 -4.72 4.78 12.06
CA LEU H 99 -4.02 4.13 13.13
C LEU H 99 -3.98 5.02 14.32
N VAL H 100 -3.69 6.29 14.11
CA VAL H 100 -3.61 7.15 15.25
C VAL H 100 -4.96 7.29 15.91
N LEU H 101 -6.03 7.44 15.15
CA LEU H 101 -7.30 7.62 15.81
C LEU H 101 -7.70 6.39 16.60
N LEU H 102 -7.45 5.21 16.05
CA LEU H 102 -7.78 3.98 16.73
C LEU H 102 -6.96 3.78 17.99
N GLU H 103 -5.69 4.13 17.93
CA GLU H 103 -4.90 3.95 19.10
C GLU H 103 -5.32 4.95 20.16
N ASN H 104 -5.69 6.17 19.76
CA ASN H 104 -6.08 7.12 20.78
C ASN H 104 -7.35 6.72 21.47
N GLU H 105 -8.29 6.12 20.74
CA GLU H 105 -9.52 5.69 21.37
C GLU H 105 -9.22 4.69 22.45
N ARG H 106 -8.37 3.72 22.14
CA ARG H 106 -8.05 2.71 23.11
C ARG H 106 -7.20 3.22 24.26
N THR H 107 -6.26 4.13 24.03
CA THR H 107 -5.46 4.62 25.13
C THR H 107 -6.36 5.27 26.16
N LEU H 108 -7.30 6.07 25.71
CA LEU H 108 -8.14 6.73 26.68
C LEU H 108 -9.06 5.74 27.41
N ASP H 109 -9.56 4.71 26.74
CA ASP H 109 -10.39 3.74 27.45
C ASP H 109 -9.56 2.94 28.42
N TYR H 110 -8.31 2.65 28.06
CA TYR H 110 -7.40 1.92 28.89
C TYR H 110 -7.24 2.63 30.20
N HIS H 111 -7.01 3.93 30.12
CA HIS H 111 -6.85 4.67 31.34
C HIS H 111 -8.10 4.67 32.17
N ASP H 112 -9.27 4.76 31.53
CA ASP H 112 -10.49 4.79 32.31
C ASP H 112 -10.69 3.44 33.01
N SER H 113 -10.31 2.35 32.35
CA SER H 113 -10.43 1.03 32.93
C SER H 113 -9.56 0.91 34.16
N ASN H 114 -8.34 1.42 34.09
CA ASN H 114 -7.47 1.33 35.24
C ASN H 114 -8.02 2.10 36.42
N VAL H 115 -8.70 3.22 36.17
CA VAL H 115 -9.24 3.97 37.30
C VAL H 115 -10.33 3.14 37.96
N LYS H 116 -11.19 2.53 37.16
CA LYS H 116 -12.23 1.72 37.75
C LYS H 116 -11.67 0.54 38.52
N ASN H 117 -10.61 -0.07 38.03
CA ASN H 117 -10.05 -1.20 38.73
C ASN H 117 -9.46 -0.80 40.07
N LEU H 118 -8.93 0.41 40.13
CA LEU H 118 -8.36 0.92 41.37
C LEU H 118 -9.48 1.08 42.38
N TYR H 119 -10.60 1.61 41.91
CA TYR H 119 -11.77 1.80 42.72
C TYR H 119 -12.26 0.50 43.28
N GLU H 120 -12.33 -0.52 42.44
CA GLU H 120 -12.82 -1.80 42.89
C GLU H 120 -11.87 -2.41 43.89
N LYS H 121 -10.56 -2.27 43.71
CA LYS H 121 -9.64 -2.83 44.69
C LYS H 121 -10.02 -2.36 46.07
N VAL H 122 -10.26 -1.06 46.18
CA VAL H 122 -10.65 -0.52 47.46
C VAL H 122 -12.04 -0.93 47.90
N ARG H 123 -13.02 -0.90 47.01
CA ARG H 123 -14.36 -1.25 47.43
C ARG H 123 -14.42 -2.65 48.01
N SER H 124 -13.74 -3.59 47.36
CA SER H 124 -13.73 -4.97 47.78
C SER H 124 -13.01 -5.14 49.09
N GLN H 125 -11.92 -4.40 49.28
CA GLN H 125 -11.16 -4.43 50.50
C GLN H 125 -11.91 -3.85 51.71
N LEU H 126 -12.63 -2.74 51.52
CA LEU H 126 -13.33 -2.09 52.63
C LEU H 126 -14.64 -2.73 53.01
N LYS H 127 -15.33 -3.34 52.08
CA LYS H 127 -16.58 -4.02 52.38
C LYS H 127 -17.55 -3.11 53.14
N ASN H 128 -17.91 -3.50 54.36
CA ASN H 128 -18.89 -2.78 55.15
C ASN H 128 -18.29 -1.82 56.17
N ASN H 129 -16.98 -1.59 56.10
CA ASN H 129 -16.37 -0.70 57.05
C ASN H 129 -16.36 0.74 56.59
N ALA H 130 -16.89 0.98 55.40
CA ALA H 130 -16.95 2.32 54.88
C ALA H 130 -18.18 2.45 54.02
N LYS H 131 -18.75 3.62 54.02
CA LYS H 131 -19.88 3.91 53.18
C LYS H 131 -19.36 4.26 51.83
N GLU H 132 -19.98 3.74 50.80
CA GLU H 132 -19.60 4.13 49.46
C GLU H 132 -20.45 5.36 49.19
N ILE H 133 -19.83 6.50 48.88
CA ILE H 133 -20.65 7.69 48.69
C ILE H 133 -20.82 8.07 47.23
N GLY H 134 -19.76 7.93 46.44
CA GLY H 134 -19.85 8.31 45.03
C GLY H 134 -18.73 9.22 44.55
N ASN H 135 -18.63 9.35 43.23
CA ASN H 135 -17.61 10.16 42.57
C ASN H 135 -16.22 9.75 43.02
N GLY H 136 -16.01 8.45 43.16
CA GLY H 136 -14.73 7.91 43.56
C GLY H 136 -14.41 7.89 45.06
N CYS H 137 -15.31 8.39 45.94
CA CYS H 137 -15.07 8.49 47.38
C CYS H 137 -15.82 7.49 48.27
N PHE H 138 -15.13 7.15 49.38
CA PHE H 138 -15.60 6.32 50.47
C PHE H 138 -15.45 7.06 51.80
N GLU H 139 -16.33 6.77 52.76
CA GLU H 139 -16.22 7.33 54.11
C GLU H 139 -16.12 6.24 55.15
N PHE H 140 -15.17 6.33 56.02
CA PHE H 140 -15.03 5.25 56.97
C PHE H 140 -16.04 5.40 58.09
N TYR H 141 -16.60 4.29 58.53
CA TYR H 141 -17.52 4.36 59.66
C TYR H 141 -16.73 4.44 60.95
N HIS H 142 -15.57 3.82 60.95
CA HIS H 142 -14.66 3.78 62.08
C HIS H 142 -13.58 4.81 61.92
N LYS H 143 -12.93 5.21 63.02
CA LYS H 143 -11.78 6.12 62.90
C LYS H 143 -10.71 5.44 62.04
N CYS H 144 -10.16 6.18 61.03
CA CYS H 144 -9.16 5.69 60.08
C CYS H 144 -8.04 6.73 59.92
N ASP H 145 -7.01 6.55 60.69
CA ASP H 145 -5.85 7.42 60.84
C ASP H 145 -4.82 7.18 59.76
N ASN H 146 -3.66 7.82 59.84
CA ASN H 146 -2.72 7.65 58.75
C ASN H 146 -2.29 6.21 58.55
N THR H 147 -2.15 5.45 59.63
CA THR H 147 -1.75 4.04 59.49
C THR H 147 -2.80 3.25 58.68
N CYS H 148 -4.10 3.47 59.00
CA CYS H 148 -5.26 2.88 58.31
C CYS H 148 -5.26 3.29 56.83
N MET H 149 -5.12 4.57 56.54
CA MET H 149 -5.20 4.97 55.16
C MET H 149 -4.11 4.29 54.37
N GLU H 150 -2.93 4.14 54.96
CA GLU H 150 -1.89 3.49 54.19
C GLU H 150 -2.23 2.04 53.96
N SER H 151 -2.81 1.35 54.93
CA SER H 151 -3.11 -0.05 54.69
C SER H 151 -4.21 -0.21 53.65
N VAL H 152 -5.09 0.77 53.50
CA VAL H 152 -6.13 0.60 52.50
C VAL H 152 -5.51 0.80 51.14
N LYS H 153 -4.74 1.86 51.00
CA LYS H 153 -4.10 2.19 49.73
C LYS H 153 -3.13 1.08 49.24
N ASN H 154 -2.42 0.41 50.18
CA ASN H 154 -1.43 -0.64 49.97
C ASN H 154 -2.04 -2.05 49.78
N GLY H 155 -3.39 -2.22 49.94
CA GLY H 155 -4.06 -3.53 49.83
C GLY H 155 -3.82 -4.43 51.05
N THR H 156 -3.53 -3.85 52.22
CA THR H 156 -3.22 -4.61 53.42
C THR H 156 -4.21 -4.36 54.56
N TYR H 157 -5.35 -3.76 54.27
CA TYR H 157 -6.33 -3.42 55.29
C TYR H 157 -6.96 -4.64 55.94
N ASP H 158 -7.05 -4.57 57.25
CA ASP H 158 -7.66 -5.62 58.06
C ASP H 158 -9.13 -5.35 58.30
N TYR H 159 -10.01 -5.97 57.52
CA TYR H 159 -11.42 -5.68 57.71
C TYR H 159 -11.93 -6.01 59.11
N PRO H 160 -11.78 -7.26 59.64
CA PRO H 160 -12.28 -7.68 60.94
C PRO H 160 -11.87 -6.75 62.06
N LYS H 161 -10.67 -6.20 62.00
CA LYS H 161 -10.18 -5.32 63.04
C LYS H 161 -11.09 -4.17 63.37
N TYR H 162 -11.78 -3.63 62.38
CA TYR H 162 -12.59 -2.48 62.63
C TYR H 162 -14.06 -2.77 62.48
N SER H 163 -14.44 -4.02 62.30
CA SER H 163 -15.83 -4.26 61.98
C SER H 163 -16.76 -3.94 63.12
N GLU H 164 -16.29 -4.03 64.36
CA GLU H 164 -17.19 -3.75 65.46
C GLU H 164 -17.44 -2.25 65.54
N GLU H 165 -16.39 -1.47 65.38
CA GLU H 165 -16.59 -0.04 65.48
C GLU H 165 -17.46 0.42 64.34
N ALA H 166 -17.17 -0.08 63.15
CA ALA H 166 -17.88 0.33 61.98
C ALA H 166 -19.36 0.00 62.04
N LYS H 167 -19.73 -1.17 62.55
CA LYS H 167 -21.16 -1.43 62.56
C LYS H 167 -21.85 -0.62 63.64
N LEU H 168 -21.16 -0.35 64.74
CA LEU H 168 -21.80 0.41 65.81
C LEU H 168 -22.09 1.81 65.34
N ASN H 169 -21.20 2.37 64.54
CA ASN H 169 -21.38 3.71 64.08
C ASN H 169 -22.26 3.79 62.83
N ARG H 170 -22.72 2.66 62.31
CA ARG H 170 -23.52 2.66 61.10
C ARG H 170 -24.94 3.20 61.30
N GLU H 171 -25.57 2.86 62.47
CA GLU H 171 -26.94 3.21 62.82
C GLU H 171 -26.90 4.08 64.07
N ASP I 1 56.56 -5.71 -4.06
CA ASP I 1 57.10 -4.69 -4.94
C ASP I 1 57.71 -5.32 -6.20
N ILE I 2 57.71 -4.55 -7.32
CA ILE I 2 58.30 -4.95 -8.60
C ILE I 2 59.53 -4.12 -8.88
N GLN I 3 60.69 -4.75 -8.81
CA GLN I 3 61.93 -4.05 -9.03
C GLN I 3 62.44 -4.32 -10.42
N MET I 4 62.66 -3.25 -11.17
CA MET I 4 63.13 -3.37 -12.53
C MET I 4 64.64 -3.56 -12.58
N THR I 5 65.06 -4.39 -13.50
CA THR I 5 66.47 -4.62 -13.76
C THR I 5 66.80 -4.03 -15.10
N GLN I 6 67.78 -3.18 -15.14
CA GLN I 6 68.11 -2.53 -16.40
C GLN I 6 69.54 -2.87 -16.80
N SER I 7 69.76 -3.14 -18.08
CA SER I 7 71.07 -3.52 -18.59
C SER I 7 71.33 -3.08 -20.03
N PRO I 8 72.56 -2.63 -20.35
CA PRO I 8 73.78 -2.48 -19.58
C PRO I 8 73.71 -1.30 -18.63
N SER I 9 74.64 -1.21 -17.69
CA SER I 9 74.70 -0.02 -16.84
C SER I 9 75.31 1.15 -17.56
N SER I 10 76.07 0.85 -18.60
CA SER I 10 76.76 1.84 -19.40
C SER I 10 76.96 1.31 -20.80
N LEU I 11 76.74 2.19 -21.75
CA LEU I 11 76.87 1.90 -23.16
C LEU I 11 77.61 3.02 -23.83
N SER I 12 78.42 2.68 -24.81
CA SER I 12 79.09 3.73 -25.56
C SER I 12 79.15 3.35 -27.01
N ALA I 13 78.84 4.32 -27.85
CA ALA I 13 78.83 4.10 -29.28
C ALA I 13 79.14 5.38 -30.02
N PHE I 14 79.51 5.26 -31.28
CA PHE I 14 79.83 6.40 -32.12
C PHE I 14 78.61 6.98 -32.78
N VAL I 15 78.70 8.23 -33.18
CA VAL I 15 77.56 8.85 -33.82
C VAL I 15 77.23 8.14 -35.09
N GLY I 16 75.95 7.85 -35.25
CA GLY I 16 75.42 7.14 -36.39
C GLY I 16 75.16 5.66 -36.08
N ASP I 17 75.71 5.15 -34.98
CA ASP I 17 75.53 3.76 -34.59
C ASP I 17 74.13 3.51 -34.09
N ARG I 18 73.69 2.26 -34.13
CA ARG I 18 72.37 1.91 -33.60
C ARG I 18 72.45 1.47 -32.16
N VAL I 19 71.71 2.14 -31.31
CA VAL I 19 71.77 1.87 -29.89
C VAL I 19 70.49 1.40 -29.22
N THR I 20 70.60 0.25 -28.54
CA THR I 20 69.48 -0.29 -27.78
C THR I 20 69.89 -0.72 -26.38
N ILE I 21 68.94 -0.67 -25.46
CA ILE I 21 69.11 -1.15 -24.10
C ILE I 21 67.94 -2.06 -23.74
N ALA I 22 68.06 -2.85 -22.68
CA ALA I 22 66.98 -3.73 -22.26
C ALA I 22 66.64 -3.52 -20.80
N CYS I 23 65.37 -3.86 -20.41
CA CYS I 23 64.89 -3.77 -19.04
C CYS I 23 63.88 -4.88 -18.74
N GLN I 24 63.98 -5.45 -17.55
CA GLN I 24 63.04 -6.48 -17.13
C GLN I 24 62.32 -6.22 -15.85
N ALA I 25 61.09 -6.69 -15.81
CA ALA I 25 60.28 -6.62 -14.61
C ALA I 25 60.39 -7.93 -13.88
N SER I 26 60.22 -7.89 -12.57
CA SER I 26 60.18 -9.12 -11.80
C SER I 26 58.81 -9.79 -11.89
N GLN I 27 57.83 -9.04 -12.35
CA GLN I 27 56.45 -9.47 -12.49
C GLN I 27 55.91 -9.00 -13.81
N ASP I 28 54.87 -9.65 -14.30
CA ASP I 28 54.24 -9.19 -15.52
C ASP I 28 53.57 -7.85 -15.26
N ILE I 29 54.02 -6.82 -15.99
CA ILE I 29 53.51 -5.48 -15.83
C ILE I 29 52.81 -5.01 -17.08
N ARG I 30 52.32 -5.96 -17.88
CA ARG I 30 51.63 -5.60 -19.11
C ARG I 30 52.47 -4.60 -19.85
N ILE I 31 51.97 -3.39 -20.08
CA ILE I 31 52.74 -2.41 -20.82
C ILE I 31 52.92 -1.13 -20.04
N HIS I 32 52.82 -1.18 -18.73
CA HIS I 32 52.90 0.02 -17.91
C HIS I 32 54.31 0.47 -17.64
N LEU I 33 55.01 0.82 -18.71
CA LEU I 33 56.41 1.23 -18.66
C LEU I 33 56.73 2.55 -19.31
N ASN I 34 57.43 3.39 -18.56
CA ASN I 34 57.94 4.68 -19.01
C ASN I 34 59.44 4.69 -19.21
N TRP I 35 59.89 5.38 -20.24
CA TRP I 35 61.32 5.58 -20.38
C TRP I 35 61.65 7.04 -20.25
N TYR I 36 62.71 7.33 -19.50
CA TYR I 36 63.15 8.72 -19.29
C TYR I 36 64.55 9.01 -19.76
N GLN I 37 64.78 10.26 -20.15
CA GLN I 37 66.09 10.73 -20.54
C GLN I 37 66.63 11.76 -19.59
N GLN I 38 67.68 11.46 -18.87
CA GLN I 38 68.19 12.45 -17.94
C GLN I 38 69.51 13.04 -18.37
N LYS I 39 69.46 14.28 -18.83
CA LYS I 39 70.67 14.94 -19.25
C LYS I 39 71.31 15.45 -17.98
N PRO I 40 72.63 15.59 -17.89
CA PRO I 40 73.29 16.08 -16.71
C PRO I 40 72.73 17.42 -16.30
N GLY I 41 72.43 17.55 -15.02
CA GLY I 41 71.91 18.80 -14.47
C GLY I 41 70.40 19.01 -14.64
N LYS I 42 69.72 18.05 -15.26
CA LYS I 42 68.28 18.22 -15.50
C LYS I 42 67.43 17.11 -14.91
N ALA I 43 66.19 17.45 -14.57
CA ALA I 43 65.24 16.44 -14.16
C ALA I 43 65.01 15.55 -15.37
N PRO I 44 64.75 14.24 -15.23
CA PRO I 44 64.53 13.36 -16.35
C PRO I 44 63.34 13.79 -17.19
N LYS I 45 63.46 13.69 -18.50
CA LYS I 45 62.37 14.00 -19.40
C LYS I 45 61.70 12.73 -19.82
N LEU I 46 60.38 12.70 -19.89
CA LEU I 46 59.76 11.47 -20.36
C LEU I 46 59.88 11.37 -21.86
N LEU I 47 60.31 10.22 -22.35
CA LEU I 47 60.36 10.04 -23.78
C LEU I 47 59.28 9.15 -24.32
N ILE I 48 59.05 8.02 -23.63
CA ILE I 48 58.09 7.00 -24.05
C ILE I 48 57.18 6.53 -22.94
N TYR I 49 55.88 6.38 -23.23
CA TYR I 49 54.94 5.87 -22.22
C TYR I 49 54.14 4.68 -22.73
N ASP I 50 53.59 3.88 -21.81
CA ASP I 50 52.87 2.68 -22.22
C ASP I 50 53.73 1.79 -23.11
N ALA I 51 55.00 1.65 -22.75
CA ALA I 51 56.02 0.84 -23.41
C ALA I 51 56.51 1.39 -24.74
N SER I 52 55.60 1.76 -25.65
CA SER I 52 56.01 2.21 -26.98
C SER I 52 55.38 3.50 -27.52
N ASN I 53 54.61 4.23 -26.73
CA ASN I 53 53.94 5.41 -27.25
C ASN I 53 54.84 6.64 -27.09
N LEU I 54 55.36 7.13 -28.19
CA LEU I 54 56.32 8.22 -28.13
C LEU I 54 55.66 9.52 -27.65
N GLU I 55 56.31 10.22 -26.71
CA GLU I 55 55.83 11.47 -26.12
C GLU I 55 56.01 12.67 -27.05
N ALA I 56 55.21 13.68 -26.84
CA ALA I 56 55.23 14.85 -27.69
C ALA I 56 56.55 15.55 -27.66
N GLY I 57 57.01 15.96 -28.83
CA GLY I 57 58.25 16.70 -28.95
C GLY I 57 59.49 15.81 -28.99
N VAL I 58 59.30 14.51 -28.87
CA VAL I 58 60.42 13.61 -28.86
C VAL I 58 60.75 13.22 -30.28
N PRO I 59 62.00 13.31 -30.73
CA PRO I 59 62.40 12.98 -32.07
C PRO I 59 61.99 11.58 -32.42
N SER I 60 61.64 11.39 -33.69
CA SER I 60 61.14 10.13 -34.24
C SER I 60 62.14 9.00 -34.21
N ARG I 61 63.39 9.32 -33.97
CA ARG I 61 64.43 8.30 -33.89
C ARG I 61 64.29 7.49 -32.60
N PHE I 62 63.56 8.00 -31.63
CA PHE I 62 63.38 7.28 -30.38
C PHE I 62 62.20 6.33 -30.51
N SER I 63 62.34 5.14 -29.98
CA SER I 63 61.26 4.18 -30.01
C SER I 63 61.40 3.13 -28.94
N GLY I 64 60.51 2.15 -28.96
CA GLY I 64 60.57 1.11 -27.95
C GLY I 64 59.49 0.07 -28.17
N SER I 65 59.57 -0.98 -27.39
CA SER I 65 58.63 -2.07 -27.49
C SER I 65 58.71 -2.97 -26.28
N GLY I 66 57.79 -3.91 -26.19
CA GLY I 66 57.85 -4.89 -25.12
C GLY I 66 56.56 -5.02 -24.37
N SER I 67 56.48 -6.11 -23.62
CA SER I 67 55.32 -6.41 -22.81
C SER I 67 55.61 -7.44 -21.75
N GLY I 68 54.76 -7.48 -20.74
CA GLY I 68 54.89 -8.51 -19.74
C GLY I 68 56.12 -8.20 -18.92
N THR I 69 57.14 -9.03 -19.05
CA THR I 69 58.35 -8.81 -18.30
C THR I 69 59.53 -8.32 -19.11
N ASP I 70 59.45 -8.37 -20.43
CA ASP I 70 60.61 -8.05 -21.25
C ASP I 70 60.44 -6.85 -22.16
N PHE I 71 61.21 -5.80 -21.85
CA PHE I 71 61.11 -4.54 -22.55
C PHE I 71 62.41 -4.07 -23.16
N THR I 72 62.28 -3.28 -24.22
CA THR I 72 63.41 -2.71 -24.90
C THR I 72 63.21 -1.24 -25.24
N PHE I 73 64.33 -0.54 -25.33
CA PHE I 73 64.36 0.87 -25.72
C PHE I 73 65.41 1.11 -26.76
N THR I 74 65.06 1.89 -27.76
CA THR I 74 66.01 2.20 -28.80
C THR I 74 66.07 3.66 -29.11
N ILE I 75 67.24 4.12 -29.52
CA ILE I 75 67.36 5.50 -29.91
C ILE I 75 67.79 5.56 -31.36
N SER I 76 67.59 4.43 -32.04
CA SER I 76 67.94 4.26 -33.43
C SER I 76 69.35 4.72 -33.65
N SER I 77 69.57 5.51 -34.70
CA SER I 77 70.90 6.00 -35.01
C SER I 77 71.21 7.21 -34.12
N LEU I 78 72.21 7.02 -33.28
CA LEU I 78 72.70 7.88 -32.22
C LEU I 78 73.20 9.23 -32.69
N GLN I 79 72.73 10.29 -32.04
CA GLN I 79 73.20 11.64 -32.35
C GLN I 79 73.96 12.12 -31.13
N PRO I 80 74.92 13.05 -31.24
CA PRO I 80 75.71 13.54 -30.11
C PRO I 80 74.89 14.19 -28.99
N GLU I 81 73.72 14.68 -29.33
CA GLU I 81 72.85 15.33 -28.37
C GLU I 81 72.16 14.34 -27.45
N ASP I 82 72.29 13.05 -27.73
CA ASP I 82 71.63 12.01 -26.99
C ASP I 82 72.40 11.54 -25.78
N ILE I 83 73.50 12.21 -25.42
CA ILE I 83 74.17 11.75 -24.20
C ILE I 83 73.22 12.02 -23.05
N ALA I 84 72.93 10.97 -22.31
CA ALA I 84 72.01 11.05 -21.18
C ALA I 84 72.03 9.73 -20.43
N THR I 85 71.50 9.73 -19.22
CA THR I 85 71.26 8.44 -18.58
C THR I 85 69.82 8.09 -18.86
N TYR I 86 69.57 6.91 -19.39
CA TYR I 86 68.21 6.54 -19.70
C TYR I 86 67.65 5.65 -18.62
N TYR I 87 66.42 5.89 -18.21
CA TYR I 87 65.84 5.09 -17.14
C TYR I 87 64.56 4.37 -17.49
N CYS I 88 64.41 3.15 -16.95
CA CYS I 88 63.23 2.28 -17.03
C CYS I 88 62.37 2.45 -15.76
N GLN I 89 61.14 2.94 -15.91
CA GLN I 89 60.22 3.13 -14.77
C GLN I 89 58.88 2.49 -14.97
N HIS I 90 58.32 1.87 -13.95
CA HIS I 90 57.02 1.28 -14.22
C HIS I 90 56.02 1.80 -13.25
N TYR I 91 54.79 1.74 -13.69
CA TYR I 91 53.64 2.19 -12.93
C TYR I 91 52.54 1.19 -12.89
N HIS I 92 52.90 -0.07 -12.79
CA HIS I 92 51.90 -1.11 -12.76
C HIS I 92 51.06 -0.98 -11.51
N ASN I 93 51.73 -0.83 -10.37
CA ASN I 93 51.08 -0.67 -9.09
C ASN I 93 51.99 0.09 -8.14
N LEU I 94 51.57 0.30 -6.91
CA LEU I 94 52.44 1.02 -6.01
C LEU I 94 53.30 0.09 -5.18
N PRO I 95 54.51 0.51 -4.82
CA PRO I 95 55.20 1.75 -5.15
C PRO I 95 55.62 1.73 -6.59
N ARG I 96 55.73 2.89 -7.17
CA ARG I 96 56.27 2.97 -8.52
C ARG I 96 57.74 2.81 -8.33
N THR I 97 58.41 2.19 -9.28
CA THR I 97 59.86 1.99 -9.13
C THR I 97 60.61 2.29 -10.38
N PHE I 98 61.91 2.43 -10.24
CA PHE I 98 62.84 2.68 -11.33
C PHE I 98 63.95 1.64 -11.34
N GLY I 99 64.51 1.41 -12.52
CA GLY I 99 65.70 0.59 -12.66
C GLY I 99 66.88 1.51 -12.37
N GLY I 100 68.11 0.99 -12.47
CA GLY I 100 69.28 1.82 -12.15
C GLY I 100 69.67 2.83 -13.22
N GLY I 101 69.24 2.63 -14.44
CA GLY I 101 69.58 3.53 -15.53
C GLY I 101 70.78 3.07 -16.32
N THR I 102 70.83 3.48 -17.59
CA THR I 102 71.95 3.17 -18.47
C THR I 102 72.61 4.44 -18.89
N LYS I 103 73.89 4.58 -18.61
CA LYS I 103 74.52 5.82 -19.04
C LYS I 103 74.99 5.66 -20.47
N VAL I 104 74.53 6.51 -21.36
CA VAL I 104 74.97 6.41 -22.74
C VAL I 104 75.89 7.56 -23.11
N GLU I 105 77.11 7.18 -23.46
CA GLU I 105 78.17 8.10 -23.85
C GLU I 105 78.43 8.00 -25.34
N ILE I 106 78.91 9.08 -25.94
CA ILE I 106 79.10 9.07 -27.38
C ILE I 106 80.55 9.40 -27.79
N LYS I 107 81.14 8.55 -28.68
CA LYS I 107 82.51 8.67 -29.22
C LYS I 107 82.77 7.61 -30.32
N VAL J 1 53.98 23.15 -18.96
CA VAL J 1 53.54 23.97 -17.84
C VAL J 1 54.75 24.08 -16.90
N GLN J 2 54.60 24.82 -15.77
CA GLN J 2 55.73 25.12 -14.86
C GLN J 2 55.57 24.70 -13.41
N LEU J 3 56.60 24.01 -12.94
CA LEU J 3 56.70 23.61 -11.55
C LEU J 3 57.99 24.16 -10.98
N LEU J 4 57.93 24.98 -9.93
CA LEU J 4 59.12 25.57 -9.35
C LEU J 4 59.33 25.21 -7.91
N GLU J 5 60.45 24.60 -7.63
CA GLU J 5 60.75 24.14 -6.29
C GLU J 5 61.62 25.09 -5.51
N SER J 6 61.43 25.05 -4.21
CA SER J 6 62.25 25.81 -3.29
C SER J 6 62.43 25.08 -1.99
N GLY J 7 63.10 25.72 -1.05
CA GLY J 7 63.43 25.10 0.21
C GLY J 7 64.64 24.24 -0.02
N GLY J 8 64.94 23.36 0.92
CA GLY J 8 66.14 22.55 0.80
C GLY J 8 67.29 23.26 1.47
N GLY J 9 68.52 22.91 1.11
CA GLY J 9 69.68 23.45 1.80
C GLY J 9 70.19 22.45 2.82
N LEU J 10 70.92 22.95 3.82
CA LEU J 10 71.57 22.10 4.80
C LEU J 10 70.80 21.99 6.09
N VAL J 11 70.58 20.74 6.50
CA VAL J 11 69.91 20.40 7.74
C VAL J 11 70.85 19.46 8.48
N GLN J 12 70.87 19.56 9.79
CA GLN J 12 71.69 18.69 10.60
C GLN J 12 71.00 17.32 10.64
N PRO J 13 71.56 16.28 11.28
CA PRO J 13 70.90 15.01 11.50
C PRO J 13 69.73 15.32 12.40
N GLY J 14 68.65 14.62 12.26
CA GLY J 14 67.50 14.94 13.09
C GLY J 14 66.91 16.24 12.53
N GLY J 15 66.39 17.10 13.38
CA GLY J 15 65.83 18.34 12.87
C GLY J 15 64.63 18.09 11.97
N SER J 16 64.36 19.07 11.11
CA SER J 16 63.28 19.02 10.14
C SER J 16 63.51 20.09 9.08
N LEU J 17 62.82 19.96 7.94
CA LEU J 17 62.81 21.02 6.94
C LEU J 17 61.59 20.94 6.04
N SER J 18 61.09 22.08 5.64
CA SER J 18 59.94 22.14 4.73
C SER J 18 60.34 22.43 3.29
N LEU J 19 59.94 21.55 2.38
CA LEU J 19 60.19 21.77 0.96
C LEU J 19 58.89 22.18 0.32
N SER J 20 58.95 22.93 -0.76
CA SER J 20 57.70 23.27 -1.44
C SER J 20 57.89 23.39 -2.95
N CYS J 21 56.77 23.26 -3.69
CA CYS J 21 56.67 23.38 -5.15
C CYS J 21 55.46 24.21 -5.55
N ALA J 22 55.73 25.29 -6.29
CA ALA J 22 54.70 26.18 -6.75
C ALA J 22 54.31 25.80 -8.16
N ALA J 23 53.03 25.72 -8.44
CA ALA J 23 52.63 25.35 -9.77
C ALA J 23 51.87 26.41 -10.52
N SER J 24 52.10 26.44 -11.82
CA SER J 24 51.37 27.31 -12.72
C SER J 24 51.24 26.73 -14.12
N GLY J 25 50.28 27.24 -14.88
CA GLY J 25 50.06 26.80 -16.26
C GLY J 25 49.00 25.71 -16.36
N PHE J 26 48.50 25.26 -15.22
CA PHE J 26 47.49 24.23 -15.19
C PHE J 26 46.65 24.37 -13.96
N THR J 27 45.52 23.71 -13.94
CA THR J 27 44.72 23.79 -12.76
C THR J 27 45.34 22.83 -11.77
N PHE J 28 45.86 23.35 -10.69
CA PHE J 28 46.57 22.54 -9.72
C PHE J 28 45.63 21.53 -9.14
N SER J 29 44.45 22.01 -8.81
CA SER J 29 43.41 21.21 -8.17
C SER J 29 42.89 20.07 -9.02
N SER J 30 43.24 20.01 -10.29
CA SER J 30 42.78 18.94 -11.16
C SER J 30 43.68 17.71 -11.20
N PHE J 31 44.87 17.78 -10.63
CA PHE J 31 45.79 16.66 -10.73
C PHE J 31 46.41 16.26 -9.43
N ALA J 32 46.74 14.98 -9.32
CA ALA J 32 47.52 14.49 -8.23
C ALA J 32 48.93 15.00 -8.41
N MET J 33 49.64 15.12 -7.31
CA MET J 33 51.01 15.58 -7.30
C MET J 33 51.87 14.65 -6.49
N SER J 34 53.14 14.60 -6.82
CA SER J 34 54.04 13.72 -6.10
C SER J 34 55.47 14.19 -5.95
N TRP J 35 56.21 13.55 -5.03
CA TRP J 35 57.62 13.81 -4.84
C TRP J 35 58.46 12.58 -5.17
N VAL J 36 59.57 12.82 -5.83
CA VAL J 36 60.57 11.86 -6.26
C VAL J 36 61.94 12.25 -5.78
N ARG J 37 62.71 11.29 -5.33
CA ARG J 37 64.03 11.56 -4.81
C ARG J 37 65.15 10.90 -5.60
N GLN J 38 66.18 11.68 -5.92
CA GLN J 38 67.34 11.17 -6.63
C GLN J 38 68.57 11.19 -5.79
N ALA J 39 69.04 10.03 -5.38
CA ALA J 39 70.18 9.96 -4.52
C ALA J 39 71.39 9.90 -5.42
N PRO J 40 72.58 10.27 -4.96
CA PRO J 40 73.82 10.11 -5.67
C PRO J 40 74.20 8.64 -5.87
N VAL J 41 73.59 7.74 -5.08
CA VAL J 41 73.90 6.32 -5.17
C VAL J 41 72.76 5.53 -5.80
N LYS J 42 71.56 5.69 -5.26
CA LYS J 42 70.39 5.02 -5.81
C LYS J 42 69.75 5.98 -6.77
N GLY J 43 69.75 5.62 -8.05
CA GLY J 43 69.29 6.50 -9.10
C GLY J 43 67.97 7.18 -8.81
N LEU J 44 66.88 6.46 -8.81
CA LEU J 44 65.63 7.16 -8.59
C LEU J 44 64.65 6.36 -7.77
N GLU J 45 63.97 7.03 -6.85
CA GLU J 45 62.92 6.39 -6.09
C GLU J 45 61.80 7.37 -5.76
N TRP J 46 60.63 6.85 -5.51
CA TRP J 46 59.50 7.68 -5.14
C TRP J 46 59.49 7.93 -3.66
N VAL J 47 59.06 9.11 -3.23
CA VAL J 47 58.97 9.39 -1.81
C VAL J 47 57.56 9.37 -1.32
N SER J 48 56.70 10.12 -2.00
CA SER J 48 55.32 10.24 -1.59
C SER J 48 54.44 10.75 -2.69
N MET J 49 53.14 10.54 -2.55
CA MET J 49 52.18 11.11 -3.47
C MET J 49 50.86 11.42 -2.81
N ILE J 50 50.21 12.48 -3.31
CA ILE J 50 48.92 12.94 -2.82
C ILE J 50 47.90 13.14 -3.94
N SER J 51 46.66 12.73 -3.70
CA SER J 51 45.60 12.88 -4.69
C SER J 51 45.20 14.33 -4.87
N ALA J 52 44.50 14.63 -5.96
CA ALA J 52 44.16 16.02 -6.27
C ALA J 52 43.35 16.71 -5.18
N GLY J 53 42.45 15.98 -4.53
CA GLY J 53 41.60 16.59 -3.52
C GLY J 53 42.23 16.55 -2.13
N GLY J 54 43.42 15.97 -2.02
CA GLY J 54 44.12 15.83 -0.75
C GLY J 54 43.62 14.67 0.08
N GLY J 55 42.66 13.92 -0.46
CA GLY J 55 42.02 12.83 0.26
C GLY J 55 42.83 11.55 0.42
N ASN J 56 43.83 11.32 -0.42
CA ASN J 56 44.55 10.08 -0.33
C ASN J 56 46.02 10.31 -0.45
N THR J 57 46.77 9.64 0.40
CA THR J 57 48.20 9.72 0.31
C THR J 57 48.83 8.35 0.32
N TYR J 58 50.03 8.32 -0.21
CA TYR J 58 50.85 7.14 -0.21
C TYR J 58 52.26 7.53 0.08
N TYR J 59 52.92 6.76 0.92
CA TYR J 59 54.31 7.03 1.20
C TYR J 59 55.14 5.82 0.96
N ALA J 60 56.38 6.05 0.62
CA ALA J 60 57.34 4.98 0.49
C ALA J 60 57.57 4.38 1.85
N ASP J 61 57.94 3.10 1.91
CA ASP J 61 58.18 2.46 3.18
C ASP J 61 59.59 2.70 3.69
N SER J 62 60.31 3.53 2.96
CA SER J 62 61.62 3.98 3.34
C SER J 62 61.45 5.21 4.22
N VAL J 63 60.21 5.73 4.25
CA VAL J 63 59.80 6.92 4.98
C VAL J 63 58.95 6.51 6.17
N LYS J 64 57.91 5.73 5.93
CA LYS J 64 57.04 5.21 6.99
C LYS J 64 56.47 6.27 7.91
N GLY J 65 56.05 7.39 7.37
CA GLY J 65 55.46 8.44 8.21
C GLY J 65 56.48 9.48 8.68
N ARG J 66 57.76 9.26 8.39
CA ARG J 66 58.79 10.21 8.77
C ARG J 66 58.56 11.55 8.06
N PHE J 67 58.02 11.51 6.85
CA PHE J 67 57.73 12.73 6.09
C PHE J 67 56.21 12.87 5.92
N THR J 68 55.73 14.10 5.81
CA THR J 68 54.32 14.37 5.53
C THR J 68 54.08 15.14 4.24
N ILE J 69 53.15 14.66 3.42
CA ILE J 69 52.86 15.34 2.16
C ILE J 69 51.53 16.06 2.29
N SER J 70 51.48 17.30 1.83
CA SER J 70 50.24 18.07 1.90
C SER J 70 50.10 19.09 0.80
N ARG J 71 48.89 19.62 0.65
CA ARG J 71 48.60 20.61 -0.40
C ARG J 71 47.75 21.77 0.00
N ASP J 72 47.99 22.88 -0.67
CA ASP J 72 47.17 24.06 -0.59
C ASP J 72 46.70 24.36 -1.99
N ASN J 73 45.47 23.94 -2.30
CA ASN J 73 45.02 24.11 -3.67
C ASN J 73 44.78 25.56 -4.03
N SER J 74 44.40 26.38 -3.06
CA SER J 74 44.10 27.78 -3.33
C SER J 74 45.32 28.52 -3.81
N LYS J 75 46.48 28.13 -3.28
CA LYS J 75 47.74 28.76 -3.66
C LYS J 75 48.55 27.94 -4.65
N SER J 76 47.96 26.90 -5.20
CA SER J 76 48.64 26.02 -6.13
C SER J 76 49.99 25.56 -5.61
N THR J 77 50.05 25.18 -4.34
CA THR J 77 51.33 24.77 -3.78
C THR J 77 51.34 23.41 -3.09
N LEU J 78 52.37 22.64 -3.43
CA LEU J 78 52.63 21.32 -2.89
C LEU J 78 53.70 21.42 -1.79
N TYR J 79 53.52 20.70 -0.70
CA TYR J 79 54.49 20.73 0.38
C TYR J 79 54.96 19.36 0.80
N LEU J 80 56.21 19.29 1.29
CA LEU J 80 56.71 18.07 1.92
C LEU J 80 57.44 18.43 3.19
N GLN J 81 56.95 17.94 4.31
CA GLN J 81 57.60 18.24 5.57
C GLN J 81 58.41 17.07 6.02
N MET J 82 59.72 17.23 6.09
CA MET J 82 60.53 16.09 6.48
C MET J 82 61.00 16.27 7.89
N SER J 83 60.87 15.22 8.71
CA SER J 83 61.34 15.26 10.07
C SER J 83 62.38 14.20 10.30
N SER J 84 63.20 14.35 11.35
CA SER J 84 64.15 13.32 11.74
C SER J 84 65.04 12.88 10.59
N LEU J 85 65.74 13.83 9.99
CA LEU J 85 66.53 13.56 8.81
C LEU J 85 67.76 12.72 9.04
N THR J 86 67.99 11.78 8.15
CA THR J 86 69.18 10.96 8.27
C THR J 86 70.09 11.06 7.07
N ALA J 87 71.21 10.36 7.10
CA ALA J 87 72.18 10.44 6.02
C ALA J 87 71.60 10.00 4.68
N GLU J 88 70.73 9.01 4.73
CA GLU J 88 70.10 8.45 3.55
C GLU J 88 69.09 9.37 2.92
N ASP J 89 68.76 10.47 3.59
CA ASP J 89 67.79 11.39 3.05
C ASP J 89 68.49 12.46 2.22
N THR J 90 69.82 12.40 2.09
CA THR J 90 70.49 13.36 1.24
C THR J 90 70.21 12.99 -0.18
N ALA J 91 69.62 13.91 -0.91
CA ALA J 91 69.19 13.67 -2.27
C ALA J 91 68.66 14.92 -2.92
N VAL J 92 68.46 14.87 -4.22
CA VAL J 92 67.74 15.94 -4.86
C VAL J 92 66.27 15.57 -4.92
N TYR J 93 65.44 16.45 -4.44
CA TYR J 93 64.03 16.21 -4.42
C TYR J 93 63.39 16.90 -5.58
N TYR J 94 62.44 16.23 -6.21
CA TYR J 94 61.71 16.79 -7.33
C TYR J 94 60.20 16.66 -7.11
N CYS J 95 59.40 17.63 -7.60
CA CYS J 95 57.93 17.59 -7.62
C CYS J 95 57.48 17.21 -9.03
N ALA J 96 56.34 16.52 -9.11
CA ALA J 96 55.80 16.17 -10.41
C ALA J 96 54.28 16.24 -10.51
N LYS J 97 53.85 16.54 -11.72
CA LYS J 97 52.45 16.56 -12.14
C LYS J 97 52.08 15.17 -12.61
N SER J 98 51.05 14.56 -12.00
CA SER J 98 50.71 13.14 -12.22
C SER J 98 49.75 12.63 -13.32
N ASP J 99 49.12 13.47 -14.14
CA ASP J 99 48.21 12.98 -15.24
C ASP J 99 46.91 12.31 -14.83
N SER J 100 46.61 12.34 -13.56
CA SER J 100 45.38 11.82 -13.01
C SER J 100 45.13 12.42 -11.68
N SER J 101 43.88 12.58 -11.35
CA SER J 101 43.53 13.05 -10.04
C SER J 101 43.63 11.97 -8.95
N GLY J 102 43.65 10.69 -9.34
CA GLY J 102 43.59 9.56 -8.40
C GLY J 102 44.76 8.57 -8.30
N PHE J 103 45.92 8.88 -8.84
CA PHE J 103 47.12 8.00 -8.85
C PHE J 103 47.05 6.82 -9.82
N GLN J 104 46.08 5.94 -9.58
CA GLN J 104 46.01 4.64 -10.25
C GLN J 104 45.93 4.67 -11.76
N TYR J 105 45.22 5.60 -12.36
CA TYR J 105 45.14 5.62 -13.81
C TYR J 105 46.06 6.63 -14.47
N GLY J 106 46.97 7.24 -13.72
CA GLY J 106 47.89 8.18 -14.33
C GLY J 106 48.89 7.34 -15.11
N ARG J 107 49.44 7.85 -16.19
CA ARG J 107 50.44 7.07 -16.91
C ARG J 107 51.76 7.75 -17.04
N ARG J 108 51.72 9.04 -17.23
CA ARG J 108 52.95 9.76 -17.50
C ARG J 108 53.03 10.92 -16.57
N GLU J 109 54.21 11.35 -16.20
CA GLU J 109 54.25 12.55 -15.37
C GLU J 109 55.48 13.33 -15.71
N PHE J 110 55.65 14.48 -15.08
CA PHE J 110 56.92 15.14 -15.35
C PHE J 110 57.32 15.97 -14.18
N TRP J 111 58.60 16.27 -14.14
CA TRP J 111 59.16 17.02 -13.07
C TRP J 111 59.64 18.39 -13.40
N GLY J 112 59.61 19.23 -12.40
CA GLY J 112 60.23 20.54 -12.50
C GLY J 112 61.68 20.30 -12.12
N GLN J 113 62.47 21.34 -11.92
CA GLN J 113 63.84 21.05 -11.55
C GLN J 113 63.82 20.97 -10.06
N GLY J 114 64.64 20.13 -9.48
CA GLY J 114 64.59 19.92 -8.05
C GLY J 114 65.45 20.80 -7.20
N THR J 115 65.48 20.46 -5.92
CA THR J 115 66.27 21.16 -4.90
C THR J 115 67.09 20.16 -4.14
N LEU J 116 68.26 20.57 -3.69
CA LEU J 116 69.11 19.64 -2.96
C LEU J 116 69.01 19.75 -1.48
N VAL J 117 68.80 18.61 -0.85
CA VAL J 117 68.76 18.52 0.59
C VAL J 117 69.95 17.75 1.06
N THR J 118 70.75 18.39 1.90
CA THR J 118 71.95 17.76 2.46
C THR J 118 71.80 17.57 3.94
N VAL J 119 72.02 16.36 4.41
CA VAL J 119 71.91 16.13 5.83
C VAL J 119 73.35 15.92 6.37
N SER J 120 73.82 16.81 7.28
CA SER J 120 75.19 16.80 7.84
C SER J 120 75.28 17.70 9.09
N GLN K 3 -31.10 33.18 53.29
CA GLN K 3 -31.07 31.74 53.03
C GLN K 3 -30.71 30.88 54.28
N LEU K 4 -30.06 31.49 55.32
CA LEU K 4 -29.59 30.82 56.55
C LEU K 4 -29.77 31.70 57.79
N VAL K 5 -30.43 31.15 58.79
CA VAL K 5 -30.67 31.85 60.05
C VAL K 5 -29.85 31.25 61.16
N GLU K 6 -29.20 32.11 61.91
CA GLU K 6 -28.32 31.65 62.97
C GLU K 6 -28.76 32.09 64.36
N SER K 7 -28.56 31.21 65.35
CA SER K 7 -28.78 31.50 66.77
C SER K 7 -27.53 31.14 67.57
N GLY K 8 -26.92 32.17 68.17
CA GLY K 8 -25.64 32.03 68.89
C GLY K 8 -25.72 31.43 70.30
N GLY K 9 -26.93 31.24 70.82
CA GLY K 9 -27.12 30.62 72.14
C GLY K 9 -27.00 31.54 73.36
N ASP K 10 -26.63 32.80 73.16
CA ASP K 10 -26.43 33.78 74.24
C ASP K 10 -25.19 33.36 75.06
N LEU K 11 -24.84 34.09 76.12
CA LEU K 11 -23.66 33.73 76.90
C LEU K 11 -23.92 33.23 78.31
N VAL K 12 -23.01 32.38 78.77
CA VAL K 12 -23.00 31.84 80.12
C VAL K 12 -21.61 32.01 80.69
N GLN K 13 -21.49 31.84 81.99
CA GLN K 13 -20.19 31.93 82.62
C GLN K 13 -19.35 30.67 82.37
N PRO K 14 -18.00 30.77 82.45
CA PRO K 14 -17.08 29.69 82.24
C PRO K 14 -17.42 28.50 83.11
N GLY K 15 -17.28 27.33 82.52
CA GLY K 15 -17.59 26.06 83.11
C GLY K 15 -18.99 25.60 82.71
N GLY K 16 -19.78 26.49 82.12
CA GLY K 16 -21.12 26.15 81.70
C GLY K 16 -21.16 25.60 80.28
N SER K 17 -22.34 25.63 79.68
CA SER K 17 -22.51 25.10 78.34
C SER K 17 -23.57 25.85 77.57
N LEU K 18 -23.49 25.75 76.25
CA LEU K 18 -24.45 26.37 75.33
C LEU K 18 -24.85 25.53 74.14
N ARG K 19 -26.12 25.62 73.77
CA ARG K 19 -26.55 25.00 72.52
C ARG K 19 -26.74 26.06 71.47
N LEU K 20 -26.04 25.91 70.36
CA LEU K 20 -26.08 26.80 69.22
C LEU K 20 -26.86 26.10 68.11
N SER K 21 -27.56 26.86 67.29
CA SER K 21 -28.33 26.21 66.22
C SER K 21 -28.57 27.11 65.01
N CYS K 22 -28.49 26.52 63.79
CA CYS K 22 -28.76 27.19 62.51
C CYS K 22 -29.76 26.40 61.68
N VAL K 23 -30.59 27.12 60.95
CA VAL K 23 -31.56 26.50 60.04
C VAL K 23 -31.42 27.09 58.64
N VAL K 24 -31.37 26.24 57.64
CA VAL K 24 -31.19 26.77 56.31
C VAL K 24 -32.42 26.52 55.46
N SER K 25 -32.82 27.52 54.69
CA SER K 25 -33.97 27.37 53.81
C SER K 25 -33.63 27.50 52.33
N GLY K 26 -32.48 28.10 52.02
CA GLY K 26 -32.11 28.33 50.63
C GLY K 26 -31.23 27.24 50.03
N PHE K 27 -30.98 26.20 50.80
CA PHE K 27 -30.08 25.11 50.41
C PHE K 27 -30.71 23.76 50.73
N THR K 28 -30.28 22.74 50.01
CA THR K 28 -30.80 21.38 50.21
C THR K 28 -30.41 20.82 51.56
N PHE K 29 -29.21 21.19 52.02
CA PHE K 29 -28.65 20.74 53.27
C PHE K 29 -28.57 19.21 53.32
N SER K 30 -28.36 18.60 52.16
CA SER K 30 -28.27 17.16 52.11
C SER K 30 -27.14 16.86 51.17
N THR K 31 -26.87 17.85 50.34
CA THR K 31 -25.82 17.70 49.34
C THR K 31 -24.65 18.56 49.73
N TYR K 32 -24.78 19.28 50.83
CA TYR K 32 -23.73 20.16 51.29
C TYR K 32 -23.31 19.92 52.71
N SER K 33 -22.02 20.09 52.91
CA SER K 33 -21.42 20.06 54.20
C SER K 33 -21.52 21.42 54.82
N MET K 34 -21.36 21.48 56.13
CA MET K 34 -21.44 22.73 56.87
C MET K 34 -20.33 22.87 57.86
N ASN K 35 -20.02 24.09 58.20
CA ASN K 35 -19.03 24.30 59.22
C ASN K 35 -19.30 25.51 60.07
N TRP K 36 -18.60 25.58 61.17
CA TRP K 36 -18.72 26.68 62.08
C TRP K 36 -17.42 27.42 62.12
N VAL K 37 -17.55 28.73 62.07
CA VAL K 37 -16.42 29.63 62.13
C VAL K 37 -16.66 30.61 63.26
N ARG K 38 -15.63 30.88 64.02
CA ARG K 38 -15.73 31.75 65.16
C ARG K 38 -14.90 33.03 65.08
N GLN K 39 -15.55 34.16 65.25
CA GLN K 39 -14.85 35.44 65.21
C GLN K 39 -14.81 36.10 66.56
N ALA K 40 -13.69 36.01 67.24
CA ALA K 40 -13.64 36.65 68.55
C ALA K 40 -13.48 38.13 68.25
N PRO K 41 -14.06 39.04 69.04
CA PRO K 41 -13.84 40.45 68.88
C PRO K 41 -12.37 40.77 68.99
N GLY K 42 -11.86 41.57 68.08
CA GLY K 42 -10.46 42.00 68.11
C GLY K 42 -9.47 40.98 67.54
N LYS K 43 -9.97 39.83 67.08
CA LYS K 43 -9.11 38.77 66.56
C LYS K 43 -9.35 38.49 65.09
N GLY K 44 -8.61 37.52 64.56
CA GLY K 44 -8.79 37.10 63.19
C GLY K 44 -9.93 36.11 63.17
N LEU K 45 -10.16 35.50 62.04
CA LEU K 45 -11.27 34.57 61.86
C LEU K 45 -10.79 33.13 62.10
N GLU K 46 -11.37 32.41 63.07
CA GLU K 46 -10.92 31.05 63.39
C GLU K 46 -11.89 29.96 62.95
N TRP K 47 -11.42 28.97 62.22
CA TRP K 47 -12.32 27.86 61.90
C TRP K 47 -12.48 27.02 63.14
N VAL K 48 -13.70 26.57 63.44
CA VAL K 48 -13.86 25.74 64.61
C VAL K 48 -14.23 24.31 64.34
N SER K 49 -15.23 24.08 63.52
CA SER K 49 -15.67 22.71 63.32
C SER K 49 -16.37 22.46 61.97
N TYR K 50 -16.41 21.20 61.54
CA TYR K 50 -17.00 20.76 60.26
C TYR K 50 -17.78 19.48 60.32
N ILE K 51 -18.91 19.43 59.62
CA ILE K 51 -19.65 18.18 59.46
C ILE K 51 -20.08 17.93 57.99
N SER K 52 -19.92 16.70 57.51
CA SER K 52 -20.38 16.35 56.16
C SER K 52 -21.87 16.09 56.16
N SER K 53 -22.51 16.02 54.98
CA SER K 53 -23.95 15.76 54.98
C SER K 53 -24.34 14.34 55.35
N SER K 54 -23.39 13.42 55.30
CA SER K 54 -23.66 12.04 55.65
C SER K 54 -23.70 11.87 57.15
N SER K 55 -23.20 12.87 57.87
CA SER K 55 -23.05 12.93 59.32
C SER K 55 -21.94 12.02 59.85
N LEU K 56 -21.28 11.27 58.97
CA LEU K 56 -20.25 10.32 59.37
C LEU K 56 -18.90 10.98 59.49
N SER K 57 -18.82 12.21 59.06
CA SER K 57 -17.55 12.88 59.06
C SER K 57 -17.53 14.22 59.74
N ARG K 58 -16.76 14.27 60.83
CA ARG K 58 -16.66 15.48 61.63
C ARG K 58 -15.24 15.85 62.01
N TYR K 59 -14.95 17.14 61.96
CA TYR K 59 -13.66 17.68 62.35
C TYR K 59 -13.78 18.83 63.30
N TYR K 60 -12.84 18.92 64.20
CA TYR K 60 -12.79 20.00 65.17
C TYR K 60 -11.40 20.58 65.25
N ALA K 61 -11.31 21.86 65.56
CA ALA K 61 -10.05 22.52 65.82
C ALA K 61 -9.47 21.96 67.09
N ASP K 62 -8.15 21.87 67.20
CA ASP K 62 -7.59 21.35 68.44
C ASP K 62 -8.03 22.12 69.67
N SER K 63 -8.23 23.42 69.51
CA SER K 63 -8.60 24.32 70.58
C SER K 63 -9.95 24.03 71.22
N VAL K 64 -10.80 23.24 70.56
CA VAL K 64 -12.11 22.91 71.06
C VAL K 64 -12.32 21.40 71.21
N LYS K 65 -11.28 20.60 70.99
CA LYS K 65 -11.52 19.17 71.06
C LYS K 65 -11.83 18.74 72.45
N GLY K 66 -12.81 17.85 72.56
CA GLY K 66 -13.25 17.32 73.83
C GLY K 66 -14.30 18.22 74.47
N ARG K 67 -14.58 19.37 73.86
CA ARG K 67 -15.52 20.29 74.44
C ARG K 67 -16.68 20.57 73.49
N PHE K 68 -16.38 20.71 72.20
CA PHE K 68 -17.43 21.04 71.26
C PHE K 68 -17.84 19.81 70.47
N THR K 69 -19.12 19.73 70.13
CA THR K 69 -19.59 18.62 69.26
C THR K 69 -20.71 19.01 68.28
N ILE K 70 -20.72 18.35 67.12
CA ILE K 70 -21.70 18.64 66.06
C ILE K 70 -22.61 17.50 65.71
N SER K 71 -23.87 17.85 65.53
CA SER K 71 -24.85 16.92 65.03
C SER K 71 -25.73 17.68 64.06
N ARG K 72 -26.39 16.97 63.16
CA ARG K 72 -27.27 17.63 62.21
C ARG K 72 -28.44 16.75 61.90
N ASP K 73 -29.50 17.35 61.42
CA ASP K 73 -30.67 16.61 61.01
C ASP K 73 -31.11 17.14 59.67
N ASN K 74 -30.87 16.34 58.66
CA ASN K 74 -31.12 16.81 57.33
C ASN K 74 -32.60 17.04 57.07
N ALA K 75 -33.47 16.35 57.80
CA ALA K 75 -34.89 16.48 57.52
C ALA K 75 -35.46 17.79 58.04
N LYS K 76 -34.69 18.47 58.87
CA LYS K 76 -35.12 19.70 59.49
C LYS K 76 -34.32 20.86 58.96
N ASN K 77 -33.42 20.58 58.03
CA ASN K 77 -32.50 21.56 57.52
C ASN K 77 -31.77 22.24 58.67
N SER K 78 -31.36 21.47 59.68
CA SER K 78 -30.73 22.14 60.80
C SER K 78 -29.40 21.55 61.23
N LEU K 79 -28.58 22.46 61.71
CA LEU K 79 -27.25 22.20 62.21
C LEU K 79 -27.14 22.57 63.68
N SER K 80 -26.67 21.64 64.50
CA SER K 80 -26.54 21.92 65.92
C SER K 80 -25.11 21.80 66.40
N LEU K 81 -24.75 22.71 67.29
CA LEU K 81 -23.45 22.70 67.94
C LEU K 81 -23.55 22.82 69.43
N GLN K 82 -23.01 21.86 70.13
CA GLN K 82 -23.05 21.88 71.57
C GLN K 82 -21.70 22.23 72.13
N LEU K 83 -21.67 23.31 72.90
CA LEU K 83 -20.43 23.79 73.47
C LEU K 83 -20.37 23.49 74.96
N ASN K 84 -19.52 22.56 75.39
CA ASN K 84 -19.43 22.19 76.79
C ASN K 84 -18.19 22.75 77.43
N SER K 85 -18.16 22.85 78.76
CA SER K 85 -16.95 23.27 79.45
C SER K 85 -16.40 24.53 78.85
N LEU K 86 -17.27 25.53 78.74
CA LEU K 86 -16.94 26.81 78.15
C LEU K 86 -15.87 27.57 78.91
N ARG K 87 -15.05 28.26 78.15
CA ARG K 87 -13.97 29.07 78.67
C ARG K 87 -14.22 30.53 78.27
N ALA K 88 -13.52 31.47 78.92
CA ALA K 88 -13.68 32.88 78.56
C ALA K 88 -13.32 33.14 77.11
N GLU K 89 -12.36 32.37 76.61
CA GLU K 89 -11.84 32.44 75.26
C GLU K 89 -12.85 32.04 74.19
N ASP K 90 -13.96 31.39 74.60
CA ASP K 90 -14.95 30.94 73.66
C ASP K 90 -16.02 31.99 73.40
N THR K 91 -15.91 33.17 74.03
CA THR K 91 -16.92 34.16 73.72
C THR K 91 -16.53 34.74 72.37
N ALA K 92 -17.42 34.62 71.42
CA ALA K 92 -17.15 35.01 70.06
C ALA K 92 -18.42 35.00 69.25
N VAL K 93 -18.36 35.56 68.06
CA VAL K 93 -19.50 35.44 67.17
C VAL K 93 -19.36 34.14 66.40
N TYR K 94 -20.37 33.31 66.45
CA TYR K 94 -20.31 32.06 65.72
C TYR K 94 -21.12 32.21 64.46
N TYR K 95 -20.61 31.69 63.35
CA TYR K 95 -21.29 31.75 62.07
C TYR K 95 -21.46 30.34 61.52
N CYS K 96 -22.54 30.09 60.76
CA CYS K 96 -22.77 28.84 60.03
C CYS K 96 -22.45 29.09 58.59
N VAL K 97 -21.60 28.26 58.06
CA VAL K 97 -21.16 28.46 56.71
C VAL K 97 -21.40 27.24 55.89
N ARG K 98 -21.99 27.46 54.73
CA ARG K 98 -22.30 26.41 53.81
C ARG K 98 -21.05 26.25 52.95
N GLY K 99 -20.55 25.01 52.88
CA GLY K 99 -19.32 24.73 52.16
C GLY K 99 -19.55 24.60 50.67
N SER K 100 -18.47 24.39 49.92
CA SER K 100 -18.57 24.25 48.50
C SER K 100 -19.16 22.90 48.18
N ILE K 101 -19.66 22.74 46.97
CA ILE K 101 -20.17 21.45 46.56
C ILE K 101 -19.01 20.49 46.26
N THR K 102 -17.92 21.02 45.71
CA THR K 102 -16.77 20.22 45.31
C THR K 102 -15.84 19.89 46.46
N TRP K 103 -16.36 19.14 47.42
CA TRP K 103 -15.64 18.83 48.64
C TRP K 103 -14.20 18.31 48.61
N PRO K 104 -13.85 17.27 47.85
CA PRO K 104 -12.56 16.66 47.95
C PRO K 104 -11.45 17.53 47.40
N THR K 105 -11.78 18.63 46.73
CA THR K 105 -10.74 19.45 46.15
C THR K 105 -10.82 20.88 46.67
N GLU K 106 -11.62 21.72 46.04
CA GLU K 106 -11.66 23.11 46.40
C GLU K 106 -12.74 23.46 47.42
N TYR K 107 -12.37 23.68 48.67
CA TYR K 107 -13.34 23.99 49.70
C TYR K 107 -13.13 25.42 50.21
N TYR K 108 -13.90 26.36 49.66
CA TYR K 108 -13.71 27.80 49.90
C TYR K 108 -14.80 28.59 50.61
N LEU K 109 -15.73 27.94 51.30
CA LEU K 109 -16.71 28.65 52.12
C LEU K 109 -17.48 29.77 51.44
N ASP K 110 -18.20 29.46 50.36
CA ASP K 110 -18.91 30.50 49.63
C ASP K 110 -20.19 31.08 50.22
N TYR K 111 -20.89 30.41 51.14
CA TYR K 111 -22.10 31.08 51.64
C TYR K 111 -22.17 31.20 53.19
N TRP K 112 -22.33 32.44 53.68
CA TRP K 112 -22.34 32.80 55.12
C TRP K 112 -23.73 33.33 55.51
N GLU L 1 -0.52 22.17 60.67
CA GLU L 1 -1.06 22.39 59.33
C GLU L 1 -0.24 23.52 58.65
N ILE L 2 -0.86 24.24 57.68
CA ILE L 2 -0.26 25.32 56.92
C ILE L 2 -0.59 26.61 57.61
N VAL L 3 0.43 27.36 57.93
CA VAL L 3 0.26 28.60 58.64
C VAL L 3 0.24 29.74 57.67
N MET L 4 -0.82 30.50 57.73
CA MET L 4 -1.00 31.62 56.84
C MET L 4 -0.80 32.93 57.58
N THR L 5 -0.01 33.81 57.00
CA THR L 5 0.19 35.12 57.59
C THR L 5 -0.05 36.19 56.55
N GLN L 6 -0.33 37.41 57.00
CA GLN L 6 -0.52 38.51 56.09
C GLN L 6 0.26 39.72 56.59
N SER L 7 1.33 40.07 55.87
CA SER L 7 2.23 41.15 56.26
C SER L 7 1.69 42.61 56.22
N PRO L 8 0.94 43.05 55.19
CA PRO L 8 0.48 44.41 55.05
C PRO L 8 -0.72 44.66 55.93
N ALA L 9 -0.50 44.73 57.24
CA ALA L 9 -1.60 44.83 58.21
C ALA L 9 -2.50 46.01 57.89
N THR L 10 -1.92 47.11 57.41
CA THR L 10 -2.76 48.23 56.99
C THR L 10 -2.39 48.66 55.60
N LEU L 11 -3.37 48.70 54.72
CA LEU L 11 -3.20 49.18 53.36
C LEU L 11 -4.04 50.43 53.22
N SER L 12 -3.42 51.58 53.09
CA SER L 12 -4.22 52.80 53.04
C SER L 12 -3.83 53.66 51.87
N VAL L 13 -4.80 53.81 50.97
CA VAL L 13 -4.63 54.55 49.73
C VAL L 13 -5.75 55.54 49.51
N SER L 14 -5.57 56.50 48.61
CA SER L 14 -6.61 57.48 48.31
C SER L 14 -7.68 56.83 47.43
N PRO L 15 -8.89 57.39 47.33
CA PRO L 15 -9.94 56.87 46.47
C PRO L 15 -9.46 56.76 45.03
N GLY L 16 -9.76 55.64 44.42
CA GLY L 16 -9.41 55.38 43.03
C GLY L 16 -8.01 54.84 42.82
N GLU L 17 -7.22 54.77 43.90
CA GLU L 17 -5.86 54.31 43.81
C GLU L 17 -5.77 52.79 43.76
N ARG L 18 -4.83 52.29 42.95
CA ARG L 18 -4.56 50.86 42.87
C ARG L 18 -3.88 50.39 44.14
N ALA L 19 -4.27 49.24 44.65
CA ALA L 19 -3.65 48.76 45.87
C ALA L 19 -3.59 47.24 45.94
N THR L 20 -2.59 46.67 46.62
CA THR L 20 -2.53 45.22 46.75
C THR L 20 -2.26 44.71 48.16
N LEU L 21 -2.69 43.47 48.40
CA LEU L 21 -2.42 42.74 49.64
C LEU L 21 -1.71 41.44 49.39
N SER L 22 -0.79 41.11 50.26
CA SER L 22 -0.06 39.85 50.15
C SER L 22 -0.48 38.88 51.26
N CYS L 23 -0.40 37.57 50.94
CA CYS L 23 -0.60 36.42 51.80
C CYS L 23 0.57 35.45 51.64
N ARG L 24 1.06 34.93 52.76
CA ARG L 24 2.18 34.01 52.71
C ARG L 24 1.93 32.74 53.48
N ALA L 25 2.27 31.62 52.87
CA ALA L 25 2.10 30.35 53.53
C ALA L 25 3.42 29.71 53.92
N SER L 26 3.40 29.00 55.04
CA SER L 26 4.55 28.23 55.49
C SER L 26 4.81 26.98 54.65
N GLN L 27 3.82 26.57 53.90
CA GLN L 27 3.89 25.38 53.06
C GLN L 27 3.28 25.69 51.72
N THR L 28 3.68 24.94 50.72
CA THR L 28 3.11 25.11 49.42
C THR L 28 1.60 24.82 49.44
N ILE L 29 0.84 25.75 48.87
CA ILE L 29 -0.60 25.72 48.68
C ILE L 29 -0.99 25.35 47.25
N ARG L 30 -0.20 25.77 46.27
CA ARG L 30 -0.48 25.46 44.85
C ARG L 30 -1.81 25.97 44.35
N SER L 31 -2.11 27.19 44.69
CA SER L 31 -3.32 27.90 44.30
C SER L 31 -4.62 27.44 44.98
N ASP L 32 -4.52 26.51 45.94
CA ASP L 32 -5.70 26.13 46.71
C ASP L 32 -5.92 27.10 47.88
N LEU L 33 -6.27 28.32 47.51
CA LEU L 33 -6.42 29.50 48.38
C LEU L 33 -7.67 30.29 48.06
N ALA L 34 -8.25 30.96 49.05
CA ALA L 34 -9.41 31.81 48.79
C ALA L 34 -9.32 33.15 49.55
N TRP L 35 -9.90 34.21 48.97
CA TRP L 35 -9.88 35.54 49.58
C TRP L 35 -11.26 36.04 49.98
N TYR L 36 -11.31 36.71 51.14
CA TYR L 36 -12.54 37.29 51.67
C TYR L 36 -12.43 38.76 51.96
N GLN L 37 -13.55 39.48 51.87
CA GLN L 37 -13.67 40.89 52.21
C GLN L 37 -14.77 41.08 53.25
N GLN L 38 -14.44 41.53 54.45
CA GLN L 38 -15.40 41.67 55.52
C GLN L 38 -15.74 43.09 55.94
N LYS L 39 -17.01 43.43 55.82
CA LYS L 39 -17.48 44.73 56.25
C LYS L 39 -17.76 44.63 57.74
N PRO L 40 -17.54 45.67 58.54
CA PRO L 40 -17.79 45.63 59.96
C PRO L 40 -19.22 45.22 60.27
N GLY L 41 -19.35 44.31 61.21
CA GLY L 41 -20.64 43.79 61.66
C GLY L 41 -21.19 42.66 60.79
N GLN L 42 -20.51 42.36 59.70
CA GLN L 42 -20.98 41.34 58.77
C GLN L 42 -20.10 40.09 58.82
N PRO L 43 -20.62 38.94 58.39
CA PRO L 43 -19.83 37.77 58.09
C PRO L 43 -18.98 38.22 56.92
N PRO L 44 -17.81 37.66 56.68
CA PRO L 44 -16.95 37.95 55.56
C PRO L 44 -17.58 37.52 54.25
N ARG L 45 -17.35 38.27 53.18
CA ARG L 45 -17.85 37.86 51.88
C ARG L 45 -16.74 37.22 51.05
N LEU L 46 -17.04 36.13 50.37
CA LEU L 46 -16.02 35.56 49.50
C LEU L 46 -15.86 36.41 48.26
N ILE L 47 -14.63 36.81 47.96
CA ILE L 47 -14.40 37.61 46.76
C ILE L 47 -13.71 36.82 45.65
N ILE L 48 -12.72 36.04 46.02
CA ILE L 48 -12.00 35.24 45.04
C ILE L 48 -12.03 33.82 45.59
N TYR L 49 -12.49 32.84 44.80
CA TYR L 49 -12.60 31.52 45.41
C TYR L 49 -11.40 30.66 45.19
N GLY L 50 -10.62 30.97 44.17
CA GLY L 50 -9.40 30.21 43.94
C GLY L 50 -8.30 31.16 44.34
N ALA L 51 -7.03 30.84 44.17
CA ALA L 51 -6.08 31.86 44.57
C ALA L 51 -6.26 33.13 43.76
N SER L 52 -6.63 32.95 42.48
CA SER L 52 -6.82 34.04 41.56
C SER L 52 -8.21 34.17 40.92
N THR L 53 -8.98 33.07 40.91
CA THR L 53 -10.26 33.05 40.20
C THR L 53 -11.37 33.67 41.01
N ARG L 54 -12.01 34.67 40.40
CA ARG L 54 -13.05 35.50 40.97
C ARG L 54 -14.35 34.78 41.27
N ALA L 55 -14.92 35.08 42.44
CA ALA L 55 -16.19 34.51 42.87
C ALA L 55 -17.36 35.18 42.18
N THR L 56 -18.44 34.44 42.02
CA THR L 56 -19.65 34.96 41.41
C THR L 56 -20.21 36.12 42.21
N GLY L 57 -20.55 37.20 41.50
CA GLY L 57 -21.13 38.40 42.12
C GLY L 57 -20.10 39.45 42.50
N ILE L 58 -18.84 39.19 42.18
CA ILE L 58 -17.74 40.07 42.48
C ILE L 58 -17.33 40.88 41.25
N PRO L 59 -17.14 42.20 41.38
CA PRO L 59 -16.75 43.10 40.32
C PRO L 59 -15.31 42.89 39.90
N ALA L 60 -15.02 43.38 38.69
CA ALA L 60 -13.72 43.32 38.02
C ALA L 60 -12.63 44.07 38.78
N ARG L 61 -13.03 44.85 39.77
CA ARG L 61 -12.09 45.60 40.58
C ARG L 61 -11.13 44.64 41.25
N PHE L 62 -11.61 43.42 41.58
CA PHE L 62 -10.74 42.51 42.27
C PHE L 62 -10.29 41.35 41.40
N SER L 63 -9.03 40.98 41.55
CA SER L 63 -8.49 39.79 40.92
C SER L 63 -7.30 39.33 41.71
N GLY L 64 -6.90 38.06 41.59
CA GLY L 64 -5.69 37.71 42.31
C GLY L 64 -4.66 37.02 41.44
N SER L 65 -3.61 36.59 42.09
CA SER L 65 -2.52 35.88 41.47
C SER L 65 -1.79 35.10 42.53
N GLY L 66 -0.93 34.19 42.11
CA GLY L 66 -0.14 33.49 43.10
C GLY L 66 0.57 32.28 42.57
N SER L 67 1.41 31.73 43.43
CA SER L 67 2.22 30.56 43.14
C SER L 67 2.17 29.58 44.29
N GLY L 68 3.28 28.90 44.53
CA GLY L 68 3.33 27.88 45.55
C GLY L 68 2.97 28.39 46.94
N THR L 69 3.74 29.36 47.48
CA THR L 69 3.50 29.90 48.82
C THR L 69 3.09 31.38 48.88
N GLU L 70 3.31 32.12 47.81
CA GLU L 70 3.00 33.56 47.84
C GLU L 70 1.81 33.93 46.98
N PHE L 71 0.88 34.66 47.59
CA PHE L 71 -0.35 35.06 46.91
C PHE L 71 -0.61 36.55 47.01
N THR L 72 -1.26 37.10 45.98
CA THR L 72 -1.60 38.52 45.96
C THR L 72 -3.04 38.81 45.54
N LEU L 73 -3.63 39.80 46.22
CA LEU L 73 -4.91 40.38 45.85
C LEU L 73 -4.69 41.73 45.27
N THR L 74 -5.25 41.98 44.10
CA THR L 74 -5.14 43.29 43.51
C THR L 74 -6.50 43.96 43.46
N ILE L 75 -6.51 45.20 43.91
CA ILE L 75 -7.66 46.06 43.87
C ILE L 75 -7.31 47.10 42.81
N SER L 76 -7.96 47.08 41.66
CA SER L 76 -7.52 47.98 40.59
C SER L 76 -7.76 49.46 40.85
N SER L 77 -8.78 49.76 41.65
CA SER L 77 -9.17 51.12 42.00
C SER L 77 -10.00 51.06 43.26
N LEU L 78 -9.44 51.46 44.41
CA LEU L 78 -10.19 51.28 45.65
C LEU L 78 -11.42 52.21 45.69
N GLN L 79 -12.59 51.65 45.99
CA GLN L 79 -13.83 52.43 46.03
C GLN L 79 -14.22 52.78 47.44
N SER L 80 -15.12 53.74 47.60
CA SER L 80 -15.61 54.16 48.92
C SER L 80 -16.36 53.03 49.64
N GLU L 81 -16.76 52.04 48.87
CA GLU L 81 -17.46 50.85 49.31
C GLU L 81 -16.52 49.75 49.82
N ASP L 82 -15.23 49.90 49.56
CA ASP L 82 -14.28 48.84 49.85
C ASP L 82 -13.45 48.90 51.15
N SER L 83 -13.64 49.88 52.04
CA SER L 83 -12.82 49.71 53.23
C SER L 83 -13.33 48.42 53.87
N ALA L 84 -12.41 47.53 54.22
CA ALA L 84 -12.80 46.22 54.74
C ALA L 84 -11.63 45.45 55.31
N VAL L 85 -11.91 44.40 56.06
CA VAL L 85 -10.84 43.53 56.48
C VAL L 85 -10.76 42.35 55.53
N TYR L 86 -9.59 42.12 54.99
CA TYR L 86 -9.40 41.07 54.05
C TYR L 86 -8.69 39.88 54.66
N PHE L 87 -9.09 38.69 54.24
CA PHE L 87 -8.48 37.48 54.75
C PHE L 87 -8.13 36.47 53.66
N CYS L 88 -7.06 35.68 53.89
CA CYS L 88 -6.75 34.47 53.10
C CYS L 88 -7.02 33.23 53.90
N GLN L 89 -7.57 32.25 53.22
CA GLN L 89 -7.76 30.93 53.79
C GLN L 89 -6.87 30.04 52.96
N GLN L 90 -6.81 28.78 53.30
CA GLN L 90 -6.20 27.78 52.46
C GLN L 90 -7.03 26.53 52.57
N TYR L 91 -6.99 25.72 51.55
CA TYR L 91 -7.67 24.46 51.58
C TYR L 91 -6.87 23.35 50.94
N ASN L 92 -5.56 23.48 51.00
CA ASN L 92 -4.67 22.50 50.44
C ASN L 92 -4.49 21.37 51.43
N ASN L 93 -4.46 21.73 52.70
CA ASN L 93 -4.24 20.78 53.78
C ASN L 93 -5.23 21.08 54.87
N TRP L 94 -6.31 20.32 54.98
CA TRP L 94 -7.28 20.80 55.93
C TRP L 94 -8.09 19.86 56.76
N PRO L 95 -7.54 19.07 57.65
CA PRO L 95 -8.36 18.45 58.63
C PRO L 95 -9.17 19.66 59.15
N PRO L 96 -8.57 20.69 59.84
CA PRO L 96 -9.18 21.98 60.04
C PRO L 96 -8.97 22.84 58.83
N LEU L 97 -9.83 23.80 58.60
CA LEU L 97 -9.48 24.84 57.65
C LEU L 97 -8.69 25.87 58.40
N THR L 98 -7.78 26.55 57.73
CA THR L 98 -7.09 27.61 58.44
C THR L 98 -7.17 28.90 57.67
N PHE L 99 -7.01 30.00 58.41
CA PHE L 99 -7.01 31.37 57.92
C PHE L 99 -5.85 32.14 58.48
N GLY L 100 -5.44 33.20 57.78
CA GLY L 100 -4.44 34.10 58.31
C GLY L 100 -5.15 35.10 59.22
N GLY L 101 -4.39 35.99 59.86
CA GLY L 101 -5.00 36.97 60.78
C GLY L 101 -5.94 37.95 60.09
N GLY L 102 -5.59 38.34 58.89
CA GLY L 102 -6.35 39.30 58.09
C GLY L 102 -5.74 40.68 58.22
N THR L 103 -6.01 41.54 57.24
CA THR L 103 -5.49 42.90 57.22
C THR L 103 -6.58 43.90 56.89
N LYS L 104 -6.37 45.18 57.19
CA LYS L 104 -7.40 46.15 56.82
C LYS L 104 -7.00 47.05 55.69
N VAL L 105 -7.95 47.33 54.81
CA VAL L 105 -7.77 48.26 53.73
C VAL L 105 -8.64 49.47 54.04
N GLU L 106 -8.02 50.65 54.00
CA GLU L 106 -8.66 51.91 54.36
C GLU L 106 -8.46 52.99 53.28
N ILE L 107 -9.36 53.97 53.28
CA ILE L 107 -9.38 55.02 52.26
C ILE L 107 -9.02 56.42 52.81
N LYS L 108 -8.02 57.09 52.17
CA LYS L 108 -7.51 58.44 52.49
C LYS L 108 -8.36 59.55 51.82
N GLY M 4 -48.58 -1.93 41.28
CA GLY M 4 -47.44 -2.74 40.95
C GLY M 4 -46.50 -2.07 39.94
N ASP M 5 -45.92 -0.95 40.35
CA ASP M 5 -45.06 -0.08 39.55
C ASP M 5 -43.65 -0.65 39.28
N THR M 6 -43.30 -0.73 37.98
CA THR M 6 -42.00 -1.26 37.53
C THR M 6 -41.33 -0.37 36.48
N LEU M 7 -40.02 -0.60 36.31
CA LEU M 7 -39.21 0.10 35.30
C LEU M 7 -38.21 -0.87 34.66
N CYS M 8 -38.14 -0.92 33.31
CA CYS M 8 -37.23 -1.78 32.55
C CYS M 8 -36.33 -0.97 31.63
N ILE M 9 -35.11 -1.43 31.50
CA ILE M 9 -34.10 -0.81 30.66
C ILE M 9 -33.77 -1.66 29.49
N GLY M 10 -33.81 -1.08 28.32
CA GLY M 10 -33.53 -1.85 27.13
C GLY M 10 -33.16 -0.99 25.95
N TYR M 11 -33.30 -1.58 24.77
CA TYR M 11 -32.88 -0.95 23.55
C TYR M 11 -33.78 -1.26 22.38
N HIS M 12 -33.69 -0.41 21.39
CA HIS M 12 -34.46 -0.41 20.15
C HIS M 12 -34.27 -1.61 19.24
N ALA M 13 -35.36 -2.05 18.66
CA ALA M 13 -35.40 -3.11 17.67
C ALA M 13 -36.11 -2.57 16.45
N ASN M 14 -35.85 -3.15 15.29
CA ASN M 14 -36.44 -2.63 14.07
C ASN M 14 -36.78 -3.79 13.14
N ASN M 15 -37.35 -3.51 11.95
CA ASN M 15 -37.69 -4.52 10.92
C ASN M 15 -36.61 -4.65 9.84
N SER M 16 -35.41 -4.02 10.03
CA SER M 16 -34.26 -3.99 9.13
C SER M 16 -33.69 -5.37 8.91
N THR M 17 -33.32 -5.63 7.66
CA THR M 17 -32.78 -6.91 7.24
C THR M 17 -31.35 -6.76 6.79
N ASP M 18 -30.80 -5.62 7.07
CA ASP M 18 -29.44 -5.29 6.72
C ASP M 18 -28.48 -5.98 7.65
N THR M 19 -27.56 -6.75 7.08
CA THR M 19 -26.62 -7.44 7.94
C THR M 19 -25.22 -6.99 7.67
N VAL M 20 -24.38 -7.20 8.65
CA VAL M 20 -22.98 -6.90 8.58
C VAL M 20 -22.15 -8.06 9.05
N ASP M 21 -20.89 -8.05 8.71
CA ASP M 21 -20.00 -9.05 9.27
C ASP M 21 -19.14 -8.35 10.29
N THR M 22 -18.65 -9.08 11.26
CA THR M 22 -17.77 -8.53 12.27
C THR M 22 -16.58 -9.44 12.29
N VAL M 23 -15.61 -9.14 13.11
CA VAL M 23 -14.45 -10.01 13.11
C VAL M 23 -14.80 -11.38 13.63
N LEU M 24 -15.58 -11.43 14.69
CA LEU M 24 -15.94 -12.69 15.32
C LEU M 24 -17.17 -13.37 14.72
N GLU M 25 -18.11 -12.61 14.19
CA GLU M 25 -19.39 -13.14 13.71
C GLU M 25 -19.72 -12.82 12.27
N LYS M 26 -20.56 -13.63 11.65
CA LYS M 26 -21.01 -13.31 10.30
C LYS M 26 -22.52 -13.16 10.28
N ASN M 27 -23.06 -12.39 9.29
CA ASN M 27 -24.49 -12.19 9.05
C ASN M 27 -25.27 -11.66 10.28
N VAL M 28 -24.75 -10.61 10.93
CA VAL M 28 -25.37 -9.98 12.11
C VAL M 28 -26.33 -8.92 11.64
N THR M 29 -27.61 -9.03 12.00
CA THR M 29 -28.57 -8.05 11.54
C THR M 29 -28.45 -6.84 12.42
N VAL M 30 -28.45 -5.66 11.83
CA VAL M 30 -28.39 -4.43 12.59
C VAL M 30 -29.53 -3.52 12.23
N THR M 31 -29.89 -2.61 13.13
CA THR M 31 -31.02 -1.73 12.85
C THR M 31 -30.69 -0.68 11.81
N HIS M 32 -29.46 -0.22 11.81
CA HIS M 32 -29.03 0.82 10.88
C HIS M 32 -27.64 0.53 10.37
N SER M 33 -27.39 0.85 9.11
CA SER M 33 -26.06 0.66 8.55
C SER M 33 -25.78 1.64 7.41
N VAL M 34 -24.49 1.83 7.14
CA VAL M 34 -24.03 2.69 6.05
C VAL M 34 -23.12 1.95 5.08
N ASN M 35 -23.35 2.16 3.81
CA ASN M 35 -22.59 1.55 2.75
C ASN M 35 -21.36 2.34 2.34
N LEU M 36 -20.17 1.77 2.50
CA LEU M 36 -18.93 2.47 2.16
C LEU M 36 -18.46 2.18 0.74
N LEU M 37 -19.14 1.27 0.06
CA LEU M 37 -18.75 0.83 -1.27
C LEU M 37 -19.73 1.21 -2.35
N GLU M 38 -19.25 1.97 -3.32
CA GLU M 38 -20.09 2.44 -4.39
C GLU M 38 -20.15 1.42 -5.52
N ASP M 39 -21.35 0.98 -5.84
CA ASP M 39 -21.57 0.01 -6.89
C ASP M 39 -22.49 0.50 -8.00
N LYS M 40 -22.65 1.82 -8.11
CA LYS M 40 -23.51 2.39 -9.14
C LYS M 40 -22.76 3.35 -10.03
N HIS M 41 -23.19 3.42 -11.28
CA HIS M 41 -22.69 4.36 -12.26
C HIS M 41 -23.89 4.79 -13.08
N ASN M 42 -23.83 5.94 -13.73
CA ASN M 42 -25.01 6.38 -14.46
C ASN M 42 -25.14 5.96 -15.92
N GLY M 43 -24.18 5.22 -16.41
CA GLY M 43 -24.21 4.72 -17.78
C GLY M 43 -23.91 5.79 -18.82
N LYS M 44 -23.36 6.92 -18.39
CA LYS M 44 -23.09 8.02 -19.31
C LYS M 44 -21.68 8.53 -19.21
N LEU M 45 -21.16 9.06 -20.31
CA LEU M 45 -19.89 9.73 -20.22
C LEU M 45 -20.21 11.21 -20.00
N CYS M 46 -19.70 11.78 -18.89
CA CYS M 46 -19.96 13.13 -18.39
C CYS M 46 -18.74 14.03 -18.53
N LYS M 47 -18.96 15.31 -18.28
CA LYS M 47 -17.90 16.29 -18.31
C LYS M 47 -17.06 16.18 -17.05
N LEU M 48 -15.76 16.35 -17.17
CA LEU M 48 -14.93 16.37 -15.97
C LEU M 48 -14.61 17.78 -15.64
N ARG M 49 -15.03 18.20 -14.46
CA ARG M 49 -14.77 19.56 -14.04
C ARG M 49 -15.32 20.57 -15.05
N GLY M 50 -16.48 20.25 -15.62
CA GLY M 50 -17.15 21.14 -16.56
C GLY M 50 -16.72 21.04 -18.02
N VAL M 51 -15.72 20.23 -18.34
CA VAL M 51 -15.30 20.16 -19.73
C VAL M 51 -15.63 18.82 -20.40
N ALA M 52 -16.23 18.94 -21.57
CA ALA M 52 -16.66 17.82 -22.37
C ALA M 52 -15.49 17.02 -22.87
N PRO M 53 -15.66 15.72 -23.10
CA PRO M 53 -14.69 14.87 -23.72
C PRO M 53 -14.65 15.13 -25.18
N LEU M 54 -13.58 14.73 -25.81
CA LEU M 54 -13.52 14.76 -27.24
C LEU M 54 -13.96 13.41 -27.70
N HIS M 55 -15.03 13.34 -28.45
CA HIS M 55 -15.51 12.04 -28.87
C HIS M 55 -15.21 11.86 -30.34
N LEU M 56 -14.32 10.90 -30.65
CA LEU M 56 -13.88 10.71 -32.03
C LEU M 56 -14.71 9.68 -32.76
N GLY M 57 -15.65 9.07 -32.06
CA GLY M 57 -16.51 8.08 -32.66
C GLY M 57 -15.71 6.93 -33.22
N LYS M 58 -15.93 6.67 -34.51
CA LYS M 58 -15.29 5.59 -35.26
C LYS M 58 -13.79 5.77 -35.58
N CYS M 59 -13.24 6.99 -35.39
CA CYS M 59 -11.84 7.33 -35.67
C CYS M 59 -10.97 7.16 -34.44
N ASN M 60 -9.71 6.90 -34.69
CA ASN M 60 -8.79 6.87 -33.58
C ASN M 60 -8.07 8.19 -33.60
N ILE M 61 -7.18 8.41 -32.66
CA ILE M 61 -6.45 9.66 -32.67
C ILE M 61 -5.63 9.86 -33.90
N ALA M 62 -4.91 8.86 -34.39
CA ALA M 62 -4.11 9.13 -35.59
C ALA M 62 -5.00 9.60 -36.73
N GLY M 63 -6.18 9.05 -36.88
CA GLY M 63 -7.08 9.45 -37.94
C GLY M 63 -7.45 10.91 -37.81
N TRP M 64 -7.86 11.29 -36.63
CA TRP M 64 -8.25 12.65 -36.38
C TRP M 64 -7.12 13.66 -36.60
N ILE M 65 -5.93 13.38 -36.09
CA ILE M 65 -4.79 14.25 -36.27
C ILE M 65 -4.26 14.31 -37.70
N LEU M 66 -4.19 13.19 -38.38
CA LEU M 66 -3.69 13.21 -39.74
C LEU M 66 -4.75 13.73 -40.70
N GLY M 67 -6.02 13.55 -40.38
CA GLY M 67 -7.04 14.01 -41.28
C GLY M 67 -7.51 12.89 -42.19
N ASN M 68 -7.67 11.71 -41.66
CA ASN M 68 -8.19 10.62 -42.45
C ASN M 68 -9.48 11.13 -43.07
N PRO M 69 -9.76 10.87 -44.34
CA PRO M 69 -10.95 11.34 -45.05
C PRO M 69 -12.26 11.05 -44.34
N GLU M 70 -12.30 10.03 -43.51
CA GLU M 70 -13.52 9.68 -42.78
C GLU M 70 -13.72 10.36 -41.42
N CYS M 71 -12.76 11.20 -40.98
CA CYS M 71 -12.74 11.87 -39.69
C CYS M 71 -13.07 13.35 -39.91
N GLU M 72 -13.38 13.70 -41.15
CA GLU M 72 -13.67 15.07 -41.53
C GLU M 72 -14.94 15.59 -40.88
N SER M 73 -15.89 14.71 -40.68
CA SER M 73 -17.17 15.05 -40.09
C SER M 73 -17.09 15.29 -38.58
N LEU M 74 -15.96 14.98 -37.95
CA LEU M 74 -15.87 15.17 -36.51
C LEU M 74 -15.79 16.66 -36.22
N SER M 75 -16.45 17.10 -35.17
CA SER M 75 -16.38 18.49 -34.77
C SER M 75 -15.10 18.75 -34.00
N THR M 76 -14.73 20.01 -33.86
CA THR M 76 -13.55 20.34 -33.08
C THR M 76 -13.91 21.17 -31.88
N ALA M 77 -13.50 20.70 -30.73
CA ALA M 77 -13.70 21.42 -29.50
C ALA M 77 -12.40 22.13 -29.19
N SER M 78 -12.47 23.31 -28.60
CA SER M 78 -11.30 24.07 -28.25
C SER M 78 -10.58 23.55 -27.01
N SER M 79 -11.24 22.70 -26.25
CA SER M 79 -10.64 22.12 -25.06
C SER M 79 -11.26 20.76 -24.85
N TRP M 80 -10.50 19.84 -24.27
CA TRP M 80 -11.05 18.50 -24.04
C TRP M 80 -10.67 18.11 -22.66
N SER M 81 -11.56 17.41 -21.98
CA SER M 81 -11.23 16.92 -20.66
C SER M 81 -10.57 15.56 -20.67
N TYR M 82 -10.94 14.76 -21.64
CA TYR M 82 -10.46 13.40 -21.87
C TYR M 82 -10.82 13.05 -23.29
N ILE M 83 -10.24 11.96 -23.82
CA ILE M 83 -10.60 11.54 -25.18
C ILE M 83 -11.32 10.21 -25.17
N VAL M 84 -12.38 10.14 -25.94
CA VAL M 84 -13.17 8.93 -26.08
C VAL M 84 -13.14 8.36 -27.48
N GLU M 85 -12.79 7.10 -27.57
CA GLU M 85 -12.76 6.33 -28.81
C GLU M 85 -13.66 5.14 -28.61
N THR M 86 -14.35 4.68 -29.64
CA THR M 86 -15.12 3.47 -29.41
C THR M 86 -14.19 2.27 -29.61
N PRO M 87 -14.49 1.07 -29.08
CA PRO M 87 -13.76 -0.16 -29.32
C PRO M 87 -13.76 -0.58 -30.78
N SER M 88 -14.73 -0.08 -31.53
CA SER M 88 -14.90 -0.35 -32.94
C SER M 88 -14.11 0.59 -33.81
N SER M 89 -13.46 1.57 -33.20
CA SER M 89 -12.71 2.55 -33.95
C SER M 89 -11.63 1.90 -34.75
N ASP M 90 -11.58 2.28 -36.02
CA ASP M 90 -10.57 1.73 -36.92
C ASP M 90 -10.25 2.61 -38.13
N ASN M 91 -10.02 3.92 -37.93
CA ASN M 91 -9.70 4.88 -39.00
C ASN M 91 -8.52 5.76 -38.59
N GLY M 92 -7.40 5.59 -39.31
CA GLY M 92 -6.13 6.28 -39.13
C GLY M 92 -5.09 5.53 -39.92
N THR M 93 -3.97 6.18 -40.14
CA THR M 93 -2.90 5.59 -40.95
C THR M 93 -3.43 4.70 -42.07
N CYS M 94 -4.33 5.27 -42.94
CA CYS M 94 -4.93 4.62 -44.11
C CYS M 94 -3.88 4.35 -45.17
N TYR M 95 -2.80 5.08 -45.19
CA TYR M 95 -1.75 4.70 -46.09
C TYR M 95 -0.88 3.90 -45.13
N PRO M 96 -0.64 2.61 -45.31
CA PRO M 96 0.07 1.76 -44.37
C PRO M 96 1.42 2.30 -44.02
N GLY M 97 1.79 2.20 -42.74
CA GLY M 97 3.09 2.65 -42.27
C GLY M 97 3.09 2.81 -40.77
N ASP M 98 4.24 3.15 -40.21
CA ASP M 98 4.36 3.35 -38.78
C ASP M 98 4.08 4.76 -38.34
N PHE M 99 3.51 4.89 -37.18
CA PHE M 99 3.30 6.20 -36.62
C PHE M 99 4.25 6.19 -35.43
N ILE M 100 5.27 7.01 -35.51
CA ILE M 100 6.34 7.02 -34.54
C ILE M 100 5.94 7.74 -33.27
N ASP M 101 6.22 7.08 -32.14
CA ASP M 101 5.91 7.62 -30.83
C ASP M 101 4.45 7.96 -30.76
N TYR M 102 3.63 7.07 -31.28
CA TYR M 102 2.22 7.28 -31.30
C TYR M 102 1.67 7.30 -29.91
N GLU M 103 2.12 6.40 -29.06
CA GLU M 103 1.59 6.39 -27.72
C GLU M 103 1.93 7.66 -26.98
N GLU M 104 3.12 8.21 -27.19
CA GLU M 104 3.46 9.47 -26.52
C GLU M 104 2.58 10.60 -27.02
N LEU M 105 2.25 10.62 -28.30
CA LEU M 105 1.39 11.68 -28.78
C LEU M 105 0.01 11.56 -28.17
N ARG M 106 -0.50 10.33 -28.10
CA ARG M 106 -1.81 10.08 -27.55
C ARG M 106 -1.88 10.55 -26.12
N GLU M 107 -0.81 10.34 -25.36
CA GLU M 107 -0.80 10.73 -23.97
C GLU M 107 -0.81 12.25 -23.87
N GLN M 108 -0.04 12.94 -24.70
CA GLN M 108 0.02 14.39 -24.63
C GLN M 108 -1.29 15.07 -24.97
N LEU M 109 -2.03 14.50 -25.88
CA LEU M 109 -3.28 15.09 -26.29
C LEU M 109 -4.46 14.71 -25.41
N SER M 110 -4.26 13.91 -24.38
CA SER M 110 -5.46 13.49 -23.66
C SER M 110 -6.24 14.62 -23.03
N SER M 111 -5.59 15.71 -22.67
CA SER M 111 -6.29 16.84 -22.09
C SER M 111 -5.63 18.13 -22.49
N VAL M 112 -6.41 18.97 -23.12
CA VAL M 112 -5.92 20.23 -23.65
C VAL M 112 -6.79 21.38 -23.20
N SER M 113 -6.18 22.44 -22.68
CA SER M 113 -6.97 23.58 -22.22
C SER M 113 -7.30 24.51 -23.35
N SER M 114 -6.50 24.49 -24.38
CA SER M 114 -6.74 25.34 -25.55
C SER M 114 -6.18 24.69 -26.79
N PHE M 115 -6.99 24.58 -27.85
CA PHE M 115 -6.55 23.95 -29.09
C PHE M 115 -7.09 24.63 -30.33
N GLU M 116 -6.24 24.88 -31.32
CA GLU M 116 -6.73 25.39 -32.59
C GLU M 116 -5.96 24.85 -33.76
N ARG M 117 -6.64 24.67 -34.87
CA ARG M 117 -5.99 24.21 -36.08
C ARG M 117 -5.82 25.34 -37.02
N PHE M 118 -4.65 25.45 -37.62
CA PHE M 118 -4.41 26.53 -38.57
C PHE M 118 -3.62 26.04 -39.74
N GLU M 119 -3.72 26.72 -40.86
CA GLU M 119 -2.95 26.23 -41.99
C GLU M 119 -1.55 26.81 -41.91
N ILE M 120 -0.56 25.94 -41.70
CA ILE M 120 0.84 26.28 -41.50
C ILE M 120 1.59 26.57 -42.78
N PHE M 121 1.31 25.81 -43.81
CA PHE M 121 1.96 25.98 -45.11
C PHE M 121 0.91 25.92 -46.21
N PRO M 122 0.26 27.02 -46.57
CA PRO M 122 -0.86 27.04 -47.46
C PRO M 122 -0.65 26.26 -48.74
N LYS M 123 -1.63 25.42 -49.02
CA LYS M 123 -1.59 24.48 -50.15
C LYS M 123 -1.37 25.07 -51.50
N THR M 124 -1.92 26.24 -51.74
CA THR M 124 -1.84 26.84 -53.04
C THR M 124 -0.72 27.85 -53.22
N SER M 125 -0.06 28.28 -52.14
CA SER M 125 0.96 29.31 -52.31
C SER M 125 2.34 28.91 -51.82
N SER M 126 2.43 27.84 -51.05
CA SER M 126 3.71 27.50 -50.49
C SER M 126 4.64 26.73 -51.41
N TRP M 127 4.11 26.01 -52.38
CA TRP M 127 5.00 25.20 -53.17
C TRP M 127 4.85 25.37 -54.67
N PRO M 128 5.24 26.51 -55.24
CA PRO M 128 5.08 26.85 -56.64
C PRO M 128 5.90 25.96 -57.56
N ASN M 129 6.90 25.29 -56.99
CA ASN M 129 7.78 24.45 -57.76
C ASN M 129 7.46 22.98 -57.64
N HIS M 130 6.36 22.64 -56.98
CA HIS M 130 6.07 21.23 -56.79
C HIS M 130 4.61 20.96 -57.08
N ASP M 131 4.28 19.74 -57.41
CA ASP M 131 2.91 19.40 -57.70
C ASP M 131 2.19 18.95 -56.44
N SER M 132 1.22 19.75 -56.00
CA SER M 132 0.48 19.50 -54.77
C SER M 132 -0.90 18.91 -55.03
N ASN M 133 -1.20 18.56 -56.28
CA ASN M 133 -2.52 18.02 -56.64
C ASN M 133 -2.59 16.54 -56.97
N LYS M 134 -1.46 15.95 -57.33
CA LYS M 134 -1.44 14.54 -57.72
C LYS M 134 -1.24 13.58 -56.56
N GLY M 135 -1.07 14.12 -55.39
CA GLY M 135 -0.79 13.36 -54.19
C GLY M 135 -2.00 12.64 -53.62
N VAL M 136 -2.48 11.63 -54.33
CA VAL M 136 -3.64 10.86 -53.88
C VAL M 136 -3.39 9.36 -53.91
N THR M 137 -4.22 8.62 -53.20
CA THR M 137 -4.14 7.17 -53.18
C THR M 137 -5.45 6.45 -53.00
N ALA M 138 -5.52 5.23 -53.52
CA ALA M 138 -6.69 4.40 -53.39
C ALA M 138 -6.81 3.82 -51.99
N ALA M 139 -5.73 3.91 -51.23
CA ALA M 139 -5.74 3.44 -49.86
C ALA M 139 -6.54 4.37 -48.90
N CYS M 140 -6.79 5.65 -49.29
CA CYS M 140 -7.46 6.66 -48.48
C CYS M 140 -8.58 7.28 -49.32
N PRO M 141 -9.56 6.50 -49.79
CA PRO M 141 -10.56 6.95 -50.70
C PRO M 141 -11.52 7.87 -50.03
N HIS M 142 -12.11 8.75 -50.81
CA HIS M 142 -13.15 9.63 -50.30
C HIS M 142 -14.31 9.64 -51.24
N ALA M 143 -15.42 9.08 -50.80
CA ALA M 143 -16.60 8.97 -51.65
C ALA M 143 -16.26 8.26 -52.96
N GLY M 144 -15.36 7.28 -52.89
CA GLY M 144 -14.94 6.50 -54.04
C GLY M 144 -13.76 7.07 -54.83
N ALA M 145 -13.37 8.31 -54.56
CA ALA M 145 -12.29 8.95 -55.28
C ALA M 145 -10.97 8.70 -54.60
N LYS M 146 -9.88 8.71 -55.35
CA LYS M 146 -8.61 8.62 -54.66
C LYS M 146 -8.43 9.91 -53.90
N SER M 147 -7.89 9.84 -52.71
CA SER M 147 -7.70 11.05 -51.93
C SER M 147 -6.52 10.92 -50.99
N PHE M 148 -6.45 11.78 -50.01
CA PHE M 148 -5.34 11.74 -49.09
C PHE M 148 -5.74 12.39 -47.79
N TYR M 149 -4.84 12.41 -46.85
CA TYR M 149 -5.09 12.98 -45.56
C TYR M 149 -5.34 14.47 -45.68
N LYS M 150 -6.34 14.97 -44.98
CA LYS M 150 -6.66 16.37 -45.04
C LYS M 150 -5.61 17.28 -44.46
N ASN M 151 -4.81 16.84 -43.49
CA ASN M 151 -3.86 17.77 -42.94
C ASN M 151 -2.48 17.70 -43.59
N LEU M 152 -2.31 16.82 -44.58
CA LEU M 152 -1.02 16.62 -45.24
C LEU M 152 -1.06 16.74 -46.75
N ILE M 153 0.03 17.16 -47.33
CA ILE M 153 0.16 17.20 -48.78
C ILE M 153 1.28 16.34 -49.27
N TRP M 154 0.98 15.45 -50.17
CA TRP M 154 1.99 14.61 -50.73
C TRP M 154 2.47 15.26 -52.00
N LEU M 155 3.63 15.90 -51.93
CA LEU M 155 4.12 16.61 -53.08
C LEU M 155 4.82 15.67 -53.99
N VAL M 156 4.65 15.87 -55.27
CA VAL M 156 5.34 15.08 -56.27
C VAL M 156 6.02 16.01 -57.25
N LYS M 157 6.86 15.46 -58.11
CA LYS M 157 7.59 16.24 -59.07
C LYS M 157 6.66 17.00 -59.99
N LYS M 158 7.08 18.19 -60.33
CA LYS M 158 6.32 19.04 -61.22
C LYS M 158 6.90 18.87 -62.60
N GLY M 159 6.10 18.45 -63.55
CA GLY M 159 6.73 18.22 -64.83
C GLY M 159 7.73 17.10 -64.66
N ASN M 160 9.00 17.35 -64.98
CA ASN M 160 10.01 16.33 -64.86
C ASN M 160 11.07 16.62 -63.81
N SER M 161 10.76 17.42 -62.80
CA SER M 161 11.77 17.67 -61.78
C SER M 161 11.24 17.92 -60.39
N TYR M 162 12.11 17.72 -59.42
CA TYR M 162 11.78 17.97 -58.04
C TYR M 162 12.88 18.82 -57.44
N PRO M 163 12.82 20.14 -57.60
CA PRO M 163 13.81 21.07 -57.14
C PRO M 163 13.91 20.91 -55.66
N LYS M 164 15.09 21.14 -55.13
CA LYS M 164 15.23 21.03 -53.70
C LYS M 164 14.26 21.95 -52.99
N LEU M 165 13.55 21.38 -52.04
CA LEU M 165 12.55 22.04 -51.24
C LEU M 165 13.13 22.62 -49.98
N SER M 166 12.75 23.86 -49.65
CA SER M 166 13.18 24.47 -48.41
C SER M 166 12.13 25.40 -47.81
N LYS M 167 11.64 25.06 -46.62
CA LYS M 167 10.61 25.81 -45.90
C LYS M 167 10.82 25.97 -44.42
N SER M 168 10.23 27.02 -43.88
CA SER M 168 10.27 27.19 -42.45
C SER M 168 9.04 27.90 -41.93
N TYR M 169 8.79 27.69 -40.65
CA TYR M 169 7.73 28.37 -39.93
C TYR M 169 8.21 28.81 -38.59
N ILE M 170 7.91 30.06 -38.24
CA ILE M 170 8.33 30.58 -36.96
C ILE M 170 7.17 30.66 -36.01
N ASN M 171 7.28 29.98 -34.89
CA ASN M 171 6.20 29.95 -33.93
C ASN M 171 6.32 31.06 -32.92
N ASP M 172 6.02 32.28 -33.30
CA ASP M 172 6.24 33.38 -32.36
C ASP M 172 5.01 33.84 -31.59
N LYS M 173 3.93 33.07 -31.67
CA LYS M 173 2.68 33.48 -31.03
C LYS M 173 2.45 33.03 -29.57
N GLY M 174 3.23 32.11 -29.03
CA GLY M 174 3.05 31.71 -27.62
C GLY M 174 2.51 30.33 -27.28
N LYS M 175 1.92 29.59 -28.21
CA LYS M 175 1.44 28.26 -27.90
C LYS M 175 2.41 27.27 -28.48
N GLU M 176 2.35 26.01 -28.06
CA GLU M 176 3.25 25.06 -28.70
C GLU M 176 2.58 24.58 -29.95
N VAL M 177 3.36 24.30 -30.97
CA VAL M 177 2.74 23.82 -32.19
C VAL M 177 3.13 22.42 -32.57
N LEU M 178 2.13 21.60 -32.77
CA LEU M 178 2.31 20.23 -33.18
C LEU M 178 2.35 20.15 -34.66
N VAL M 179 3.47 19.67 -35.16
CA VAL M 179 3.68 19.59 -36.57
C VAL M 179 3.89 18.15 -36.94
N LEU M 180 3.14 17.70 -37.94
CA LEU M 180 3.27 16.33 -38.39
C LEU M 180 3.67 16.30 -39.84
N TRP M 181 4.39 15.27 -40.20
CA TRP M 181 4.83 15.10 -41.57
C TRP M 181 5.05 13.64 -41.80
N GLY M 182 5.34 13.26 -43.01
CA GLY M 182 5.63 11.86 -43.19
C GLY M 182 6.55 11.61 -44.33
N ILE M 183 6.99 10.38 -44.42
CA ILE M 183 7.93 10.02 -45.46
C ILE M 183 7.47 8.87 -46.28
N HIS M 184 7.50 9.07 -47.57
CA HIS M 184 7.08 8.03 -48.47
C HIS M 184 8.21 7.11 -48.82
N HIS M 185 7.94 5.82 -48.72
CA HIS M 185 8.84 4.74 -49.03
C HIS M 185 8.23 3.89 -50.14
N PRO M 186 8.54 4.17 -51.40
CA PRO M 186 8.00 3.55 -52.57
C PRO M 186 8.32 2.09 -52.60
N SER M 187 7.47 1.35 -53.28
CA SER M 187 7.70 -0.06 -53.45
C SER M 187 8.91 -0.30 -54.30
N THR M 188 8.98 0.37 -55.44
CA THR M 188 10.15 0.16 -56.29
C THR M 188 10.79 1.42 -56.86
N SER M 189 11.89 1.24 -57.57
CA SER M 189 12.62 2.36 -58.16
C SER M 189 11.83 3.04 -59.25
N ALA M 190 10.89 2.31 -59.85
CA ALA M 190 10.02 2.86 -60.86
C ALA M 190 9.05 3.86 -60.24
N ASP M 191 8.73 3.69 -58.96
CA ASP M 191 7.79 4.59 -58.32
C ASP M 191 8.55 5.81 -57.91
N GLN M 192 9.81 5.61 -57.56
CA GLN M 192 10.60 6.75 -57.18
C GLN M 192 10.73 7.65 -58.41
N GLN M 193 10.88 7.06 -59.58
CA GLN M 193 10.97 7.85 -60.79
C GLN M 193 9.66 8.50 -61.18
N SER M 194 8.56 7.79 -60.95
CA SER M 194 7.24 8.31 -61.27
C SER M 194 6.87 9.51 -60.39
N LEU M 195 7.17 9.42 -59.10
CA LEU M 195 6.82 10.46 -58.16
C LEU M 195 7.85 11.55 -57.93
N TYR M 196 9.13 11.23 -57.81
CA TYR M 196 10.09 12.26 -57.45
C TYR M 196 11.16 12.57 -58.48
N GLN M 197 11.50 11.61 -59.31
CA GLN M 197 12.56 11.71 -60.33
C GLN M 197 13.96 11.60 -59.74
N ASN M 198 14.25 12.38 -58.73
CA ASN M 198 15.54 12.26 -58.14
C ASN M 198 15.61 10.84 -57.60
N ALA M 199 16.62 10.08 -58.02
CA ALA M 199 16.73 8.68 -57.64
C ALA M 199 17.24 8.43 -56.23
N ASP M 200 18.02 9.36 -55.70
CA ASP M 200 18.59 9.18 -54.38
C ASP M 200 18.33 10.44 -53.59
N THR M 201 17.36 10.37 -52.72
CA THR M 201 16.87 11.52 -52.00
C THR M 201 17.03 11.41 -50.52
N TYR M 202 16.81 12.52 -49.88
CA TYR M 202 16.81 12.58 -48.44
C TYR M 202 15.82 13.61 -47.99
N VAL M 203 15.43 13.50 -46.75
CA VAL M 203 14.55 14.45 -46.09
C VAL M 203 15.18 14.92 -44.80
N PHE M 204 15.21 16.21 -44.56
CA PHE M 204 15.75 16.70 -43.31
C PHE M 204 14.77 17.60 -42.59
N VAL M 205 14.55 17.32 -41.31
CA VAL M 205 13.66 18.14 -40.52
C VAL M 205 14.29 18.56 -39.20
N GLY M 206 14.07 19.82 -38.80
CA GLY M 206 14.63 20.21 -37.51
C GLY M 206 14.14 21.53 -36.90
N SER M 207 14.51 21.71 -35.64
CA SER M 207 14.16 22.82 -34.77
C SER M 207 15.34 23.02 -33.85
N SER M 208 15.21 23.83 -32.81
CA SER M 208 16.34 24.00 -31.90
C SER M 208 16.52 22.72 -31.06
N ARG M 209 15.49 21.88 -30.99
CA ARG M 209 15.53 20.66 -30.20
C ARG M 209 15.52 19.39 -31.04
N TYR M 210 14.92 19.44 -32.20
CA TYR M 210 14.75 18.27 -33.02
C TYR M 210 15.66 18.29 -34.22
N SER M 211 16.35 17.22 -34.49
CA SER M 211 17.16 17.21 -35.69
C SER M 211 17.28 15.84 -36.27
N LYS M 212 16.73 15.62 -37.45
CA LYS M 212 16.81 14.30 -38.02
C LYS M 212 16.88 14.22 -39.53
N LYS M 213 17.88 13.49 -40.04
CA LYS M 213 17.93 13.22 -41.46
C LYS M 213 17.33 11.85 -41.71
N PHE M 214 16.47 11.78 -42.68
CA PHE M 214 15.79 10.55 -43.05
C PHE M 214 16.19 10.17 -44.45
N LYS M 215 16.18 8.89 -44.77
CA LYS M 215 16.48 8.48 -46.13
C LYS M 215 15.52 7.35 -46.52
N PRO M 216 14.79 7.43 -47.64
CA PRO M 216 13.83 6.44 -48.09
C PRO M 216 14.39 5.05 -48.25
N GLU M 217 13.59 4.07 -47.87
CA GLU M 217 13.94 2.67 -47.97
C GLU M 217 13.03 1.99 -48.99
N ILE M 218 13.49 1.89 -50.22
CA ILE M 218 12.68 1.32 -51.29
C ILE M 218 12.77 -0.18 -51.30
N ALA M 219 11.62 -0.84 -51.25
CA ALA M 219 11.56 -2.29 -51.21
C ALA M 219 10.17 -2.79 -51.52
N ILE M 220 10.06 -4.03 -52.00
CA ILE M 220 8.72 -4.54 -52.19
C ILE M 220 8.28 -5.16 -50.89
N ARG M 221 7.20 -4.65 -50.33
CA ARG M 221 6.72 -5.13 -49.07
C ARG M 221 5.44 -5.90 -49.30
N PRO M 222 4.94 -6.69 -48.35
CA PRO M 222 3.66 -7.34 -48.42
C PRO M 222 2.63 -6.28 -48.66
N LYS M 223 1.65 -6.62 -49.47
CA LYS M 223 0.63 -5.66 -49.83
C LYS M 223 -0.44 -5.46 -48.78
N VAL M 224 -0.61 -4.21 -48.37
CA VAL M 224 -1.59 -3.82 -47.37
C VAL M 224 -2.47 -2.69 -47.92
N ARG M 225 -3.79 -2.88 -47.94
CA ARG M 225 -4.68 -1.86 -48.52
C ARG M 225 -4.22 -1.50 -49.92
N ASP M 226 -3.82 -2.53 -50.65
CA ASP M 226 -3.33 -2.50 -52.00
C ASP M 226 -1.99 -1.81 -52.23
N GLN M 227 -1.31 -1.41 -51.16
CA GLN M 227 -0.03 -0.73 -51.33
C GLN M 227 1.14 -1.66 -51.06
N GLU M 228 2.19 -1.56 -51.88
CA GLU M 228 3.40 -2.34 -51.67
C GLU M 228 4.49 -1.53 -51.01
N GLY M 229 4.17 -0.28 -50.69
CA GLY M 229 5.12 0.62 -50.07
C GLY M 229 4.59 1.01 -48.70
N ARG M 230 5.22 1.98 -48.08
CA ARG M 230 4.82 2.43 -46.75
C ARG M 230 4.99 3.92 -46.60
N MET M 231 4.25 4.51 -45.69
CA MET M 231 4.46 5.92 -45.40
C MET M 231 4.52 6.13 -43.92
N ASN M 232 5.64 6.60 -43.42
CA ASN M 232 5.77 6.71 -41.97
C ASN M 232 5.37 8.09 -41.52
N TYR M 233 4.86 8.19 -40.30
CA TYR M 233 4.44 9.48 -39.79
C TYR M 233 5.24 9.87 -38.57
N TYR M 234 5.72 11.08 -38.61
CA TYR M 234 6.55 11.66 -37.58
C TYR M 234 5.97 12.96 -37.07
N TRP M 235 6.30 13.32 -35.84
CA TRP M 235 5.83 14.58 -35.33
C TRP M 235 6.75 15.17 -34.31
N THR M 236 6.68 16.48 -34.17
CA THR M 236 7.41 17.13 -33.11
C THR M 236 6.63 18.30 -32.60
N LEU M 237 7.11 18.92 -31.54
CA LEU M 237 6.47 20.10 -31.02
C LEU M 237 7.41 21.28 -31.12
N VAL M 238 6.91 22.41 -31.59
CA VAL M 238 7.73 23.57 -31.70
C VAL M 238 7.41 24.51 -30.57
N GLU M 239 8.38 24.75 -29.72
CA GLU M 239 8.15 25.59 -28.57
C GLU M 239 8.06 27.03 -29.04
N PRO M 240 7.39 27.93 -28.32
CA PRO M 240 7.29 29.31 -28.65
C PRO M 240 8.63 29.94 -28.81
N GLY M 241 8.78 30.71 -29.87
CA GLY M 241 9.98 31.44 -30.20
C GLY M 241 10.88 30.65 -31.14
N ASP M 242 10.61 29.37 -31.31
CA ASP M 242 11.47 28.58 -32.17
C ASP M 242 10.88 28.50 -33.55
N LYS M 243 11.60 27.81 -34.44
CA LYS M 243 11.12 27.60 -35.78
C LYS M 243 11.41 26.20 -36.22
N ILE M 244 10.57 25.71 -37.10
CA ILE M 244 10.76 24.38 -37.64
C ILE M 244 11.06 24.50 -39.10
N THR M 245 12.03 23.74 -39.57
CA THR M 245 12.37 23.78 -40.96
C THR M 245 12.24 22.42 -41.59
N PHE M 246 11.97 22.44 -42.88
CA PHE M 246 11.89 21.27 -43.71
C PHE M 246 12.74 21.43 -44.94
N GLU M 247 13.48 20.39 -45.27
CA GLU M 247 14.29 20.37 -46.46
C GLU M 247 14.18 19.03 -47.15
N ALA M 248 14.00 19.02 -48.45
CA ALA M 248 13.94 17.70 -49.08
C ALA M 248 14.26 17.67 -50.54
N THR M 249 14.74 16.53 -50.99
CA THR M 249 14.96 16.32 -52.41
C THR M 249 13.99 15.30 -52.94
N GLY M 250 13.04 14.93 -52.10
CA GLY M 250 12.01 13.99 -52.47
C GLY M 250 11.53 13.22 -51.28
N ASN M 251 10.43 12.52 -51.45
CA ASN M 251 9.81 11.64 -50.47
C ASN M 251 9.27 12.30 -49.21
N LEU M 252 9.10 13.61 -49.22
CA LEU M 252 8.51 14.26 -48.06
C LEU M 252 7.07 14.63 -48.26
N VAL M 253 6.26 14.24 -47.30
CA VAL M 253 4.87 14.59 -47.24
C VAL M 253 4.83 15.73 -46.24
N VAL M 254 4.31 16.87 -46.64
CA VAL M 254 4.42 18.06 -45.81
C VAL M 254 3.13 18.42 -45.16
N PRO M 255 3.14 19.04 -44.00
CA PRO M 255 1.95 19.48 -43.36
C PRO M 255 1.38 20.62 -44.10
N ARG M 256 0.08 20.75 -44.05
CA ARG M 256 -0.50 21.97 -44.54
C ARG M 256 -1.15 22.53 -43.31
N TYR M 257 -1.66 21.63 -42.45
CA TYR M 257 -2.28 22.06 -41.19
C TYR M 257 -1.46 21.64 -40.01
N ALA M 258 -1.51 22.43 -38.96
CA ALA M 258 -0.79 22.19 -37.73
C ALA M 258 -1.62 22.65 -36.56
N PHE M 259 -1.30 22.16 -35.38
CA PHE M 259 -2.15 22.48 -34.25
C PHE M 259 -1.47 23.26 -33.17
N ALA M 260 -2.05 24.36 -32.77
CA ALA M 260 -1.47 25.14 -31.68
C ALA M 260 -2.16 24.75 -30.40
N MET M 261 -1.40 24.57 -29.32
CA MET M 261 -2.06 24.16 -28.09
C MET M 261 -1.38 24.46 -26.77
N GLU M 262 -2.20 24.38 -25.73
CA GLU M 262 -1.77 24.43 -24.33
C GLU M 262 -2.31 23.20 -23.63
N ARG M 263 -1.41 22.35 -23.12
CA ARG M 263 -1.79 21.07 -22.51
C ARG M 263 -2.01 21.08 -21.02
N ASN M 264 -2.86 20.16 -20.57
CA ASN M 264 -3.11 19.90 -19.17
C ASN M 264 -2.48 18.59 -18.77
N ALA M 265 -2.22 18.41 -17.50
CA ALA M 265 -1.70 17.13 -17.04
C ALA M 265 -2.79 16.33 -16.32
N GLY M 266 -2.63 15.01 -16.27
CA GLY M 266 -3.51 14.17 -15.46
C GLY M 266 -4.74 13.50 -16.08
N SER M 267 -4.89 13.50 -17.41
CA SER M 267 -6.06 12.82 -17.97
C SER M 267 -5.69 11.61 -18.78
N GLY M 268 -6.59 11.12 -19.61
CA GLY M 268 -6.34 9.90 -20.34
C GLY M 268 -7.38 9.61 -21.41
N ILE M 269 -7.33 8.39 -21.92
CA ILE M 269 -8.20 7.99 -23.00
C ILE M 269 -9.09 6.84 -22.58
N ILE M 270 -10.37 6.99 -22.82
CA ILE M 270 -11.36 5.97 -22.53
C ILE M 270 -11.84 5.29 -23.76
N ILE M 271 -11.81 3.97 -23.75
CA ILE M 271 -12.31 3.23 -24.89
C ILE M 271 -13.65 2.70 -24.47
N SER M 272 -14.71 3.18 -25.10
CA SER M 272 -16.04 2.80 -24.65
C SER M 272 -17.15 3.10 -25.63
N ASP M 273 -18.21 2.30 -25.57
CA ASP M 273 -19.43 2.55 -26.35
C ASP M 273 -20.50 3.29 -25.56
N THR M 274 -20.17 3.67 -24.35
CA THR M 274 -21.03 4.40 -23.47
C THR M 274 -21.23 5.76 -24.15
N PRO M 275 -22.45 6.29 -24.29
CA PRO M 275 -22.77 7.55 -24.94
C PRO M 275 -22.33 8.75 -24.17
N VAL M 276 -22.12 9.86 -24.86
CA VAL M 276 -21.75 11.13 -24.24
C VAL M 276 -22.96 11.99 -24.00
N HIS M 277 -23.08 12.51 -22.78
CA HIS M 277 -24.22 13.32 -22.38
C HIS M 277 -23.87 14.60 -21.67
N ASP M 278 -24.79 15.55 -21.70
CA ASP M 278 -24.51 16.80 -21.02
C ASP M 278 -24.88 16.66 -19.53
N CYS M 279 -23.89 16.20 -18.75
CA CYS M 279 -23.92 15.90 -17.33
C CYS M 279 -22.54 16.21 -16.78
N ASN M 280 -22.46 16.41 -15.47
CA ASN M 280 -21.17 16.68 -14.86
C ASN M 280 -20.81 15.59 -13.87
N THR M 281 -19.50 15.26 -13.79
CA THR M 281 -18.93 14.39 -12.78
C THR M 281 -17.58 14.87 -12.30
N THR M 282 -17.11 14.17 -11.31
CA THR M 282 -15.80 14.33 -10.70
C THR M 282 -14.86 13.12 -10.93
N CYS M 283 -15.44 11.96 -11.36
CA CYS M 283 -14.84 10.65 -11.61
C CYS M 283 -15.59 9.98 -12.75
N GLN M 284 -14.84 9.48 -13.70
CA GLN M 284 -15.39 8.83 -14.87
C GLN M 284 -14.74 7.51 -15.17
N THR M 285 -15.53 6.46 -15.38
CA THR M 285 -14.92 5.20 -15.78
C THR M 285 -15.59 4.80 -17.12
N PRO M 286 -15.09 3.82 -17.91
CA PRO M 286 -15.66 3.40 -19.18
C PRO M 286 -17.10 2.93 -19.13
N LYS M 287 -17.58 2.52 -17.97
CA LYS M 287 -18.94 2.05 -17.84
C LYS M 287 -19.93 3.17 -17.61
N GLY M 288 -19.43 4.36 -17.38
CA GLY M 288 -20.26 5.49 -17.06
C GLY M 288 -19.69 6.26 -15.87
N ALA M 289 -20.15 7.47 -15.69
CA ALA M 289 -19.66 8.30 -14.62
C ALA M 289 -20.08 7.79 -13.26
N ILE M 290 -19.22 8.05 -12.27
CA ILE M 290 -19.45 7.69 -10.87
C ILE M 290 -19.65 8.97 -10.06
N ASN M 291 -20.73 9.08 -9.27
CA ASN M 291 -21.03 10.26 -8.44
C ASN M 291 -21.22 9.80 -6.99
N THR M 292 -20.17 9.92 -6.17
CA THR M 292 -20.16 9.44 -4.78
C THR M 292 -19.12 10.12 -3.95
N SER M 293 -19.34 10.10 -2.64
CA SER M 293 -18.39 10.59 -1.67
C SER M 293 -17.77 9.44 -0.89
N LEU M 294 -18.14 8.20 -1.23
CA LEU M 294 -17.65 7.06 -0.48
C LEU M 294 -16.24 6.74 -0.92
N PRO M 295 -15.37 6.22 -0.04
CA PRO M 295 -14.00 5.87 -0.32
C PRO M 295 -13.73 4.70 -1.25
N PHE M 296 -14.67 3.76 -1.44
CA PHE M 296 -14.34 2.64 -2.29
C PHE M 296 -15.37 2.41 -3.35
N GLN M 297 -14.95 1.81 -4.46
CA GLN M 297 -15.87 1.43 -5.52
C GLN M 297 -15.50 0.07 -6.08
N ASN M 298 -16.48 -0.62 -6.61
CA ASN M 298 -16.21 -1.91 -7.23
C ASN M 298 -16.76 -1.98 -8.64
N ILE M 299 -16.72 -0.86 -9.31
CA ILE M 299 -17.27 -0.73 -10.64
C ILE M 299 -16.23 -1.05 -11.69
N HIS M 300 -15.06 -0.43 -11.59
CA HIS M 300 -14.07 -0.68 -12.61
C HIS M 300 -12.66 -0.29 -12.16
N PRO M 301 -11.61 -1.06 -12.47
CA PRO M 301 -10.22 -0.74 -12.20
C PRO M 301 -9.65 0.51 -12.84
N ILE M 302 -10.20 0.98 -13.95
CA ILE M 302 -9.63 2.15 -14.62
C ILE M 302 -10.52 3.35 -14.56
N THR M 303 -10.01 4.41 -13.97
CA THR M 303 -10.77 5.63 -13.87
C THR M 303 -9.96 6.88 -14.19
N ILE M 304 -10.68 7.98 -14.46
CA ILE M 304 -10.10 9.32 -14.58
C ILE M 304 -10.81 10.24 -13.60
N GLY M 305 -10.06 11.00 -12.81
CA GLY M 305 -10.67 11.91 -11.86
C GLY M 305 -10.37 11.62 -10.41
N LYS M 306 -11.05 12.33 -9.51
CA LYS M 306 -10.80 12.17 -8.07
C LYS M 306 -11.67 11.05 -7.54
N CYS M 307 -11.29 9.82 -7.90
CA CYS M 307 -12.05 8.59 -7.74
C CYS M 307 -11.86 7.82 -6.41
N PRO M 308 -12.86 7.04 -6.01
CA PRO M 308 -12.80 6.07 -4.94
C PRO M 308 -11.81 5.01 -5.35
N LYS M 309 -11.23 4.32 -4.39
CA LYS M 309 -10.27 3.28 -4.72
C LYS M 309 -11.00 2.04 -5.16
N TYR M 310 -10.47 1.36 -6.16
CA TYR M 310 -11.09 0.13 -6.62
C TYR M 310 -10.77 -1.01 -5.71
N VAL M 311 -11.80 -1.77 -5.33
CA VAL M 311 -11.62 -2.95 -4.50
C VAL M 311 -12.26 -4.16 -5.15
N LYS M 312 -11.86 -5.34 -4.72
CA LYS M 312 -12.44 -6.58 -5.26
C LYS M 312 -13.64 -7.03 -4.49
N SER M 313 -13.92 -6.35 -3.41
CA SER M 313 -15.01 -6.66 -2.51
C SER M 313 -16.36 -6.33 -3.08
N THR M 314 -17.35 -7.09 -2.67
CA THR M 314 -18.72 -6.87 -3.07
C THR M 314 -19.54 -6.22 -1.99
N LYS M 315 -18.95 -6.06 -0.80
CA LYS M 315 -19.70 -5.49 0.31
C LYS M 315 -18.84 -4.91 1.44
N LEU M 316 -19.00 -3.62 1.70
CA LEU M 316 -18.32 -2.95 2.78
C LEU M 316 -19.36 -2.20 3.59
N ARG M 317 -20.09 -2.95 4.41
CA ARG M 317 -21.18 -2.35 5.15
C ARG M 317 -20.76 -2.17 6.59
N LEU M 318 -20.78 -0.92 7.01
CA LEU M 318 -20.37 -0.51 8.32
C LEU M 318 -21.60 -0.29 9.20
N ALA M 319 -21.69 -1.03 10.29
CA ALA M 319 -22.84 -0.93 11.18
C ALA M 319 -22.85 0.37 11.89
N THR M 320 -24.02 0.94 12.11
CA THR M 320 -24.06 2.14 12.91
C THR M 320 -25.00 1.86 14.03
N GLY M 321 -25.94 0.98 13.77
CA GLY M 321 -27.01 0.73 14.69
C GLY M 321 -26.79 -0.39 15.66
N LEU M 322 -27.88 -0.81 16.26
CA LEU M 322 -27.91 -1.80 17.29
C LEU M 322 -28.01 -3.16 16.71
N ARG M 323 -27.54 -4.16 17.43
CA ARG M 323 -27.78 -5.50 16.96
C ARG M 323 -29.30 -5.56 16.91
N ASN M 324 -29.86 -6.00 15.81
CA ASN M 324 -31.31 -5.99 15.67
C ASN M 324 -31.94 -7.29 16.09
N ILE M 325 -32.57 -7.30 17.24
CA ILE M 325 -33.17 -8.55 17.73
C ILE M 325 -34.63 -8.45 18.10
N PRO M 326 -35.56 -8.62 17.16
CA PRO M 326 -36.98 -8.75 17.44
C PRO M 326 -37.08 -10.10 18.14
N SER M 327 -38.06 -10.28 19.05
CA SER M 327 -38.32 -11.53 19.76
C SER M 327 -39.67 -11.38 20.44
N PHE N 9 -27.20 -10.75 29.10
CA PHE N 9 -27.59 -9.64 29.95
C PHE N 9 -29.10 -9.34 29.71
N ILE N 10 -29.45 -8.85 28.49
CA ILE N 10 -30.82 -8.57 28.01
C ILE N 10 -31.12 -9.40 26.77
N GLU N 11 -32.26 -10.11 26.80
CA GLU N 11 -32.68 -11.04 25.76
C GLU N 11 -32.92 -10.50 24.35
N GLY N 12 -33.37 -9.26 24.21
CA GLY N 12 -33.64 -8.73 22.88
C GLY N 12 -34.09 -7.29 22.97
N GLY N 13 -34.43 -6.69 21.84
CA GLY N 13 -34.82 -5.29 21.85
C GLY N 13 -36.33 -5.12 21.87
N TRP N 14 -36.74 -3.87 21.84
CA TRP N 14 -38.12 -3.48 21.87
C TRP N 14 -38.53 -2.80 20.58
N THR N 15 -39.74 -3.08 20.10
CA THR N 15 -40.17 -2.43 18.88
C THR N 15 -41.09 -1.26 19.12
N GLY N 16 -41.68 -1.18 20.31
CA GLY N 16 -42.56 -0.05 20.61
C GLY N 16 -41.73 1.18 20.90
N MET N 17 -40.47 0.97 21.16
CA MET N 17 -39.57 2.03 21.46
C MET N 17 -39.05 2.59 20.19
N VAL N 18 -39.75 3.56 19.65
CA VAL N 18 -39.37 4.08 18.35
C VAL N 18 -38.79 5.48 18.34
N ASP N 19 -38.55 6.06 19.51
CA ASP N 19 -38.02 7.41 19.61
C ASP N 19 -36.52 7.54 19.94
N GLY N 20 -35.76 6.46 19.81
CA GLY N 20 -34.33 6.50 20.06
C GLY N 20 -33.77 5.11 20.26
N TRP N 21 -32.45 4.99 20.22
CA TRP N 21 -31.79 3.71 20.37
C TRP N 21 -31.82 3.13 21.76
N TYR N 22 -31.80 3.97 22.78
CA TYR N 22 -31.74 3.47 24.14
C TYR N 22 -32.88 4.00 24.92
N GLY N 23 -33.38 3.25 25.88
CA GLY N 23 -34.46 3.82 26.65
C GLY N 23 -35.07 2.93 27.69
N TYR N 24 -36.22 3.38 28.15
CA TYR N 24 -36.96 2.76 29.21
C TYR N 24 -38.36 2.32 28.82
N HIS N 25 -38.84 1.33 29.52
CA HIS N 25 -40.20 0.87 29.44
C HIS N 25 -40.76 0.89 30.83
N HIS N 26 -41.99 1.32 30.99
CA HIS N 26 -42.52 1.32 32.33
C HIS N 26 -43.95 0.91 32.37
N GLN N 27 -44.36 0.49 33.55
CA GLN N 27 -45.73 0.17 33.81
C GLN N 27 -46.04 0.61 35.22
N ASN N 28 -47.09 1.38 35.41
CA ASN N 28 -47.46 1.77 36.74
C ASN N 28 -48.96 1.90 36.75
N GLU N 29 -49.52 2.20 37.87
CA GLU N 29 -50.98 2.30 37.94
C GLU N 29 -51.58 3.24 36.90
N GLN N 30 -50.90 4.33 36.57
CA GLN N 30 -51.41 5.35 35.69
C GLN N 30 -51.15 5.15 34.20
N GLY N 31 -50.43 4.12 33.81
CA GLY N 31 -50.10 3.97 32.39
C GLY N 31 -48.88 3.12 32.12
N SER N 32 -48.55 2.96 30.85
CA SER N 32 -47.40 2.18 30.47
C SER N 32 -46.93 2.61 29.11
N GLY N 33 -45.72 2.23 28.75
CA GLY N 33 -45.21 2.52 27.42
C GLY N 33 -43.70 2.65 27.37
N TYR N 34 -43.19 3.15 26.26
CA TYR N 34 -41.76 3.25 26.06
C TYR N 34 -41.35 4.70 25.86
N ALA N 35 -40.16 5.04 26.31
CA ALA N 35 -39.60 6.36 26.04
C ALA N 35 -38.09 6.28 25.96
N ALA N 36 -37.50 7.02 25.05
CA ALA N 36 -36.07 7.02 24.90
C ALA N 36 -35.37 7.79 25.99
N ASP N 37 -34.16 7.35 26.31
CA ASP N 37 -33.30 8.11 27.17
C ASP N 37 -32.52 8.96 26.22
N LEU N 38 -32.93 10.22 26.12
CA LEU N 38 -32.42 11.08 25.10
C LEU N 38 -30.97 11.44 25.26
N LYS N 39 -30.49 11.60 26.49
CA LYS N 39 -29.09 11.96 26.61
C LYS N 39 -28.22 10.81 26.16
N SER N 40 -28.59 9.60 26.54
CA SER N 40 -27.79 8.44 26.15
C SER N 40 -27.84 8.24 24.65
N THR N 41 -29.03 8.34 24.10
CA THR N 41 -29.19 8.12 22.69
C THR N 41 -28.46 9.14 21.89
N GLN N 42 -28.57 10.41 22.25
CA GLN N 42 -27.92 11.37 21.40
C GLN N 42 -26.42 11.25 21.49
N ASN N 43 -25.88 10.92 22.66
CA ASN N 43 -24.44 10.83 22.69
C ASN N 43 -23.96 9.67 21.86
N ALA N 44 -24.69 8.54 21.88
CA ALA N 44 -24.29 7.42 21.08
C ALA N 44 -24.34 7.77 19.61
N ILE N 45 -25.36 8.51 19.21
CA ILE N 45 -25.49 8.89 17.82
C ILE N 45 -24.38 9.78 17.40
N ASP N 46 -24.04 10.78 18.19
CA ASP N 46 -23.01 11.68 17.76
C ASP N 46 -21.69 10.97 17.66
N LYS N 47 -21.40 10.07 18.59
CA LYS N 47 -20.14 9.35 18.58
C LYS N 47 -20.03 8.54 17.31
N ILE N 48 -21.04 7.75 17.02
CA ILE N 48 -21.05 6.90 15.86
C ILE N 48 -21.09 7.67 14.56
N THR N 49 -21.87 8.73 14.49
CA THR N 49 -21.93 9.47 13.28
C THR N 49 -20.56 10.00 12.96
N ASN N 50 -19.86 10.52 13.97
CA ASN N 50 -18.54 11.04 13.73
C ASN N 50 -17.60 9.94 13.28
N LYS N 51 -17.74 8.74 13.84
CA LYS N 51 -16.93 7.59 13.45
C LYS N 51 -17.06 7.26 11.98
N VAL N 52 -18.29 7.24 11.51
CA VAL N 52 -18.52 6.93 10.12
C VAL N 52 -17.93 8.00 9.25
N ASN N 53 -18.14 9.25 9.63
CA ASN N 53 -17.61 10.29 8.81
C ASN N 53 -16.12 10.23 8.77
N SER N 54 -15.46 9.89 9.87
CA SER N 54 -14.01 9.83 9.86
C SER N 54 -13.50 8.81 8.86
N VAL N 55 -14.13 7.64 8.80
CA VAL N 55 -13.68 6.63 7.87
C VAL N 55 -13.75 7.14 6.43
N ILE N 56 -14.79 7.88 6.10
CA ILE N 56 -14.96 8.40 4.76
C ILE N 56 -14.10 9.63 4.46
N GLU N 57 -14.13 10.61 5.36
CA GLU N 57 -13.48 11.90 5.24
C GLU N 57 -11.98 11.84 5.14
N LYS N 58 -11.37 10.88 5.80
CA LYS N 58 -9.93 10.79 5.77
C LYS N 58 -9.34 10.43 4.43
N MET N 59 -10.08 9.85 3.50
CA MET N 59 -9.42 9.53 2.25
C MET N 59 -9.51 10.73 1.32
N ASN N 60 -8.39 11.09 0.71
CA ASN N 60 -8.36 12.25 -0.19
C ASN N 60 -7.62 11.98 -1.48
N THR N 61 -8.37 11.59 -2.51
CA THR N 61 -7.82 11.23 -3.80
C THR N 61 -7.40 12.45 -4.62
N GLN N 62 -6.24 12.38 -5.27
CA GLN N 62 -5.78 13.44 -6.17
C GLN N 62 -6.38 13.19 -7.54
N PHE N 63 -6.54 14.21 -8.35
CA PHE N 63 -7.07 13.94 -9.67
C PHE N 63 -6.09 13.06 -10.39
N THR N 64 -6.54 11.93 -10.90
CA THR N 64 -5.61 11.05 -11.59
C THR N 64 -6.12 10.47 -12.88
N ALA N 65 -5.27 9.68 -13.51
CA ALA N 65 -5.63 8.94 -14.70
C ALA N 65 -4.91 7.61 -14.60
N VAL N 66 -5.69 6.57 -14.44
CA VAL N 66 -5.16 5.24 -14.18
C VAL N 66 -4.66 4.50 -15.41
N GLY N 67 -5.39 4.54 -16.50
CA GLY N 67 -5.01 3.75 -17.65
C GLY N 67 -3.76 4.26 -18.32
N LYS N 68 -2.99 3.34 -18.88
CA LYS N 68 -1.77 3.64 -19.61
C LYS N 68 -1.74 2.80 -20.86
N GLU N 69 -1.12 3.30 -21.91
CA GLU N 69 -1.03 2.55 -23.14
C GLU N 69 0.39 2.24 -23.54
N PHE N 70 0.62 0.97 -23.85
CA PHE N 70 1.92 0.49 -24.25
C PHE N 70 1.82 -0.26 -25.55
N ASN N 71 2.89 -0.26 -26.32
CA ASN N 71 2.88 -0.91 -27.63
C ASN N 71 3.48 -2.31 -27.67
N HIS N 72 3.55 -2.81 -28.88
CA HIS N 72 4.06 -4.11 -29.25
C HIS N 72 5.36 -4.50 -28.57
N LEU N 73 6.30 -3.56 -28.44
CA LEU N 73 7.61 -3.88 -27.88
C LEU N 73 7.84 -3.33 -26.49
N GLU N 74 6.78 -3.03 -25.78
CA GLU N 74 6.90 -2.50 -24.44
C GLU N 74 6.18 -3.37 -23.44
N LYS N 75 6.28 -4.68 -23.60
CA LYS N 75 5.56 -5.60 -22.76
C LYS N 75 6.09 -5.58 -21.36
N ARG N 76 7.39 -5.39 -21.16
CA ARG N 76 7.86 -5.41 -19.80
C ARG N 76 7.29 -4.24 -19.03
N ILE N 77 7.08 -3.12 -19.70
CA ILE N 77 6.57 -1.97 -19.00
C ILE N 77 5.10 -2.21 -18.75
N GLU N 78 4.38 -2.72 -19.73
CA GLU N 78 2.97 -2.98 -19.49
C GLU N 78 2.79 -3.89 -18.30
N ASN N 79 3.65 -4.90 -18.17
CA ASN N 79 3.53 -5.79 -17.06
C ASN N 79 3.93 -5.10 -15.76
N LEU N 80 4.81 -4.10 -15.81
CA LEU N 80 5.14 -3.35 -14.62
C LEU N 80 3.94 -2.56 -14.19
N ASN N 81 3.25 -1.96 -15.14
CA ASN N 81 2.07 -1.21 -14.78
C ASN N 81 1.03 -2.11 -14.16
N LYS N 82 0.87 -3.32 -14.68
CA LYS N 82 -0.10 -4.22 -14.10
C LYS N 82 0.31 -4.56 -12.69
N LYS N 83 1.60 -4.83 -12.47
CA LYS N 83 2.09 -5.14 -11.15
C LYS N 83 1.72 -4.07 -10.15
N VAL N 84 1.85 -2.82 -10.57
CA VAL N 84 1.51 -1.71 -9.70
C VAL N 84 0.02 -1.70 -9.39
N ASP N 85 -0.84 -1.88 -10.41
CA ASP N 85 -2.26 -1.86 -10.14
C ASP N 85 -2.70 -3.01 -9.27
N ASP N 86 -2.11 -4.17 -9.46
CA ASP N 86 -2.52 -5.31 -8.67
C ASP N 86 -2.07 -5.16 -7.25
N GLY N 87 -0.88 -4.61 -7.04
CA GLY N 87 -0.39 -4.42 -5.71
C GLY N 87 -1.30 -3.47 -4.96
N PHE N 88 -1.67 -2.37 -5.58
CA PHE N 88 -2.51 -1.42 -4.91
C PHE N 88 -3.88 -2.01 -4.65
N LEU N 89 -4.38 -2.80 -5.57
CA LEU N 89 -5.68 -3.40 -5.37
C LEU N 89 -5.71 -4.33 -4.20
N ASP N 90 -4.68 -5.15 -4.04
CA ASP N 90 -4.67 -6.06 -2.93
C ASP N 90 -4.57 -5.33 -1.62
N ILE N 91 -3.79 -4.25 -1.59
CA ILE N 91 -3.68 -3.53 -0.35
C ILE N 91 -4.98 -2.89 0.01
N TRP N 92 -5.62 -2.23 -0.93
CA TRP N 92 -6.85 -1.57 -0.56
C TRP N 92 -7.94 -2.53 -0.24
N THR N 93 -8.03 -3.64 -0.97
CA THR N 93 -9.10 -4.56 -0.68
C THR N 93 -8.92 -5.17 0.68
N TYR N 94 -7.70 -5.58 1.01
CA TYR N 94 -7.46 -6.24 2.27
C TYR N 94 -7.69 -5.28 3.41
N ASN N 95 -7.16 -4.07 3.30
CA ASN N 95 -7.33 -3.14 4.38
C ASN N 95 -8.77 -2.73 4.54
N ALA N 96 -9.50 -2.58 3.44
CA ALA N 96 -10.88 -2.18 3.54
C ALA N 96 -11.70 -3.25 4.22
N GLU N 97 -11.43 -4.51 3.92
CA GLU N 97 -12.23 -5.55 4.55
C GLU N 97 -11.95 -5.62 6.02
N LEU N 98 -10.69 -5.49 6.40
CA LEU N 98 -10.42 -5.61 7.81
C LEU N 98 -10.88 -4.40 8.56
N LEU N 99 -10.79 -3.23 7.96
CA LEU N 99 -11.22 -2.07 8.68
C LEU N 99 -12.68 -2.16 8.98
N VAL N 100 -13.48 -2.58 8.01
CA VAL N 100 -14.88 -2.65 8.27
C VAL N 100 -15.18 -3.68 9.33
N LEU N 101 -14.55 -4.85 9.29
CA LEU N 101 -14.89 -5.82 10.28
C LEU N 101 -14.51 -5.36 11.68
N LEU N 102 -13.36 -4.71 11.81
CA LEU N 102 -12.91 -4.24 13.10
C LEU N 102 -13.81 -3.14 13.63
N GLU N 103 -14.25 -2.25 12.75
CA GLU N 103 -15.09 -1.21 13.24
C GLU N 103 -16.44 -1.78 13.63
N ASN N 104 -16.94 -2.77 12.90
CA ASN N 104 -18.23 -3.31 13.27
C ASN N 104 -18.19 -4.00 14.60
N GLU N 105 -17.09 -4.68 14.91
CA GLU N 105 -17.00 -5.35 16.19
C GLU N 105 -17.11 -4.35 17.30
N ARG N 106 -16.39 -3.25 17.17
CA ARG N 106 -16.42 -2.24 18.21
C ARG N 106 -17.73 -1.48 18.28
N THR N 107 -18.39 -1.20 17.15
CA THR N 107 -19.65 -0.48 17.22
C THR N 107 -20.64 -1.29 18.03
N LEU N 108 -20.70 -2.57 17.77
CA LEU N 108 -21.67 -3.36 18.51
C LEU N 108 -21.32 -3.46 20.00
N ASP N 109 -20.03 -3.56 20.35
CA ASP N 109 -19.71 -3.61 21.77
C ASP N 109 -19.99 -2.27 22.43
N TYR N 110 -19.77 -1.18 21.70
CA TYR N 110 -20.01 0.15 22.19
C TYR N 110 -21.46 0.26 22.61
N HIS N 111 -22.34 -0.19 21.75
CA HIS N 111 -23.74 -0.10 22.08
C HIS N 111 -24.07 -0.95 23.29
N ASP N 112 -23.48 -2.13 23.39
CA ASP N 112 -23.79 -2.97 24.53
C ASP N 112 -23.31 -2.32 25.83
N SER N 113 -22.18 -1.63 25.77
CA SER N 113 -21.63 -0.95 26.93
C SER N 113 -22.57 0.14 27.38
N ASN N 114 -23.11 0.91 26.44
CA ASN N 114 -24.01 1.96 26.81
C ASN N 114 -25.26 1.43 27.48
N VAL N 115 -25.74 0.27 27.05
CA VAL N 115 -26.94 -0.27 27.68
C VAL N 115 -26.62 -0.62 29.13
N LYS N 116 -25.47 -1.24 29.36
CA LYS N 116 -25.12 -1.58 30.72
C LYS N 116 -24.95 -0.35 31.58
N ASN N 117 -24.39 0.72 31.03
CA ASN N 117 -24.19 1.90 31.84
C ASN N 117 -25.51 2.54 32.22
N LEU N 118 -26.51 2.42 31.34
CA LEU N 118 -27.82 2.96 31.61
C LEU N 118 -28.43 2.20 32.78
N TYR N 119 -28.26 0.88 32.74
CA TYR N 119 -28.73 0.02 33.79
C TYR N 119 -28.12 0.39 35.12
N GLU N 120 -26.81 0.59 35.12
CA GLU N 120 -26.15 0.92 36.36
C GLU N 120 -26.60 2.26 36.88
N LYS N 121 -26.83 3.25 36.02
CA LYS N 121 -27.29 4.53 36.51
C LYS N 121 -28.50 4.33 37.38
N VAL N 122 -29.44 3.54 36.88
CA VAL N 122 -30.63 3.27 37.65
C VAL N 122 -30.38 2.42 38.87
N ARG N 123 -29.60 1.35 38.76
CA ARG N 123 -29.39 0.50 39.92
C ARG N 123 -28.82 1.28 41.09
N SER N 124 -27.84 2.13 40.80
CA SER N 124 -27.18 2.92 41.82
C SER N 124 -28.11 3.93 42.43
N GLN N 125 -28.96 4.54 41.60
CA GLN N 125 -29.93 5.51 42.05
C GLN N 125 -31.03 4.90 42.93
N LEU N 126 -31.53 3.70 42.59
CA LEU N 126 -32.62 3.08 43.34
C LEU N 126 -32.20 2.39 44.61
N LYS N 127 -31.00 1.87 44.65
CA LYS N 127 -30.50 1.23 45.86
C LYS N 127 -31.46 0.17 46.39
N ASN N 128 -31.98 0.36 47.60
CA ASN N 128 -32.84 -0.61 48.24
C ASN N 128 -34.33 -0.31 48.10
N ASN N 129 -34.69 0.66 47.27
CA ASN N 129 -36.09 0.98 47.11
C ASN N 129 -36.76 0.18 46.03
N ALA N 130 -36.01 -0.68 45.37
CA ALA N 130 -36.55 -1.52 44.34
C ALA N 130 -35.82 -2.83 44.32
N LYS N 131 -36.52 -3.87 43.98
CA LYS N 131 -35.92 -5.16 43.84
C LYS N 131 -35.32 -5.24 42.48
N GLU N 132 -34.13 -5.77 42.38
CA GLU N 132 -33.54 -5.98 41.07
C GLU N 132 -34.04 -7.35 40.66
N ILE N 133 -34.73 -7.45 39.54
CA ILE N 133 -35.27 -8.77 39.19
C ILE N 133 -34.49 -9.46 38.08
N GLY N 134 -34.05 -8.71 37.09
CA GLY N 134 -33.31 -9.32 35.98
C GLY N 134 -33.81 -8.94 34.60
N ASN N 135 -33.00 -9.25 33.59
CA ASN N 135 -33.31 -8.95 32.19
C ASN N 135 -33.60 -7.48 32.01
N GLY N 136 -32.83 -6.64 32.69
CA GLY N 136 -32.98 -5.20 32.59
C GLY N 136 -34.07 -4.55 33.46
N CYS N 137 -34.86 -5.32 34.23
CA CYS N 137 -35.98 -4.80 35.03
C CYS N 137 -35.76 -4.73 36.54
N PHE N 138 -36.43 -3.71 37.11
CA PHE N 138 -36.52 -3.42 38.54
C PHE N 138 -37.98 -3.32 38.96
N GLU N 139 -38.28 -3.67 40.22
CA GLU N 139 -39.63 -3.51 40.76
C GLU N 139 -39.62 -2.65 41.99
N PHE N 140 -40.47 -1.67 42.04
CA PHE N 140 -40.41 -0.79 43.19
C PHE N 140 -41.09 -1.43 44.38
N TYR N 141 -40.52 -1.25 45.57
CA TYR N 141 -41.19 -1.77 46.75
C TYR N 141 -42.29 -0.83 47.17
N HIS N 142 -42.08 0.46 46.91
CA HIS N 142 -43.01 1.51 47.23
C HIS N 142 -43.83 1.88 46.02
N LYS N 143 -44.98 2.51 46.22
CA LYS N 143 -45.75 3.00 45.07
C LYS N 143 -44.89 4.01 44.30
N CYS N 144 -44.80 3.87 42.94
CA CYS N 144 -43.99 4.71 42.06
C CYS N 144 -44.82 5.09 40.82
N ASP N 145 -45.41 6.25 40.91
CA ASP N 145 -46.34 6.83 39.95
C ASP N 145 -45.63 7.55 38.82
N ASN N 146 -46.35 8.23 37.95
CA ASN N 146 -45.64 8.82 36.82
C ASN N 146 -44.59 9.83 37.25
N THR N 147 -44.83 10.59 38.31
CA THR N 147 -43.84 11.56 38.77
C THR N 147 -42.54 10.86 39.17
N CYS N 148 -42.65 9.74 39.94
CA CYS N 148 -41.55 8.88 40.38
C CYS N 148 -40.81 8.31 39.17
N MET N 149 -41.53 7.73 38.20
CA MET N 149 -40.82 7.13 37.10
C MET N 149 -40.01 8.18 36.38
N GLU N 150 -40.54 9.39 36.26
CA GLU N 150 -39.75 10.38 35.56
C GLU N 150 -38.52 10.74 36.35
N SER N 151 -38.61 10.82 37.67
CA SER N 151 -37.41 11.19 38.41
C SER N 151 -36.37 10.08 38.36
N VAL N 152 -36.78 8.84 38.19
CA VAL N 152 -35.76 7.80 38.14
C VAL N 152 -35.08 7.87 36.79
N LYS N 153 -35.87 7.97 35.74
CA LYS N 153 -35.33 8.03 34.38
C LYS N 153 -34.40 9.25 34.16
N ASN N 154 -34.73 10.40 34.79
CA ASN N 154 -34.04 11.69 34.69
C ASN N 154 -32.81 11.81 35.64
N GLY N 155 -32.54 10.81 36.52
CA GLY N 155 -31.44 10.85 37.49
C GLY N 155 -31.71 11.79 38.68
N THR N 156 -32.99 12.05 39.00
CA THR N 156 -33.35 12.98 40.06
C THR N 156 -34.14 12.33 41.19
N TYR N 157 -34.13 11.00 41.26
CA TYR N 157 -34.88 10.27 42.27
C TYR N 157 -34.38 10.49 43.67
N ASP N 158 -35.31 10.72 44.58
CA ASP N 158 -35.03 10.91 45.99
C ASP N 158 -35.10 9.61 46.76
N TYR N 159 -33.97 8.97 47.01
CA TYR N 159 -34.02 7.70 47.70
C TYR N 159 -34.68 7.79 49.08
N PRO N 160 -34.20 8.64 50.03
CA PRO N 160 -34.73 8.75 51.38
C PRO N 160 -36.23 8.93 51.43
N LYS N 161 -36.80 9.66 50.48
CA LYS N 161 -38.22 9.90 50.47
C LYS N 161 -39.08 8.67 50.54
N TYR N 162 -38.63 7.59 49.93
CA TYR N 162 -39.46 6.41 49.90
C TYR N 162 -38.87 5.28 50.70
N SER N 163 -37.80 5.52 51.45
CA SER N 163 -37.15 4.39 52.06
C SER N 163 -37.98 3.73 53.14
N GLU N 164 -38.87 4.49 53.78
CA GLU N 164 -39.67 3.87 54.82
C GLU N 164 -40.71 2.97 54.21
N GLU N 165 -41.35 3.42 53.14
CA GLU N 165 -42.36 2.60 52.55
C GLU N 165 -41.73 1.35 51.98
N ALA N 166 -40.60 1.55 51.30
CA ALA N 166 -39.94 0.45 50.66
C ALA N 166 -39.47 -0.61 51.62
N LYS N 167 -38.94 -0.23 52.79
CA LYS N 167 -38.50 -1.29 53.67
C LYS N 167 -39.68 -1.99 54.31
N LEU N 168 -40.76 -1.27 54.55
CA LEU N 168 -41.91 -1.91 55.19
C LEU N 168 -42.50 -2.95 54.27
N ASN N 169 -42.49 -2.66 52.99
CA ASN N 169 -43.08 -3.59 52.04
C ASN N 169 -42.10 -4.68 51.61
N ARG N 170 -40.86 -4.64 52.10
CA ARG N 170 -39.87 -5.63 51.69
C ARG N 170 -40.11 -7.02 52.27
N GLU N 171 -40.57 -7.09 53.55
CA GLU N 171 -40.80 -8.32 54.30
C GLU N 171 -42.28 -8.40 54.65
N ASP O 1 -3.97 49.18 -28.55
CA ASP O 1 -4.17 48.90 -29.96
C ASP O 1 -2.98 49.40 -30.78
N ILE O 2 -2.73 48.76 -31.94
CA ILE O 2 -1.67 49.12 -32.89
C ILE O 2 -2.28 49.67 -34.15
N GLN O 3 -2.13 50.97 -34.36
CA GLN O 3 -2.68 51.62 -35.52
C GLN O 3 -1.63 51.83 -36.57
N MET O 4 -1.88 51.30 -37.76
CA MET O 4 -0.95 51.42 -38.84
C MET O 4 -1.06 52.76 -39.54
N THR O 5 0.07 53.29 -39.94
CA THR O 5 0.13 54.51 -40.71
C THR O 5 0.60 54.16 -42.09
N GLN O 6 -0.14 54.57 -43.08
CA GLN O 6 0.21 54.22 -44.44
C GLN O 6 0.45 55.47 -45.26
N SER O 7 1.49 55.46 -46.09
CA SER O 7 1.85 56.63 -46.90
C SER O 7 2.51 56.28 -48.23
N PRO O 8 2.19 57.00 -49.31
CA PRO O 8 1.31 58.15 -49.50
C PRO O 8 -0.15 57.76 -49.46
N SER O 9 -1.05 58.73 -49.35
CA SER O 9 -2.46 58.42 -49.44
C SER O 9 -2.90 58.19 -50.87
N SER O 10 -2.11 58.70 -51.79
CA SER O 10 -2.36 58.60 -53.21
C SER O 10 -1.07 58.67 -53.97
N LEU O 11 -0.96 57.83 -54.97
CA LEU O 11 0.19 57.72 -55.83
C LEU O 11 -0.26 57.63 -57.26
N SER O 12 0.49 58.23 -58.16
CA SER O 12 0.16 58.09 -59.56
C SER O 12 1.42 57.96 -60.37
N ALA O 13 1.39 57.03 -61.29
CA ALA O 13 2.55 56.76 -62.13
C ALA O 13 2.10 56.21 -63.47
N PHE O 14 3.01 56.26 -64.44
CA PHE O 14 2.73 55.78 -65.78
C PHE O 14 3.03 54.31 -65.91
N VAL O 15 2.41 53.68 -66.90
CA VAL O 15 2.64 52.26 -67.08
C VAL O 15 4.08 52.00 -67.39
N GLY O 16 4.64 51.03 -66.69
CA GLY O 16 6.03 50.65 -66.80
C GLY O 16 6.89 51.21 -65.67
N ASP O 17 6.37 52.20 -64.93
CA ASP O 17 7.10 52.83 -63.84
C ASP O 17 7.19 51.88 -62.65
N ARG O 18 8.16 52.11 -61.79
CA ARG O 18 8.30 51.31 -60.57
C ARG O 18 7.58 51.96 -59.40
N VAL O 19 6.66 51.22 -58.82
CA VAL O 19 5.86 51.76 -57.74
C VAL O 19 5.96 51.09 -56.39
N THR O 20 6.26 51.90 -55.37
CA THR O 20 6.31 51.42 -54.00
C THR O 20 5.57 52.33 -53.04
N ILE O 21 5.07 51.73 -51.96
CA ILE O 21 4.43 52.45 -50.87
C ILE O 21 5.03 51.99 -49.54
N ALA O 22 4.81 52.75 -48.48
CA ALA O 22 5.33 52.37 -47.17
C ALA O 22 4.24 52.35 -46.12
N CYS O 23 4.45 51.56 -45.03
CA CYS O 23 3.52 51.46 -43.90
C CYS O 23 4.28 51.22 -42.60
N GLN O 24 3.83 51.87 -41.54
CA GLN O 24 4.43 51.68 -40.23
C GLN O 24 3.49 51.27 -39.13
N ALA O 25 4.02 50.48 -38.24
CA ALA O 25 3.29 50.08 -37.05
C ALA O 25 3.67 50.98 -35.91
N SER O 26 2.77 51.15 -34.97
CA SER O 26 3.09 51.90 -33.77
C SER O 26 3.88 51.07 -32.77
N GLN O 27 3.86 49.76 -32.99
CA GLN O 27 4.52 48.78 -32.15
C GLN O 27 5.22 47.75 -33.01
N ASP O 28 6.19 47.08 -32.46
CA ASP O 28 6.85 46.02 -33.21
C ASP O 28 5.87 44.88 -33.40
N ILE O 29 5.59 44.57 -34.67
CA ILE O 29 4.64 43.53 -35.02
C ILE O 29 5.32 42.40 -35.76
N ARG O 30 6.63 42.26 -35.54
CA ARG O 30 7.36 41.19 -36.21
C ARG O 30 7.03 41.23 -37.67
N ILE O 31 6.44 40.17 -38.22
CA ILE O 31 6.13 40.16 -39.63
C ILE O 31 4.66 39.89 -39.89
N HIS O 32 3.80 40.15 -38.93
CA HIS O 32 2.39 39.85 -39.06
C HIS O 32 1.63 40.89 -39.84
N LEU O 33 1.99 41.02 -41.10
CA LEU O 33 1.41 42.03 -42.00
C LEU O 33 0.88 41.49 -43.31
N ASN O 34 -0.36 41.85 -43.61
CA ASN O 34 -1.03 41.54 -44.86
C ASN O 34 -1.19 42.75 -45.77
N TRP O 35 -1.03 42.54 -47.06
CA TRP O 35 -1.34 43.61 -47.99
C TRP O 35 -2.51 43.20 -48.86
N TYR O 36 -3.44 44.13 -49.06
CA TYR O 36 -4.63 43.90 -49.88
C TYR O 36 -4.76 44.80 -51.06
N GLN O 37 -5.40 44.30 -52.11
CA GLN O 37 -5.71 45.09 -53.30
C GLN O 37 -7.19 45.26 -53.48
N GLN O 38 -7.68 46.49 -53.37
CA GLN O 38 -9.11 46.67 -53.54
C GLN O 38 -9.47 47.37 -54.82
N LYS O 39 -9.99 46.62 -55.77
CA LYS O 39 -10.39 47.21 -57.02
C LYS O 39 -11.76 47.83 -56.76
N PRO O 40 -12.17 48.88 -57.46
CA PRO O 40 -13.44 49.50 -57.26
C PRO O 40 -14.55 48.48 -57.41
N GLY O 41 -15.48 48.48 -56.47
CA GLY O 41 -16.62 47.59 -56.50
C GLY O 41 -16.36 46.18 -55.96
N LYS O 42 -15.14 45.91 -55.51
CA LYS O 42 -14.81 44.57 -55.03
C LYS O 42 -14.30 44.53 -53.61
N ALA O 43 -14.54 43.42 -52.92
CA ALA O 43 -13.94 43.21 -51.63
C ALA O 43 -12.44 43.15 -51.85
N PRO O 44 -11.59 43.59 -50.93
CA PRO O 44 -10.14 43.56 -51.09
C PRO O 44 -9.63 42.13 -51.27
N LYS O 45 -8.68 41.95 -52.16
CA LYS O 45 -8.06 40.66 -52.38
C LYS O 45 -6.75 40.61 -51.64
N LEU O 46 -6.44 39.50 -51.00
CA LEU O 46 -5.15 39.45 -50.34
C LEU O 46 -4.05 39.23 -51.36
N LEU O 47 -2.99 40.01 -51.29
CA LEU O 47 -1.89 39.79 -52.19
C LEU O 47 -0.69 39.18 -51.51
N ILE O 48 -0.35 39.71 -50.33
CA ILE O 48 0.84 39.29 -49.58
C ILE O 48 0.57 39.01 -48.12
N TYR O 49 1.12 37.94 -47.57
CA TYR O 49 0.95 37.64 -46.14
C TYR O 49 2.28 37.42 -45.43
N ASP O 50 2.29 37.58 -44.11
CA ASP O 50 3.55 37.45 -43.37
C ASP O 50 4.62 38.38 -43.94
N ALA O 51 4.23 39.60 -44.26
CA ALA O 51 5.05 40.68 -44.79
C ALA O 51 5.50 40.50 -46.24
N SER O 52 6.06 39.33 -46.58
CA SER O 52 6.60 39.11 -47.92
C SER O 52 6.19 37.82 -48.66
N ASN O 53 5.29 37.02 -48.12
CA ASN O 53 4.96 35.77 -48.76
C ASN O 53 3.82 35.97 -49.78
N LEU O 54 4.14 35.89 -51.04
CA LEU O 54 3.16 36.18 -52.08
C LEU O 54 2.05 35.12 -52.11
N GLU O 55 0.80 35.56 -52.18
CA GLU O 55 -0.39 34.71 -52.21
C GLU O 55 -0.61 34.04 -53.57
N ALA O 56 -1.30 32.93 -53.56
CA ALA O 56 -1.53 32.17 -54.77
C ALA O 56 -2.29 32.95 -55.80
N GLY O 57 -1.84 32.85 -57.04
CA GLY O 57 -2.51 33.50 -58.15
C GLY O 57 -2.10 34.95 -58.34
N VAL O 58 -1.25 35.45 -57.46
CA VAL O 58 -0.85 36.83 -57.54
C VAL O 58 0.36 36.94 -58.46
N PRO O 59 0.36 37.82 -59.45
CA PRO O 59 1.45 37.99 -60.38
C PRO O 59 2.75 38.23 -59.65
N SER O 60 3.83 37.71 -60.22
CA SER O 60 5.18 37.76 -59.67
C SER O 60 5.75 39.15 -59.56
N ARG O 61 5.13 40.11 -60.20
CA ARG O 61 5.58 41.49 -60.13
C ARG O 61 5.26 42.10 -58.76
N PHE O 62 4.38 41.47 -58.00
CA PHE O 62 4.05 41.98 -56.69
C PHE O 62 5.01 41.42 -55.67
N SER O 63 5.44 42.26 -54.74
CA SER O 63 6.34 41.80 -53.70
C SER O 63 6.29 42.69 -52.49
N GLY O 64 7.14 42.43 -51.52
CA GLY O 64 7.16 43.23 -50.31
C GLY O 64 8.24 42.77 -49.36
N SER O 65 8.41 43.54 -48.31
CA SER O 65 9.41 43.25 -47.31
C SER O 65 9.17 44.05 -46.06
N GLY O 66 9.94 43.76 -45.02
CA GLY O 66 9.87 44.54 -43.81
C GLY O 66 9.68 43.73 -42.58
N SER O 67 9.92 44.37 -41.45
CA SER O 67 9.80 43.74 -40.15
C SER O 67 9.71 44.76 -39.03
N GLY O 68 9.21 44.32 -37.90
CA GLY O 68 9.19 45.18 -36.74
C GLY O 68 8.18 46.27 -36.98
N THR O 69 8.65 47.49 -37.14
CA THR O 69 7.75 48.59 -37.37
C THR O 69 7.75 49.13 -38.78
N ASP O 70 8.71 48.76 -39.61
CA ASP O 70 8.83 49.37 -40.93
C ASP O 70 8.67 48.41 -42.09
N PHE O 71 7.58 48.63 -42.84
CA PHE O 71 7.22 47.76 -43.93
C PHE O 71 7.06 48.47 -45.26
N THR O 72 7.29 47.72 -46.32
CA THR O 72 7.14 48.23 -47.67
C THR O 72 6.40 47.26 -48.59
N PHE O 73 5.76 47.83 -49.59
CA PHE O 73 5.06 47.08 -50.62
C PHE O 73 5.41 47.58 -51.99
N THR O 74 5.63 46.67 -52.90
CA THR O 74 5.96 47.04 -54.24
C THR O 74 5.16 46.31 -55.26
N ILE O 75 4.90 46.97 -56.38
CA ILE O 75 4.19 46.30 -57.45
C ILE O 75 5.08 46.27 -58.67
N SER O 76 6.37 46.48 -58.43
CA SER O 76 7.38 46.50 -59.46
C SER O 76 6.95 47.41 -60.57
N SER O 77 7.10 46.95 -61.80
CA SER O 77 6.71 47.74 -62.95
C SER O 77 5.20 47.65 -63.17
N LEU O 78 4.57 48.80 -63.00
CA LEU O 78 3.13 49.05 -63.01
C LEU O 78 2.43 48.71 -64.30
N GLN O 79 1.33 47.96 -64.19
CA GLN O 79 0.53 47.63 -65.36
C GLN O 79 -0.80 48.34 -65.19
N PRO O 80 -1.56 48.67 -66.25
CA PRO O 80 -2.83 49.38 -66.14
C PRO O 80 -3.90 48.66 -65.33
N GLU O 81 -3.78 47.35 -65.22
CA GLU O 81 -4.74 46.55 -64.48
C GLU O 81 -4.57 46.68 -62.98
N ASP O 82 -3.50 47.35 -62.54
CA ASP O 82 -3.15 47.47 -61.15
C ASP O 82 -3.82 48.67 -60.48
N ILE O 83 -4.74 49.35 -61.15
CA ILE O 83 -5.41 50.43 -60.44
C ILE O 83 -6.21 49.81 -59.32
N ALA O 84 -5.94 50.25 -58.11
CA ALA O 84 -6.61 49.72 -56.92
C ALA O 84 -6.23 50.56 -55.72
N THR O 85 -6.96 50.42 -54.63
CA THR O 85 -6.46 51.00 -53.39
C THR O 85 -5.76 49.90 -52.65
N TYR O 86 -4.53 50.13 -52.26
CA TYR O 86 -3.80 49.09 -51.57
C TYR O 86 -3.82 49.32 -50.07
N TYR O 87 -4.03 48.28 -49.30
CA TYR O 87 -4.12 48.45 -47.86
C TYR O 87 -3.13 47.63 -47.05
N CYS O 88 -2.63 48.22 -45.97
CA CYS O 88 -1.76 47.64 -44.95
C CYS O 88 -2.59 47.15 -43.75
N GLN O 89 -2.58 45.85 -43.48
CA GLN O 89 -3.35 45.27 -42.35
C GLN O 89 -2.51 44.41 -41.46
N HIS O 90 -2.67 44.51 -40.15
CA HIS O 90 -1.83 43.62 -39.35
C HIS O 90 -2.68 42.77 -38.47
N TYR O 91 -2.10 41.65 -38.11
CA TYR O 91 -2.72 40.67 -37.24
C TYR O 91 -1.84 40.24 -36.12
N HIS O 92 -1.11 41.18 -35.56
CA HIS O 92 -0.21 40.85 -34.48
C HIS O 92 -1.03 40.40 -33.29
N ASN O 93 -2.05 41.17 -32.94
CA ASN O 93 -2.93 40.88 -31.83
C ASN O 93 -4.28 41.51 -32.06
N LEU O 94 -5.20 41.36 -31.13
CA LEU O 94 -6.50 41.97 -31.36
C LEU O 94 -6.59 43.35 -30.73
N PRO O 95 -7.36 44.25 -31.34
CA PRO O 95 -8.11 44.16 -32.57
C PRO O 95 -7.19 44.17 -33.74
N ARG O 96 -7.60 43.53 -34.82
CA ARG O 96 -6.82 43.61 -36.03
C ARG O 96 -7.12 44.98 -36.58
N THR O 97 -6.16 45.60 -37.23
CA THR O 97 -6.41 46.94 -37.76
C THR O 97 -5.89 47.11 -39.14
N PHE O 98 -6.33 48.18 -39.79
CA PHE O 98 -5.92 48.56 -41.12
C PHE O 98 -5.40 49.97 -41.15
N GLY O 99 -4.52 50.27 -42.10
CA GLY O 99 -4.09 51.63 -42.37
C GLY O 99 -5.14 52.26 -43.26
N GLY O 100 -4.96 53.51 -43.68
CA GLY O 100 -5.97 54.17 -44.51
C GLY O 100 -6.01 53.74 -45.97
N GLY O 101 -4.93 53.16 -46.46
CA GLY O 101 -4.88 52.74 -47.85
C GLY O 101 -4.23 53.76 -48.75
N THR O 102 -3.64 53.29 -49.85
CA THR O 102 -3.02 54.17 -50.84
C THR O 102 -3.74 54.01 -52.15
N LYS O 103 -4.28 55.07 -52.69
CA LYS O 103 -4.94 54.90 -53.96
C LYS O 103 -3.93 55.01 -55.08
N VAL O 104 -3.82 53.98 -55.90
CA VAL O 104 -2.87 54.05 -57.00
C VAL O 104 -3.59 54.18 -58.32
N GLU O 105 -3.31 55.29 -58.99
CA GLU O 105 -3.89 55.64 -60.29
C GLU O 105 -2.82 55.53 -61.36
N ILE O 106 -3.25 55.26 -62.59
CA ILE O 106 -2.27 55.07 -63.65
C ILE O 106 -2.49 56.02 -64.84
N LYS O 107 -1.40 56.70 -65.29
CA LYS O 107 -1.37 57.66 -66.42
C LYS O 107 0.08 58.10 -66.72
N VAL P 1 -13.10 29.31 -52.70
CA VAL P 1 -14.38 28.84 -52.16
C VAL P 1 -15.34 30.03 -52.21
N GLN P 2 -16.61 29.85 -51.77
CA GLN P 2 -17.66 30.86 -51.89
C GLN P 2 -18.36 31.31 -50.61
N LEU P 3 -18.40 32.62 -50.45
CA LEU P 3 -19.10 33.25 -49.35
C LEU P 3 -20.12 34.21 -49.92
N LEU P 4 -21.40 34.02 -49.62
CA LEU P 4 -22.45 34.89 -50.16
C LEU P 4 -23.24 35.59 -49.09
N GLU P 5 -23.22 36.90 -49.15
CA GLU P 5 -23.90 37.71 -48.16
C GLU P 5 -25.26 38.19 -48.59
N SER P 6 -26.11 38.37 -47.60
CA SER P 6 -27.43 38.92 -47.81
C SER P 6 -27.86 39.75 -46.62
N GLY P 7 -29.09 40.24 -46.69
CA GLY P 7 -29.59 41.13 -45.67
C GLY P 7 -29.07 42.50 -45.99
N GLY P 8 -29.18 43.42 -45.04
CA GLY P 8 -28.76 44.79 -45.29
C GLY P 8 -29.93 45.58 -45.81
N GLY P 9 -29.67 46.68 -46.49
CA GLY P 9 -30.74 47.57 -46.91
C GLY P 9 -30.86 48.74 -45.95
N LEU P 10 -32.03 49.35 -45.91
CA LEU P 10 -32.25 50.56 -45.13
C LEU P 10 -32.93 50.31 -43.81
N VAL P 11 -32.31 50.82 -42.76
CA VAL P 11 -32.81 50.74 -41.40
C VAL P 11 -32.85 52.16 -40.87
N GLN P 12 -33.83 52.46 -40.05
CA GLN P 12 -33.94 53.78 -39.46
C GLN P 12 -32.90 53.87 -38.35
N PRO P 13 -32.73 55.00 -37.65
CA PRO P 13 -31.87 55.11 -36.48
C PRO P 13 -32.49 54.21 -35.44
N GLY P 14 -31.70 53.60 -34.61
CA GLY P 14 -32.28 52.70 -33.64
C GLY P 14 -32.68 51.43 -34.41
N GLY P 15 -33.77 50.80 -34.03
CA GLY P 15 -34.17 49.59 -34.76
C GLY P 15 -33.14 48.49 -34.61
N SER P 16 -33.17 47.57 -35.58
CA SER P 16 -32.26 46.45 -35.66
C SER P 16 -32.30 45.85 -37.06
N LEU P 17 -31.30 45.05 -37.41
CA LEU P 17 -31.33 44.28 -38.64
C LEU P 17 -30.41 43.08 -38.58
N SER P 18 -30.83 41.98 -39.21
CA SER P 18 -30.02 40.78 -39.27
C SER P 18 -29.30 40.60 -40.59
N LEU P 19 -27.98 40.46 -40.53
CA LEU P 19 -27.19 40.21 -41.73
C LEU P 19 -26.79 38.76 -41.72
N SER P 20 -26.56 38.17 -42.88
CA SER P 20 -26.08 36.79 -42.87
C SER P 20 -25.15 36.51 -44.05
N CYS P 21 -24.33 35.45 -43.91
CA CYS P 21 -23.39 34.95 -44.91
C CYS P 21 -23.46 33.43 -45.00
N ALA P 22 -23.74 32.96 -46.21
CA ALA P 22 -23.83 31.53 -46.48
C ALA P 22 -22.52 31.04 -47.03
N ALA P 23 -22.03 29.93 -46.51
CA ALA P 23 -20.77 29.45 -47.01
C ALA P 23 -20.84 28.11 -47.69
N SER P 24 -20.00 27.95 -48.71
CA SER P 24 -19.84 26.69 -49.40
C SER P 24 -18.43 26.51 -49.96
N GLY P 25 -18.09 25.26 -50.26
CA GLY P 25 -16.78 24.95 -50.84
C GLY P 25 -15.75 24.56 -49.78
N PHE P 26 -16.14 24.65 -48.52
CA PHE P 26 -15.25 24.30 -47.43
C PHE P 26 -16.05 23.84 -46.25
N THR P 27 -15.38 23.22 -45.31
CA THR P 27 -16.11 22.82 -44.15
C THR P 27 -16.25 24.04 -43.28
N PHE P 28 -17.47 24.49 -43.10
CA PHE P 28 -17.71 25.72 -42.38
C PHE P 28 -17.23 25.57 -40.96
N SER P 29 -17.57 24.44 -40.39
CA SER P 29 -17.27 24.11 -39.01
C SER P 29 -15.78 24.00 -38.70
N SER P 30 -14.92 24.01 -39.71
CA SER P 30 -13.50 23.92 -39.48
C SER P 30 -12.78 25.26 -39.31
N PHE P 31 -13.46 26.37 -39.57
CA PHE P 31 -12.78 27.66 -39.51
C PHE P 31 -13.52 28.70 -38.74
N ALA P 32 -12.78 29.62 -38.15
CA ALA P 32 -13.34 30.78 -37.55
C ALA P 32 -13.84 31.67 -38.67
N MET P 33 -14.82 32.50 -38.34
CA MET P 33 -15.42 33.42 -39.29
C MET P 33 -15.49 34.80 -38.68
N SER P 34 -15.48 35.81 -39.53
CA SER P 34 -15.54 37.17 -39.03
C SER P 34 -16.24 38.17 -39.92
N TRP P 35 -16.57 39.33 -39.32
CA TRP P 35 -17.16 40.45 -40.06
C TRP P 35 -16.24 41.66 -40.05
N VAL P 36 -16.15 42.30 -41.19
CA VAL P 36 -15.37 43.50 -41.47
C VAL P 36 -16.24 44.57 -42.06
N ARG P 37 -16.03 45.79 -41.64
CA ARG P 37 -16.82 46.90 -42.10
C ARG P 37 -16.03 47.98 -42.85
N GLN P 38 -16.55 48.37 -44.01
CA GLN P 38 -15.92 49.41 -44.80
C GLN P 38 -16.77 50.65 -44.89
N ALA P 39 -16.32 51.70 -44.23
CA ALA P 39 -17.09 52.91 -44.19
C ALA P 39 -16.65 53.73 -45.38
N PRO P 40 -17.46 54.67 -45.88
CA PRO P 40 -17.08 55.60 -46.90
C PRO P 40 -16.00 56.58 -46.44
N VAL P 41 -15.82 56.71 -45.13
CA VAL P 41 -14.84 57.63 -44.58
C VAL P 41 -13.63 56.88 -44.00
N LYS P 42 -13.88 55.94 -43.10
CA LYS P 42 -12.81 55.15 -42.52
C LYS P 42 -12.69 53.90 -43.36
N GLY P 43 -11.54 53.76 -44.02
CA GLY P 43 -11.35 52.68 -44.96
C GLY P 43 -11.76 51.33 -44.46
N LEU P 44 -11.05 50.75 -43.52
CA LEU P 44 -11.45 49.42 -43.10
C LEU P 44 -11.29 49.20 -41.62
N GLU P 45 -12.26 48.54 -41.02
CA GLU P 45 -12.16 48.15 -39.63
C GLU P 45 -12.85 46.83 -39.36
N TRP P 46 -12.44 46.15 -38.32
CA TRP P 46 -13.06 44.90 -37.94
C TRP P 46 -14.26 45.14 -37.07
N VAL P 47 -15.28 44.31 -37.19
CA VAL P 47 -16.45 44.47 -36.34
C VAL P 47 -16.50 43.41 -35.28
N SER P 48 -16.40 42.16 -35.70
CA SER P 48 -16.51 41.06 -34.78
C SER P 48 -15.93 39.79 -35.35
N MET P 49 -15.63 38.85 -34.48
CA MET P 49 -15.20 37.53 -34.91
C MET P 49 -15.62 36.43 -33.96
N ILE P 50 -15.89 35.26 -34.54
CA ILE P 50 -16.30 34.08 -33.79
C ILE P 50 -15.47 32.83 -34.14
N SER P 51 -15.12 32.05 -33.12
CA SER P 51 -14.32 30.84 -33.33
C SER P 51 -15.12 29.76 -34.01
N ALA P 52 -14.45 28.75 -34.56
CA ALA P 52 -15.13 27.72 -35.33
C ALA P 52 -16.22 26.98 -34.56
N GLY P 53 -15.99 26.75 -33.28
CA GLY P 53 -16.96 26.00 -32.48
C GLY P 53 -18.02 26.89 -31.84
N GLY P 54 -17.91 28.19 -32.06
CA GLY P 54 -18.83 29.17 -31.50
C GLY P 54 -18.51 29.53 -30.06
N GLY P 55 -17.44 28.95 -29.53
CA GLY P 55 -17.05 29.12 -28.14
C GLY P 55 -16.43 30.45 -27.76
N ASN P 56 -15.88 31.18 -28.71
CA ASN P 56 -15.22 32.41 -28.36
C ASN P 56 -15.58 33.51 -29.31
N THR P 57 -15.85 34.68 -28.76
CA THR P 57 -16.11 35.82 -29.59
C THR P 57 -15.29 37.00 -29.18
N TYR P 58 -15.13 37.88 -30.13
CA TYR P 58 -14.47 39.15 -29.92
C TYR P 58 -15.21 40.22 -30.65
N TYR P 59 -15.38 41.35 -30.01
CA TYR P 59 -16.04 42.46 -30.67
C TYR P 59 -15.18 43.68 -30.61
N ALA P 60 -15.34 44.52 -31.59
CA ALA P 60 -14.69 45.80 -31.60
C ALA P 60 -15.26 46.64 -30.47
N ASP P 61 -14.48 47.58 -29.95
CA ASP P 61 -14.98 48.41 -28.87
C ASP P 61 -15.76 49.60 -29.37
N SER P 62 -15.96 49.62 -30.68
CA SER P 62 -16.79 50.59 -31.33
C SER P 62 -18.22 50.08 -31.31
N VAL P 63 -18.37 48.80 -30.94
CA VAL P 63 -19.62 48.07 -30.88
C VAL P 63 -20.01 47.86 -29.42
N LYS P 64 -19.10 47.30 -28.63
CA LYS P 64 -19.32 47.10 -27.20
C LYS P 64 -20.58 46.32 -26.85
N GLY P 65 -20.90 45.30 -27.61
CA GLY P 65 -22.09 44.51 -27.30
C GLY P 65 -23.33 44.98 -28.06
N ARG P 66 -23.23 46.09 -28.79
CA ARG P 66 -24.35 46.59 -29.57
C ARG P 66 -24.75 45.57 -30.65
N PHE P 67 -23.77 44.82 -31.16
CA PHE P 67 -24.02 43.81 -32.18
C PHE P 67 -23.71 42.43 -31.59
N THR P 68 -24.39 41.40 -32.08
CA THR P 68 -24.12 40.01 -31.69
C THR P 68 -23.71 39.12 -32.85
N ILE P 69 -22.64 38.37 -32.68
CA ILE P 69 -22.18 37.47 -33.74
C ILE P 69 -22.51 36.04 -33.35
N SER P 70 -23.04 35.28 -34.30
CA SER P 70 -23.40 33.89 -34.04
C SER P 70 -23.31 33.00 -35.25
N ARG P 71 -23.34 31.69 -35.02
CA ARG P 71 -23.24 30.72 -36.10
C ARG P 71 -24.16 29.54 -36.03
N ASP P 72 -24.51 29.04 -37.20
CA ASP P 72 -25.22 27.80 -37.35
C ASP P 72 -24.37 26.89 -38.22
N ASN P 73 -23.64 26.00 -37.58
CA ASN P 73 -22.71 25.20 -38.35
C ASN P 73 -23.41 24.20 -39.25
N SER P 74 -24.59 23.73 -38.84
CA SER P 74 -25.31 22.73 -39.61
C SER P 74 -25.73 23.28 -40.96
N LYS P 75 -26.05 24.57 -40.99
CA LYS P 75 -26.46 25.23 -42.23
C LYS P 75 -25.36 26.05 -42.87
N SER P 76 -24.14 25.93 -42.38
CA SER P 76 -23.01 26.68 -42.88
C SER P 76 -23.31 28.18 -42.97
N THR P 77 -23.94 28.72 -41.94
CA THR P 77 -24.29 30.14 -42.01
C THR P 77 -23.83 30.98 -40.82
N LEU P 78 -23.26 32.12 -41.16
CA LEU P 78 -22.77 33.13 -40.22
C LEU P 78 -23.80 34.24 -40.08
N TYR P 79 -24.03 34.72 -38.87
CA TYR P 79 -24.98 35.79 -38.66
C TYR P 79 -24.42 36.96 -37.88
N LEU P 80 -24.94 38.15 -38.15
CA LEU P 80 -24.63 39.32 -37.33
C LEU P 80 -25.91 40.08 -37.03
N GLN P 81 -26.25 40.19 -35.77
CA GLN P 81 -27.46 40.90 -35.41
C GLN P 81 -27.10 42.27 -34.90
N MET P 82 -27.52 43.30 -35.60
CA MET P 82 -27.16 44.62 -35.15
C MET P 82 -28.35 45.30 -34.53
N SER P 83 -28.17 45.89 -33.36
CA SER P 83 -29.24 46.62 -32.70
C SER P 83 -28.86 48.06 -32.51
N SER P 84 -29.85 48.93 -32.30
CA SER P 84 -29.59 50.33 -31.97
C SER P 84 -28.66 50.99 -32.97
N LEU P 85 -29.03 50.99 -34.23
CA LEU P 85 -28.17 51.47 -35.29
C LEU P 85 -27.97 52.97 -35.30
N THR P 86 -26.76 53.39 -35.52
CA THR P 86 -26.50 54.81 -35.61
C THR P 86 -25.90 55.23 -36.94
N ALA P 87 -25.66 56.51 -37.11
CA ALA P 87 -25.15 57.01 -38.38
C ALA P 87 -23.80 56.41 -38.74
N GLU P 88 -22.98 56.16 -37.75
CA GLU P 88 -21.65 55.61 -37.91
C GLU P 88 -21.66 54.15 -38.32
N ASP P 89 -22.82 53.52 -38.28
CA ASP P 89 -22.90 52.13 -38.64
C ASP P 89 -23.19 51.98 -40.13
N THR P 90 -23.31 53.10 -40.86
CA THR P 90 -23.52 52.98 -42.30
C THR P 90 -22.21 52.56 -42.91
N ALA P 91 -22.24 51.44 -43.59
CA ALA P 91 -21.04 50.86 -44.16
C ALA P 91 -21.36 49.64 -45.00
N VAL P 92 -20.38 49.17 -45.74
CA VAL P 92 -20.54 47.89 -46.38
C VAL P 92 -19.96 46.82 -45.46
N TYR P 93 -20.75 45.82 -45.20
CA TYR P 93 -20.32 44.76 -44.33
C TYR P 93 -19.88 43.60 -45.16
N TYR P 94 -18.80 42.97 -44.73
CA TYR P 94 -18.26 41.80 -45.41
C TYR P 94 -18.03 40.65 -44.43
N CYS P 95 -18.22 39.39 -44.87
CA CYS P 95 -17.89 38.18 -44.11
C CYS P 95 -16.56 37.62 -44.63
N ALA P 96 -15.83 36.97 -43.74
CA ALA P 96 -14.56 36.37 -44.13
C ALA P 96 -14.26 35.05 -43.47
N LYS P 97 -13.54 34.23 -44.23
CA LYS P 97 -13.00 32.93 -43.80
C LYS P 97 -11.64 33.18 -43.19
N SER P 98 -11.44 32.76 -41.92
CA SER P 98 -10.24 33.11 -41.14
C SER P 98 -8.94 32.28 -41.12
N ASP P 99 -8.83 31.13 -41.80
CA ASP P 99 -7.56 30.33 -41.81
C ASP P 99 -7.12 29.66 -40.51
N SER P 100 -7.97 29.72 -39.51
CA SER P 100 -7.77 29.07 -38.24
C SER P 100 -9.06 28.92 -37.53
N SER P 101 -9.17 27.87 -36.77
CA SER P 101 -10.34 27.68 -35.96
C SER P 101 -10.36 28.56 -34.70
N GLY P 102 -9.20 29.09 -34.28
CA GLY P 102 -9.07 29.83 -33.02
C GLY P 102 -8.66 31.32 -33.01
N PHE P 103 -8.73 32.00 -34.14
CA PHE P 103 -8.34 33.42 -34.29
C PHE P 103 -6.84 33.70 -34.27
N GLN P 104 -6.21 33.37 -33.14
CA GLN P 104 -4.83 33.77 -32.87
C GLN P 104 -3.78 33.31 -33.85
N TYR P 105 -3.89 32.11 -34.40
CA TYR P 105 -2.87 31.67 -35.34
C TYR P 105 -3.28 31.79 -36.80
N GLY P 106 -4.40 32.45 -37.08
CA GLY P 106 -4.80 32.60 -38.46
C GLY P 106 -3.87 33.66 -39.04
N ARG P 107 -3.57 33.60 -40.33
CA ARG P 107 -2.72 34.63 -40.90
C ARG P 107 -3.35 35.38 -42.03
N ARG P 108 -4.11 34.68 -42.83
CA ARG P 108 -4.65 35.29 -44.02
C ARG P 108 -6.12 35.02 -44.06
N GLU P 109 -6.91 35.89 -44.64
CA GLU P 109 -8.31 35.57 -44.75
C GLU P 109 -8.86 36.14 -46.03
N PHE P 110 -10.13 35.89 -46.30
CA PHE P 110 -10.63 36.56 -47.48
C PHE P 110 -12.09 36.79 -47.35
N TRP P 111 -12.57 37.73 -48.14
CA TRP P 111 -13.95 38.11 -48.10
C TRP P 111 -14.76 37.77 -49.30
N GLY P 112 -16.03 37.59 -49.06
CA GLY P 112 -16.99 37.46 -50.15
C GLY P 112 -17.36 38.87 -50.51
N GLN P 113 -18.37 39.09 -51.33
CA GLN P 113 -18.68 40.48 -51.62
C GLN P 113 -19.66 40.86 -50.56
N GLY P 114 -19.64 42.10 -50.14
CA GLY P 114 -20.48 42.52 -49.04
C GLY P 114 -21.85 43.04 -49.39
N THR P 115 -22.51 43.55 -48.36
CA THR P 115 -23.85 44.13 -48.46
C THR P 115 -23.84 45.50 -47.82
N LEU P 116 -24.65 46.39 -48.34
CA LEU P 116 -24.68 47.74 -47.78
C LEU P 116 -25.78 47.97 -46.80
N VAL P 117 -25.38 48.50 -45.65
CA VAL P 117 -26.31 48.88 -44.61
C VAL P 117 -26.34 50.38 -44.49
N THR P 118 -27.52 50.95 -44.68
CA THR P 118 -27.68 52.39 -44.57
C THR P 118 -28.55 52.72 -43.40
N VAL P 119 -28.09 53.62 -42.54
CA VAL P 119 -28.91 54.00 -41.42
C VAL P 119 -29.40 55.43 -41.67
N SER P 120 -30.74 55.63 -41.77
CA SER P 120 -31.39 56.92 -42.10
C SER P 120 -32.90 56.88 -41.78
N GLN Q 3 -54.15 -28.68 33.97
CA GLN Q 3 -52.98 -28.03 34.54
C GLN Q 3 -53.32 -27.00 35.66
N LEU Q 4 -54.58 -26.48 35.71
CA LEU Q 4 -55.06 -25.45 36.66
C LEU Q 4 -56.49 -25.72 37.11
N VAL Q 5 -56.69 -25.75 38.42
CA VAL Q 5 -58.01 -25.98 39.00
C VAL Q 5 -58.52 -24.72 39.66
N GLU Q 6 -59.76 -24.39 39.37
CA GLU Q 6 -60.35 -23.17 39.88
C GLU Q 6 -61.53 -23.41 40.80
N SER Q 7 -61.65 -22.56 41.84
CA SER Q 7 -62.80 -22.53 42.75
C SER Q 7 -63.35 -21.11 42.84
N GLY Q 8 -64.59 -20.94 42.38
CA GLY Q 8 -65.23 -19.62 42.29
C GLY Q 8 -65.77 -19.05 43.61
N GLY Q 9 -65.78 -19.84 44.67
CA GLY Q 9 -66.24 -19.36 45.99
C GLY Q 9 -67.75 -19.40 46.26
N ASP Q 10 -68.56 -19.75 45.26
CA ASP Q 10 -70.02 -19.78 45.36
C ASP Q 10 -70.53 -18.33 45.50
N LEU Q 11 -71.84 -18.13 45.64
CA LEU Q 11 -72.36 -16.76 45.76
C LEU Q 11 -72.95 -16.39 47.10
N VAL Q 12 -72.85 -15.10 47.41
CA VAL Q 12 -73.41 -14.49 48.60
C VAL Q 12 -74.20 -13.25 48.19
N GLN Q 13 -75.00 -12.74 49.09
CA GLN Q 13 -75.75 -11.54 48.81
C GLN Q 13 -74.87 -10.30 48.88
N PRO Q 14 -75.25 -9.20 48.19
CA PRO Q 14 -74.52 -7.95 48.16
C PRO Q 14 -74.25 -7.44 49.55
N GLY Q 15 -73.05 -6.91 49.71
CA GLY Q 15 -72.51 -6.40 50.95
C GLY Q 15 -71.65 -7.45 51.64
N GLY Q 16 -71.71 -8.70 51.17
CA GLY Q 16 -70.93 -9.77 51.76
C GLY Q 16 -69.56 -9.89 51.11
N SER Q 17 -68.93 -11.05 51.29
CA SER Q 17 -67.60 -11.26 50.77
C SER Q 17 -67.39 -12.71 50.38
N LEU Q 18 -66.41 -12.93 49.51
CA LEU Q 18 -66.02 -14.25 49.05
C LEU Q 18 -64.53 -14.50 48.90
N ARG Q 19 -64.10 -15.70 49.25
CA ARG Q 19 -62.72 -16.07 48.96
C ARG Q 19 -62.69 -17.01 47.78
N LEU Q 20 -61.94 -16.62 46.76
CA LEU Q 20 -61.76 -17.39 45.53
C LEU Q 20 -60.35 -17.97 45.56
N SER Q 21 -60.18 -19.14 44.97
CA SER Q 21 -58.84 -19.74 44.98
C SER Q 21 -58.57 -20.68 43.81
N CYS Q 22 -57.33 -20.63 43.26
CA CYS Q 22 -56.86 -21.50 42.18
C CYS Q 22 -55.54 -22.17 42.55
N VAL Q 23 -55.37 -23.41 42.10
CA VAL Q 23 -54.13 -24.14 42.32
C VAL Q 23 -53.59 -24.66 40.99
N VAL Q 24 -52.31 -24.46 40.74
CA VAL Q 24 -51.79 -24.91 39.47
C VAL Q 24 -50.79 -26.03 39.66
N SER Q 25 -50.87 -27.04 38.81
CA SER Q 25 -49.93 -28.15 38.90
C SER Q 25 -49.06 -28.30 37.66
N GLY Q 26 -49.48 -27.71 36.54
CA GLY Q 26 -48.75 -27.86 35.28
C GLY Q 26 -47.74 -26.74 35.02
N PHE Q 27 -47.60 -25.83 35.97
CA PHE Q 27 -46.74 -24.67 35.83
C PHE Q 27 -45.91 -24.46 37.08
N THR Q 28 -44.79 -23.78 36.93
CA THR Q 28 -43.89 -23.50 38.05
C THR Q 28 -44.51 -22.57 39.07
N PHE Q 29 -45.31 -21.64 38.57
CA PHE Q 29 -45.99 -20.62 39.36
C PHE Q 29 -44.97 -19.82 40.17
N SER Q 30 -43.77 -19.63 39.61
CA SER Q 30 -42.76 -18.87 40.31
C SER Q 30 -42.12 -18.02 39.25
N THR Q 31 -42.27 -18.47 38.03
CA THR Q 31 -41.68 -17.78 36.90
C THR Q 31 -42.77 -17.11 36.10
N TYR Q 32 -44.01 -17.30 36.53
CA TYR Q 32 -45.14 -16.72 35.83
C TYR Q 32 -46.04 -15.89 36.70
N SER Q 33 -46.53 -14.84 36.08
CA SER Q 33 -47.53 -14.00 36.67
C SER Q 33 -48.89 -14.59 36.39
N MET Q 34 -49.87 -14.14 37.17
CA MET Q 34 -51.23 -14.63 37.04
C MET Q 34 -52.23 -13.52 37.07
N ASN Q 35 -53.37 -13.76 36.47
CA ASN Q 35 -54.41 -12.77 36.55
C ASN Q 35 -55.79 -13.38 36.61
N TRP Q 36 -56.73 -12.54 36.96
CA TRP Q 36 -58.11 -12.94 37.04
C TRP Q 36 -58.90 -12.21 36.00
N VAL Q 37 -59.74 -12.97 35.34
CA VAL Q 37 -60.62 -12.42 34.32
C VAL Q 37 -62.04 -12.81 34.67
N ARG Q 38 -62.96 -11.89 34.52
CA ARG Q 38 -64.33 -12.11 34.87
C ARG Q 38 -65.32 -12.05 33.72
N GLN Q 39 -66.10 -13.11 33.55
CA GLN Q 39 -67.09 -13.14 32.48
C GLN Q 39 -68.50 -13.09 33.02
N ALA Q 40 -69.12 -11.94 32.95
CA ALA Q 40 -70.48 -11.88 33.46
C ALA Q 40 -71.33 -12.53 32.39
N PRO Q 41 -72.40 -13.25 32.73
CA PRO Q 41 -73.30 -13.79 31.75
C PRO Q 41 -73.89 -12.68 30.91
N GLY Q 42 -73.91 -12.87 29.60
CA GLY Q 42 -74.49 -11.89 28.68
C GLY Q 42 -73.57 -10.73 28.34
N LYS Q 43 -72.37 -10.70 28.90
CA LYS Q 43 -71.43 -9.60 28.68
C LYS Q 43 -70.16 -10.04 27.96
N GLY Q 44 -69.27 -9.08 27.75
CA GLY Q 44 -67.99 -9.37 27.14
C GLY Q 44 -67.07 -9.86 28.24
N LEU Q 45 -65.82 -10.04 27.93
CA LEU Q 45 -64.84 -10.57 28.86
C LEU Q 45 -64.10 -9.41 29.55
N GLU Q 46 -64.17 -9.31 30.89
CA GLU Q 46 -63.54 -8.19 31.59
C GLU Q 46 -62.28 -8.59 32.38
N TRP Q 47 -61.18 -7.89 32.19
CA TRP Q 47 -60.02 -8.20 33.02
C TRP Q 47 -60.26 -7.61 34.39
N VAL Q 48 -59.93 -8.33 35.45
CA VAL Q 48 -60.14 -7.78 36.77
C VAL Q 48 -58.89 -7.46 37.54
N SER Q 49 -57.97 -8.40 37.62
CA SER Q 49 -56.79 -8.17 38.44
C SER Q 49 -55.55 -8.97 38.02
N TYR Q 50 -54.38 -8.50 38.43
CA TYR Q 50 -53.07 -9.10 38.11
C TYR Q 50 -52.07 -9.13 39.24
N ILE Q 51 -51.33 -10.23 39.36
CA ILE Q 51 -50.22 -10.28 40.30
C ILE Q 51 -48.95 -10.89 39.66
N SER Q 52 -47.79 -10.29 39.92
CA SER Q 52 -46.52 -10.84 39.43
C SER Q 52 -46.05 -11.97 40.34
N SER Q 53 -45.06 -12.77 39.91
CA SER Q 53 -44.60 -13.85 40.78
C SER Q 53 -43.81 -13.40 41.99
N SER Q 54 -43.32 -12.16 41.96
CA SER Q 54 -42.56 -11.64 43.07
C SER Q 54 -43.47 -11.21 44.19
N SER Q 55 -44.76 -11.10 43.89
CA SER Q 55 -45.83 -10.63 44.76
C SER Q 55 -45.79 -9.13 45.03
N LEU Q 56 -44.78 -8.44 44.51
CA LEU Q 56 -44.60 -7.02 44.76
C LEU Q 56 -45.38 -6.17 43.80
N SER Q 57 -45.96 -6.80 42.81
CA SER Q 57 -46.66 -6.06 41.80
C SER Q 57 -48.07 -6.52 41.53
N ARG Q 58 -49.01 -5.63 41.85
CA ARG Q 58 -50.43 -5.93 41.68
C ARG Q 58 -51.21 -4.82 41.02
N TYR Q 59 -52.13 -5.21 40.15
CA TYR Q 59 -53.02 -4.29 39.46
C TYR Q 59 -54.46 -4.71 39.54
N TYR Q 60 -55.33 -3.72 39.62
CA TYR Q 60 -56.76 -3.97 39.67
C TYR Q 60 -57.47 -3.07 38.71
N ALA Q 61 -58.59 -3.54 38.18
CA ALA Q 61 -59.48 -2.73 37.36
C ALA Q 61 -60.09 -1.65 38.22
N ASP Q 62 -60.35 -0.47 37.66
CA ASP Q 62 -60.96 0.57 38.49
C ASP Q 62 -62.26 0.13 39.14
N SER Q 63 -63.01 -0.71 38.43
CA SER Q 63 -64.32 -1.18 38.86
C SER Q 63 -64.30 -2.02 40.14
N VAL Q 64 -63.12 -2.51 40.54
CA VAL Q 64 -63.00 -3.31 41.73
C VAL Q 64 -62.01 -2.74 42.75
N LYS Q 65 -61.51 -1.53 42.50
CA LYS Q 65 -60.52 -1.01 43.43
C LYS Q 65 -61.14 -0.73 44.76
N GLY Q 66 -60.40 -1.09 45.80
CA GLY Q 66 -60.83 -0.88 47.17
C GLY Q 66 -61.70 -2.03 47.65
N ARG Q 67 -62.03 -2.97 46.76
CA ARG Q 67 -62.88 -4.07 47.15
C ARG Q 67 -62.21 -5.41 46.94
N PHE Q 68 -61.46 -5.55 45.85
CA PHE Q 68 -60.83 -6.83 45.58
C PHE Q 68 -59.35 -6.78 45.91
N THR Q 69 -58.80 -7.90 46.39
CA THR Q 69 -57.36 -7.99 46.63
C THR Q 69 -56.72 -9.36 46.33
N ILE Q 70 -55.46 -9.33 45.91
CA ILE Q 70 -54.74 -10.56 45.54
C ILE Q 70 -53.54 -10.87 46.38
N SER Q 71 -53.40 -12.13 46.72
CA SER Q 71 -52.23 -12.63 47.38
C SER Q 71 -51.92 -13.99 46.77
N ARG Q 72 -50.68 -14.42 46.88
CA ARG Q 72 -50.30 -15.72 46.34
C ARG Q 72 -49.25 -16.36 47.20
N ASP Q 73 -49.14 -17.66 47.09
CA ASP Q 73 -48.11 -18.38 47.81
C ASP Q 73 -47.46 -19.34 46.85
N ASN Q 74 -46.25 -19.01 46.48
CA ASN Q 74 -45.62 -19.78 45.45
C ASN Q 74 -45.31 -21.20 45.92
N ALA Q 75 -45.16 -21.41 47.22
CA ALA Q 75 -44.79 -22.74 47.69
C ALA Q 75 -45.96 -23.71 47.62
N LYS Q 76 -47.16 -23.19 47.43
CA LYS Q 76 -48.35 -24.00 47.41
C LYS Q 76 -48.94 -24.01 46.02
N ASN Q 77 -48.26 -23.35 45.09
CA ASN Q 77 -48.77 -23.18 43.75
C ASN Q 77 -50.18 -22.60 43.79
N SER Q 78 -50.43 -21.63 44.67
CA SER Q 78 -51.79 -21.14 44.74
C SER Q 78 -51.94 -19.64 44.67
N LEU Q 79 -53.05 -19.27 44.08
CA LEU Q 79 -53.47 -17.90 43.88
C LEU Q 79 -54.77 -17.62 44.62
N SER Q 80 -54.79 -16.58 45.42
CA SER Q 80 -55.99 -16.25 46.17
C SER Q 80 -56.52 -14.87 45.83
N LEU Q 81 -57.83 -14.78 45.75
CA LEU Q 81 -58.52 -13.51 45.53
C LEU Q 81 -59.63 -13.28 46.52
N GLN Q 82 -59.55 -12.18 47.23
CA GLN Q 82 -60.56 -11.87 48.21
C GLN Q 82 -61.45 -10.77 47.70
N LEU Q 83 -62.74 -11.06 47.64
CA LEU Q 83 -63.70 -10.12 47.13
C LEU Q 83 -64.54 -9.54 48.26
N ASN Q 84 -64.35 -8.28 48.62
CA ASN Q 84 -65.09 -7.67 49.71
C ASN Q 84 -66.16 -6.74 49.20
N SER Q 85 -67.16 -6.44 50.03
CA SER Q 85 -68.16 -5.44 49.66
C SER Q 85 -68.73 -5.74 48.29
N LEU Q 86 -69.17 -6.98 48.13
CA LEU Q 86 -69.71 -7.47 46.87
C LEU Q 86 -70.96 -6.75 46.44
N ARG Q 87 -71.07 -6.58 45.14
CA ARG Q 87 -72.20 -5.95 44.50
C ARG Q 87 -72.90 -6.95 43.58
N ALA Q 88 -74.13 -6.66 43.15
CA ALA Q 88 -74.83 -7.57 42.24
C ALA Q 88 -74.06 -7.76 40.94
N GLU Q 89 -73.37 -6.70 40.53
CA GLU Q 89 -72.58 -6.64 39.31
C GLU Q 89 -71.36 -7.56 39.33
N ASP Q 90 -70.99 -8.07 40.51
CA ASP Q 90 -69.83 -8.93 40.63
C ASP Q 90 -70.17 -10.39 40.44
N THR Q 91 -71.44 -10.72 40.17
CA THR Q 91 -71.73 -12.12 39.95
C THR Q 91 -71.26 -12.40 38.53
N ALA Q 92 -70.35 -13.34 38.42
CA ALA Q 92 -69.73 -13.65 37.15
C ALA Q 92 -68.92 -14.91 37.25
N VAL Q 93 -68.48 -15.44 36.12
CA VAL Q 93 -67.57 -16.54 36.18
C VAL Q 93 -66.16 -16.00 36.28
N TYR Q 94 -65.42 -16.44 37.27
CA TYR Q 94 -64.06 -15.96 37.42
C TYR Q 94 -63.14 -17.04 36.90
N TYR Q 95 -62.11 -16.64 36.18
CA TYR Q 95 -61.12 -17.55 35.64
C TYR Q 95 -59.73 -17.15 36.11
N CYS Q 96 -58.83 -18.13 36.27
CA CYS Q 96 -57.41 -17.90 36.58
C CYS Q 96 -56.64 -18.12 35.31
N VAL Q 97 -55.86 -17.13 34.96
CA VAL Q 97 -55.15 -17.21 33.72
C VAL Q 97 -53.68 -17.02 33.94
N ARG Q 98 -52.91 -17.92 33.34
CA ARG Q 98 -51.48 -17.90 33.45
C ARG Q 98 -51.02 -16.99 32.32
N GLY Q 99 -50.20 -16.00 32.67
CA GLY Q 99 -49.75 -15.01 31.72
C GLY Q 99 -48.57 -15.51 30.91
N SER Q 100 -48.11 -14.69 29.96
CA SER Q 100 -47.00 -15.07 29.13
C SER Q 100 -45.74 -14.98 29.94
N ILE Q 101 -44.69 -15.63 29.47
CA ILE Q 101 -43.41 -15.54 30.14
C ILE Q 101 -42.75 -14.18 29.86
N THR Q 102 -42.94 -13.66 28.65
CA THR Q 102 -42.33 -12.42 28.22
C THR Q 102 -43.08 -11.19 28.70
N TRP Q 103 -43.13 -11.02 30.01
CA TRP Q 103 -43.91 -9.95 30.62
C TRP Q 103 -43.79 -8.51 30.16
N PRO Q 104 -42.62 -7.91 30.02
CA PRO Q 104 -42.50 -6.50 29.76
C PRO Q 104 -42.94 -6.12 28.35
N THR Q 105 -43.17 -7.11 27.48
CA THR Q 105 -43.53 -6.79 26.12
C THR Q 105 -44.87 -7.40 25.75
N GLU Q 106 -44.86 -8.63 25.29
CA GLU Q 106 -46.07 -9.26 24.80
C GLU Q 106 -46.81 -10.08 25.85
N TYR Q 107 -47.91 -9.55 26.38
CA TYR Q 107 -48.65 -10.26 27.41
C TYR Q 107 -50.03 -10.64 26.87
N TYR Q 108 -50.17 -11.87 26.40
CA TYR Q 108 -51.36 -12.35 25.69
C TYR Q 108 -52.20 -13.47 26.30
N LEU Q 109 -52.05 -13.76 27.59
CA LEU Q 109 -52.93 -14.72 28.26
C LEU Q 109 -53.08 -16.08 27.59
N ASP Q 110 -51.98 -16.80 27.40
CA ASP Q 110 -52.06 -18.08 26.72
C ASP Q 110 -52.63 -19.29 27.46
N TYR Q 111 -52.67 -19.33 28.79
CA TYR Q 111 -53.26 -20.53 29.38
C TYR Q 111 -54.40 -20.26 30.40
N TRP Q 112 -55.58 -20.87 30.15
CA TRP Q 112 -56.82 -20.70 30.94
C TRP Q 112 -57.19 -22.01 31.61
N GLU R 1 -57.46 4.13 29.22
CA GLU R 1 -56.59 3.24 28.47
C GLU R 1 -57.04 3.21 26.99
N ILE R 2 -56.75 2.09 26.27
CA ILE R 2 -57.08 1.89 24.88
C ILE R 2 -58.40 1.15 24.81
N VAL R 3 -59.34 1.74 24.11
CA VAL R 3 -60.65 1.18 24.01
C VAL R 3 -60.76 0.36 22.76
N MET R 4 -61.13 -0.88 22.94
CA MET R 4 -61.26 -1.79 21.82
C MET R 4 -62.71 -2.06 21.52
N THR R 5 -63.08 -1.97 20.25
CA THR R 5 -64.42 -2.29 19.85
C THR R 5 -64.39 -3.28 18.70
N GLN R 6 -65.50 -3.98 18.50
CA GLN R 6 -65.60 -4.90 17.38
C GLN R 6 -66.93 -4.71 16.68
N SER R 7 -66.88 -4.17 15.46
CA SER R 7 -68.06 -3.83 14.68
C SER R 7 -68.94 -4.99 14.16
N PRO R 8 -68.40 -6.09 13.61
CA PRO R 8 -69.15 -7.18 13.02
C PRO R 8 -69.71 -8.08 14.10
N ALA R 9 -70.71 -7.60 14.82
CA ALA R 9 -71.25 -8.33 15.98
C ALA R 9 -71.67 -9.74 15.59
N THR R 10 -72.21 -9.91 14.39
CA THR R 10 -72.54 -11.25 13.93
C THR R 10 -71.94 -11.49 12.57
N LEU R 11 -71.17 -12.56 12.46
CA LEU R 11 -70.59 -12.99 11.20
C LEU R 11 -71.18 -14.34 10.87
N SER R 12 -72.01 -14.40 9.85
CA SER R 12 -72.67 -15.68 9.57
C SER R 12 -72.54 -16.07 8.12
N VAL R 13 -71.83 -17.17 7.94
CA VAL R 13 -71.51 -17.68 6.61
C VAL R 13 -71.83 -19.17 6.51
N SER R 14 -71.90 -19.71 5.30
CA SER R 14 -72.17 -21.12 5.10
C SER R 14 -70.91 -21.94 5.40
N PRO R 15 -70.99 -23.25 5.65
CA PRO R 15 -69.84 -24.09 5.90
C PRO R 15 -68.85 -24.00 4.74
N GLY R 16 -67.59 -23.87 5.08
CA GLY R 16 -66.51 -23.80 4.10
C GLY R 16 -66.26 -22.40 3.54
N GLU R 17 -67.11 -21.45 3.90
CA GLU R 17 -66.99 -20.11 3.38
C GLU R 17 -65.93 -19.30 4.12
N ARG R 18 -65.19 -18.48 3.36
CA ARG R 18 -64.19 -17.58 3.94
C ARG R 18 -64.88 -16.47 4.70
N ALA R 19 -64.36 -16.12 5.87
CA ALA R 19 -64.99 -15.05 6.62
C ALA R 19 -63.99 -14.25 7.45
N THR R 20 -64.28 -12.97 7.70
CA THR R 20 -63.37 -12.19 8.53
C THR R 20 -64.05 -11.36 9.62
N LEU R 21 -63.27 -11.06 10.67
CA LEU R 21 -63.68 -10.16 11.75
C LEU R 21 -62.74 -9.01 11.91
N SER R 22 -63.29 -7.84 12.21
CA SER R 22 -62.48 -6.67 12.44
C SER R 22 -62.50 -6.26 13.91
N CYS R 23 -61.38 -5.65 14.36
CA CYS R 23 -61.15 -5.04 15.66
C CYS R 23 -60.59 -3.63 15.48
N ARG R 24 -61.10 -2.69 16.25
CA ARG R 24 -60.65 -1.31 16.14
C ARG R 24 -60.25 -0.72 17.47
N ALA R 25 -59.11 -0.05 17.48
CA ALA R 25 -58.66 0.60 18.70
C ALA R 25 -58.74 2.10 18.62
N SER R 26 -59.03 2.72 19.77
CA SER R 26 -59.02 4.16 19.90
C SER R 26 -57.63 4.77 19.87
N GLN R 27 -56.62 3.94 20.09
CA GLN R 27 -55.23 4.37 20.13
C GLN R 27 -54.40 3.38 19.37
N THR R 28 -53.26 3.82 18.90
CA THR R 28 -52.36 2.93 18.23
C THR R 28 -51.89 1.81 19.16
N ILE R 29 -51.99 0.58 18.67
CA ILE R 29 -51.57 -0.66 19.29
C ILE R 29 -50.24 -1.17 18.73
N ARG R 30 -50.00 -0.96 17.44
CA ARG R 30 -48.74 -1.40 16.79
C ARG R 30 -48.50 -2.89 16.86
N SER R 31 -49.53 -3.65 16.59
CA SER R 31 -49.52 -5.10 16.57
C SER R 31 -49.42 -5.79 17.93
N ASP R 32 -49.47 -5.02 19.02
CA ASP R 32 -49.51 -5.63 20.35
C ASP R 32 -50.95 -5.99 20.73
N LEU R 33 -51.48 -6.96 20.00
CA LEU R 33 -52.87 -7.45 20.04
C LEU R 33 -52.96 -8.96 20.03
N ALA R 34 -54.00 -9.51 20.64
CA ALA R 34 -54.19 -10.96 20.60
C ALA R 34 -55.65 -11.34 20.35
N TRP R 35 -55.88 -12.49 19.69
CA TRP R 35 -57.23 -12.97 19.37
C TRP R 35 -57.60 -14.25 20.08
N TYR R 36 -58.85 -14.33 20.53
CA TYR R 36 -59.39 -15.52 21.20
C TYR R 36 -60.64 -16.05 20.55
N GLN R 37 -60.85 -17.36 20.68
CA GLN R 37 -62.05 -18.06 20.22
C GLN R 37 -62.69 -18.82 21.38
N GLN R 38 -63.91 -18.44 21.77
CA GLN R 38 -64.56 -19.05 22.91
C GLN R 38 -65.77 -19.91 22.60
N LYS R 39 -65.68 -21.18 22.99
CA LYS R 39 -66.79 -22.09 22.82
C LYS R 39 -67.71 -21.90 24.02
N PRO R 40 -69.03 -22.01 23.89
CA PRO R 40 -69.95 -21.86 24.99
C PRO R 40 -69.60 -22.77 26.15
N GLY R 41 -69.59 -22.20 27.34
CA GLY R 41 -69.31 -22.92 28.58
C GLY R 41 -67.82 -23.06 28.87
N GLN R 42 -66.97 -22.62 27.96
CA GLN R 42 -65.54 -22.76 28.12
C GLN R 42 -64.87 -21.42 28.37
N PRO R 43 -63.68 -21.38 28.97
CA PRO R 43 -62.81 -20.23 28.98
C PRO R 43 -62.47 -20.04 27.52
N PRO R 44 -62.13 -18.84 27.06
CA PRO R 44 -61.72 -18.54 25.71
C PRO R 44 -60.39 -19.20 25.39
N ARG R 45 -60.21 -19.62 24.15
CA ARG R 45 -58.93 -20.17 23.75
C ARG R 45 -58.11 -19.15 22.97
N LEU R 46 -56.83 -19.05 23.24
CA LEU R 46 -56.03 -18.14 22.44
C LEU R 46 -55.78 -18.72 21.07
N ILE R 47 -56.09 -17.96 20.03
CA ILE R 47 -55.85 -18.46 18.68
C ILE R 47 -54.66 -17.78 18.00
N ILE R 48 -54.57 -16.47 18.16
CA ILE R 48 -53.47 -15.72 17.56
C ILE R 48 -52.85 -14.94 18.71
N TYR R 49 -51.55 -15.05 18.94
CA TYR R 49 -51.02 -14.35 20.12
C TYR R 49 -50.51 -12.99 19.81
N GLY R 50 -50.16 -12.73 18.56
CA GLY R 50 -49.71 -11.41 18.18
C GLY R 50 -50.85 -10.84 17.39
N ALA R 51 -50.75 -9.66 16.80
CA ALA R 51 -51.92 -9.25 16.04
C ALA R 51 -52.20 -10.23 14.91
N SER R 52 -51.12 -10.77 14.32
CA SER R 52 -51.21 -11.69 13.22
C SER R 52 -50.58 -13.08 13.43
N THR R 53 -49.67 -13.20 14.40
CA THR R 53 -48.90 -14.44 14.59
C THR R 53 -49.70 -15.47 15.37
N ARG R 54 -49.83 -16.64 14.75
CA ARG R 54 -50.62 -17.77 15.22
C ARG R 54 -50.07 -18.43 16.47
N ALA R 55 -50.99 -18.76 17.39
CA ALA R 55 -50.65 -19.44 18.63
C ALA R 55 -50.41 -20.93 18.40
N THR R 56 -49.58 -21.51 19.24
CA THR R 56 -49.29 -22.93 19.18
C THR R 56 -50.55 -23.76 19.37
N GLY R 57 -50.74 -24.75 18.49
CA GLY R 57 -51.89 -25.65 18.56
C GLY R 57 -53.07 -25.20 17.73
N ILE R 58 -52.91 -24.10 17.02
CA ILE R 58 -53.95 -23.53 16.18
C ILE R 58 -53.73 -23.88 14.71
N PRO R 59 -54.77 -24.34 13.99
CA PRO R 59 -54.73 -24.71 12.60
C PRO R 59 -54.56 -23.50 11.69
N ALA R 60 -54.11 -23.80 10.47
CA ALA R 60 -53.86 -22.85 9.38
C ALA R 60 -55.11 -22.10 8.95
N ARG R 61 -56.26 -22.57 9.40
CA ARG R 61 -57.52 -21.93 9.06
C ARG R 61 -57.50 -20.50 9.54
N PHE R 62 -56.80 -20.23 10.65
CA PHE R 62 -56.82 -18.88 11.16
C PHE R 62 -55.49 -18.18 10.96
N SER R 63 -55.57 -16.91 10.62
CA SER R 63 -54.41 -16.03 10.56
C SER R 63 -54.87 -14.61 10.73
N GLY R 64 -54.00 -13.69 11.12
CA GLY R 64 -54.47 -12.32 11.18
C GLY R 64 -53.59 -11.34 10.44
N SER R 65 -53.94 -10.10 10.57
CA SER R 65 -53.23 -8.99 9.97
C SER R 65 -53.56 -7.74 10.73
N GLY R 66 -52.80 -6.68 10.50
CA GLY R 66 -53.16 -5.43 11.14
C GLY R 66 -52.09 -4.39 11.07
N SER R 67 -52.45 -3.20 11.51
CA SER R 67 -51.60 -2.03 11.54
C SER R 67 -51.71 -1.31 12.86
N GLY R 68 -51.62 0.01 12.81
CA GLY R 68 -51.64 0.81 14.02
C GLY R 68 -52.89 0.61 14.87
N THR R 69 -54.07 0.91 14.32
CA THR R 69 -55.34 0.79 15.05
C THR R 69 -56.33 -0.25 14.51
N GLU R 70 -56.15 -0.70 13.28
CA GLU R 70 -57.09 -1.63 12.70
C GLU R 70 -56.53 -3.02 12.52
N PHE R 71 -57.28 -4.02 13.02
CA PHE R 71 -56.85 -5.40 12.98
C PHE R 71 -57.90 -6.32 12.38
N THR R 72 -57.44 -7.39 11.72
CA THR R 72 -58.35 -8.37 11.12
C THR R 72 -57.99 -9.83 11.41
N LEU R 73 -59.03 -10.62 11.64
CA LEU R 73 -58.94 -12.07 11.73
C LEU R 73 -59.52 -12.69 10.51
N THR R 74 -58.76 -13.56 9.88
CA THR R 74 -59.28 -14.26 8.72
C THR R 74 -59.46 -15.73 9.02
N ILE R 75 -60.63 -16.22 8.66
CA ILE R 75 -60.98 -17.62 8.77
C ILE R 75 -61.03 -18.09 7.32
N SER R 76 -60.09 -18.93 6.88
CA SER R 76 -60.05 -19.26 5.46
C SER R 76 -61.21 -20.11 4.97
N SER R 77 -61.78 -20.90 5.86
CA SER R 77 -62.89 -21.80 5.57
C SER R 77 -63.58 -22.14 6.87
N LEU R 78 -64.75 -21.58 7.15
CA LEU R 78 -65.34 -21.81 8.46
C LEU R 78 -65.78 -23.28 8.62
N GLN R 79 -65.37 -23.92 9.72
CA GLN R 79 -65.72 -25.31 9.96
C GLN R 79 -66.87 -25.47 10.92
N SER R 80 -67.47 -26.65 10.97
CA SER R 80 -68.58 -26.92 11.89
C SER R 80 -68.17 -26.82 13.36
N GLU R 81 -66.86 -26.87 13.57
CA GLU R 81 -66.21 -26.78 14.86
C GLU R 81 -65.98 -25.34 15.32
N ASP R 82 -66.15 -24.38 14.40
CA ASP R 82 -65.80 -23.00 14.69
C ASP R 82 -66.90 -22.02 15.10
N SER R 83 -68.16 -22.41 15.27
CA SER R 83 -69.04 -21.34 15.74
C SER R 83 -68.49 -20.99 17.12
N ALA R 84 -68.29 -19.70 17.37
CA ALA R 84 -67.67 -19.27 18.62
C ALA R 84 -67.75 -17.77 18.81
N VAL R 85 -67.49 -17.31 20.03
CA VAL R 85 -67.38 -15.88 20.23
C VAL R 85 -65.92 -15.48 20.18
N TYR R 86 -65.62 -14.54 19.34
CA TYR R 86 -64.26 -14.10 19.17
C TYR R 86 -64.01 -12.78 19.86
N PHE R 87 -62.81 -12.65 20.42
CA PHE R 87 -62.44 -11.42 21.10
C PHE R 87 -61.05 -10.92 20.73
N CYS R 88 -60.86 -9.57 20.76
CA CYS R 88 -59.53 -8.94 20.72
C CYS R 88 -59.18 -8.36 22.06
N GLN R 89 -57.92 -8.53 22.41
CA GLN R 89 -57.38 -7.89 23.59
C GLN R 89 -56.35 -6.93 23.06
N GLN R 90 -55.72 -6.19 23.93
CA GLN R 90 -54.56 -5.41 23.58
C GLN R 90 -53.61 -5.46 24.75
N TYR R 91 -52.35 -5.30 24.49
CA TYR R 91 -51.36 -5.25 25.53
C TYR R 91 -50.31 -4.20 25.28
N ASN R 92 -50.70 -3.16 24.58
CA ASN R 92 -49.78 -2.07 24.28
C ASN R 92 -49.72 -1.12 25.46
N ASN R 93 -50.86 -0.95 26.11
CA ASN R 93 -50.99 -0.04 27.23
C ASN R 93 -51.78 -0.75 28.30
N TRP R 94 -51.13 -1.26 29.33
CA TRP R 94 -51.93 -2.05 30.21
C TRP R 94 -51.70 -2.08 31.69
N PRO R 95 -51.88 -1.01 32.43
CA PRO R 95 -51.96 -1.15 33.85
C PRO R 95 -53.02 -2.29 33.96
N PRO R 96 -54.32 -2.11 33.56
CA PRO R 96 -55.24 -3.19 33.32
C PRO R 96 -55.04 -3.74 31.93
N LEU R 97 -55.39 -4.97 31.70
CA LEU R 97 -55.51 -5.43 30.33
C LEU R 97 -56.89 -5.07 29.88
N THR R 98 -57.07 -4.81 28.60
CA THR R 98 -58.43 -4.55 28.16
C THR R 98 -58.78 -5.45 26.99
N PHE R 99 -60.08 -5.65 26.82
CA PHE R 99 -60.69 -6.45 25.76
C PHE R 99 -61.83 -5.70 25.13
N GLY R 100 -62.15 -6.04 23.88
CA GLY R 100 -63.34 -5.51 23.25
C GLY R 100 -64.53 -6.35 23.68
N GLY R 101 -65.74 -5.98 23.25
CA GLY R 101 -66.93 -6.73 23.66
C GLY R 101 -66.97 -8.17 23.15
N GLY R 102 -66.46 -8.37 21.95
CA GLY R 102 -66.43 -9.67 21.29
C GLY R 102 -67.59 -9.79 20.33
N THR R 103 -67.45 -10.68 19.34
CA THR R 103 -68.48 -10.90 18.33
C THR R 103 -68.74 -12.39 18.13
N LYS R 104 -69.87 -12.75 17.54
CA LYS R 104 -70.09 -14.18 17.30
C LYS R 104 -70.01 -14.57 15.85
N VAL R 105 -69.40 -15.71 15.60
CA VAL R 105 -69.33 -16.29 14.28
C VAL R 105 -70.22 -17.52 14.28
N GLU R 106 -71.12 -17.59 13.32
CA GLU R 106 -72.14 -18.64 13.20
C GLU R 106 -72.16 -19.26 11.80
N ILE R 107 -72.67 -20.49 11.73
CA ILE R 107 -72.70 -21.27 10.49
C ILE R 107 -74.11 -21.51 9.92
N LYS R 108 -74.32 -21.15 8.63
CA LYS R 108 -75.57 -21.30 7.87
C LYS R 108 -75.71 -22.72 7.25
#